data_5WDA
#
_entry.id   5WDA
#
_cell.length_a   1.000
_cell.length_b   1.000
_cell.length_c   1.000
_cell.angle_alpha   90.00
_cell.angle_beta   90.00
_cell.angle_gamma   90.00
#
_symmetry.space_group_name_H-M   'P 1'
#
loop_
_entity.id
_entity.type
_entity.pdbx_description
1 polymer 'General secretion pathway protein G'
2 non-polymer 'CALCIUM ION'
#
_entity_poly.entity_id   1
_entity_poly.type   'polypeptide(L)'
_entity_poly.pdbx_seq_one_letter_code
;(MEA)TLLEIMVVIVILGVLASLVVPNLMGNKEKADRQKVVSDLVALEGALDMYKLDNSRYPTTEQGLQALVSAPSAEPH
ARNYPEGGYIRRLPQDPWGSDYQLLSPGQCGQVDIFSLGPDGVPESNDDIGNCTIGKK
;
_entity_poly.pdbx_strand_id   A,B,C,D,E,F,G,H,I,J,K,L,M,N,O,P,Q,R,S,T,U,V,W,X,Y
#
# COMPACT_ATOMS: atom_id res chain seq x y z
N THR A 2 -29.89 20.81 57.50
CA THR A 2 -30.53 21.83 56.77
C THR A 2 -32.03 21.56 56.75
N LEU A 3 -32.43 20.29 56.70
CA LEU A 3 -33.85 19.95 56.68
C LEU A 3 -34.26 19.42 58.04
N LEU A 4 -33.61 18.37 58.51
CA LEU A 4 -33.95 17.82 59.82
C LEU A 4 -33.66 18.84 60.91
N GLU A 5 -32.57 19.57 60.75
CA GLU A 5 -32.17 20.60 61.70
C GLU A 5 -33.17 21.75 61.68
N ILE A 6 -33.93 21.87 60.60
CA ILE A 6 -34.90 22.94 60.42
C ILE A 6 -36.33 22.43 60.44
N MET A 7 -36.73 21.66 59.41
CA MET A 7 -38.10 21.20 59.29
C MET A 7 -38.68 20.58 60.53
N VAL A 8 -37.88 19.80 61.25
CA VAL A 8 -38.38 19.19 62.45
C VAL A 8 -38.65 20.29 63.45
N VAL A 9 -37.81 21.31 63.46
CA VAL A 9 -37.97 22.38 64.42
C VAL A 9 -39.08 23.33 64.07
N ILE A 10 -39.32 23.54 62.78
CA ILE A 10 -40.37 24.46 62.37
C ILE A 10 -41.66 23.94 62.97
N VAL A 11 -41.84 22.62 62.96
CA VAL A 11 -43.04 22.05 63.51
C VAL A 11 -43.02 22.29 65.01
N ILE A 12 -41.93 21.90 65.67
CA ILE A 12 -41.82 22.04 67.12
C ILE A 12 -42.06 23.48 67.53
N LEU A 13 -41.66 24.41 66.68
CA LEU A 13 -41.87 25.81 67.01
C LEU A 13 -43.37 26.07 67.06
N GLY A 14 -44.05 25.86 65.94
CA GLY A 14 -45.48 26.12 65.90
C GLY A 14 -46.26 25.25 66.86
N VAL A 15 -45.85 23.98 67.00
CA VAL A 15 -46.57 23.10 67.91
C VAL A 15 -46.43 23.66 69.31
N LEU A 16 -45.28 24.25 69.62
CA LEU A 16 -45.09 24.79 70.96
C LEU A 16 -45.87 26.09 71.06
N ALA A 17 -45.55 27.07 70.24
CA ALA A 17 -46.19 28.36 70.30
C ALA A 17 -47.70 28.30 70.14
N SER A 18 -48.23 27.26 69.50
CA SER A 18 -49.67 27.20 69.31
C SER A 18 -50.46 26.89 70.58
N LEU A 19 -50.04 25.89 71.34
CA LEU A 19 -50.75 25.47 72.53
C LEU A 19 -50.17 26.04 73.81
N VAL A 20 -49.74 27.29 73.78
CA VAL A 20 -49.26 27.96 74.96
C VAL A 20 -50.09 29.25 75.06
N VAL A 21 -51.17 29.19 75.80
CA VAL A 21 -52.05 30.33 75.98
C VAL A 21 -52.07 30.65 77.47
N PRO A 22 -51.25 31.60 77.94
CA PRO A 22 -51.20 31.88 79.37
C PRO A 22 -52.43 32.47 80.04
N ASN A 23 -52.89 33.63 79.60
CA ASN A 23 -54.05 34.26 80.24
C ASN A 23 -54.67 35.40 79.45
N LEU A 24 -55.56 36.13 80.12
CA LEU A 24 -56.28 37.28 79.60
C LEU A 24 -55.55 38.60 79.82
N MET A 25 -56.21 39.68 79.39
CA MET A 25 -55.77 41.04 79.55
C MET A 25 -56.96 41.79 80.13
N GLY A 26 -56.71 42.61 81.13
CA GLY A 26 -57.75 43.39 81.79
C GLY A 26 -57.97 43.01 83.24
N ASN A 27 -57.28 42.02 83.75
CA ASN A 27 -57.44 41.64 85.15
C ASN A 27 -57.02 42.78 86.06
N LYS A 28 -56.05 43.57 85.61
CA LYS A 28 -55.60 44.71 86.42
C LYS A 28 -56.72 45.72 86.58
N GLU A 29 -57.57 45.86 85.57
CA GLU A 29 -58.66 46.82 85.67
C GLU A 29 -59.58 46.44 86.80
N LYS A 30 -59.77 45.14 87.03
CA LYS A 30 -60.62 44.72 88.14
C LYS A 30 -59.92 45.10 89.43
N ALA A 31 -58.60 45.02 89.44
CA ALA A 31 -57.84 45.35 90.64
C ALA A 31 -57.92 46.82 90.99
N ASP A 32 -58.12 47.66 89.99
CA ASP A 32 -58.21 49.09 90.23
C ASP A 32 -59.37 49.39 91.16
N ARG A 33 -60.44 48.60 91.08
CA ARG A 33 -61.59 48.82 91.93
C ARG A 33 -61.24 48.68 93.41
N GLN A 34 -60.82 47.48 93.81
CA GLN A 34 -60.51 47.23 95.22
C GLN A 34 -59.42 48.17 95.71
N LYS A 35 -58.56 48.61 94.81
CA LYS A 35 -57.52 49.55 95.19
C LYS A 35 -58.17 50.84 95.64
N VAL A 36 -59.27 51.20 95.00
CA VAL A 36 -59.97 52.42 95.34
C VAL A 36 -60.97 52.11 96.45
N VAL A 37 -61.57 50.92 96.41
CA VAL A 37 -62.52 50.57 97.46
C VAL A 37 -61.75 50.47 98.75
N SER A 38 -60.49 50.03 98.70
CA SER A 38 -59.70 49.92 99.91
C SER A 38 -59.49 51.31 100.47
N ASP A 39 -59.39 52.29 99.59
CA ASP A 39 -59.18 53.65 100.05
C ASP A 39 -60.41 54.14 100.79
N LEU A 40 -61.59 53.86 100.23
CA LEU A 40 -62.87 54.31 100.81
C LEU A 40 -62.96 54.21 102.32
N VAL A 41 -62.78 53.01 102.85
CA VAL A 41 -62.83 52.85 104.28
C VAL A 41 -61.62 53.54 104.85
N ALA A 42 -60.47 53.39 104.19
CA ALA A 42 -59.26 54.02 104.68
C ALA A 42 -59.36 55.52 104.65
N LEU A 43 -60.12 56.07 103.73
CA LEU A 43 -60.24 57.51 103.66
C LEU A 43 -61.14 57.98 104.78
N GLU A 44 -62.39 57.54 104.77
CA GLU A 44 -63.34 57.96 105.80
C GLU A 44 -62.86 57.58 107.19
N GLY A 45 -62.30 56.38 107.33
CA GLY A 45 -61.83 55.97 108.63
C GLY A 45 -60.69 56.87 109.10
N ALA A 46 -59.85 57.29 108.16
CA ALA A 46 -58.76 58.17 108.52
C ALA A 46 -59.28 59.56 108.83
N LEU A 47 -60.28 60.01 108.07
CA LEU A 47 -60.83 61.34 108.31
C LEU A 47 -61.50 61.38 109.66
N ASP A 48 -62.10 60.28 110.07
CA ASP A 48 -62.79 60.22 111.36
C ASP A 48 -61.84 60.54 112.48
N MET A 49 -60.57 60.19 112.32
CA MET A 49 -59.59 60.49 113.34
C MET A 49 -59.47 61.99 113.48
N TYR A 50 -59.40 62.69 112.35
CA TYR A 50 -59.30 64.13 112.41
C TYR A 50 -60.62 64.69 112.90
N LYS A 51 -61.72 63.98 112.62
CA LYS A 51 -63.03 64.43 113.08
C LYS A 51 -63.10 64.30 114.59
N LEU A 52 -62.15 63.59 115.20
CA LEU A 52 -62.14 63.39 116.64
C LEU A 52 -61.34 64.48 117.34
N ASP A 53 -60.08 64.65 116.98
CA ASP A 53 -59.27 65.66 117.64
C ASP A 53 -59.77 67.07 117.43
N ASN A 54 -59.92 67.49 116.19
CA ASN A 54 -60.42 68.83 115.92
C ASN A 54 -61.94 68.79 115.95
N SER A 55 -62.55 67.64 116.25
CA SER A 55 -64.00 67.50 116.33
C SER A 55 -64.70 67.84 115.02
N ARG A 56 -63.99 67.79 113.91
CA ARG A 56 -64.58 68.10 112.61
C ARG A 56 -63.66 67.69 111.47
N TYR A 57 -64.16 67.81 110.26
CA TYR A 57 -63.46 67.46 109.05
C TYR A 57 -62.86 68.65 108.29
N PRO A 58 -61.82 68.43 107.48
CA PRO A 58 -61.24 69.52 106.70
C PRO A 58 -62.12 70.00 105.56
N THR A 59 -61.87 71.23 105.16
CA THR A 59 -62.55 71.91 104.09
C THR A 59 -62.12 71.41 102.70
N THR A 60 -62.98 71.62 101.71
CA THR A 60 -62.70 71.25 100.32
C THR A 60 -61.35 71.80 99.89
N GLU A 61 -61.19 73.12 99.89
CA GLU A 61 -59.91 73.69 99.48
C GLU A 61 -58.81 73.25 100.42
N GLN A 62 -59.15 72.96 101.67
CA GLN A 62 -58.17 72.46 102.62
C GLN A 62 -57.70 71.08 102.14
N GLY A 63 -58.56 70.37 101.41
CA GLY A 63 -58.27 69.07 100.83
C GLY A 63 -57.79 68.00 101.80
N LEU A 64 -57.57 66.79 101.26
CA LEU A 64 -57.10 65.69 102.08
C LEU A 64 -55.67 65.92 102.53
N GLN A 65 -54.98 66.88 101.92
CA GLN A 65 -53.60 67.19 102.29
C GLN A 65 -53.56 67.57 103.76
N ALA A 66 -54.66 68.09 104.29
CA ALA A 66 -54.71 68.39 105.70
C ALA A 66 -54.54 67.14 106.53
N LEU A 67 -54.95 66.01 105.99
CA LEU A 67 -54.78 64.77 106.71
C LEU A 67 -53.30 64.46 106.55
N VAL A 68 -52.66 64.93 105.49
CA VAL A 68 -51.24 64.68 105.29
C VAL A 68 -50.40 65.64 106.13
N SER A 69 -50.76 66.91 106.16
CA SER A 69 -50.02 67.94 106.89
C SER A 69 -50.97 68.86 107.65
N ALA A 70 -50.44 69.62 108.59
CA ALA A 70 -51.28 70.46 109.43
C ALA A 70 -52.16 71.37 108.58
N PRO A 71 -53.45 71.54 108.93
CA PRO A 71 -54.27 72.37 108.07
C PRO A 71 -53.97 73.85 108.15
N SER A 72 -53.21 74.32 107.17
CA SER A 72 -52.85 75.73 107.13
C SER A 72 -54.08 76.60 106.99
N ALA A 73 -54.97 76.26 106.06
CA ALA A 73 -56.16 77.07 105.92
C ALA A 73 -57.01 76.80 107.16
N GLU A 74 -57.52 77.85 107.74
CA GLU A 74 -58.33 77.72 108.92
C GLU A 74 -59.67 77.07 108.60
N PRO A 75 -60.36 76.47 109.59
CA PRO A 75 -60.02 76.29 111.00
C PRO A 75 -58.80 75.43 111.30
N HIS A 76 -58.09 75.82 112.35
CA HIS A 76 -56.90 75.12 112.81
C HIS A 76 -57.28 73.89 113.63
N ALA A 77 -56.38 72.90 113.66
CA ALA A 77 -56.58 71.65 114.38
C ALA A 77 -55.80 71.58 115.68
N ARG A 78 -56.40 70.88 116.64
CA ARG A 78 -55.81 70.67 117.95
C ARG A 78 -55.21 69.28 118.04
N ASN A 79 -54.04 69.19 118.68
CA ASN A 79 -53.34 67.92 118.87
C ASN A 79 -53.17 67.19 117.56
N TYR A 80 -52.87 67.93 116.51
CA TYR A 80 -52.67 67.32 115.22
C TYR A 80 -51.45 66.42 115.36
N PRO A 81 -51.56 65.13 115.07
CA PRO A 81 -50.40 64.26 115.25
C PRO A 81 -49.34 64.47 114.19
N GLU A 82 -48.24 63.77 114.40
CA GLU A 82 -47.12 63.84 113.48
C GLU A 82 -47.58 63.42 112.10
N GLY A 83 -47.28 64.25 111.11
CA GLY A 83 -47.63 63.97 109.74
C GLY A 83 -49.09 63.73 109.51
N GLY A 84 -49.95 64.17 110.42
CA GLY A 84 -51.35 63.93 110.23
C GLY A 84 -51.63 62.46 110.39
N TYR A 85 -52.80 62.05 109.90
CA TYR A 85 -53.27 60.69 110.03
C TYR A 85 -52.92 59.77 108.87
N ILE A 86 -51.85 60.10 108.16
CA ILE A 86 -51.45 59.26 107.05
C ILE A 86 -49.99 59.45 106.75
N ARG A 87 -49.41 58.43 106.16
CA ARG A 87 -48.03 58.54 105.76
C ARG A 87 -47.96 59.50 104.57
N ARG A 88 -48.56 59.09 103.44
CA ARG A 88 -48.56 59.86 102.21
C ARG A 88 -49.95 59.84 101.59
N LEU A 89 -50.15 60.71 100.60
CA LEU A 89 -51.44 60.79 99.93
C LEU A 89 -51.59 59.77 98.81
N PRO A 90 -52.63 58.95 98.81
CA PRO A 90 -52.79 58.02 97.69
C PRO A 90 -53.19 58.78 96.44
N GLN A 91 -52.35 58.68 95.42
CA GLN A 91 -52.57 59.33 94.14
C GLN A 91 -53.29 58.36 93.25
N ASP A 92 -54.45 58.78 92.73
CA ASP A 92 -55.22 57.93 91.85
C ASP A 92 -54.41 57.87 90.56
N PRO A 93 -54.05 56.69 90.06
CA PRO A 93 -53.21 56.62 88.88
C PRO A 93 -53.91 56.88 87.56
N TRP A 94 -54.58 58.02 87.48
CA TRP A 94 -55.22 58.47 86.25
C TRP A 94 -55.18 59.99 86.28
N GLY A 95 -54.18 60.58 86.93
CA GLY A 95 -54.05 62.02 86.99
C GLY A 95 -54.99 62.73 87.94
N SER A 96 -55.35 62.10 89.06
CA SER A 96 -56.25 62.74 90.00
C SER A 96 -56.03 62.32 91.43
N ASP A 97 -56.39 63.20 92.33
CA ASP A 97 -56.31 62.93 93.75
C ASP A 97 -57.74 62.61 94.18
N TYR A 98 -57.93 62.41 95.47
CA TYR A 98 -59.24 62.09 96.01
C TYR A 98 -59.87 63.37 96.55
N GLN A 99 -60.65 64.03 95.69
CA GLN A 99 -61.28 65.28 96.08
C GLN A 99 -62.39 65.10 97.09
N LEU A 100 -62.20 65.64 98.28
CA LEU A 100 -63.19 65.56 99.33
C LEU A 100 -64.23 66.65 99.10
N LEU A 101 -65.34 66.54 99.82
CA LEU A 101 -66.40 67.53 99.76
C LEU A 101 -66.72 68.03 101.16
N SER A 102 -66.86 69.35 101.27
CA SER A 102 -67.15 70.01 102.54
C SER A 102 -68.40 70.88 102.45
N PRO A 103 -69.55 70.40 102.95
CA PRO A 103 -69.96 69.14 103.56
C PRO A 103 -70.43 68.11 102.55
N GLY A 104 -70.34 66.84 102.93
CA GLY A 104 -70.79 65.79 102.07
C GLY A 104 -72.30 65.75 101.98
N GLN A 105 -72.80 65.33 100.82
CA GLN A 105 -74.22 65.21 100.61
C GLN A 105 -74.75 63.87 101.09
N CYS A 106 -73.89 62.84 101.11
CA CYS A 106 -74.29 61.51 101.60
C CYS A 106 -74.00 61.40 103.08
N GLY A 107 -73.58 62.48 103.72
CA GLY A 107 -73.29 62.46 105.13
C GLY A 107 -72.50 63.67 105.55
N GLN A 108 -71.44 63.45 106.34
CA GLN A 108 -70.62 64.56 106.79
C GLN A 108 -69.65 65.02 105.70
N VAL A 109 -69.09 64.07 104.95
CA VAL A 109 -68.09 64.37 103.93
C VAL A 109 -68.27 63.48 102.72
N ASP A 110 -67.94 64.02 101.54
CA ASP A 110 -67.97 63.24 100.31
C ASP A 110 -66.68 63.38 99.54
N ILE A 111 -66.23 62.25 98.97
CA ILE A 111 -64.99 62.19 98.22
C ILE A 111 -65.25 61.78 96.79
N PHE A 112 -64.45 62.33 95.87
CA PHE A 112 -64.59 62.05 94.46
C PHE A 112 -63.27 62.05 93.72
N SER A 113 -63.28 61.47 92.52
CA SER A 113 -62.10 61.38 91.66
C SER A 113 -62.46 61.12 90.21
N LEU A 114 -61.49 61.34 89.33
CA LEU A 114 -61.72 61.09 87.91
C LEU A 114 -61.98 59.62 87.69
N GLY A 115 -61.05 58.79 88.17
CA GLY A 115 -61.16 57.37 88.02
C GLY A 115 -60.58 56.89 86.71
N PRO A 116 -60.79 55.60 86.42
CA PRO A 116 -60.23 55.03 85.18
C PRO A 116 -60.69 55.75 83.94
N ASP A 117 -61.91 56.27 83.92
CA ASP A 117 -62.37 56.99 82.74
C ASP A 117 -61.55 58.27 82.60
N GLY A 118 -60.99 58.78 83.69
CA GLY A 118 -60.25 60.02 83.61
C GLY A 118 -61.13 61.22 83.43
N VAL A 119 -62.43 61.07 83.67
CA VAL A 119 -63.39 62.15 83.49
C VAL A 119 -63.90 62.58 84.86
N PRO A 120 -64.14 63.88 85.08
CA PRO A 120 -64.64 64.31 86.39
C PRO A 120 -66.16 64.20 86.46
N GLU A 121 -66.63 63.44 87.44
CA GLU A 121 -68.06 63.29 87.71
C GLU A 121 -68.90 62.82 86.52
N SER A 122 -68.50 61.71 85.89
CA SER A 122 -69.23 61.15 84.77
C SER A 122 -69.73 59.75 85.11
N ASN A 123 -68.83 58.81 85.23
CA ASN A 123 -69.15 57.43 85.55
C ASN A 123 -68.26 56.91 86.64
N ASP A 124 -66.97 57.22 86.59
CA ASP A 124 -66.01 56.77 87.58
C ASP A 124 -65.80 57.85 88.62
N ASP A 125 -66.89 58.36 89.16
CA ASP A 125 -66.90 59.37 90.18
C ASP A 125 -66.80 58.75 91.56
N ILE A 126 -66.30 57.54 91.67
CA ILE A 126 -66.22 56.90 92.97
C ILE A 126 -65.25 57.64 93.87
N GLY A 127 -65.34 57.38 95.16
CA GLY A 127 -64.56 58.02 96.20
C GLY A 127 -65.34 57.96 97.51
N ASN A 128 -66.65 57.78 97.41
CA ASN A 128 -67.53 57.62 98.55
C ASN A 128 -68.83 57.02 97.96
N CYS A 129 -69.98 57.29 98.59
CA CYS A 129 -71.30 56.79 98.21
C CYS A 129 -71.55 56.74 96.71
N THR A 130 -71.40 57.88 96.06
CA THR A 130 -71.62 57.98 94.62
C THR A 130 -70.32 58.36 93.93
N THR B 2 -27.33 18.94 47.42
CA THR B 2 -26.32 19.91 47.54
C THR B 2 -26.92 21.29 47.32
N LEU B 3 -27.89 21.41 46.42
CA LEU B 3 -28.51 22.71 46.15
C LEU B 3 -29.89 22.73 46.79
N LEU B 4 -30.76 21.80 46.43
CA LEU B 4 -32.10 21.77 47.02
C LEU B 4 -32.01 21.52 48.51
N GLU B 5 -31.07 20.67 48.92
CA GLU B 5 -30.86 20.35 50.31
C GLU B 5 -30.31 21.56 51.06
N ILE B 6 -29.74 22.51 50.33
CA ILE B 6 -29.15 23.70 50.90
C ILE B 6 -29.92 24.97 50.55
N MET B 7 -29.90 25.35 49.27
CA MET B 7 -30.52 26.60 48.84
C MET B 7 -31.95 26.79 49.32
N VAL B 8 -32.73 25.73 49.33
CA VAL B 8 -34.09 25.86 49.80
C VAL B 8 -34.04 26.19 51.27
N VAL B 9 -33.09 25.60 51.98
CA VAL B 9 -33.01 25.82 53.42
C VAL B 9 -32.42 27.16 53.78
N ILE B 10 -31.50 27.66 52.97
CA ILE B 10 -30.89 28.95 53.28
C ILE B 10 -32.01 29.96 53.33
N VAL B 11 -32.97 29.84 52.43
CA VAL B 11 -34.08 30.77 52.43
C VAL B 11 -34.89 30.54 53.69
N ILE B 12 -35.28 29.29 53.94
CA ILE B 12 -36.10 28.97 55.10
C ILE B 12 -35.42 29.44 56.37
N LEU B 13 -34.10 29.40 56.39
CA LEU B 13 -33.38 29.87 57.57
C LEU B 13 -33.67 31.35 57.75
N GLY B 14 -33.26 32.15 56.77
CA GLY B 14 -33.45 33.58 56.90
C GLY B 14 -34.91 33.97 56.99
N VAL B 15 -35.77 33.28 56.26
CA VAL B 15 -37.20 33.61 56.31
C VAL B 15 -37.68 33.35 57.73
N LEU B 16 -37.14 32.32 58.37
CA LEU B 16 -37.57 32.03 59.72
C LEU B 16 -36.96 33.05 60.68
N ALA B 17 -35.64 33.09 60.73
CA ALA B 17 -34.95 33.98 61.64
C ALA B 17 -35.31 35.44 61.45
N SER B 18 -35.78 35.83 60.26
CA SER B 18 -36.10 37.23 60.06
C SER B 18 -37.36 37.70 60.76
N LEU B 19 -38.44 36.94 60.65
CA LEU B 19 -39.72 37.33 61.24
C LEU B 19 -40.00 36.67 62.58
N VAL B 20 -38.98 36.54 63.40
CA VAL B 20 -39.13 36.02 64.74
C VAL B 20 -38.52 37.07 65.67
N VAL B 21 -39.36 37.97 66.16
CA VAL B 21 -38.91 39.03 67.05
C VAL B 21 -39.68 38.85 68.36
N PRO B 22 -39.08 38.20 69.35
CA PRO B 22 -39.80 37.95 70.60
C PRO B 22 -40.17 39.14 71.47
N ASN B 23 -39.20 39.92 71.92
CA ASN B 23 -39.50 41.05 72.81
C ASN B 23 -38.35 42.04 72.98
N LEU B 24 -38.52 42.94 73.95
CA LEU B 24 -37.58 43.97 74.33
C LEU B 24 -36.58 43.53 75.40
N MET B 25 -35.74 44.47 75.80
CA MET B 25 -34.75 44.31 76.84
C MET B 25 -34.95 45.52 77.75
N GLY B 26 -34.95 45.27 79.05
CA GLY B 26 -35.13 46.33 80.04
C GLY B 26 -36.38 46.21 80.85
N ASN B 27 -37.24 45.23 80.57
CA ASN B 27 -38.46 45.07 81.33
C ASN B 27 -38.14 44.75 82.79
N LYS B 28 -37.01 44.08 83.03
CA LYS B 28 -36.62 43.74 84.38
C LYS B 28 -36.32 45.01 85.17
N GLU B 29 -35.81 46.03 84.49
CA GLU B 29 -35.50 47.27 85.20
C GLU B 29 -36.77 47.87 85.77
N LYS B 30 -37.88 47.73 85.06
CA LYS B 30 -39.13 48.27 85.57
C LYS B 30 -39.51 47.45 86.79
N ALA B 31 -39.21 46.15 86.77
CA ALA B 31 -39.55 45.29 87.88
C ALA B 31 -38.76 45.63 89.13
N ASP B 32 -37.57 46.19 88.96
CA ASP B 32 -36.76 46.53 90.11
C ASP B 32 -37.46 47.56 90.97
N ARG B 33 -38.28 48.41 90.36
CA ARG B 33 -38.99 49.42 91.11
C ARG B 33 -39.96 48.80 92.11
N GLN B 34 -40.94 48.05 91.61
CA GLN B 34 -41.96 47.45 92.48
C GLN B 34 -41.31 46.54 93.49
N LYS B 35 -40.17 45.96 93.15
CA LYS B 35 -39.47 45.11 94.08
C LYS B 35 -39.03 45.93 95.27
N VAL B 36 -38.67 47.18 95.03
CA VAL B 36 -38.23 48.06 96.09
C VAL B 36 -39.47 48.74 96.67
N VAL B 37 -40.43 49.07 95.83
CA VAL B 37 -41.63 49.72 96.35
C VAL B 37 -42.34 48.73 97.25
N SER B 38 -42.26 47.45 96.94
CA SER B 38 -42.90 46.44 97.77
C SER B 38 -42.22 46.44 99.13
N ASP B 39 -40.93 46.72 99.14
CA ASP B 39 -40.22 46.73 100.41
C ASP B 39 -40.70 47.89 101.26
N LEU B 40 -40.87 49.06 100.64
CA LEU B 40 -41.28 50.29 101.34
C LEU B 40 -42.37 50.08 102.38
N VAL B 41 -43.50 49.55 101.97
CA VAL B 41 -44.58 49.31 102.91
C VAL B 41 -44.12 48.19 103.82
N ALA B 42 -43.46 47.19 103.25
CA ALA B 42 -43.01 46.08 104.05
C ALA B 42 -41.96 46.50 105.05
N LEU B 43 -41.18 47.52 104.73
CA LEU B 43 -40.16 47.97 105.65
C LEU B 43 -40.81 48.73 106.78
N GLU B 44 -41.47 49.84 106.45
CA GLU B 44 -42.12 50.65 107.48
C GLU B 44 -43.15 49.87 108.25
N GLY B 45 -43.93 49.04 107.55
CA GLY B 45 -44.93 48.26 108.25
C GLY B 45 -44.28 47.29 109.21
N ALA B 46 -43.14 46.74 108.83
CA ALA B 46 -42.45 45.82 109.71
C ALA B 46 -41.81 46.57 110.87
N LEU B 47 -41.29 47.77 110.59
CA LEU B 47 -40.67 48.54 111.65
C LEU B 47 -41.70 48.95 112.67
N ASP B 48 -42.92 49.22 112.21
CA ASP B 48 -43.99 49.64 113.11
C ASP B 48 -44.23 48.60 114.17
N MET B 49 -44.02 47.33 113.83
CA MET B 49 -44.21 46.27 114.81
C MET B 49 -43.20 46.47 115.93
N TYR B 50 -41.95 46.75 115.57
CA TYR B 50 -40.95 46.96 116.59
C TYR B 50 -41.25 48.27 117.30
N LYS B 51 -41.86 49.22 116.60
CA LYS B 51 -42.21 50.49 117.22
C LYS B 51 -43.32 50.26 118.24
N LEU B 52 -43.96 49.09 118.23
CA LEU B 52 -45.04 48.78 119.15
C LEU B 52 -44.50 48.13 120.42
N ASP B 53 -43.78 47.02 120.29
CA ASP B 53 -43.27 46.34 121.48
C ASP B 53 -42.29 47.18 122.28
N ASN B 54 -41.23 47.63 121.64
CA ASN B 54 -40.25 48.45 122.33
C ASN B 54 -40.72 49.89 122.30
N SER B 55 -41.90 50.18 121.72
CA SER B 55 -42.45 51.51 121.67
C SER B 55 -41.56 52.50 120.91
N ARG B 56 -40.67 52.00 120.08
CA ARG B 56 -39.77 52.86 119.31
C ARG B 56 -39.05 52.09 118.22
N TYR B 57 -38.31 52.81 117.41
CA TYR B 57 -37.57 52.28 116.29
C TYR B 57 -36.07 52.09 116.55
N PRO B 58 -35.41 51.20 115.81
CA PRO B 58 -33.97 51.01 115.99
C PRO B 58 -33.13 52.16 115.46
N THR B 59 -31.94 52.25 116.01
CA THR B 59 -30.95 53.26 115.66
C THR B 59 -30.28 52.98 114.31
N THR B 60 -29.73 54.02 113.70
CA THR B 60 -29.00 53.92 112.44
C THR B 60 -27.95 52.82 112.51
N GLU B 61 -26.97 52.95 113.41
CA GLU B 61 -25.95 51.92 113.52
C GLU B 61 -26.57 50.60 113.93
N GLN B 62 -27.68 50.65 114.65
CA GLN B 62 -28.38 49.44 115.03
C GLN B 62 -28.90 48.77 113.75
N GLY B 63 -29.17 49.56 112.72
CA GLY B 63 -29.63 49.09 111.43
C GLY B 63 -30.87 48.23 111.42
N LEU B 64 -31.32 47.85 110.21
CA LEU B 64 -32.50 47.01 110.08
C LEU B 64 -32.22 45.61 110.59
N GLN B 65 -30.96 45.27 110.81
CA GLN B 65 -30.60 43.95 111.31
C GLN B 65 -31.28 43.73 112.65
N ALA B 66 -31.57 44.81 113.37
CA ALA B 66 -32.29 44.67 114.62
C ALA B 66 -33.66 44.10 114.38
N LEU B 67 -34.22 44.33 113.22
CA LEU B 67 -35.51 43.76 112.92
C LEU B 67 -35.21 42.31 112.60
N VAL B 68 -34.00 41.99 112.16
CA VAL B 68 -33.66 40.60 111.87
C VAL B 68 -33.30 39.85 113.15
N SER B 69 -32.51 40.47 114.04
CA SER B 69 -32.06 39.86 115.28
C SER B 69 -32.18 40.84 116.43
N ALA B 70 -32.10 40.34 117.66
CA ALA B 70 -32.30 41.18 118.83
C ALA B 70 -31.36 42.37 118.79
N PRO B 71 -31.82 43.58 119.14
CA PRO B 71 -30.91 44.70 119.06
C PRO B 71 -29.84 44.73 120.12
N SER B 72 -28.64 44.28 119.74
CA SER B 72 -27.53 44.24 120.67
C SER B 72 -27.16 45.64 121.13
N ALA B 73 -27.05 46.58 120.19
CA ALA B 73 -26.73 47.93 120.62
C ALA B 73 -27.96 48.47 121.33
N GLU B 74 -27.74 49.08 122.45
CA GLU B 74 -28.83 49.62 123.23
C GLU B 74 -29.46 50.82 122.53
N PRO B 75 -30.73 51.18 122.83
CA PRO B 75 -31.67 50.56 123.77
C PRO B 75 -32.13 49.15 123.42
N HIS B 76 -32.34 48.37 124.47
CA HIS B 76 -32.80 46.99 124.36
C HIS B 76 -34.31 46.94 124.13
N ALA B 77 -34.78 45.86 123.50
CA ALA B 77 -36.18 45.65 123.18
C ALA B 77 -36.86 44.66 124.10
N ARG B 78 -38.15 44.91 124.33
CA ARG B 78 -38.99 44.06 125.16
C ARG B 78 -39.85 43.17 124.30
N ASN B 79 -40.01 41.91 124.73
CA ASN B 79 -40.83 40.93 124.02
C ASN B 79 -40.44 40.84 122.56
N TYR B 80 -39.16 40.91 122.30
CA TYR B 80 -38.68 40.81 120.94
C TYR B 80 -39.06 39.41 120.46
N PRO B 81 -39.81 39.29 119.37
CA PRO B 81 -40.22 37.94 118.94
C PRO B 81 -39.08 37.17 118.32
N GLU B 82 -39.40 35.92 118.02
CA GLU B 82 -38.44 35.02 117.41
C GLU B 82 -37.96 35.61 116.10
N GLY B 83 -36.65 35.68 115.94
CA GLY B 83 -36.04 36.20 114.73
C GLY B 83 -36.48 37.59 114.37
N GLY B 84 -37.00 38.35 115.33
CA GLY B 84 -37.43 39.67 115.00
C GLY B 84 -38.65 39.60 114.12
N TYR B 85 -38.94 40.72 113.46
CA TYR B 85 -40.13 40.84 112.62
C TYR B 85 -39.91 40.50 111.16
N ILE B 86 -38.92 39.68 110.88
CA ILE B 86 -38.67 39.31 109.50
C ILE B 86 -37.94 38.00 109.43
N ARG B 87 -38.10 37.32 108.33
CA ARG B 87 -37.37 36.10 108.13
C ARG B 87 -35.92 36.46 107.89
N ARG B 88 -35.63 37.13 106.78
CA ARG B 88 -34.28 37.52 106.39
C ARG B 88 -34.28 38.96 105.90
N LEU B 89 -33.08 39.53 105.75
CA LEU B 89 -32.94 40.90 105.29
C LEU B 89 -32.97 41.00 103.77
N PRO B 90 -33.85 41.83 103.19
CA PRO B 90 -33.82 41.97 101.74
C PRO B 90 -32.57 42.74 101.33
N GLN B 91 -31.74 42.10 100.52
CA GLN B 91 -30.51 42.68 100.01
C GLN B 91 -30.81 43.32 98.69
N ASP B 92 -30.51 44.60 98.57
CA ASP B 92 -30.75 45.32 97.33
C ASP B 92 -29.72 44.75 96.36
N PRO B 93 -30.12 44.24 95.20
CA PRO B 93 -29.15 43.62 94.29
C PRO B 93 -28.31 44.59 93.49
N TRP B 94 -27.64 45.49 94.18
CA TRP B 94 -26.71 46.42 93.57
C TRP B 94 -25.65 46.71 94.62
N GLY B 95 -25.38 45.76 95.52
CA GLY B 95 -24.37 45.95 96.53
C GLY B 95 -24.76 46.83 97.70
N SER B 96 -26.03 46.84 98.10
CA SER B 96 -26.44 47.68 99.20
C SER B 96 -27.61 47.12 99.97
N ASP B 97 -27.68 47.51 101.23
CA ASP B 97 -28.77 47.13 102.09
C ASP B 97 -29.69 48.35 102.17
N TYR B 98 -30.71 48.26 102.98
CA TYR B 98 -31.66 49.35 103.14
C TYR B 98 -31.29 50.15 104.38
N GLN B 99 -30.49 51.18 104.18
CA GLN B 99 -30.02 52.00 105.31
C GLN B 99 -31.13 52.85 105.90
N LEU B 100 -31.47 52.56 107.15
CA LEU B 100 -32.50 53.32 107.85
C LEU B 100 -31.87 54.59 108.40
N LEU B 101 -32.72 55.51 108.84
CA LEU B 101 -32.29 56.76 109.44
C LEU B 101 -32.94 56.92 110.80
N SER B 102 -32.13 57.33 111.77
CA SER B 102 -32.57 57.52 113.15
C SER B 102 -32.26 58.93 113.64
N PRO B 103 -33.23 59.84 113.67
CA PRO B 103 -34.64 59.85 113.25
C PRO B 103 -34.83 60.25 111.81
N GLY B 104 -35.94 59.82 111.24
CA GLY B 104 -36.25 60.18 109.88
C GLY B 104 -36.64 61.64 109.76
N GLN B 105 -36.32 62.22 108.62
CA GLN B 105 -36.66 63.61 108.35
C GLN B 105 -38.08 63.72 107.79
N CYS B 106 -38.58 62.68 107.12
CA CYS B 106 -39.93 62.67 106.58
C CYS B 106 -40.91 62.11 107.60
N GLY B 107 -40.44 61.84 108.81
CA GLY B 107 -41.30 61.31 109.84
C GLY B 107 -40.49 60.73 110.98
N GLN B 108 -40.87 59.54 111.43
CA GLN B 108 -40.15 58.92 112.53
C GLN B 108 -38.86 58.27 112.06
N VAL B 109 -38.86 57.65 110.88
CA VAL B 109 -37.71 56.96 110.34
C VAL B 109 -37.59 57.14 108.84
N ASP B 110 -36.36 57.15 108.35
CA ASP B 110 -36.11 57.23 106.92
C ASP B 110 -35.15 56.15 106.46
N ILE B 111 -35.44 55.57 105.30
CA ILE B 111 -34.65 54.50 104.72
C ILE B 111 -34.08 54.91 103.38
N PHE B 112 -32.87 54.44 103.09
CA PHE B 112 -32.18 54.75 101.86
C PHE B 112 -31.32 53.60 101.34
N SER B 113 -30.95 53.71 100.06
CA SER B 113 -30.13 52.71 99.39
C SER B 113 -29.46 53.26 98.14
N LEU B 114 -28.45 52.53 97.66
CA LEU B 114 -27.77 52.95 96.44
C LEU B 114 -28.74 52.90 95.29
N GLY B 115 -29.37 51.75 95.09
CA GLY B 115 -30.31 51.58 94.01
C GLY B 115 -29.63 51.14 92.74
N PRO B 116 -30.40 51.12 91.64
CA PRO B 116 -29.84 50.67 90.36
C PRO B 116 -28.65 51.48 89.92
N ASP B 117 -28.61 52.77 90.25
CA ASP B 117 -27.47 53.57 89.85
C ASP B 117 -26.24 53.10 90.62
N GLY B 118 -26.44 52.49 91.80
CA GLY B 118 -25.31 52.05 92.57
C GLY B 118 -24.59 53.19 93.25
N VAL B 119 -25.21 54.37 93.29
CA VAL B 119 -24.61 55.55 93.87
C VAL B 119 -25.35 55.90 95.15
N PRO B 120 -24.65 56.37 96.20
CA PRO B 120 -25.33 56.72 97.45
C PRO B 120 -25.88 58.14 97.39
N GLU B 121 -27.18 58.26 97.60
CA GLU B 121 -27.88 59.54 97.65
C GLU B 121 -27.66 60.45 96.46
N SER B 122 -27.92 59.94 95.25
CA SER B 122 -27.79 60.71 94.03
C SER B 122 -29.14 60.83 93.33
N ASN B 123 -29.62 59.74 92.80
CA ASN B 123 -30.89 59.69 92.10
C ASN B 123 -31.72 58.53 92.56
N ASP B 124 -31.10 57.37 92.76
CA ASP B 124 -31.79 56.17 93.20
C ASP B 124 -31.66 56.01 94.69
N ASP B 125 -31.96 57.09 95.42
CA ASP B 125 -31.91 57.13 96.86
C ASP B 125 -33.21 56.66 97.46
N ILE B 126 -34.01 55.90 96.72
CA ILE B 126 -35.29 55.45 97.25
C ILE B 126 -35.08 54.52 98.44
N GLY B 127 -36.13 54.32 99.21
CA GLY B 127 -36.15 53.53 100.42
C GLY B 127 -37.25 54.04 101.33
N ASN B 128 -37.69 55.28 101.10
CA ASN B 128 -38.78 55.88 101.83
C ASN B 128 -39.20 57.09 100.96
N CYS B 129 -39.74 58.15 101.58
CA CYS B 129 -40.21 59.37 100.95
C CYS B 129 -39.33 59.88 99.80
N THR B 130 -38.06 60.09 100.09
CA THR B 130 -37.11 60.59 99.10
C THR B 130 -36.03 59.53 98.87
N THR C 2 -21.35 17.86 38.76
CA THR C 2 -20.46 17.07 39.54
C THR C 2 -19.52 17.99 40.29
N LEU C 3 -19.12 19.10 39.69
CA LEU C 3 -18.21 20.04 40.35
C LEU C 3 -18.99 21.25 40.83
N LEU C 4 -19.66 21.95 39.90
CA LEU C 4 -20.44 23.12 40.29
C LEU C 4 -21.56 22.71 41.23
N GLU C 5 -22.16 21.56 40.97
CA GLU C 5 -23.24 21.03 41.79
C GLU C 5 -22.73 20.65 43.16
N ILE C 6 -21.42 20.44 43.28
CA ILE C 6 -20.78 20.02 44.52
C ILE C 6 -19.88 21.10 45.10
N MET C 7 -18.76 21.39 44.42
CA MET C 7 -17.78 22.34 44.93
C MET C 7 -18.36 23.66 45.39
N VAL C 8 -19.34 24.19 44.66
CA VAL C 8 -19.94 25.44 45.07
C VAL C 8 -20.65 25.20 46.38
N VAL C 9 -21.26 24.03 46.53
CA VAL C 9 -22.02 23.74 47.73
C VAL C 9 -21.15 23.42 48.91
N ILE C 10 -20.00 22.79 48.67
CA ILE C 10 -19.13 22.42 49.77
C ILE C 10 -18.77 23.71 50.48
N VAL C 11 -18.54 24.77 49.73
CA VAL C 11 -18.19 26.03 50.32
C VAL C 11 -19.41 26.54 51.08
N ILE C 12 -20.55 26.60 50.42
CA ILE C 12 -21.77 27.11 51.04
C ILE C 12 -22.08 26.33 52.30
N LEU C 13 -21.74 25.05 52.33
CA LEU C 13 -21.99 24.26 53.52
C LEU C 13 -21.14 24.82 54.65
N GLY C 14 -19.83 24.79 54.48
CA GLY C 14 -18.96 25.26 55.53
C GLY C 14 -19.14 26.74 55.84
N VAL C 15 -19.39 27.54 54.82
CA VAL C 15 -19.60 28.97 55.05
C VAL C 15 -20.85 29.12 55.91
N LEU C 16 -21.83 28.27 55.70
CA LEU C 16 -23.05 28.38 56.49
C LEU C 16 -22.78 27.84 57.88
N ALA C 17 -22.42 26.58 57.98
CA ALA C 17 -22.19 25.95 59.27
C ALA C 17 -21.14 26.65 60.11
N SER C 18 -20.23 27.39 59.49
CA SER C 18 -19.19 28.05 60.28
C SER C 18 -19.67 29.23 61.10
N LEU C 19 -20.44 30.13 60.48
CA LEU C 19 -20.91 31.33 61.14
C LEU C 19 -22.33 31.22 61.68
N VAL C 20 -22.67 30.06 62.22
CA VAL C 20 -23.96 29.85 62.85
C VAL C 20 -23.64 29.34 64.26
N VAL C 21 -23.57 30.26 65.20
CA VAL C 21 -23.27 29.90 66.58
C VAL C 21 -24.47 30.37 67.42
N PRO C 22 -25.41 29.47 67.73
CA PRO C 22 -26.61 29.89 68.46
C PRO C 22 -26.43 30.36 69.90
N ASN C 23 -25.92 29.51 70.77
CA ASN C 23 -25.77 29.89 72.19
C ASN C 23 -24.87 28.97 73.00
N LEU C 24 -24.92 29.16 74.33
CA LEU C 24 -24.18 28.42 75.31
C LEU C 24 -24.91 27.18 75.83
N MET C 25 -24.28 26.51 76.77
CA MET C 25 -24.79 25.34 77.45
C MET C 25 -24.58 25.63 78.94
N GLY C 26 -25.61 25.34 79.73
CA GLY C 26 -25.56 25.58 81.17
C GLY C 26 -26.53 26.62 81.66
N ASN C 27 -27.27 27.27 80.77
CA ASN C 27 -28.23 28.27 81.21
C ASN C 27 -29.32 27.63 82.06
N LYS C 28 -29.62 26.36 81.80
CA LYS C 28 -30.63 25.67 82.59
C LYS C 28 -30.17 25.52 84.03
N GLU C 29 -28.87 25.38 84.24
CA GLU C 29 -28.37 25.23 85.60
C GLU C 29 -28.67 26.48 86.40
N LYS C 30 -28.61 27.64 85.75
CA LYS C 30 -28.94 28.86 86.47
C LYS C 30 -30.41 28.84 86.81
N ALA C 31 -31.22 28.27 85.92
CA ALA C 31 -32.65 28.21 86.16
C ALA C 31 -33.00 27.31 87.32
N ASP C 32 -32.17 26.31 87.59
CA ASP C 32 -32.44 25.41 88.69
C ASP C 32 -32.49 26.16 90.00
N ARG C 33 -31.71 27.23 90.12
CA ARG C 33 -31.70 28.00 91.34
C ARG C 33 -33.06 28.62 91.64
N GLN C 34 -33.53 29.50 90.74
CA GLN C 34 -34.80 30.18 90.96
C GLN C 34 -35.93 29.19 91.10
N LYS C 35 -35.80 28.02 90.48
CA LYS C 35 -36.81 27.00 90.60
C LYS C 35 -36.89 26.55 92.04
N VAL C 36 -35.74 26.52 92.71
CA VAL C 36 -35.70 26.10 94.11
C VAL C 36 -35.94 27.33 94.97
N VAL C 37 -35.43 28.49 94.55
CA VAL C 37 -35.65 29.68 95.35
C VAL C 37 -37.13 29.98 95.33
N SER C 38 -37.81 29.68 94.23
CA SER C 38 -39.24 29.93 94.16
C SER C 38 -39.94 29.05 95.17
N ASP C 39 -39.39 27.86 95.39
CA ASP C 39 -40.00 26.97 96.34
C ASP C 39 -39.87 27.53 97.75
N LEU C 40 -38.69 28.05 98.08
CA LEU C 40 -38.41 28.59 99.42
C LEU C 40 -39.54 29.40 100.03
N VAL C 41 -39.95 30.46 99.34
CA VAL C 41 -41.04 31.26 99.86
C VAL C 41 -42.29 30.41 99.78
N ALA C 42 -42.45 29.68 98.69
CA ALA C 42 -43.63 28.85 98.54
C ALA C 42 -43.68 27.75 99.58
N LEU C 43 -42.54 27.29 100.04
CA LEU C 43 -42.54 26.24 101.04
C LEU C 43 -42.93 26.85 102.38
N GLU C 44 -42.11 27.78 102.87
CA GLU C 44 -42.39 28.39 104.17
C GLU C 44 -43.74 29.08 104.19
N GLY C 45 -44.08 29.77 103.10
CA GLY C 45 -45.36 30.43 103.08
C GLY C 45 -46.50 29.43 103.13
N ALA C 46 -46.31 28.28 102.50
CA ALA C 46 -47.34 27.26 102.54
C ALA C 46 -47.39 26.61 103.92
N LEU C 47 -46.22 26.41 104.53
CA LEU C 47 -46.20 25.80 105.84
C LEU C 47 -46.87 26.71 106.85
N ASP C 48 -46.71 28.02 106.67
CA ASP C 48 -47.30 28.97 107.60
C ASP C 48 -48.80 28.79 107.67
N MET C 49 -49.41 28.38 106.57
CA MET C 49 -50.85 28.15 106.57
C MET C 49 -51.16 27.03 107.54
N TYR C 50 -50.37 25.95 107.50
CA TYR C 50 -50.61 24.86 108.42
C TYR C 50 -50.24 25.30 109.81
N LYS C 51 -49.29 26.23 109.92
CA LYS C 51 -48.90 26.73 111.24
C LYS C 51 -50.03 27.56 111.80
N LEU C 52 -51.03 27.92 111.00
CA LEU C 52 -52.15 28.72 111.44
C LEU C 52 -53.28 27.84 111.96
N ASP C 53 -53.78 26.93 111.12
CA ASP C 53 -54.89 26.09 111.55
C ASP C 53 -54.55 25.18 112.72
N ASN C 54 -53.52 24.38 112.57
CA ASN C 54 -53.13 23.50 113.65
C ASN C 54 -52.21 24.27 114.60
N SER C 55 -51.97 25.56 114.34
CA SER C 55 -51.14 26.40 115.20
C SER C 55 -49.71 25.89 115.32
N ARG C 56 -49.26 25.07 114.39
CA ARG C 56 -47.91 24.53 114.42
C ARG C 56 -47.53 23.87 113.11
N TYR C 57 -46.30 23.47 113.02
CA TYR C 57 -45.73 22.83 111.84
C TYR C 57 -45.61 21.31 111.94
N PRO C 58 -45.57 20.60 110.81
CA PRO C 58 -45.42 19.15 110.84
C PRO C 58 -44.02 18.70 111.23
N THR C 59 -43.98 17.47 111.73
CA THR C 59 -42.77 16.81 112.16
C THR C 59 -41.90 16.34 110.99
N THR C 60 -40.60 16.14 111.27
CA THR C 60 -39.66 15.64 110.28
C THR C 60 -40.18 14.39 109.60
N GLU C 61 -40.40 13.32 110.38
CA GLU C 61 -40.90 12.09 109.78
C GLU C 61 -42.28 12.32 109.18
N GLN C 62 -43.03 13.28 109.72
CA GLN C 62 -44.33 13.62 109.17
C GLN C 62 -44.11 14.18 107.77
N GLY C 63 -42.95 14.81 107.54
CA GLY C 63 -42.57 15.36 106.26
C GLY C 63 -43.52 16.37 105.65
N LEU C 64 -43.12 16.93 104.50
CA LEU C 64 -43.95 17.90 103.81
C LEU C 64 -45.20 17.25 103.24
N GLN C 65 -45.22 15.92 103.19
CA GLN C 65 -46.37 15.20 102.68
C GLN C 65 -47.60 15.56 103.51
N ALA C 66 -47.39 15.95 104.75
CA ALA C 66 -48.49 16.39 105.58
C ALA C 66 -49.14 17.62 104.98
N LEU C 67 -48.37 18.41 104.28
CA LEU C 67 -48.93 19.58 103.65
C LEU C 67 -49.68 19.03 102.43
N VAL C 68 -49.27 17.87 101.92
CA VAL C 68 -49.95 17.30 100.77
C VAL C 68 -51.22 16.56 101.22
N SER C 69 -51.13 15.79 102.30
CA SER C 69 -52.26 15.01 102.81
C SER C 69 -52.36 15.12 104.32
N ALA C 70 -53.49 14.73 104.88
CA ALA C 70 -53.72 14.89 106.31
C ALA C 70 -52.59 14.25 107.11
N PRO C 71 -52.09 14.90 108.18
CA PRO C 71 -51.00 14.28 108.89
C PRO C 71 -51.37 13.08 109.71
N SER C 72 -51.10 11.90 109.14
CA SER C 72 -51.42 10.66 109.83
C SER C 72 -50.63 10.53 111.12
N ALA C 73 -49.34 10.80 111.07
CA ALA C 73 -48.57 10.71 112.30
C ALA C 73 -49.00 11.89 113.16
N GLU C 74 -49.24 11.61 114.41
CA GLU C 74 -49.68 12.64 115.32
C GLU C 74 -48.54 13.63 115.61
N PRO C 75 -48.85 14.86 116.05
CA PRO C 75 -50.16 15.48 116.30
C PRO C 75 -51.05 15.67 115.09
N HIS C 76 -52.35 15.52 115.33
CA HIS C 76 -53.37 15.68 114.31
C HIS C 76 -53.68 17.15 114.07
N ALA C 77 -54.16 17.47 112.87
CA ALA C 77 -54.50 18.83 112.46
C ALA C 77 -55.98 19.11 112.46
N ARG C 78 -56.32 20.35 112.77
CA ARG C 78 -57.70 20.82 112.80
C ARG C 78 -58.01 21.62 111.55
N ASN C 79 -59.21 21.41 111.01
CA ASN C 79 -59.67 22.10 109.81
C ASN C 79 -58.67 21.96 108.67
N TYR C 80 -58.10 20.79 108.56
CA TYR C 80 -57.15 20.56 107.49
C TYR C 80 -57.92 20.70 106.19
N PRO C 81 -57.51 21.60 105.29
CA PRO C 81 -58.29 21.76 104.06
C PRO C 81 -58.11 20.61 103.10
N GLU C 82 -58.88 20.70 102.02
CA GLU C 82 -58.84 19.68 101.00
C GLU C 82 -57.43 19.58 100.43
N GLY C 83 -56.92 18.37 100.39
CA GLY C 83 -55.60 18.12 99.85
C GLY C 83 -54.50 18.90 100.53
N GLY C 84 -54.74 19.41 101.73
CA GLY C 84 -53.72 20.17 102.38
C GLY C 84 -53.54 21.47 101.66
N TYR C 85 -52.40 22.12 101.92
CA TYR C 85 -52.09 23.43 101.37
C TYR C 85 -51.31 23.40 100.07
N ILE C 86 -51.43 22.33 99.32
CA ILE C 86 -50.72 22.25 98.06
C ILE C 86 -51.40 21.26 97.14
N ARG C 87 -51.20 21.47 95.86
CA ARG C 87 -51.73 20.54 94.90
C ARG C 87 -50.91 19.26 95.00
N ARG C 88 -49.63 19.33 94.64
CA ARG C 88 -48.73 18.19 94.64
C ARG C 88 -47.39 18.59 95.24
N LEU C 89 -46.56 17.59 95.54
CA LEU C 89 -45.26 17.84 96.13
C LEU C 89 -44.19 18.15 95.09
N PRO C 90 -43.49 19.28 95.20
CA PRO C 90 -42.42 19.54 94.23
C PRO C 90 -41.27 18.58 94.47
N GLN C 91 -40.96 17.79 93.46
CA GLN C 91 -39.87 16.82 93.50
C GLN C 91 -38.64 17.48 92.95
N ASP C 92 -37.57 17.50 93.73
CA ASP C 92 -36.33 18.11 93.30
C ASP C 92 -35.80 17.16 92.22
N PRO C 93 -35.52 17.64 91.01
CA PRO C 93 -35.10 16.74 89.95
C PRO C 93 -33.65 16.29 90.02
N TRP C 94 -33.28 15.71 91.16
CA TRP C 94 -31.97 15.13 91.35
C TRP C 94 -32.15 13.99 92.34
N GLY C 95 -33.33 13.37 92.37
CA GLY C 95 -33.57 12.26 93.26
C GLY C 95 -33.82 12.62 94.71
N SER C 96 -34.44 13.77 94.98
CA SER C 96 -34.68 14.16 96.36
C SER C 96 -35.91 15.03 96.53
N ASP C 97 -36.48 14.95 97.71
CA ASP C 97 -37.61 15.77 98.07
C ASP C 97 -37.06 16.90 98.93
N TYR C 98 -37.93 17.72 99.45
CA TYR C 98 -37.54 18.84 100.29
C TYR C 98 -37.69 18.44 101.75
N GLN C 99 -36.61 17.92 102.32
CA GLN C 99 -36.64 17.47 103.71
C GLN C 99 -36.74 18.61 104.70
N LEU C 100 -37.85 18.66 105.42
CA LEU C 100 -38.06 19.67 106.43
C LEU C 100 -37.35 19.26 107.71
N LEU C 101 -37.23 20.20 108.63
CA LEU C 101 -36.62 19.96 109.92
C LEU C 101 -37.58 20.38 111.03
N SER C 102 -37.70 19.51 112.04
CA SER C 102 -38.58 19.73 113.17
C SER C 102 -37.83 19.65 114.49
N PRO C 103 -37.48 20.79 115.11
CA PRO C 103 -37.59 22.21 114.78
C PRO C 103 -36.42 22.74 113.99
N GLY C 104 -36.67 23.81 113.25
CA GLY C 104 -35.62 24.43 112.49
C GLY C 104 -34.62 25.14 113.38
N GLN C 105 -33.37 25.17 112.93
CA GLN C 105 -32.31 25.84 113.67
C GLN C 105 -32.27 27.32 113.31
N CYS C 106 -32.70 27.69 112.10
CA CYS C 106 -32.73 29.09 111.68
C CYS C 106 -34.06 29.71 112.03
N GLY C 107 -34.92 29.00 112.74
CA GLY C 107 -36.21 29.52 113.12
C GLY C 107 -37.13 28.43 113.59
N GLN C 108 -38.36 28.44 113.10
CA GLN C 108 -39.32 27.42 113.51
C GLN C 108 -39.11 26.13 112.76
N VAL C 109 -38.77 26.20 111.47
CA VAL C 109 -38.59 25.03 110.62
C VAL C 109 -37.45 25.23 109.65
N ASP C 110 -36.77 24.14 109.31
CA ASP C 110 -35.72 24.17 108.31
C ASP C 110 -35.91 23.08 107.27
N ILE C 111 -35.64 23.44 106.01
CA ILE C 111 -35.80 22.55 104.88
C ILE C 111 -34.46 22.33 104.18
N PHE C 112 -34.27 21.12 103.67
CA PHE C 112 -33.06 20.74 102.99
C PHE C 112 -33.28 19.76 101.85
N SER C 113 -32.27 19.65 100.98
CA SER C 113 -32.30 18.76 99.83
C SER C 113 -30.92 18.46 99.28
N LEU C 114 -30.83 17.42 98.46
CA LEU C 114 -29.56 17.07 97.86
C LEU C 114 -29.10 18.20 96.96
N GLY C 115 -29.95 18.59 96.02
CA GLY C 115 -29.64 19.64 95.10
C GLY C 115 -28.92 19.11 93.88
N PRO C 116 -28.44 20.04 93.03
CA PRO C 116 -27.75 19.63 91.80
C PRO C 116 -26.57 18.75 92.05
N ASP C 117 -25.86 18.94 93.16
CA ASP C 117 -24.72 18.08 93.44
C ASP C 117 -25.22 16.66 93.71
N GLY C 118 -26.46 16.51 94.14
CA GLY C 118 -26.96 15.20 94.45
C GLY C 118 -26.40 14.64 95.73
N VAL C 119 -25.78 15.49 96.55
CA VAL C 119 -25.15 15.07 97.79
C VAL C 119 -25.95 15.62 98.95
N PRO C 120 -26.11 14.87 100.05
CA PRO C 120 -26.86 15.39 101.20
C PRO C 120 -25.99 16.22 102.11
N GLU C 121 -26.40 17.47 102.31
CA GLU C 121 -25.73 18.41 103.21
C GLU C 121 -24.24 18.61 102.95
N SER C 122 -23.89 18.96 101.71
CA SER C 122 -22.51 19.21 101.34
C SER C 122 -22.35 20.66 100.87
N ASN C 123 -22.91 20.98 99.72
CA ASN C 123 -22.84 22.31 99.15
C ASN C 123 -24.21 22.77 98.69
N ASP C 124 -24.97 21.89 98.07
CA ASP C 124 -26.30 22.22 97.57
C ASP C 124 -27.34 21.78 98.58
N ASP C 125 -27.15 22.18 99.82
CA ASP C 125 -28.04 21.89 100.93
C ASP C 125 -29.13 22.94 101.02
N ILE C 126 -29.41 23.66 99.94
CA ILE C 126 -30.43 24.69 100.01
C ILE C 126 -31.80 24.08 100.26
N GLY C 127 -32.73 24.91 100.66
CA GLY C 127 -34.08 24.53 101.03
C GLY C 127 -34.63 25.55 102.02
N ASN C 128 -33.74 26.28 102.68
CA ASN C 128 -34.09 27.34 103.61
C ASN C 128 -32.79 28.14 103.78
N CYS C 129 -32.59 28.78 104.95
CA CYS C 129 -31.45 29.62 105.29
C CYS C 129 -30.11 29.09 104.80
N THR C 130 -29.79 27.87 105.19
CA THR C 130 -28.54 27.24 104.81
C THR C 130 -28.82 26.02 103.95
N THR D 2 -14.78 13.40 31.77
CA THR D 2 -15.59 12.25 31.82
C THR D 2 -15.18 11.40 33.02
N LEU D 3 -13.88 11.38 33.34
CA LEU D 3 -13.41 10.59 34.47
C LEU D 3 -13.08 11.52 35.63
N LEU D 4 -12.17 12.47 35.41
CA LEU D 4 -11.83 13.41 36.47
C LEU D 4 -13.04 14.23 36.87
N GLU D 5 -13.84 14.60 35.89
CA GLU D 5 -15.05 15.38 36.11
C GLU D 5 -16.08 14.56 36.88
N ILE D 6 -15.93 13.24 36.84
CA ILE D 6 -16.85 12.32 37.49
C ILE D 6 -16.22 11.59 38.66
N MET D 7 -15.26 10.70 38.37
CA MET D 7 -14.66 9.87 39.41
C MET D 7 -14.19 10.64 40.63
N VAL D 8 -13.62 11.82 40.44
CA VAL D 8 -13.17 12.59 41.57
C VAL D 8 -14.39 13.00 42.36
N VAL D 9 -15.48 13.30 41.67
CA VAL D 9 -16.68 13.76 42.35
C VAL D 9 -17.44 12.64 43.01
N ILE D 10 -17.40 11.45 42.43
CA ILE D 10 -18.14 10.33 43.01
C ILE D 10 -17.60 10.15 44.41
N VAL D 11 -16.29 10.28 44.57
CA VAL D 11 -15.69 10.12 45.87
C VAL D 11 -16.17 11.26 46.75
N ILE D 12 -16.02 12.50 46.28
CA ILE D 12 -16.41 13.67 47.06
C ILE D 12 -17.86 13.57 47.46
N LEU D 13 -18.69 12.96 46.62
CA LEU D 13 -20.09 12.82 46.96
C LEU D 13 -20.19 11.93 48.19
N GLY D 14 -19.74 10.69 48.06
CA GLY D 14 -19.85 9.77 49.18
C GLY D 14 -19.07 10.22 50.39
N VAL D 15 -17.90 10.82 50.18
CA VAL D 15 -17.11 11.29 51.31
C VAL D 15 -17.91 12.36 52.02
N LEU D 16 -18.65 13.16 51.27
CA LEU D 16 -19.42 14.21 51.91
C LEU D 16 -20.64 13.59 52.59
N ALA D 17 -21.49 12.94 51.80
CA ALA D 17 -22.71 12.37 52.33
C ALA D 17 -22.47 11.36 53.45
N SER D 18 -21.29 10.76 53.51
CA SER D 18 -21.05 9.77 54.55
C SER D 18 -20.88 10.35 55.94
N LEU D 19 -20.07 11.38 56.08
CA LEU D 19 -19.79 11.99 57.37
C LEU D 19 -20.62 13.22 57.67
N VAL D 20 -21.88 13.20 57.28
CA VAL D 20 -22.80 14.28 57.58
C VAL D 20 -23.98 13.62 58.28
N VAL D 21 -23.95 13.58 59.59
CA VAL D 21 -25.01 12.99 60.38
C VAL D 21 -25.57 14.09 61.28
N PRO D 22 -26.66 14.74 60.88
CA PRO D 22 -27.19 15.85 61.68
C PRO D 22 -27.75 15.53 63.06
N ASN D 23 -28.77 14.68 63.15
CA ASN D 23 -29.38 14.39 64.45
C ASN D 23 -30.30 13.18 64.45
N LEU D 24 -31.05 13.03 65.55
CA LEU D 24 -32.01 11.99 65.78
C LEU D 24 -33.41 12.32 65.31
N MET D 25 -34.34 11.40 65.56
CA MET D 25 -35.74 11.52 65.27
C MET D 25 -36.45 11.13 66.55
N GLY D 26 -37.45 11.90 66.94
CA GLY D 26 -38.21 11.65 68.15
C GLY D 26 -38.08 12.72 69.20
N ASN D 27 -37.25 13.74 68.97
CA ASN D 27 -37.09 14.80 69.95
C ASN D 27 -38.41 15.55 70.13
N LYS D 28 -39.22 15.61 69.08
CA LYS D 28 -40.50 16.29 69.17
C LYS D 28 -41.42 15.57 70.13
N GLU D 29 -41.29 14.24 70.21
CA GLU D 29 -42.14 13.49 71.13
C GLU D 29 -41.87 13.92 72.56
N LYS D 30 -40.62 14.24 72.87
CA LYS D 30 -40.31 14.67 74.21
C LYS D 30 -40.97 16.02 74.42
N ALA D 31 -41.02 16.84 73.37
CA ALA D 31 -41.62 18.15 73.47
C ALA D 31 -43.10 18.09 73.72
N ASP D 32 -43.75 17.02 73.26
CA ASP D 32 -45.17 16.89 73.45
C ASP D 32 -45.51 16.87 74.92
N ARG D 33 -44.61 16.34 75.75
CA ARG D 33 -44.87 16.29 77.17
C ARG D 33 -45.01 17.67 77.78
N GLN D 34 -43.95 18.47 77.70
CA GLN D 34 -43.96 19.81 78.30
C GLN D 34 -45.07 20.65 77.71
N LYS D 35 -45.45 20.37 76.47
CA LYS D 35 -46.53 21.10 75.85
C LYS D 35 -47.80 20.82 76.61
N VAL D 36 -47.95 19.59 77.10
CA VAL D 36 -49.13 19.21 77.84
C VAL D 36 -48.91 19.56 79.31
N VAL D 37 -47.67 19.41 79.79
CA VAL D 37 -47.41 19.73 81.19
C VAL D 37 -47.61 21.22 81.35
N SER D 38 -47.29 22.00 80.31
CA SER D 38 -47.47 23.44 80.41
C SER D 38 -48.94 23.74 80.54
N ASP D 39 -49.77 22.91 79.91
CA ASP D 39 -51.20 23.14 80.00
C ASP D 39 -51.68 22.90 81.41
N LEU D 40 -51.20 21.81 82.04
CA LEU D 40 -51.61 21.43 83.39
C LEU D 40 -51.75 22.58 84.37
N VAL D 41 -50.68 23.33 84.57
CA VAL D 41 -50.76 24.46 85.47
C VAL D 41 -51.66 25.49 84.82
N ALA D 42 -51.51 25.67 83.51
CA ALA D 42 -52.32 26.65 82.82
C ALA D 42 -53.79 26.29 82.86
N LEU D 43 -54.10 24.99 82.90
CA LEU D 43 -55.48 24.59 82.92
C LEU D 43 -56.05 24.85 84.31
N GLU D 44 -55.49 24.19 85.31
CA GLU D 44 -55.97 24.37 86.68
C GLU D 44 -55.88 25.80 87.14
N GLY D 45 -54.79 26.48 86.79
CA GLY D 45 -54.65 27.86 87.20
C GLY D 45 -55.72 28.72 86.54
N ALA D 46 -56.05 28.40 85.31
CA ALA D 46 -57.09 29.16 84.63
C ALA D 46 -58.46 28.81 85.20
N LEU D 47 -58.68 27.55 85.53
CA LEU D 47 -59.96 27.15 86.09
C LEU D 47 -60.17 27.81 87.43
N ASP D 48 -59.09 27.99 88.19
CA ASP D 48 -59.18 28.60 89.51
C ASP D 48 -59.78 29.99 89.41
N MET D 49 -59.52 30.68 88.30
CA MET D 49 -60.09 32.00 88.12
C MET D 49 -61.60 31.88 88.08
N TYR D 50 -62.10 30.90 87.33
CA TYR D 50 -63.54 30.73 87.26
C TYR D 50 -64.04 30.22 88.60
N LYS D 51 -63.19 29.49 89.33
CA LYS D 51 -63.58 29.00 90.64
C LYS D 51 -63.68 30.17 91.60
N LEU D 52 -63.18 31.34 91.22
CA LEU D 52 -63.23 32.52 92.07
C LEU D 52 -64.50 33.32 91.84
N ASP D 53 -64.73 33.74 90.60
CA ASP D 53 -65.92 34.55 90.33
C ASP D 53 -67.22 33.82 90.58
N ASN D 54 -67.40 32.67 89.94
CA ASN D 54 -68.62 31.92 90.16
C ASN D 54 -68.43 31.05 91.40
N SER D 55 -67.30 31.14 92.08
CA SER D 55 -67.03 30.38 93.29
C SER D 55 -67.07 28.88 93.07
N ARG D 56 -66.91 28.43 91.84
CA ARG D 56 -66.93 27.00 91.52
C ARG D 56 -66.44 26.73 90.12
N TYR D 57 -66.31 25.47 89.79
CA TYR D 57 -65.83 24.99 88.51
C TYR D 57 -66.92 24.53 87.55
N PRO D 58 -66.67 24.54 86.25
CA PRO D 58 -67.68 24.07 85.29
C PRO D 58 -67.87 22.56 85.30
N THR D 59 -69.04 22.16 84.83
CA THR D 59 -69.45 20.78 84.73
C THR D 59 -68.77 20.06 83.57
N THR D 60 -68.73 18.72 83.66
CA THR D 60 -68.16 17.88 82.61
C THR D 60 -68.76 18.22 81.26
N GLU D 61 -70.08 18.06 81.10
CA GLU D 61 -70.69 18.39 79.82
C GLU D 61 -70.52 19.87 79.51
N GLN D 62 -70.41 20.69 80.54
CA GLN D 62 -70.17 22.10 80.34
C GLN D 62 -68.80 22.27 79.70
N GLY D 63 -67.88 21.33 79.97
CA GLY D 63 -66.55 21.31 79.41
C GLY D 63 -65.70 22.56 79.63
N LEU D 64 -64.46 22.49 79.16
CA LEU D 64 -63.56 23.63 79.29
C LEU D 64 -63.99 24.78 78.41
N GLN D 65 -64.91 24.52 77.47
CA GLN D 65 -65.41 25.56 76.59
C GLN D 65 -66.03 26.67 77.41
N ALA D 66 -66.52 26.33 78.61
CA ALA D 66 -67.05 27.35 79.49
C ALA D 66 -65.98 28.35 79.87
N LEU D 67 -64.74 27.90 79.90
CA LEU D 67 -63.67 28.81 80.21
C LEU D 67 -63.47 29.61 78.94
N VAL D 68 -63.83 29.06 77.79
CA VAL D 68 -63.69 29.80 76.53
C VAL D 68 -64.84 30.77 76.35
N SER D 69 -66.08 30.33 76.62
CA SER D 69 -67.27 31.14 76.45
C SER D 69 -68.20 31.00 77.64
N ALA D 70 -69.17 31.90 77.76
CA ALA D 70 -70.04 31.90 78.92
C ALA D 70 -70.71 30.54 79.09
N PRO D 71 -70.80 30.02 80.33
CA PRO D 71 -71.39 28.70 80.46
C PRO D 71 -72.88 28.66 80.24
N SER D 72 -73.26 28.24 79.03
CA SER D 72 -74.67 28.16 78.69
C SER D 72 -75.39 27.14 79.57
N ALA D 73 -74.80 25.96 79.74
CA ALA D 73 -75.45 24.99 80.60
C ALA D 73 -75.31 25.51 82.03
N GLU D 74 -76.39 25.46 82.75
CA GLU D 74 -76.38 25.94 84.11
C GLU D 74 -75.55 25.02 85.01
N PRO D 75 -75.06 25.51 86.17
CA PRO D 75 -75.16 26.86 86.74
C PRO D 75 -74.48 27.97 85.96
N HIS D 76 -75.12 29.14 86.01
CA HIS D 76 -74.63 30.33 85.35
C HIS D 76 -73.51 30.99 86.17
N ALA D 77 -72.64 31.74 85.49
CA ALA D 77 -71.51 32.42 86.10
C ALA D 77 -71.73 33.91 86.26
N ARG D 78 -71.15 34.46 87.33
CA ARG D 78 -71.23 35.87 87.64
C ARG D 78 -69.93 36.56 87.24
N ASN D 79 -70.07 37.77 86.69
CA ASN D 79 -68.92 38.58 86.26
C ASN D 79 -68.00 37.79 85.35
N TYR D 80 -68.59 37.00 84.48
CA TYR D 80 -67.80 36.22 83.56
C TYR D 80 -67.05 37.22 82.69
N PRO D 81 -65.73 37.19 82.63
CA PRO D 81 -65.02 38.18 81.82
C PRO D 81 -65.16 37.94 80.33
N GLU D 82 -64.61 38.89 79.59
CA GLU D 82 -64.64 38.81 78.15
C GLU D 82 -63.96 37.54 77.70
N GLY D 83 -64.63 36.78 76.85
CA GLY D 83 -64.09 35.55 76.31
C GLY D 83 -63.67 34.55 77.36
N GLY D 84 -64.17 34.68 78.57
CA GLY D 84 -63.76 33.75 79.59
C GLY D 84 -62.32 33.99 79.94
N TYR D 85 -61.72 32.99 80.59
CA TYR D 85 -60.36 33.09 81.08
C TYR D 85 -59.31 32.56 80.12
N ILE D 86 -59.61 32.57 78.84
CA ILE D 86 -58.64 32.10 77.88
C ILE D 86 -58.92 32.69 76.52
N ARG D 87 -57.89 32.77 75.71
CA ARG D 87 -58.07 33.24 74.37
C ARG D 87 -58.80 32.16 73.59
N ARG D 88 -58.16 31.01 73.40
CA ARG D 88 -58.71 29.90 72.64
C ARG D 88 -58.45 28.59 73.39
N LEU D 89 -59.11 27.53 72.94
CA LEU D 89 -58.95 26.22 73.57
C LEU D 89 -57.76 25.46 73.04
N PRO D 90 -56.84 25.00 73.89
CA PRO D 90 -55.72 24.22 73.38
C PRO D 90 -56.22 22.85 72.93
N GLN D 91 -56.04 22.56 71.65
CA GLN D 91 -56.44 21.30 71.04
C GLN D 91 -55.27 20.37 71.11
N ASP D 92 -55.47 19.20 71.72
CA ASP D 92 -54.42 18.21 71.83
C ASP D 92 -54.23 17.70 70.41
N PRO D 93 -53.02 17.74 69.85
CA PRO D 93 -52.84 17.33 68.47
C PRO D 93 -52.81 15.82 68.24
N TRP D 94 -53.84 15.15 68.70
CA TRP D 94 -54.01 13.72 68.47
C TRP D 94 -55.52 13.48 68.42
N GLY D 95 -56.30 14.47 68.00
CA GLY D 95 -57.73 14.30 67.91
C GLY D 95 -58.49 14.36 69.21
N SER D 96 -58.03 15.15 70.18
CA SER D 96 -58.73 15.24 71.45
C SER D 96 -58.58 16.56 72.14
N ASP D 97 -59.56 16.89 72.95
CA ASP D 97 -59.53 18.09 73.74
C ASP D 97 -59.15 17.65 75.15
N TYR D 98 -59.15 18.59 76.07
CA TYR D 98 -58.80 18.31 77.47
C TYR D 98 -60.07 18.09 78.26
N GLN D 99 -60.51 16.85 78.35
CA GLN D 99 -61.74 16.53 79.06
C GLN D 99 -61.62 16.71 80.56
N LEU D 100 -62.36 17.65 81.11
CA LEU D 100 -62.37 17.90 82.54
C LEU D 100 -63.30 16.90 83.20
N LEU D 101 -63.20 16.84 84.52
CA LEU D 101 -64.05 15.97 85.32
C LEU D 101 -64.74 16.78 86.41
N SER D 102 -66.04 16.53 86.56
CA SER D 102 -66.87 17.23 87.53
C SER D 102 -67.58 16.26 88.46
N PRO D 103 -67.08 16.05 89.69
CA PRO D 103 -65.91 16.53 90.41
C PRO D 103 -64.69 15.67 90.20
N GLY D 104 -63.51 16.27 90.38
CA GLY D 104 -62.29 15.52 90.26
C GLY D 104 -62.09 14.57 91.41
N GLN D 105 -61.44 13.46 91.12
CA GLN D 105 -61.14 12.47 92.14
C GLN D 105 -59.85 12.80 92.88
N CYS D 106 -58.93 13.52 92.23
CA CYS D 106 -57.68 13.92 92.86
C CYS D 106 -57.84 15.27 93.53
N GLY D 107 -59.06 15.81 93.54
CA GLY D 107 -59.29 17.10 94.16
C GLY D 107 -60.63 17.66 93.75
N GLN D 108 -60.65 18.94 93.37
CA GLN D 108 -61.89 19.56 92.96
C GLN D 108 -62.25 19.20 91.53
N VAL D 109 -61.26 19.12 90.65
CA VAL D 109 -61.48 18.84 89.24
C VAL D 109 -60.39 17.96 88.67
N ASP D 110 -60.74 17.13 87.69
CA ASP D 110 -59.78 16.30 86.99
C ASP D 110 -59.92 16.43 85.50
N ILE D 111 -58.76 16.47 84.82
CA ILE D 111 -58.70 16.64 83.38
C ILE D 111 -58.02 15.42 82.74
N PHE D 112 -58.49 15.07 81.55
CA PHE D 112 -57.97 13.94 80.81
C PHE D 112 -57.98 14.13 79.31
N SER D 113 -57.20 13.30 78.61
CA SER D 113 -57.09 13.34 77.16
C SER D 113 -56.55 12.04 76.59
N LEU D 114 -56.72 11.88 75.28
CA LEU D 114 -56.22 10.68 74.62
C LEU D 114 -54.71 10.65 74.73
N GLY D 115 -54.07 11.72 74.29
CA GLY D 115 -52.64 11.81 74.32
C GLY D 115 -52.00 11.22 73.08
N PRO D 116 -50.67 11.12 73.10
CA PRO D 116 -49.96 10.58 71.92
C PRO D 116 -50.41 9.21 71.53
N ASP D 117 -50.80 8.38 72.49
CA ASP D 117 -51.26 7.04 72.14
C ASP D 117 -52.57 7.16 71.37
N GLY D 118 -53.32 8.25 71.57
CA GLY D 118 -54.58 8.39 70.89
C GLY D 118 -55.65 7.49 71.47
N VAL D 119 -55.42 6.94 72.65
CA VAL D 119 -56.35 6.03 73.29
C VAL D 119 -56.94 6.71 74.51
N PRO D 120 -58.23 6.50 74.81
CA PRO D 120 -58.83 7.13 75.99
C PRO D 120 -58.58 6.32 77.25
N GLU D 121 -57.96 6.96 78.23
CA GLU D 121 -57.70 6.35 79.54
C GLU D 121 -56.97 5.02 79.51
N SER D 122 -55.81 4.99 78.84
CA SER D 122 -55.00 3.78 78.76
C SER D 122 -53.64 4.02 79.40
N ASN D 123 -52.84 4.84 78.76
CA ASN D 123 -51.50 5.15 79.25
C ASN D 123 -51.26 6.64 79.19
N ASP D 124 -51.69 7.30 78.12
CA ASP D 124 -51.50 8.73 77.95
C ASP D 124 -52.74 9.46 78.38
N ASP D 125 -53.23 9.14 79.57
CA ASP D 125 -54.40 9.74 80.16
C ASP D 125 -54.04 11.00 80.93
N ILE D 126 -52.91 11.62 80.61
CA ILE D 126 -52.50 12.80 81.34
C ILE D 126 -53.48 13.94 81.08
N GLY D 127 -53.43 14.96 81.93
CA GLY D 127 -54.30 16.10 81.92
C GLY D 127 -54.39 16.68 83.32
N ASN D 128 -54.06 15.86 84.32
CA ASN D 128 -54.02 16.27 85.71
C ASN D 128 -53.20 15.16 86.41
N CYS D 129 -53.45 14.91 87.70
CA CYS D 129 -52.77 13.94 88.54
C CYS D 129 -52.45 12.62 87.85
N THR D 130 -53.47 11.98 87.31
CA THR D 130 -53.31 10.70 86.63
C THR D 130 -53.69 10.87 85.17
N THR E 2 -11.52 7.36 23.73
CA THR E 2 -12.59 7.87 22.98
C THR E 2 -13.85 7.08 23.29
N LEU E 3 -13.72 5.78 23.53
CA LEU E 3 -14.87 4.95 23.85
C LEU E 3 -14.88 4.63 25.33
N LEU E 4 -13.81 4.01 25.83
CA LEU E 4 -13.75 3.70 27.26
C LEU E 4 -13.77 4.97 28.08
N GLU E 5 -13.09 5.99 27.60
CA GLU E 5 -13.03 7.28 28.26
C GLU E 5 -14.39 7.95 28.25
N ILE E 6 -15.26 7.54 27.33
CA ILE E 6 -16.58 8.11 27.17
C ILE E 6 -17.69 7.13 27.55
N MET E 7 -17.86 6.06 26.76
CA MET E 7 -18.94 5.11 26.98
C MET E 7 -19.07 4.62 28.41
N VAL E 8 -17.95 4.38 29.06
CA VAL E 8 -18.02 3.91 30.43
C VAL E 8 -18.60 5.03 31.26
N VAL E 9 -18.24 6.27 30.94
CA VAL E 9 -18.70 7.39 31.72
C VAL E 9 -20.12 7.77 31.44
N ILE E 10 -20.58 7.57 30.21
CA ILE E 10 -21.94 7.92 29.87
C ILE E 10 -22.85 7.12 30.79
N VAL E 11 -22.48 5.86 31.03
CA VAL E 11 -23.28 5.03 31.88
C VAL E 11 -23.19 5.59 33.30
N ILE E 12 -21.96 5.79 33.78
CA ILE E 12 -21.76 6.28 35.14
C ILE E 12 -22.50 7.59 35.35
N LEU E 13 -22.61 8.39 34.30
CA LEU E 13 -23.32 9.65 34.43
C LEU E 13 -24.79 9.33 34.73
N GLY E 14 -25.45 8.65 33.80
CA GLY E 14 -26.85 8.36 34.00
C GLY E 14 -27.11 7.49 35.22
N VAL E 15 -26.22 6.54 35.49
CA VAL E 15 -26.41 5.68 36.66
C VAL E 15 -26.34 6.56 37.89
N LEU E 16 -25.49 7.58 37.86
CA LEU E 16 -25.39 8.44 39.02
C LEU E 16 -26.61 9.35 39.08
N ALA E 17 -26.79 10.17 38.05
CA ALA E 17 -27.89 11.11 38.03
C ALA E 17 -29.26 10.47 38.17
N SER E 18 -29.39 9.19 37.83
CA SER E 18 -30.70 8.57 37.94
C SER E 18 -31.15 8.29 39.36
N LEU E 19 -30.29 7.71 40.18
CA LEU E 19 -30.63 7.34 41.54
C LEU E 19 -30.18 8.35 42.58
N VAL E 20 -30.29 9.63 42.26
CA VAL E 20 -29.99 10.69 43.19
C VAL E 20 -31.24 11.57 43.23
N VAL E 21 -32.11 11.29 44.18
CA VAL E 21 -33.35 12.04 44.32
C VAL E 21 -33.32 12.66 45.73
N PRO E 22 -32.91 13.91 45.86
CA PRO E 22 -32.80 14.52 47.19
C PRO E 22 -34.08 14.75 47.98
N ASN E 23 -35.01 15.53 47.45
CA ASN E 23 -36.24 15.82 48.20
C ASN E 23 -37.35 16.45 47.36
N LEU E 24 -38.38 16.92 48.06
CA LEU E 24 -39.55 17.58 47.51
C LEU E 24 -39.39 19.09 47.36
N MET E 25 -40.46 19.73 46.90
CA MET E 25 -40.59 21.15 46.74
C MET E 25 -41.90 21.52 47.41
N GLY E 26 -41.88 22.58 48.20
CA GLY E 26 -43.07 23.05 48.90
C GLY E 26 -42.96 22.96 50.40
N ASN E 27 -41.87 22.43 50.94
CA ASN E 27 -41.71 22.34 52.38
C ASN E 27 -41.67 23.74 53.00
N LYS E 28 -41.17 24.71 52.24
CA LYS E 28 -41.10 26.08 52.75
C LYS E 28 -42.50 26.62 52.96
N GLU E 29 -43.46 26.20 52.12
CA GLU E 29 -44.81 26.70 52.27
C GLU E 29 -45.37 26.27 53.61
N LYS E 30 -45.01 25.08 54.08
CA LYS E 30 -45.48 24.65 55.38
C LYS E 30 -44.86 25.53 56.43
N ALA E 31 -43.61 25.95 56.20
CA ALA E 31 -42.93 26.79 57.16
C ALA E 31 -43.54 28.16 57.26
N ASP E 32 -44.17 28.63 56.20
CA ASP E 32 -44.78 29.94 56.23
C ASP E 32 -45.86 30.00 57.29
N ARG E 33 -46.52 28.87 57.56
CA ARG E 33 -47.56 28.85 58.56
C ARG E 33 -47.02 29.19 59.94
N GLN E 34 -46.11 28.35 60.45
CA GLN E 34 -45.57 28.56 61.79
C GLN E 34 -44.90 29.91 61.90
N LYS E 35 -44.39 30.43 60.79
CA LYS E 35 -43.78 31.73 60.81
C LYS E 35 -44.83 32.77 61.15
N VAL E 36 -46.05 32.54 60.69
CA VAL E 36 -47.14 33.47 60.96
C VAL E 36 -47.78 33.07 62.27
N VAL E 37 -47.86 31.77 62.55
CA VAL E 37 -48.47 31.35 63.80
C VAL E 37 -47.58 31.83 64.92
N SER E 38 -46.28 31.87 64.70
CA SER E 38 -45.37 32.35 65.73
C SER E 38 -45.66 33.81 66.00
N ASP E 39 -46.06 34.53 64.97
CA ASP E 39 -46.36 35.94 65.15
C ASP E 39 -47.59 36.09 66.03
N LEU E 40 -48.62 35.28 65.76
CA LEU E 40 -49.90 35.36 66.49
C LEU E 40 -49.76 35.57 67.99
N VAL E 41 -49.06 34.67 68.66
CA VAL E 41 -48.88 34.83 70.09
C VAL E 41 -47.98 36.04 70.29
N ALA E 42 -46.96 36.17 69.44
CA ALA E 42 -46.05 37.28 69.58
C ALA E 42 -46.74 38.61 69.34
N LEU E 43 -47.76 38.61 68.49
CA LEU E 43 -48.45 39.85 68.21
C LEU E 43 -49.32 40.19 69.40
N GLU E 44 -50.29 39.34 69.70
CA GLU E 44 -51.20 39.60 70.82
C GLU E 44 -50.45 39.75 72.13
N GLY E 45 -49.45 38.91 72.35
CA GLY E 45 -48.71 39.02 73.58
C GLY E 45 -47.97 40.34 73.66
N ALA E 46 -47.48 40.81 72.53
CA ALA E 46 -46.80 42.09 72.52
C ALA E 46 -47.79 43.23 72.69
N LEU E 47 -48.97 43.09 72.08
CA LEU E 47 -49.97 44.14 72.19
C LEU E 47 -50.44 44.25 73.63
N ASP E 48 -50.51 43.11 74.33
CA ASP E 48 -50.96 43.11 75.71
C ASP E 48 -50.09 44.00 76.56
N MET E 49 -48.81 44.10 76.22
CA MET E 49 -47.92 44.97 76.97
C MET E 49 -48.40 46.40 76.83
N TYR E 50 -48.75 46.80 75.60
CA TYR E 50 -49.22 48.15 75.41
C TYR E 50 -50.59 48.28 76.04
N LYS E 51 -51.34 47.19 76.10
CA LYS E 51 -52.66 47.22 76.73
C LYS E 51 -52.50 47.41 78.22
N LEU E 52 -51.28 47.25 78.76
CA LEU E 52 -51.02 47.41 80.17
C LEU E 52 -50.65 48.83 80.51
N ASP E 53 -49.61 49.38 79.88
CA ASP E 53 -49.20 50.74 80.21
C ASP E 53 -50.25 51.78 79.88
N ASN E 54 -50.69 51.82 78.64
CA ASN E 54 -51.70 52.78 78.25
C ASN E 54 -53.07 52.19 78.58
N SER E 55 -53.14 51.00 79.17
CA SER E 55 -54.39 50.36 79.55
C SER E 55 -55.31 50.11 78.36
N ARG E 56 -54.77 50.08 77.16
CA ARG E 56 -55.58 49.84 75.97
C ARG E 56 -54.71 49.56 74.75
N TYR E 57 -55.36 49.22 73.66
CA TYR E 57 -54.71 48.88 72.41
C TYR E 57 -54.73 50.00 71.37
N PRO E 58 -53.79 49.99 70.42
CA PRO E 58 -53.78 51.01 69.38
C PRO E 58 -54.90 50.86 68.36
N THR E 59 -55.21 51.98 67.73
CA THR E 59 -56.23 52.10 66.70
C THR E 59 -55.79 51.49 65.37
N THR E 60 -56.78 51.14 64.54
CA THR E 60 -56.53 50.59 63.21
C THR E 60 -55.57 51.48 62.43
N GLU E 61 -55.95 52.75 62.18
CA GLU E 61 -55.06 53.63 61.44
C GLU E 61 -53.77 53.84 62.21
N GLN E 62 -53.83 53.74 63.53
CA GLN E 62 -52.63 53.86 64.35
C GLN E 62 -51.72 52.68 64.02
N GLY E 63 -52.29 51.55 63.60
CA GLY E 63 -51.57 50.36 63.20
C GLY E 63 -50.60 49.79 64.22
N LEU E 64 -49.98 48.67 63.85
CA LEU E 64 -49.02 48.02 64.73
C LEU E 64 -47.76 48.85 64.86
N GLN E 65 -47.59 49.84 63.97
CA GLN E 65 -46.41 50.70 64.02
C GLN E 65 -46.36 51.39 65.36
N ALA E 66 -47.50 51.58 66.00
CA ALA E 66 -47.51 52.15 67.33
C ALA E 66 -46.76 51.28 68.30
N LEU E 67 -46.75 49.98 68.05
CA LEU E 67 -46.02 49.10 68.91
C LEU E 67 -44.56 49.31 68.52
N VAL E 68 -44.28 49.74 67.29
CA VAL E 68 -42.92 49.98 66.87
C VAL E 68 -42.43 51.34 67.37
N SER E 69 -43.27 52.38 67.25
CA SER E 69 -42.91 53.74 67.65
C SER E 69 -44.06 54.38 68.41
N ALA E 70 -43.78 55.49 69.09
CA ALA E 70 -44.78 56.12 69.93
C ALA E 70 -46.03 56.43 69.13
N PRO E 71 -47.23 56.19 69.69
CA PRO E 71 -48.42 56.45 68.88
C PRO E 71 -48.72 57.91 68.66
N SER E 72 -48.33 58.40 67.48
CA SER E 72 -48.56 59.78 67.15
C SER E 72 -50.05 60.09 67.10
N ALA E 73 -50.82 59.24 66.44
CA ALA E 73 -52.26 59.51 66.39
C ALA E 73 -52.78 59.23 67.80
N GLU E 74 -53.59 60.14 68.28
CA GLU E 74 -54.14 59.99 69.61
C GLU E 74 -55.14 58.83 69.67
N PRO E 75 -55.41 58.26 70.86
CA PRO E 75 -54.86 58.55 72.19
C PRO E 75 -53.39 58.28 72.38
N HIS E 76 -52.78 59.14 73.19
CA HIS E 76 -51.37 59.04 73.52
C HIS E 76 -51.12 57.98 74.59
N ALA E 77 -49.91 57.42 74.61
CA ALA E 77 -49.51 56.39 75.54
C ALA E 77 -48.62 56.89 76.67
N ARG E 78 -48.77 56.26 77.83
CA ARG E 78 -48.00 56.59 79.01
C ARG E 78 -46.90 55.57 79.22
N ASN E 79 -45.72 56.07 79.62
CA ASN E 79 -44.56 55.22 79.88
C ASN E 79 -44.26 54.33 78.70
N TYR E 80 -44.41 54.87 77.51
CA TYR E 80 -44.13 54.10 76.31
C TYR E 80 -42.65 53.76 76.36
N PRO E 81 -42.26 52.49 76.32
CA PRO E 81 -40.84 52.17 76.41
C PRO E 81 -40.08 52.51 75.15
N GLU E 82 -38.78 52.32 75.25
CA GLU E 82 -37.90 52.59 74.14
C GLU E 82 -38.30 51.72 72.95
N GLY E 83 -38.47 52.37 71.81
CA GLY E 83 -38.83 51.67 70.59
C GLY E 83 -40.10 50.86 70.69
N GLY E 84 -40.95 51.16 71.66
CA GLY E 84 -42.15 50.40 71.79
C GLY E 84 -41.81 49.00 72.24
N TYR E 85 -42.76 48.09 72.06
CA TYR E 85 -42.63 46.71 72.50
C TYR E 85 -42.08 45.76 71.46
N ILE E 86 -41.33 46.27 70.52
CA ILE E 86 -40.76 45.41 69.50
C ILE E 86 -39.53 46.05 68.90
N ARG E 87 -38.66 45.22 68.38
CA ARG E 87 -37.51 45.73 67.71
C ARG E 87 -37.96 46.34 66.39
N ARG E 88 -38.46 45.50 65.48
CA ARG E 88 -38.91 45.91 64.17
C ARG E 88 -40.24 45.25 63.84
N LEU E 89 -40.89 45.73 62.77
CA LEU E 89 -42.17 45.18 62.36
C LEU E 89 -42.02 43.96 61.47
N PRO E 90 -42.65 42.83 61.81
CA PRO E 90 -42.55 41.67 60.92
C PRO E 90 -43.36 41.94 59.66
N GLN E 91 -42.68 41.92 58.52
CA GLN E 91 -43.28 42.14 57.22
C GLN E 91 -43.65 40.80 56.66
N ASP E 92 -44.93 40.63 56.31
CA ASP E 92 -45.39 39.38 55.76
C ASP E 92 -44.78 39.34 54.36
N PRO E 93 -44.04 38.29 54.00
CA PRO E 93 -43.38 38.27 52.70
C PRO E 93 -44.28 37.95 51.52
N TRP E 94 -45.35 38.71 51.38
CA TRP E 94 -46.25 38.61 50.25
C TRP E 94 -46.81 40.00 50.02
N GLY E 95 -46.06 41.04 50.36
CA GLY E 95 -46.52 42.39 50.15
C GLY E 95 -47.55 42.91 51.14
N SER E 96 -47.49 42.47 52.39
CA SER E 96 -48.45 42.94 53.37
C SER E 96 -47.92 42.95 54.78
N ASP E 97 -48.51 43.83 55.58
CA ASP E 97 -48.17 43.93 56.98
C ASP E 97 -49.29 43.22 57.73
N TYR E 98 -49.24 43.26 59.04
CA TYR E 98 -50.24 42.62 59.87
C TYR E 98 -51.26 43.66 60.30
N GLN E 99 -52.33 43.77 59.52
CA GLN E 99 -53.36 44.77 59.80
C GLN E 99 -54.18 44.42 61.03
N LEU E 100 -54.08 45.25 62.06
CA LEU E 100 -54.83 45.05 63.28
C LEU E 100 -56.23 45.61 63.08
N LEU E 101 -57.12 45.28 64.00
CA LEU E 101 -58.49 45.76 63.99
C LEU E 101 -58.82 46.41 65.32
N SER E 102 -59.46 47.57 65.24
CA SER E 102 -59.84 48.35 66.41
C SER E 102 -61.32 48.66 66.43
N PRO E 103 -62.13 47.92 67.21
CA PRO E 103 -61.92 46.77 68.09
C PRO E 103 -62.06 45.44 67.37
N GLY E 104 -61.43 44.42 67.93
CA GLY E 104 -61.52 43.10 67.36
C GLY E 104 -62.90 42.50 67.57
N GLN E 105 -63.31 41.67 66.62
CA GLN E 105 -64.59 40.99 66.70
C GLN E 105 -64.47 39.70 67.50
N CYS E 106 -63.28 39.08 67.52
CA CYS E 106 -63.06 37.86 68.29
C CYS E 106 -62.58 38.20 69.68
N GLY E 107 -62.56 39.47 70.04
CA GLY E 107 -62.13 39.88 71.35
C GLY E 107 -61.83 41.36 71.41
N GLN E 108 -60.69 41.72 71.99
CA GLN E 108 -60.34 43.12 72.09
C GLN E 108 -59.76 43.65 70.79
N VAL E 109 -58.96 42.83 70.10
CA VAL E 109 -58.29 43.24 68.87
C VAL E 109 -58.24 42.09 67.88
N ASP E 110 -58.29 42.42 66.59
CA ASP E 110 -58.15 41.43 65.54
C ASP E 110 -57.12 41.86 64.51
N ILE E 111 -56.33 40.88 64.06
CA ILE E 111 -55.25 41.10 63.11
C ILE E 111 -55.49 40.31 61.84
N PHE E 112 -55.09 40.89 60.71
CA PHE E 112 -55.26 40.27 59.41
C PHE E 112 -54.15 40.58 58.44
N SER E 113 -54.06 39.78 57.37
CA SER E 113 -53.06 39.93 56.33
C SER E 113 -53.44 39.24 55.04
N LEU E 114 -52.75 39.59 53.97
CA LEU E 114 -53.02 38.97 52.68
C LEU E 114 -52.69 37.49 52.77
N GLY E 115 -51.47 37.19 53.17
CA GLY E 115 -51.02 35.84 53.29
C GLY E 115 -50.45 35.32 51.99
N PRO E 116 -50.16 34.01 51.95
CA PRO E 116 -49.57 33.42 50.75
C PRO E 116 -50.41 33.62 49.52
N ASP E 117 -51.74 33.64 49.65
CA ASP E 117 -52.57 33.85 48.48
C ASP E 117 -52.35 35.28 47.97
N GLY E 118 -51.93 36.19 48.84
CA GLY E 118 -51.74 37.56 48.41
C GLY E 118 -53.05 38.29 48.22
N VAL E 119 -54.15 37.73 48.73
CA VAL E 119 -55.47 38.31 48.55
C VAL E 119 -55.95 38.82 49.90
N PRO E 120 -56.66 39.95 49.96
CA PRO E 120 -57.14 40.46 51.25
C PRO E 120 -58.46 39.82 51.63
N GLU E 121 -58.48 39.19 52.79
CA GLU E 121 -59.69 38.58 53.35
C GLU E 121 -60.41 37.59 52.44
N SER E 122 -59.67 36.59 51.94
CA SER E 122 -60.24 35.57 51.08
C SER E 122 -60.10 34.19 51.75
N ASN E 123 -58.89 33.71 51.84
CA ASN E 123 -58.60 32.41 52.43
C ASN E 123 -57.45 32.51 53.41
N ASP E 124 -56.42 33.26 53.05
CA ASP E 124 -55.24 33.43 53.90
C ASP E 124 -55.36 34.71 54.69
N ASP E 125 -56.50 34.89 55.34
CA ASP E 125 -56.80 36.05 56.16
C ASP E 125 -56.30 35.83 57.57
N ILE E 126 -55.35 34.93 57.79
CA ILE E 126 -54.87 34.69 59.13
C ILE E 126 -54.18 35.92 59.70
N GLY E 127 -54.00 35.93 61.00
CA GLY E 127 -53.44 37.04 61.75
C GLY E 127 -53.98 37.00 63.17
N ASN E 128 -55.10 36.32 63.37
CA ASN E 128 -55.72 36.12 64.66
C ASN E 128 -56.71 34.97 64.45
N CYS E 129 -57.81 34.93 65.23
CA CYS E 129 -58.85 33.92 65.20
C CYS E 129 -59.24 33.44 63.81
N THR E 130 -59.63 34.37 62.96
CA THR E 130 -60.04 34.07 61.60
C THR E 130 -59.08 34.72 60.62
N THR F 2 -9.60 4.32 13.79
CA THR F 2 -9.04 5.60 13.56
C THR F 2 -10.17 6.57 13.23
N LEU F 3 -11.20 6.12 12.53
CA LEU F 3 -12.31 6.99 12.18
C LEU F 3 -13.50 6.67 13.06
N LEU F 4 -13.96 5.41 13.03
CA LEU F 4 -15.10 5.04 13.86
C LEU F 4 -14.75 5.19 15.33
N GLU F 5 -13.52 4.85 15.68
CA GLU F 5 -13.03 4.96 17.04
C GLU F 5 -12.94 6.41 17.46
N ILE F 6 -12.87 7.32 16.48
CA ILE F 6 -12.74 8.74 16.73
C ILE F 6 -13.98 9.52 16.33
N MET F 7 -14.27 9.59 15.02
CA MET F 7 -15.38 10.39 14.52
C MET F 7 -16.70 10.15 15.23
N VAL F 8 -16.99 8.91 15.57
CA VAL F 8 -18.23 8.63 16.27
C VAL F 8 -18.14 9.29 17.63
N VAL F 9 -16.96 9.26 18.24
CA VAL F 9 -16.80 9.81 19.56
C VAL F 9 -16.76 11.32 19.58
N ILE F 10 -16.23 11.92 18.53
CA ILE F 10 -16.14 13.37 18.50
C ILE F 10 -17.56 13.89 18.61
N VAL F 11 -18.49 13.23 17.94
CA VAL F 11 -19.86 13.66 18.00
C VAL F 11 -20.36 13.45 19.41
N ILE F 12 -20.20 12.23 19.93
CA ILE F 12 -20.68 11.91 21.27
C ILE F 12 -20.10 12.87 22.29
N LEU F 13 -18.88 13.33 22.06
CA LEU F 13 -18.28 14.27 22.99
C LEU F 13 -19.11 15.54 22.97
N GLY F 14 -19.18 16.20 21.81
CA GLY F 14 -19.90 17.44 21.74
C GLY F 14 -21.37 17.29 22.05
N VAL F 15 -21.98 16.18 21.61
CA VAL F 15 -23.39 15.97 21.90
C VAL F 15 -23.56 15.88 23.40
N LEU F 16 -22.59 15.29 24.09
CA LEU F 16 -22.72 15.18 25.52
C LEU F 16 -22.45 16.54 26.16
N ALA F 17 -21.26 17.07 25.94
CA ALA F 17 -20.88 18.34 26.55
C ALA F 17 -21.81 19.48 26.19
N SER F 18 -22.53 19.38 25.07
CA SER F 18 -23.41 20.49 24.71
C SER F 18 -24.65 20.61 25.56
N LEU F 19 -25.36 19.50 25.79
CA LEU F 19 -26.60 19.52 26.53
C LEU F 19 -26.44 19.12 27.99
N VAL F 20 -25.36 19.57 28.61
CA VAL F 20 -25.14 19.34 30.02
C VAL F 20 -24.90 20.74 30.62
N VAL F 21 -25.96 21.34 31.11
CA VAL F 21 -25.88 22.67 31.71
C VAL F 21 -26.35 22.52 33.16
N PRO F 22 -25.44 22.38 34.11
CA PRO F 22 -25.84 22.17 35.51
C PRO F 22 -26.56 23.32 36.22
N ASN F 23 -25.93 24.47 36.34
CA ASN F 23 -26.56 25.58 37.06
C ASN F 23 -25.88 26.93 36.85
N LEU F 24 -26.28 27.91 37.67
CA LEU F 24 -25.79 29.26 37.68
C LEU F 24 -24.59 29.47 38.60
N MET F 25 -24.15 30.72 38.67
CA MET F 25 -23.07 31.18 39.51
C MET F 25 -23.62 32.40 40.23
N GLY F 26 -23.37 32.48 41.53
CA GLY F 26 -23.84 33.59 42.35
C GLY F 26 -24.85 33.21 43.39
N ASN F 27 -25.27 31.95 43.45
CA ASN F 27 -26.22 31.53 44.45
C ASN F 27 -25.64 31.68 45.85
N LYS F 28 -24.32 31.55 45.97
CA LYS F 28 -23.67 31.70 47.26
C LYS F 28 -23.82 33.12 47.75
N GLU F 29 -23.84 34.08 46.83
CA GLU F 29 -23.97 35.48 47.25
C GLU F 29 -25.30 35.68 47.95
N LYS F 30 -26.34 34.99 47.50
CA LYS F 30 -27.62 35.12 48.15
C LYS F 30 -27.51 34.53 49.53
N ALA F 31 -26.72 33.46 49.67
CA ALA F 31 -26.56 32.82 50.96
C ALA F 31 -25.84 33.70 51.95
N ASP F 32 -24.98 34.59 51.47
CA ASP F 32 -24.26 35.46 52.36
C ASP F 32 -25.21 36.31 53.17
N ARG F 33 -26.36 36.66 52.59
CA ARG F 33 -27.32 37.47 53.30
C ARG F 33 -27.84 36.78 54.55
N GLN F 34 -28.51 35.64 54.37
CA GLN F 34 -29.08 34.93 55.51
C GLN F 34 -28.02 34.56 56.52
N LYS F 35 -26.79 34.38 56.06
CA LYS F 35 -25.70 34.08 56.97
C LYS F 35 -25.49 35.25 57.90
N VAL F 36 -25.69 36.46 57.39
CA VAL F 36 -25.52 37.65 58.19
C VAL F 36 -26.84 37.96 58.88
N VAL F 37 -27.96 37.70 58.19
CA VAL F 37 -29.24 37.97 58.83
C VAL F 37 -29.39 37.02 59.99
N SER F 38 -28.84 35.81 59.88
CA SER F 38 -28.93 34.87 60.99
C SER F 38 -28.17 35.42 62.16
N ASP F 39 -27.09 36.15 61.88
CA ASP F 39 -26.31 36.70 62.96
C ASP F 39 -27.11 37.76 63.69
N LEU F 40 -27.80 38.63 62.93
CA LEU F 40 -28.58 39.73 63.49
C LEU F 40 -29.37 39.39 64.74
N VAL F 41 -30.24 38.41 64.64
CA VAL F 41 -31.02 38.02 65.80
C VAL F 41 -30.04 37.38 66.78
N ALA F 42 -29.11 36.58 66.27
CA ALA F 42 -28.16 35.92 67.14
C ALA F 42 -27.26 36.92 67.83
N LEU F 43 -27.00 38.05 67.20
CA LEU F 43 -26.14 39.03 67.82
C LEU F 43 -26.91 39.74 68.92
N GLU F 44 -27.99 40.43 68.54
CA GLU F 44 -28.78 41.15 69.52
C GLU F 44 -29.33 40.25 70.60
N GLY F 45 -29.79 39.06 70.21
CA GLY F 45 -30.30 38.14 71.21
C GLY F 45 -29.22 37.72 72.18
N ALA F 46 -28.01 37.55 71.68
CA ALA F 46 -26.92 37.17 72.54
C ALA F 46 -26.49 38.36 73.41
N LEU F 47 -26.52 39.56 72.85
CA LEU F 47 -26.14 40.72 73.63
C LEU F 47 -27.14 40.95 74.75
N ASP F 48 -28.41 40.64 74.50
CA ASP F 48 -29.44 40.84 75.50
C ASP F 48 -29.12 40.04 76.74
N MET F 49 -28.47 38.90 76.59
CA MET F 49 -28.10 38.11 77.74
C MET F 49 -27.13 38.90 78.60
N TYR F 50 -26.16 39.53 77.96
CA TYR F 50 -25.21 40.32 78.72
C TYR F 50 -25.92 41.55 79.25
N LYS F 51 -26.94 42.03 78.53
CA LYS F 51 -27.69 43.18 79.00
C LYS F 51 -28.49 42.80 80.22
N LEU F 52 -28.60 41.50 80.53
CA LEU F 52 -29.35 41.04 81.68
C LEU F 52 -28.47 40.95 82.91
N ASP F 53 -27.38 40.18 82.84
CA ASP F 53 -26.52 40.02 84.00
C ASP F 53 -25.86 41.31 84.44
N ASN F 54 -25.14 41.96 83.54
CA ASN F 54 -24.50 43.21 83.90
C ASN F 54 -25.51 44.34 83.71
N SER F 55 -26.76 44.04 83.34
CA SER F 55 -27.81 45.03 83.17
C SER F 55 -27.47 46.07 82.11
N ARG F 56 -26.55 45.76 81.21
CA ARG F 56 -26.16 46.69 80.15
C ARG F 56 -25.33 46.01 79.09
N TYR F 57 -25.04 46.74 78.04
CA TYR F 57 -24.28 46.28 76.90
C TYR F 57 -22.81 46.72 76.89
N PRO F 58 -21.94 45.99 76.20
CA PRO F 58 -20.53 46.39 76.13
C PRO F 58 -20.29 47.61 75.26
N THR F 59 -19.18 48.26 75.54
CA THR F 59 -18.72 49.45 74.84
C THR F 59 -18.15 49.13 73.46
N THR F 60 -18.13 50.15 72.59
CA THR F 60 -17.57 50.03 71.25
C THR F 60 -16.17 49.43 71.29
N GLU F 61 -15.23 50.11 71.95
CA GLU F 61 -13.88 49.58 72.03
C GLU F 61 -13.87 48.25 72.77
N GLN F 62 -14.82 48.05 73.67
CA GLN F 62 -14.94 46.80 74.36
C GLN F 62 -15.28 45.71 73.35
N GLY F 63 -15.97 46.10 72.26
CA GLY F 63 -16.34 45.21 71.18
C GLY F 63 -17.14 43.98 71.56
N LEU F 64 -17.52 43.20 70.54
CA LEU F 64 -18.28 41.98 70.78
C LEU F 64 -17.42 40.93 71.45
N GLN F 65 -16.10 41.14 71.47
CA GLN F 65 -15.19 40.19 72.10
C GLN F 65 -15.56 40.05 73.57
N ALA F 66 -16.17 41.07 74.14
CA ALA F 66 -16.64 40.98 75.51
C ALA F 66 -17.68 39.90 75.65
N LEU F 67 -18.42 39.64 74.59
CA LEU F 67 -19.40 38.59 74.64
C LEU F 67 -18.59 37.31 74.52
N VAL F 68 -17.41 37.36 73.91
CA VAL F 68 -16.58 36.18 73.79
C VAL F 68 -15.81 35.92 75.08
N SER F 69 -15.24 36.97 75.68
CA SER F 69 -14.45 36.85 76.90
C SER F 69 -14.80 37.97 77.88
N ALA F 70 -14.40 37.82 79.13
CA ALA F 70 -14.77 38.77 80.16
C ALA F 70 -14.39 40.18 79.75
N PRO F 71 -15.26 41.19 79.97
CA PRO F 71 -14.88 42.52 79.54
C PRO F 71 -13.80 43.17 80.35
N SER F 72 -12.58 43.11 79.82
CA SER F 72 -11.44 43.69 80.51
C SER F 72 -11.61 45.19 80.66
N ALA F 73 -12.00 45.87 79.58
CA ALA F 73 -12.19 47.30 79.70
C ALA F 73 -13.45 47.50 80.54
N GLU F 74 -13.35 48.39 81.48
CA GLU F 74 -14.47 48.65 82.36
C GLU F 74 -15.60 49.35 81.60
N PRO F 75 -16.86 49.28 82.08
CA PRO F 75 -17.37 48.59 83.27
C PRO F 75 -17.27 47.06 83.26
N HIS F 76 -17.03 46.53 84.44
CA HIS F 76 -16.92 45.09 84.65
C HIS F 76 -18.29 44.43 84.73
N ALA F 77 -18.35 43.15 84.39
CA ALA F 77 -19.59 42.37 84.38
C ALA F 77 -19.71 41.44 85.57
N ARG F 78 -20.95 41.24 86.00
CA ARG F 78 -21.28 40.36 87.11
C ARG F 78 -21.82 39.04 86.59
N ASN F 79 -21.41 37.96 87.24
CA ASN F 79 -21.85 36.60 86.88
C ASN F 79 -21.62 36.33 85.40
N TYR F 80 -20.50 36.80 84.90
CA TYR F 80 -20.19 36.58 83.50
C TYR F 80 -20.04 35.08 83.33
N PRO F 81 -20.81 34.43 82.45
CA PRO F 81 -20.69 32.98 82.33
C PRO F 81 -19.41 32.55 81.65
N GLU F 82 -19.24 31.24 81.61
CA GLU F 82 -18.08 30.64 81.00
C GLU F 82 -18.03 31.06 79.54
N GLY F 83 -16.88 31.56 79.12
CA GLY F 83 -16.67 31.98 77.74
C GLY F 83 -17.66 32.99 77.25
N GLY F 84 -18.33 33.70 78.15
CA GLY F 84 -19.29 34.66 77.70
C GLY F 84 -20.46 33.96 77.10
N TYR F 85 -21.26 34.70 76.33
CA TYR F 85 -22.48 34.20 75.73
C TYR F 85 -22.32 33.64 74.33
N ILE F 86 -21.13 33.19 74.00
CA ILE F 86 -20.91 32.64 72.69
C ILE F 86 -19.72 31.71 72.69
N ARG F 87 -19.73 30.78 71.76
CA ARG F 87 -18.60 29.90 71.63
C ARG F 87 -17.44 30.71 71.06
N ARG F 88 -17.58 31.17 69.82
CA ARG F 88 -16.55 31.92 69.12
C ARG F 88 -17.18 33.11 68.40
N LEU F 89 -16.33 34.02 67.93
CA LEU F 89 -16.80 35.21 67.24
C LEU F 89 -17.04 34.96 65.76
N PRO F 90 -18.24 35.24 65.23
CA PRO F 90 -18.43 35.06 63.80
C PRO F 90 -17.65 36.11 63.03
N GLN F 91 -16.74 35.65 62.19
CA GLN F 91 -15.90 36.51 61.37
C GLN F 91 -16.58 36.67 60.04
N ASP F 92 -16.83 37.92 59.65
CA ASP F 92 -17.47 38.20 58.39
C ASP F 92 -16.42 37.84 57.34
N PRO F 93 -16.71 36.97 56.38
CA PRO F 93 -15.70 36.56 55.42
C PRO F 93 -15.41 37.56 54.31
N TRP F 94 -15.08 38.78 54.71
CA TRP F 94 -14.66 39.81 53.79
C TRP F 94 -13.69 40.70 54.55
N GLY F 95 -12.97 40.15 55.52
CA GLY F 95 -12.02 40.92 56.28
C GLY F 95 -12.58 41.84 57.33
N SER F 96 -13.70 41.47 57.96
CA SER F 96 -14.28 42.33 58.98
C SER F 96 -15.03 41.57 60.04
N ASP F 97 -15.11 42.18 61.20
CA ASP F 97 -15.85 41.63 62.31
C ASP F 97 -17.15 42.43 62.36
N TYR F 98 -17.96 42.15 63.36
CA TYR F 98 -19.25 42.83 63.52
C TYR F 98 -19.08 43.96 64.51
N GLN F 99 -18.78 45.15 64.00
CA GLN F 99 -18.57 46.30 64.86
C GLN F 99 -19.83 46.80 65.51
N LEU F 100 -19.89 46.70 66.84
CA LEU F 100 -21.04 47.17 67.59
C LEU F 100 -20.91 48.67 67.79
N LEU F 101 -22.01 49.28 68.22
CA LEU F 101 -22.04 50.71 68.51
C LEU F 101 -22.55 50.93 69.93
N SER F 102 -21.85 51.81 70.65
CA SER F 102 -22.18 52.14 72.03
C SER F 102 -22.39 53.63 72.22
N PRO F 103 -23.64 54.10 72.28
CA PRO F 103 -24.97 53.50 72.15
C PRO F 103 -25.47 53.46 70.73
N GLY F 104 -26.38 52.53 70.46
CA GLY F 104 -26.96 52.44 69.15
C GLY F 104 -27.90 53.59 68.87
N GLN F 105 -27.98 53.98 67.60
CA GLN F 105 -28.87 55.04 67.18
C GLN F 105 -30.27 54.50 66.89
N CYS F 106 -30.39 53.22 66.52
CA CYS F 106 -31.68 52.60 66.26
C CYS F 106 -32.22 51.97 67.53
N GLY F 107 -31.55 52.17 68.65
CA GLY F 107 -32.00 51.61 69.90
C GLY F 107 -30.91 51.64 70.94
N GLN F 108 -30.73 50.53 71.64
CA GLN F 108 -29.70 50.48 72.67
C GLN F 108 -28.31 50.26 72.07
N VAL F 109 -28.21 49.44 71.03
CA VAL F 109 -26.94 49.10 70.41
C VAL F 109 -27.09 48.97 68.90
N ASP F 110 -26.02 49.33 68.18
CA ASP F 110 -25.99 49.16 66.73
C ASP F 110 -24.74 48.44 66.29
N ILE F 111 -24.91 47.54 65.31
CA ILE F 111 -23.83 46.73 64.78
C ILE F 111 -23.62 47.01 63.31
N PHE F 112 -22.37 46.96 62.87
CA PHE F 112 -22.01 47.22 61.49
C PHE F 112 -20.84 46.38 61.01
N SER F 113 -20.68 46.31 59.69
CA SER F 113 -19.61 45.56 59.05
C SER F 113 -19.37 46.01 57.62
N LEU F 114 -18.22 45.62 57.08
CA LEU F 114 -17.90 45.97 55.70
C LEU F 114 -18.90 45.31 54.78
N GLY F 115 -19.04 44.01 54.89
CA GLY F 115 -19.94 43.25 54.06
C GLY F 115 -19.30 42.82 52.77
N PRO F 116 -20.11 42.27 51.87
CA PRO F 116 -19.57 41.79 50.58
C PRO F 116 -18.87 42.85 49.80
N ASP F 117 -19.31 44.10 49.89
CA ASP F 117 -18.63 45.16 49.16
C ASP F 117 -17.24 45.34 49.75
N GLY F 118 -17.04 44.99 51.01
CA GLY F 118 -15.75 45.19 51.62
C GLY F 118 -15.47 46.63 51.95
N VAL F 119 -16.50 47.48 51.91
CA VAL F 119 -16.36 48.90 52.16
C VAL F 119 -17.02 49.23 53.50
N PRO F 120 -16.44 50.15 54.29
CA PRO F 120 -17.07 50.50 55.57
C PRO F 120 -18.14 51.56 55.40
N GLU F 121 -19.35 51.24 55.82
CA GLU F 121 -20.48 52.16 55.81
C GLU F 121 -20.79 52.79 54.45
N SER F 122 -20.96 51.96 53.42
CA SER F 122 -21.29 52.43 52.08
C SER F 122 -22.64 51.88 51.65
N ASN F 123 -22.70 50.60 51.42
CA ASN F 123 -23.93 49.94 50.98
C ASN F 123 -24.16 48.68 51.79
N ASP F 124 -23.11 47.91 52.06
CA ASP F 124 -23.22 46.67 52.81
C ASP F 124 -22.86 46.92 54.26
N ASP F 125 -23.47 47.94 54.84
CA ASP F 125 -23.29 48.33 56.21
C ASP F 125 -24.22 47.57 57.13
N ILE F 126 -24.72 46.42 56.69
CA ILE F 126 -25.64 45.67 57.52
C ILE F 126 -24.95 45.17 58.79
N GLY F 127 -25.75 44.78 59.76
CA GLY F 127 -25.30 44.34 61.07
C GLY F 127 -26.41 44.60 62.08
N ASN F 128 -27.32 45.50 61.75
CA ASN F 128 -28.48 45.82 62.55
C ASN F 128 -29.43 46.56 61.60
N CYS F 129 -30.27 47.46 62.13
CA CYS F 129 -31.27 48.24 61.40
C CYS F 129 -30.80 48.76 60.04
N THR F 130 -29.69 49.48 60.05
CA THR F 130 -29.14 50.05 58.82
C THR F 130 -27.76 49.44 58.57
N THR G 2 -4.71 3.57 4.44
CA THR G 2 -3.51 3.36 5.14
C THR G 2 -2.92 4.70 5.55
N LEU G 3 -3.07 5.72 4.70
CA LEU G 3 -2.54 7.04 5.01
C LEU G 3 -3.68 7.96 5.42
N LEU G 4 -4.66 8.13 4.54
CA LEU G 4 -5.80 9.00 4.88
C LEU G 4 -6.55 8.44 6.07
N GLU G 5 -6.67 7.11 6.12
CA GLU G 5 -7.34 6.43 7.21
C GLU G 5 -6.57 6.58 8.50
N ILE G 6 -5.27 6.90 8.40
CA ILE G 6 -4.40 7.03 9.54
C ILE G 6 -3.94 8.47 9.74
N MET G 7 -3.12 8.99 8.82
CA MET G 7 -2.54 10.32 8.98
C MET G 7 -3.54 11.41 9.31
N VAL G 8 -4.72 11.35 8.72
CA VAL G 8 -5.72 12.36 9.02
C VAL G 8 -6.12 12.17 10.47
N VAL G 9 -6.20 10.94 10.92
CA VAL G 9 -6.63 10.67 12.28
C VAL G 9 -5.57 10.96 13.30
N ILE G 10 -4.32 10.75 12.95
CA ILE G 10 -3.25 11.00 13.90
C ILE G 10 -3.35 12.45 14.31
N VAL G 11 -3.65 13.32 13.36
CA VAL G 11 -3.76 14.72 13.67
C VAL G 11 -4.98 14.91 14.55
N ILE G 12 -6.13 14.39 14.11
CA ILE G 12 -7.36 14.55 14.87
C ILE G 12 -7.19 14.02 16.29
N LEU G 13 -6.37 12.99 16.45
CA LEU G 13 -6.15 12.47 17.78
C LEU G 13 -5.48 13.53 18.61
N GLY G 14 -4.28 13.95 18.20
CA GLY G 14 -3.56 14.94 18.97
C GLY G 14 -4.28 16.25 19.07
N VAL G 15 -4.94 16.66 17.99
CA VAL G 15 -5.68 17.92 18.03
C VAL G 15 -6.76 17.81 19.07
N LEU G 16 -7.35 16.63 19.20
CA LEU G 16 -8.41 16.46 20.18
C LEU G 16 -7.80 16.40 21.57
N ALA G 17 -6.94 15.40 21.80
CA ALA G 17 -6.34 15.21 23.11
C ALA G 17 -5.57 16.42 23.60
N SER G 18 -5.10 17.29 22.70
CA SER G 18 -4.34 18.44 23.15
C SER G 18 -5.15 19.51 23.84
N LEU G 19 -6.28 19.90 23.25
CA LEU G 19 -7.11 20.96 23.78
C LEU G 19 -8.28 20.46 24.60
N VAL G 20 -8.07 19.42 25.38
CA VAL G 20 -9.10 18.91 26.27
C VAL G 20 -8.44 18.88 27.65
N VAL G 21 -8.63 19.94 28.40
CA VAL G 21 -8.07 20.04 29.74
C VAL G 21 -9.25 20.21 30.70
N PRO G 22 -9.71 19.13 31.33
CA PRO G 22 -10.88 19.24 32.21
C PRO G 22 -10.74 20.05 33.49
N ASN G 23 -9.83 19.68 34.37
CA ASN G 23 -9.69 20.39 35.64
C ASN G 23 -8.41 20.08 36.41
N LEU G 24 -8.38 20.53 37.67
CA LEU G 24 -7.29 20.35 38.61
C LEU G 24 -7.42 19.09 39.44
N MET G 25 -6.46 18.92 40.34
CA MET G 25 -6.38 17.84 41.30
C MET G 25 -6.14 18.51 42.64
N GLY G 26 -6.87 18.06 43.66
CA GLY G 26 -6.75 18.61 44.99
C GLY G 26 -7.99 19.31 45.49
N ASN G 27 -9.03 19.42 44.67
CA ASN G 27 -10.25 20.07 45.11
C ASN G 27 -10.89 19.29 46.25
N LYS G 28 -10.68 17.99 46.28
CA LYS G 28 -11.24 17.17 47.34
C LYS G 28 -10.60 17.52 48.67
N GLU G 29 -9.33 17.92 48.64
CA GLU G 29 -8.66 18.27 49.89
C GLU G 29 -9.34 19.47 50.51
N LYS G 30 -9.82 20.40 49.69
CA LYS G 30 -10.52 21.55 50.24
C LYS G 30 -11.81 21.06 50.86
N ALA G 31 -12.42 20.05 50.25
CA ALA G 31 -13.68 19.53 50.77
C ALA G 31 -13.51 18.85 52.10
N ASP G 32 -12.33 18.32 52.37
CA ASP G 32 -12.09 17.65 53.64
C ASP G 32 -12.28 18.61 54.79
N ARG G 33 -11.99 19.89 54.57
CA ARG G 33 -12.15 20.86 55.63
C ARG G 33 -13.59 21.00 56.07
N GLN G 34 -14.47 21.41 55.16
CA GLN G 34 -15.87 21.60 55.51
C GLN G 34 -16.49 20.32 56.02
N LYS G 35 -15.97 19.18 55.59
CA LYS G 35 -16.47 17.92 56.07
C LYS G 35 -16.20 17.81 57.55
N VAL G 36 -15.08 18.36 57.98
CA VAL G 36 -14.70 18.32 59.39
C VAL G 36 -15.32 19.53 60.07
N VAL G 37 -15.37 20.66 59.37
CA VAL G 37 -15.95 21.85 59.99
C VAL G 37 -17.41 21.57 60.22
N SER G 38 -18.04 20.80 59.33
CA SER G 38 -19.44 20.49 59.50
C SER G 38 -19.61 19.66 60.75
N ASP G 39 -18.62 18.84 61.06
CA ASP G 39 -18.72 18.02 62.24
C ASP G 39 -18.66 18.89 63.48
N LEU G 40 -17.75 19.88 63.50
CA LEU G 40 -17.56 20.77 64.64
C LEU G 40 -18.84 21.23 65.31
N VAL G 41 -19.72 21.87 64.56
CA VAL G 41 -20.97 22.32 65.13
C VAL G 41 -21.78 21.08 65.45
N ALA G 42 -21.75 20.11 64.54
CA ALA G 42 -22.52 18.90 64.76
C ALA G 42 -22.02 18.13 65.97
N LEU G 43 -20.73 18.23 66.26
CA LEU G 43 -20.20 17.51 67.40
C LEU G 43 -20.63 18.22 68.67
N GLU G 44 -20.20 19.46 68.84
CA GLU G 44 -20.56 20.21 70.04
C GLU G 44 -22.06 20.34 70.21
N GLY G 45 -22.76 20.60 69.11
CA GLY G 45 -24.20 20.72 69.22
C GLY G 45 -24.83 19.41 69.67
N ALA G 46 -24.28 18.30 69.20
CA ALA G 46 -24.80 17.01 69.61
C ALA G 46 -24.43 16.72 71.06
N LEU G 47 -23.22 17.10 71.46
CA LEU G 47 -22.80 16.86 72.82
C LEU G 47 -23.65 17.66 73.78
N ASP G 48 -24.06 18.86 73.36
CA ASP G 48 -24.87 19.72 74.21
C ASP G 48 -26.15 19.02 74.60
N MET G 49 -26.67 18.18 73.72
CA MET G 49 -27.88 17.44 74.04
C MET G 49 -27.61 16.54 75.23
N TYR G 50 -26.47 15.85 75.21
CA TYR G 50 -26.14 14.98 76.32
C TYR G 50 -25.83 15.83 77.53
N LYS G 51 -25.32 17.04 77.30
CA LYS G 51 -25.01 17.93 78.41
C LYS G 51 -26.31 18.40 79.05
N LEU G 52 -27.45 18.17 78.40
CA LEU G 52 -28.74 18.59 78.92
C LEU G 52 -29.35 17.50 79.77
N ASP G 53 -29.54 16.31 79.21
CA ASP G 53 -30.18 15.24 79.98
C ASP G 53 -29.37 14.81 81.20
N ASN G 54 -28.13 14.42 80.99
CA ASN G 54 -27.29 14.02 82.10
C ASN G 54 -26.66 15.27 82.71
N SER G 55 -26.98 16.46 82.21
CA SER G 55 -26.46 17.71 82.73
C SER G 55 -24.95 17.81 82.66
N ARG G 56 -24.33 17.02 81.80
CA ARG G 56 -22.87 17.03 81.67
C ARG G 56 -22.41 16.27 80.43
N TYR G 57 -21.14 16.34 80.17
CA TYR G 57 -20.50 15.71 79.02
C TYR G 57 -19.77 14.41 79.34
N PRO G 58 -19.59 13.52 78.36
CA PRO G 58 -18.87 12.27 78.60
C PRO G 58 -17.38 12.47 78.78
N THR G 59 -16.80 11.48 79.45
CA THR G 59 -15.38 11.42 79.75
C THR G 59 -14.53 11.06 78.53
N THR G 60 -13.25 11.41 78.58
CA THR G 60 -12.30 11.09 77.51
C THR G 60 -12.35 9.61 77.18
N GLU G 61 -12.04 8.74 78.15
CA GLU G 61 -12.08 7.31 77.86
C GLU G 61 -13.49 6.88 77.50
N GLN G 62 -14.48 7.59 78.02
CA GLN G 62 -15.87 7.30 77.68
C GLN G 62 -16.06 7.58 76.19
N GLY G 63 -15.28 8.52 75.64
CA GLY G 63 -15.30 8.87 74.23
C GLY G 63 -16.63 9.29 73.67
N LEU G 64 -16.62 9.67 72.39
CA LEU G 64 -17.85 10.09 71.72
C LEU G 64 -18.79 8.92 71.52
N GLN G 65 -18.29 7.69 71.70
CA GLN G 65 -19.11 6.51 71.54
C GLN G 65 -20.27 6.58 72.52
N ALA G 66 -20.09 7.28 73.62
CA ALA G 66 -21.18 7.47 74.56
C ALA G 66 -22.33 8.20 73.91
N LEU G 67 -22.02 9.04 72.94
CA LEU G 67 -23.06 9.75 72.25
C LEU G 67 -23.66 8.71 71.31
N VAL G 68 -22.89 7.70 70.92
CA VAL G 68 -23.42 6.65 70.05
C VAL G 68 -24.23 5.64 70.84
N SER G 69 -23.72 5.21 72.00
CA SER G 69 -24.38 4.21 72.84
C SER G 69 -24.34 4.63 74.30
N ALA G 70 -25.15 3.98 75.13
CA ALA G 70 -25.25 4.37 76.53
C ALA G 70 -23.88 4.39 77.18
N PRO G 71 -23.56 5.40 78.02
CA PRO G 71 -22.24 5.40 78.60
C PRO G 71 -22.00 4.36 79.66
N SER G 72 -21.36 3.27 79.25
CA SER G 72 -21.08 2.19 80.18
C SER G 72 -20.17 2.65 81.30
N ALA G 73 -19.09 3.36 80.95
CA ALA G 73 -18.22 3.83 82.01
C ALA G 73 -18.98 4.94 82.74
N GLU G 74 -18.95 4.88 84.04
CA GLU G 74 -19.64 5.86 84.83
C GLU G 74 -18.97 7.22 84.73
N PRO G 75 -19.70 8.33 85.01
CA PRO G 75 -21.11 8.46 85.40
C PRO G 75 -22.13 8.03 84.37
N HIS G 76 -23.23 7.47 84.88
CA HIS G 76 -24.34 7.02 84.07
C HIS G 76 -25.23 8.19 83.65
N ALA G 77 -25.93 8.02 82.54
CA ALA G 77 -26.81 9.03 81.98
C ALA G 77 -28.29 8.74 82.22
N ARG G 78 -29.06 9.81 82.37
CA ARG G 78 -30.49 9.74 82.60
C ARG G 78 -31.23 10.06 81.31
N ASN G 79 -32.30 9.31 81.06
CA ASN G 79 -33.14 9.50 79.88
C ASN G 79 -32.31 9.48 78.62
N TYR G 80 -31.34 8.60 78.58
CA TYR G 80 -30.50 8.50 77.40
C TYR G 80 -31.41 8.05 76.27
N PRO G 81 -31.49 8.80 75.17
CA PRO G 81 -32.40 8.40 74.10
C PRO G 81 -31.90 7.19 73.33
N GLU G 82 -32.76 6.75 72.42
CA GLU G 82 -32.44 5.62 71.59
C GLU G 82 -31.18 5.91 70.79
N GLY G 83 -30.23 4.99 70.85
CA GLY G 83 -28.98 5.12 70.12
C GLY G 83 -28.22 6.39 70.43
N GLY G 84 -28.51 7.03 71.55
CA GLY G 84 -27.81 8.24 71.85
C GLY G 84 -28.24 9.32 70.91
N TYR G 85 -27.43 10.38 70.83
CA TYR G 85 -27.73 11.55 70.03
C TYR G 85 -27.17 11.52 68.62
N ILE G 86 -26.94 10.33 68.10
CA ILE G 86 -26.40 10.23 66.75
C ILE G 86 -26.72 8.89 66.16
N ARG G 87 -26.77 8.86 64.85
CA ARG G 87 -26.99 7.61 64.18
C ARG G 87 -25.73 6.77 64.33
N ARG G 88 -24.63 7.23 63.71
CA ARG G 88 -23.36 6.53 63.73
C ARG G 88 -22.23 7.51 63.99
N LEU G 89 -21.05 6.98 64.28
CA LEU G 89 -19.88 7.82 64.56
C LEU G 89 -19.17 8.25 63.29
N PRO G 90 -18.95 9.55 63.08
CA PRO G 90 -18.21 9.95 61.89
C PRO G 90 -16.74 9.57 62.06
N GLN G 91 -16.26 8.74 61.15
CA GLN G 91 -14.88 8.27 61.14
C GLN G 91 -14.10 9.19 60.26
N ASP G 92 -13.03 9.78 60.81
CA ASP G 92 -12.20 10.67 60.05
C ASP G 92 -11.47 9.77 59.06
N PRO G 93 -11.54 10.03 57.75
CA PRO G 93 -10.91 9.14 56.79
C PRO G 93 -9.41 9.28 56.66
N TRP G 94 -8.71 9.16 57.78
CA TRP G 94 -7.26 9.14 57.81
C TRP G 94 -6.86 8.27 58.99
N GLY G 95 -7.69 7.29 59.34
CA GLY G 95 -7.37 6.41 60.44
C GLY G 95 -7.57 6.97 61.83
N SER G 96 -8.56 7.84 62.02
CA SER G 96 -8.78 8.41 63.34
C SER G 96 -10.21 8.78 63.60
N ASP G 97 -10.57 8.77 64.86
CA ASP G 97 -11.88 9.18 65.29
C ASP G 97 -11.73 10.59 65.84
N TYR G 98 -12.80 11.14 66.37
CA TYR G 98 -12.79 12.48 66.92
C TYR G 98 -12.59 12.40 68.43
N GLN G 99 -11.34 12.46 68.85
CA GLN G 99 -11.02 12.35 70.28
C GLN G 99 -11.46 13.57 71.07
N LEU G 100 -12.40 13.37 71.98
CA LEU G 100 -12.89 14.44 72.82
C LEU G 100 -11.93 14.61 73.99
N LEU G 101 -12.09 15.72 74.70
CA LEU G 101 -11.29 16.01 75.88
C LEU G 101 -12.20 16.29 77.07
N SER G 102 -11.85 15.69 78.20
CA SER G 102 -12.61 15.84 79.44
C SER G 102 -11.74 16.34 80.58
N PRO G 103 -11.80 17.63 80.92
CA PRO G 103 -12.52 18.80 80.39
C PRO G 103 -11.75 19.52 79.31
N GLY G 104 -12.49 20.23 78.46
CA GLY G 104 -11.86 21.00 77.43
C GLY G 104 -11.13 22.21 77.98
N GLN G 105 -10.06 22.59 77.30
CA GLN G 105 -9.28 23.75 77.69
C GLN G 105 -9.86 25.02 77.10
N CYS G 106 -10.56 24.92 75.95
CA CYS G 106 -11.18 26.07 75.32
C CYS G 106 -12.60 26.23 75.82
N GLY G 107 -13.01 25.43 76.79
CA GLY G 107 -14.35 25.53 77.32
C GLY G 107 -14.71 24.31 78.13
N GLN G 108 -15.88 23.75 77.90
CA GLN G 108 -16.30 22.58 78.64
C GLN G 108 -15.68 21.31 78.09
N VAL G 109 -15.55 21.22 76.76
CA VAL G 109 -15.02 20.03 76.10
C VAL G 109 -14.18 20.41 74.90
N ASP G 110 -13.15 19.60 74.63
CA ASP G 110 -12.33 19.77 73.45
C ASP G 110 -12.18 18.50 72.66
N ILE G 111 -12.22 18.63 71.33
CA ILE G 111 -12.15 17.52 70.41
C ILE G 111 -10.92 17.64 69.52
N PHE G 112 -10.33 16.50 69.19
CA PHE G 112 -9.15 16.45 68.35
C PHE G 112 -9.09 15.23 67.45
N SER G 113 -8.24 15.30 66.43
CA SER G 113 -8.04 14.22 65.48
C SER G 113 -6.73 14.34 64.73
N LEU G 114 -6.33 13.24 64.08
CA LEU G 114 -5.09 13.26 63.32
C LEU G 114 -5.23 14.24 62.17
N GLY G 115 -6.26 14.06 61.36
CA GLY G 115 -6.51 14.92 60.24
C GLY G 115 -5.78 14.42 59.00
N PRO G 116 -5.82 15.25 57.95
CA PRO G 116 -5.17 14.84 56.69
C PRO G 116 -3.71 14.55 56.84
N ASP G 117 -3.01 15.23 57.75
CA ASP G 117 -1.60 14.94 57.93
C ASP G 117 -1.46 13.53 58.52
N GLY G 118 -2.48 13.05 59.22
CA GLY G 118 -2.38 11.74 59.83
C GLY G 118 -1.50 11.74 61.05
N VAL G 119 -1.18 12.92 61.58
CA VAL G 119 -0.29 13.05 62.72
C VAL G 119 -1.11 13.52 63.91
N PRO G 120 -0.82 13.03 65.13
CA PRO G 120 -1.59 13.48 66.30
C PRO G 120 -1.02 14.76 66.87
N GLU G 121 -1.88 15.79 66.94
CA GLU G 121 -1.53 17.07 67.53
C GLU G 121 -0.28 17.74 66.95
N SER G 122 -0.25 17.91 65.63
CA SER G 122 0.87 18.56 64.96
C SER G 122 0.39 19.81 64.24
N ASN G 123 -0.38 19.64 63.19
CA ASN G 123 -0.91 20.74 62.40
C ASN G 123 -2.39 20.55 62.15
N ASP G 124 -2.81 19.33 61.84
CA ASP G 124 -4.20 19.03 61.56
C ASP G 124 -4.88 18.49 62.81
N ASP G 125 -4.71 19.19 63.91
CA ASP G 125 -5.28 18.85 65.20
C ASP G 125 -6.67 19.43 65.32
N ILE G 126 -7.34 19.72 64.22
CA ILE G 126 -8.67 20.30 64.31
C ILE G 126 -9.65 19.30 64.91
N GLY G 127 -10.79 19.81 65.35
CA GLY G 127 -11.82 19.06 66.03
C GLY G 127 -12.61 20.00 66.93
N ASN G 128 -12.01 21.14 67.28
CA ASN G 128 -12.65 22.17 68.06
C ASN G 128 -11.76 23.42 67.84
N CYS G 129 -11.71 24.33 68.83
CA CYS G 129 -10.96 25.58 68.80
C CYS G 129 -9.58 25.48 68.16
N THR G 130 -8.76 24.58 68.67
CA THR G 130 -7.41 24.39 68.16
C THR G 130 -7.29 22.98 67.59
N THR H 2 2.24 0.36 -2.86
CA THR H 2 1.96 -0.96 -2.46
C THR H 2 2.81 -1.30 -1.25
N LEU H 3 4.04 -0.79 -1.18
CA LEU H 3 4.92 -1.07 -0.05
C LEU H 3 4.98 0.16 0.85
N LEU H 4 5.40 1.30 0.30
CA LEU H 4 5.47 2.51 1.12
C LEU H 4 4.08 2.91 1.59
N GLU H 5 3.09 2.73 0.74
CA GLU H 5 1.70 3.03 1.07
C GLU H 5 1.18 2.09 2.13
N ILE H 6 1.83 0.93 2.29
CA ILE H 6 1.43 -0.08 3.25
C ILE H 6 2.44 -0.24 4.37
N MET H 7 3.63 -0.75 4.06
CA MET H 7 4.63 -1.04 5.08
C MET H 7 4.89 0.09 6.05
N VAL H 8 4.92 1.33 5.55
CA VAL H 8 5.15 2.44 6.44
C VAL H 8 3.97 2.54 7.37
N VAL H 9 2.78 2.26 6.87
CA VAL H 9 1.58 2.39 7.68
C VAL H 9 1.41 1.25 8.65
N ILE H 10 1.85 0.06 8.27
CA ILE H 10 1.70 -1.08 9.16
C ILE H 10 2.42 -0.74 10.44
N VAL H 11 3.58 -0.10 10.32
CA VAL H 11 4.33 0.27 11.49
C VAL H 11 3.54 1.32 12.25
N ILE H 12 3.14 2.38 11.56
CA ILE H 12 2.41 3.47 12.20
C ILE H 12 1.17 2.95 12.89
N LEU H 13 0.56 1.91 12.33
CA LEU H 13 -0.62 1.34 12.95
C LEU H 13 -0.22 0.77 14.31
N GLY H 14 0.68 -0.20 14.30
CA GLY H 14 1.06 -0.82 15.55
C GLY H 14 1.74 0.15 16.50
N VAL H 15 2.54 1.07 15.97
CA VAL H 15 3.20 2.03 16.84
C VAL H 15 2.13 2.88 17.50
N LEU H 16 1.05 3.15 16.79
CA LEU H 16 0.00 3.96 17.38
C LEU H 16 -0.78 3.11 18.36
N ALA H 17 -1.39 2.04 17.89
CA ALA H 17 -2.22 1.18 18.73
C ALA H 17 -1.47 0.62 19.92
N SER H 18 -0.14 0.52 19.85
CA SER H 18 0.58 -0.04 20.98
C SER H 18 0.66 0.86 22.20
N LEU H 19 1.00 2.12 22.01
CA LEU H 19 1.18 3.06 23.10
C LEU H 19 -0.03 3.93 23.35
N VAL H 20 -1.21 3.37 23.22
CA VAL H 20 -2.45 4.08 23.51
C VAL H 20 -3.20 3.21 24.52
N VAL H 21 -2.99 3.48 25.79
CA VAL H 21 -3.62 2.73 26.85
C VAL H 21 -4.47 3.72 27.65
N PRO H 22 -5.77 3.83 27.37
CA PRO H 22 -6.59 4.82 28.07
C PRO H 22 -6.82 4.63 29.57
N ASN H 23 -7.40 3.52 29.98
CA ASN H 23 -7.70 3.33 31.40
C ASN H 23 -8.06 1.89 31.78
N LEU H 24 -8.55 1.74 33.01
CA LEU H 24 -8.98 0.49 33.61
C LEU H 24 -10.45 0.18 33.36
N MET H 25 -10.89 -0.93 33.93
CA MET H 25 -12.25 -1.41 33.91
C MET H 25 -12.60 -1.74 35.35
N GLY H 26 -13.77 -1.31 35.78
CA GLY H 26 -14.23 -1.55 37.15
C GLY H 26 -14.41 -0.29 37.96
N ASN H 27 -14.08 0.88 37.41
CA ASN H 27 -14.26 2.12 38.15
C ASN H 27 -15.72 2.35 38.46
N LYS H 28 -16.61 1.87 37.59
CA LYS H 28 -18.04 2.04 37.81
C LYS H 28 -18.47 1.27 39.04
N GLU H 29 -17.81 0.14 39.31
CA GLU H 29 -18.19 -0.64 40.49
C GLU H 29 -17.95 0.17 41.74
N LYS H 30 -16.89 0.98 41.75
CA LYS H 30 -16.64 1.80 42.92
C LYS H 30 -17.75 2.83 43.02
N ALA H 31 -18.24 3.30 41.89
CA ALA H 31 -19.29 4.29 41.89
C ALA H 31 -20.60 3.74 42.42
N ASP H 32 -20.81 2.44 42.28
CA ASP H 32 -22.04 1.85 42.76
C ASP H 32 -22.17 2.04 44.25
N ARG H 33 -21.05 2.08 44.97
CA ARG H 33 -21.09 2.26 46.40
C ARG H 33 -21.70 3.59 46.79
N GLN H 34 -21.06 4.69 46.38
CA GLN H 34 -21.54 6.02 46.74
C GLN H 34 -22.95 6.24 46.24
N LYS H 35 -23.32 5.57 45.16
CA LYS H 35 -24.67 5.69 44.65
C LYS H 35 -25.63 5.14 45.68
N VAL H 36 -25.22 4.10 46.38
CA VAL H 36 -26.07 3.49 47.40
C VAL H 36 -25.82 4.22 48.71
N VAL H 37 -24.59 4.64 48.96
CA VAL H 37 -24.33 5.34 50.21
C VAL H 37 -25.07 6.66 50.15
N SER H 38 -25.20 7.24 48.97
CA SER H 38 -25.94 8.50 48.86
C SER H 38 -27.38 8.26 49.22
N ASP H 39 -27.88 7.07 48.91
CA ASP H 39 -29.26 6.76 49.23
C ASP H 39 -29.43 6.70 50.73
N LEU H 40 -28.49 6.03 51.42
CA LEU H 40 -28.57 5.84 52.87
C LEU H 40 -29.04 7.05 53.66
N VAL H 41 -28.34 8.16 53.52
CA VAL H 41 -28.75 9.36 54.22
C VAL H 41 -30.05 9.81 53.60
N ALA H 42 -30.14 9.73 52.27
CA ALA H 42 -31.35 10.16 51.60
C ALA H 42 -32.54 9.30 51.97
N LEU H 43 -32.30 8.04 52.29
CA LEU H 43 -33.40 7.17 52.65
C LEU H 43 -33.86 7.52 54.06
N GLU H 44 -32.97 7.36 55.03
CA GLU H 44 -33.32 7.64 56.42
C GLU H 44 -33.76 9.08 56.60
N GLY H 45 -33.07 10.01 55.95
CA GLY H 45 -33.46 11.39 56.09
C GLY H 45 -34.84 11.64 55.52
N ALA H 46 -35.16 10.95 54.44
CA ALA H 46 -36.48 11.09 53.86
C ALA H 46 -37.54 10.41 54.73
N LEU H 47 -37.18 9.27 55.31
CA LEU H 47 -38.13 8.57 56.16
C LEU H 47 -38.43 9.39 57.40
N ASP H 48 -37.43 10.12 57.89
CA ASP H 48 -37.61 10.93 59.08
C ASP H 48 -38.71 11.95 58.87
N MET H 49 -38.87 12.41 57.64
CA MET H 49 -39.95 13.35 57.36
C MET H 49 -41.28 12.68 57.63
N TYR H 50 -41.43 11.45 57.16
CA TYR H 50 -42.67 10.76 57.40
C TYR H 50 -42.77 10.41 58.87
N LYS H 51 -41.63 10.23 59.54
CA LYS H 51 -41.64 9.94 60.96
C LYS H 51 -42.08 11.17 61.71
N LEU H 52 -42.15 12.33 61.06
CA LEU H 52 -42.55 13.57 61.70
C LEU H 52 -44.06 13.78 61.58
N ASP H 53 -44.58 13.79 60.37
CA ASP H 53 -46.01 14.03 60.19
C ASP H 53 -46.87 12.95 60.81
N ASN H 54 -46.66 11.70 60.42
CA ASN H 54 -47.44 10.63 60.99
C ASN H 54 -46.78 10.18 62.30
N SER H 55 -45.71 10.84 62.72
CA SER H 55 -45.03 10.52 63.97
C SER H 55 -44.49 9.10 64.01
N ARG H 56 -44.30 8.48 62.86
CA ARG H 56 -43.80 7.11 62.79
C ARG H 56 -43.40 6.73 61.38
N TYR H 57 -42.82 5.57 61.25
CA TYR H 57 -42.33 5.02 60.00
C TYR H 57 -43.26 3.98 59.36
N PRO H 58 -43.19 3.79 58.04
CA PRO H 58 -44.02 2.78 57.39
C PRO H 58 -43.59 1.35 57.68
N THR H 59 -44.55 0.46 57.53
CA THR H 59 -44.40 -0.97 57.73
C THR H 59 -43.62 -1.64 56.60
N THR H 60 -43.03 -2.81 56.90
CA THR H 60 -42.30 -3.60 55.91
C THR H 60 -43.14 -3.81 54.66
N GLU H 61 -44.29 -4.48 54.79
CA GLU H 61 -45.13 -4.70 53.62
C GLU H 61 -45.60 -3.37 53.05
N GLN H 62 -45.71 -2.35 53.88
CA GLN H 62 -46.08 -1.03 53.40
C GLN H 62 -44.97 -0.52 52.49
N GLY H 63 -43.73 -0.98 52.74
CA GLY H 63 -42.57 -0.63 51.94
C GLY H 63 -42.28 0.84 51.78
N LEU H 64 -41.17 1.15 51.09
CA LEU H 64 -40.78 2.53 50.86
C LEU H 64 -41.74 3.21 49.90
N GLN H 65 -42.58 2.43 49.22
CA GLN H 65 -43.54 2.98 48.29
C GLN H 65 -44.46 3.94 49.03
N ALA H 66 -44.63 3.73 50.33
CA ALA H 66 -45.42 4.66 51.12
C ALA H 66 -44.79 6.03 51.12
N LEU H 67 -43.48 6.09 50.98
CA LEU H 67 -42.83 7.37 50.93
C LEU H 67 -43.12 7.87 49.52
N VAL H 68 -43.36 6.99 48.56
CA VAL H 68 -43.67 7.42 47.20
C VAL H 68 -45.14 7.83 47.09
N SER H 69 -46.05 7.04 47.66
CA SER H 69 -47.48 7.31 47.59
C SER H 69 -48.13 7.11 48.95
N ALA H 70 -49.35 7.59 49.11
CA ALA H 70 -50.02 7.54 50.40
C ALA H 70 -50.06 6.11 50.92
N PRO H 71 -49.80 5.87 52.22
CA PRO H 71 -49.80 4.50 52.68
C PRO H 71 -51.17 3.87 52.76
N SER H 72 -51.48 3.08 51.74
CA SER H 72 -52.77 2.41 51.69
C SER H 72 -52.92 1.43 52.85
N ALA H 73 -51.89 0.62 53.09
CA ALA H 73 -52.00 -0.30 54.21
C ALA H 73 -51.91 0.54 55.48
N GLU H 74 -52.80 0.27 56.39
CA GLU H 74 -52.82 1.02 57.62
C GLU H 74 -51.60 0.70 58.49
N PRO H 75 -51.21 1.58 59.43
CA PRO H 75 -51.77 2.88 59.79
C PRO H 75 -51.69 3.96 58.71
N HIS H 76 -52.72 4.79 58.70
CA HIS H 76 -52.82 5.90 57.77
C HIS H 76 -51.99 7.09 58.23
N ALA H 77 -51.56 7.92 57.28
CA ALA H 77 -50.74 9.09 57.54
C ALA H 77 -51.52 10.41 57.49
N ARG H 78 -51.09 11.34 58.32
CA ARG H 78 -51.68 12.66 58.41
C ARG H 78 -50.83 13.67 57.66
N ASN H 79 -51.49 14.58 56.95
CA ASN H 79 -50.82 15.64 56.19
C ASN H 79 -49.77 15.05 55.25
N TYR H 80 -50.09 13.93 54.66
CA TYR H 80 -49.16 13.31 53.74
C TYR H 80 -48.98 14.29 52.58
N PRO H 81 -47.77 14.73 52.28
CA PRO H 81 -47.62 15.71 51.20
C PRO H 81 -47.82 15.09 49.83
N GLU H 82 -47.77 15.98 48.85
CA GLU H 82 -47.93 15.58 47.47
C GLU H 82 -46.85 14.57 47.11
N GLY H 83 -47.27 13.44 46.54
CA GLY H 83 -46.35 12.42 46.12
C GLY H 83 -45.45 11.91 47.21
N GLY H 84 -45.82 12.11 48.47
CA GLY H 84 -44.97 11.65 49.52
C GLY H 84 -43.71 12.48 49.55
N TYR H 85 -42.69 11.95 50.22
CA TYR H 85 -41.43 12.64 50.41
C TYR H 85 -40.37 12.34 49.37
N ILE H 86 -40.80 11.93 48.19
CA ILE H 86 -39.84 11.65 47.15
C ILE H 86 -40.48 11.76 45.79
N ARG H 87 -39.67 12.04 44.80
CA ARG H 87 -40.17 12.09 43.46
C ARG H 87 -40.51 10.68 43.02
N ARG H 88 -39.48 9.82 42.90
CA ARG H 88 -39.63 8.45 42.46
C ARG H 88 -38.79 7.54 43.34
N LEU H 89 -39.01 6.23 43.22
CA LEU H 89 -38.29 5.25 44.01
C LEU H 89 -36.94 4.88 43.39
N PRO H 90 -35.83 5.00 44.12
CA PRO H 90 -34.56 4.58 43.53
C PRO H 90 -34.54 3.06 43.41
N GLN H 91 -34.38 2.58 42.19
CA GLN H 91 -34.32 1.15 41.89
C GLN H 91 -32.88 0.75 41.89
N ASP H 92 -32.53 -0.23 42.70
CA ASP H 92 -31.17 -0.70 42.77
C ASP H 92 -30.95 -1.43 41.44
N PRO H 93 -29.94 -1.07 40.66
CA PRO H 93 -29.76 -1.70 39.35
C PRO H 93 -29.16 -3.09 39.37
N TRP H 94 -29.77 -3.98 40.13
CA TRP H 94 -29.40 -5.38 40.18
C TRP H 94 -30.67 -6.16 40.46
N GLY H 95 -31.83 -5.65 40.04
CA GLY H 95 -33.07 -6.35 40.26
C GLY H 95 -33.64 -6.28 41.66
N SER H 96 -33.43 -5.17 42.37
CA SER H 96 -33.95 -5.06 43.72
C SER H 96 -34.26 -3.65 44.14
N ASP H 97 -35.19 -3.53 45.06
CA ASP H 97 -35.55 -2.26 45.63
C ASP H 97 -34.87 -2.19 46.99
N TYR H 98 -35.14 -1.15 47.73
CA TYR H 98 -34.55 -0.95 49.05
C TYR H 98 -35.53 -1.43 50.10
N GLN H 99 -35.42 -2.69 50.48
CA GLN H 99 -36.34 -3.27 51.46
C GLN H 99 -36.12 -2.73 52.86
N LEU H 100 -37.11 -2.02 53.37
CA LEU H 100 -37.05 -1.47 54.71
C LEU H 100 -37.42 -2.56 55.70
N LEU H 101 -37.15 -2.29 56.97
CA LEU H 101 -37.49 -3.20 58.05
C LEU H 101 -38.32 -2.48 59.10
N SER H 102 -39.39 -3.14 59.54
CA SER H 102 -40.31 -2.60 60.53
C SER H 102 -40.46 -3.53 61.72
N PRO H 103 -39.79 -3.25 62.85
CA PRO H 103 -38.82 -2.22 63.24
C PRO H 103 -37.40 -2.60 62.94
N GLY H 104 -36.55 -1.59 62.79
CA GLY H 104 -35.15 -1.83 62.55
C GLY H 104 -34.45 -2.36 63.80
N GLN H 105 -33.44 -3.19 63.57
CA GLN H 105 -32.66 -3.75 64.66
C GLN H 105 -31.54 -2.81 65.07
N CYS H 106 -31.06 -1.97 64.15
CA CYS H 106 -30.01 -1.00 64.45
C CYS H 106 -30.62 0.31 64.89
N GLY H 107 -31.94 0.35 65.06
CA GLY H 107 -32.59 1.56 65.49
C GLY H 107 -34.08 1.50 65.26
N GLN H 108 -34.65 2.56 64.69
CA GLN H 108 -36.08 2.56 64.43
C GLN H 108 -36.44 1.78 63.17
N VAL H 109 -35.59 1.88 62.14
CA VAL H 109 -35.85 1.23 60.86
C VAL H 109 -34.57 0.71 60.25
N ASP H 110 -34.67 -0.40 59.51
CA ASP H 110 -33.54 -0.96 58.79
C ASP H 110 -33.89 -1.23 57.34
N ILE H 111 -32.94 -0.93 56.46
CA ILE H 111 -33.11 -1.08 55.02
C ILE H 111 -32.09 -2.07 54.48
N PHE H 112 -32.51 -2.83 53.47
CA PHE H 112 -31.66 -3.82 52.85
C PHE H 112 -31.93 -3.99 51.36
N SER H 113 -30.97 -4.62 50.67
CA SER H 113 -31.05 -4.87 49.24
C SER H 113 -30.11 -5.98 48.80
N LEU H 114 -30.35 -6.49 47.59
CA LEU H 114 -29.49 -7.54 47.06
C LEU H 114 -28.08 -6.99 46.87
N GLY H 115 -27.97 -5.89 46.14
CA GLY H 115 -26.71 -5.27 45.88
C GLY H 115 -26.04 -5.86 44.66
N PRO H 116 -24.79 -5.45 44.43
CA PRO H 116 -24.06 -5.95 43.25
C PRO H 116 -23.97 -7.44 43.18
N ASP H 117 -23.88 -8.12 44.33
CA ASP H 117 -23.81 -9.57 44.29
C ASP H 117 -25.14 -10.12 43.78
N GLY H 118 -26.23 -9.36 43.94
CA GLY H 118 -27.52 -9.85 43.51
C GLY H 118 -28.07 -10.92 44.42
N VAL H 119 -27.49 -11.06 45.61
CA VAL H 119 -27.91 -12.09 46.56
C VAL H 119 -28.59 -11.41 47.74
N PRO H 120 -29.64 -12.00 48.32
CA PRO H 120 -30.30 -11.38 49.47
C PRO H 120 -29.60 -11.74 50.77
N GLU H 121 -29.18 -10.71 51.49
CA GLU H 121 -28.55 -10.86 52.81
C GLU H 121 -27.36 -11.81 52.86
N SER H 122 -26.37 -11.57 51.99
CA SER H 122 -25.16 -12.38 51.96
C SER H 122 -23.94 -11.52 52.27
N ASN H 123 -23.60 -10.64 51.36
CA ASN H 123 -22.47 -9.75 51.52
C ASN H 123 -22.84 -8.32 51.17
N ASP H 124 -23.61 -8.13 50.12
CA ASP H 124 -24.03 -6.82 49.68
C ASP H 124 -25.41 -6.52 50.21
N ASP H 125 -25.59 -6.71 51.52
CA ASP H 125 -26.82 -6.47 52.22
C ASP H 125 -26.90 -5.02 52.68
N ILE H 126 -26.15 -4.12 52.05
CA ILE H 126 -26.19 -2.73 52.48
C ILE H 126 -27.56 -2.12 52.23
N GLY H 127 -27.81 -1.00 52.88
CA GLY H 127 -29.06 -0.29 52.85
C GLY H 127 -29.21 0.51 54.13
N ASN H 128 -28.48 0.13 55.16
CA ASN H 128 -28.43 0.82 56.44
C ASN H 128 -27.17 0.29 57.13
N CYS H 129 -27.15 0.27 58.47
CA CYS H 129 -26.05 -0.17 59.31
C CYS H 129 -25.31 -1.40 58.80
N THR H 130 -26.05 -2.48 58.59
CA THR H 130 -25.48 -3.73 58.11
C THR H 130 -26.05 -4.05 56.74
N THR I 2 6.69 -5.72 -10.28
CA THR I 2 5.43 -5.82 -10.88
C THR I 2 4.63 -6.93 -10.20
N LEU I 3 5.30 -8.00 -9.78
CA LEU I 3 4.61 -9.10 -9.12
C LEU I 3 4.90 -9.05 -7.63
N LEU I 4 6.18 -9.10 -7.25
CA LEU I 4 6.52 -9.05 -5.83
C LEU I 4 6.10 -7.71 -5.24
N GLU I 5 6.25 -6.65 -6.01
CA GLU I 5 5.86 -5.31 -5.59
C GLU I 5 4.36 -5.21 -5.45
N ILE I 6 3.63 -6.11 -6.10
CA ILE I 6 2.18 -6.12 -6.09
C ILE I 6 1.61 -7.32 -5.35
N MET I 7 1.79 -8.52 -5.90
CA MET I 7 1.19 -9.73 -5.33
C MET I 7 1.44 -9.90 -3.84
N VAL I 8 2.63 -9.57 -3.38
CA VAL I 8 2.91 -9.69 -1.96
C VAL I 8 2.04 -8.71 -1.24
N VAL I 9 1.84 -7.54 -1.82
CA VAL I 9 1.05 -6.51 -1.16
C VAL I 9 -0.42 -6.76 -1.22
N ILE I 10 -0.90 -7.38 -2.29
CA ILE I 10 -2.32 -7.63 -2.40
C ILE I 10 -2.71 -8.49 -1.21
N VAL I 11 -1.86 -9.42 -0.85
CA VAL I 11 -2.16 -10.27 0.28
C VAL I 11 -2.14 -9.42 1.53
N ILE I 12 -1.04 -8.69 1.73
CA ILE I 12 -0.90 -7.86 2.92
C ILE I 12 -2.06 -6.90 3.05
N LEU I 13 -2.61 -6.45 1.92
CA LEU I 13 -3.74 -5.55 1.98
C LEU I 13 -4.91 -6.30 2.60
N GLY I 14 -5.34 -7.37 1.95
CA GLY I 14 -6.48 -8.10 2.46
C GLY I 14 -6.24 -8.70 3.83
N VAL I 15 -5.02 -9.17 4.08
CA VAL I 15 -4.72 -9.75 5.38
C VAL I 15 -4.86 -8.66 6.42
N LEU I 16 -4.51 -7.43 6.06
CA LEU I 16 -4.61 -6.36 7.03
C LEU I 16 -6.08 -5.96 7.17
N ALA I 17 -6.69 -5.53 6.07
CA ALA I 17 -8.07 -5.08 6.10
C ALA I 17 -9.03 -6.13 6.62
N SER I 18 -8.69 -7.41 6.52
CA SER I 18 -9.62 -8.43 6.98
C SER I 18 -9.76 -8.53 8.49
N LEU I 19 -8.64 -8.54 9.21
CA LEU I 19 -8.66 -8.69 10.65
C LEU I 19 -8.53 -7.38 11.40
N VAL I 20 -9.19 -6.34 10.90
CA VAL I 20 -9.21 -5.06 11.57
C VAL I 20 -10.70 -4.72 11.71
N VAL I 21 -11.28 -5.08 12.84
CA VAL I 21 -12.68 -4.82 13.10
C VAL I 21 -12.73 -3.93 14.35
N PRO I 22 -12.85 -2.62 14.19
CA PRO I 22 -12.84 -1.72 15.35
C PRO I 22 -14.01 -1.81 16.33
N ASN I 23 -15.22 -1.57 15.87
CA ASN I 23 -16.37 -1.58 16.78
C ASN I 23 -17.73 -1.61 16.09
N LEU I 24 -18.78 -1.40 16.88
CA LEU I 24 -20.16 -1.36 16.47
C LEU I 24 -20.64 0.03 16.05
N MET I 25 -21.92 0.10 15.71
CA MET I 25 -22.62 1.31 15.34
C MET I 25 -23.89 1.31 16.18
N GLY I 26 -24.20 2.46 16.76
CA GLY I 26 -25.38 2.61 17.60
C GLY I 26 -25.08 2.92 19.04
N ASN I 27 -23.81 2.95 19.44
CA ASN I 27 -23.47 3.26 20.82
C ASN I 27 -23.91 4.67 21.18
N LYS I 28 -23.93 5.56 20.20
CA LYS I 28 -24.36 6.93 20.44
C LYS I 28 -25.83 6.96 20.82
N GLU I 29 -26.62 6.04 20.26
CA GLU I 29 -28.04 6.02 20.59
C GLU I 29 -28.22 5.74 22.07
N LYS I 30 -27.36 4.91 22.64
CA LYS I 30 -27.48 4.64 24.07
C LYS I 30 -27.13 5.91 24.82
N ALA I 31 -26.19 6.68 24.28
CA ALA I 31 -25.79 7.91 24.94
C ALA I 31 -26.89 8.96 24.94
N ASP I 32 -27.78 8.89 23.95
CA ASP I 32 -28.85 9.86 23.88
C ASP I 32 -29.73 9.76 25.11
N ARG I 33 -29.85 8.57 25.68
CA ARG I 33 -30.68 8.40 26.86
C ARG I 33 -30.16 9.20 28.04
N GLN I 34 -28.94 8.90 28.49
CA GLN I 34 -28.38 9.59 29.64
C GLN I 34 -28.29 11.08 29.39
N LYS I 35 -28.16 11.48 28.14
CA LYS I 35 -28.12 12.89 27.82
C LYS I 35 -29.45 13.52 28.19
N VAL I 36 -30.53 12.76 28.01
CA VAL I 36 -31.86 13.26 28.33
C VAL I 36 -32.13 12.97 29.79
N VAL I 37 -31.66 11.82 30.29
CA VAL I 37 -31.90 11.51 31.69
C VAL I 37 -31.15 12.52 32.52
N SER I 38 -30.00 12.99 32.05
CA SER I 38 -29.25 13.97 32.80
C SER I 38 -30.06 15.25 32.87
N ASP I 39 -30.83 15.52 31.83
CA ASP I 39 -31.64 16.72 31.83
C ASP I 39 -32.72 16.61 32.89
N LEU I 40 -33.37 15.44 32.97
CA LEU I 40 -34.48 15.21 33.91
C LEU I 40 -34.27 15.79 35.29
N VAL I 41 -33.20 15.39 35.96
CA VAL I 41 -32.93 15.92 37.27
C VAL I 41 -32.57 17.38 37.10
N ALA I 42 -31.79 17.69 36.06
CA ALA I 42 -31.38 19.05 35.84
C ALA I 42 -32.57 19.94 35.52
N LEU I 43 -33.60 19.38 34.89
CA LEU I 43 -34.75 20.18 34.55
C LEU I 43 -35.55 20.44 35.82
N GLU I 44 -36.05 19.39 36.44
CA GLU I 44 -36.86 19.54 37.65
C GLU I 44 -36.09 20.25 38.75
N GLY I 45 -34.81 19.91 38.91
CA GLY I 45 -34.04 20.56 39.93
C GLY I 45 -33.89 22.03 39.65
N ALA I 46 -33.76 22.39 38.39
CA ALA I 46 -33.64 23.78 38.03
C ALA I 46 -34.99 24.48 38.19
N LEU I 47 -36.08 23.80 37.85
CA LEU I 47 -37.38 24.40 37.99
C LEU I 47 -37.69 24.65 39.45
N ASP I 48 -37.23 23.77 40.33
CA ASP I 48 -37.48 23.90 41.75
C ASP I 48 -36.94 25.22 42.26
N MET I 49 -35.86 25.71 41.66
CA MET I 49 -35.31 26.98 42.08
C MET I 49 -36.33 28.06 41.80
N TYR I 50 -36.94 28.02 40.62
CA TYR I 50 -37.93 29.02 40.30
C TYR I 50 -39.16 28.79 41.15
N LYS I 51 -39.40 27.53 41.54
CA LYS I 51 -40.54 27.23 42.39
C LYS I 51 -40.29 27.80 43.78
N LEU I 52 -39.07 28.22 44.08
CA LEU I 52 -38.73 28.77 45.38
C LEU I 52 -38.92 30.28 45.40
N ASP I 53 -38.26 31.01 44.50
CA ASP I 53 -38.39 32.46 44.50
C ASP I 53 -39.79 32.94 44.21
N ASN I 54 -40.35 32.53 43.10
CA ASN I 54 -41.70 32.94 42.77
C ASN I 54 -42.68 31.98 43.44
N SER I 55 -42.19 31.02 44.22
CA SER I 55 -43.04 30.07 44.94
C SER I 55 -43.92 29.24 44.01
N ARG I 56 -43.55 29.13 42.75
CA ARG I 56 -44.33 28.36 41.79
C ARG I 56 -43.56 28.14 40.49
N TYR I 57 -44.14 27.35 39.62
CA TYR I 57 -43.57 26.99 38.34
C TYR I 57 -44.14 27.76 37.15
N PRO I 58 -43.40 27.88 36.05
CA PRO I 58 -43.91 28.58 34.87
C PRO I 58 -45.00 27.80 34.13
N THR I 59 -45.78 28.55 33.40
CA THR I 59 -46.87 28.06 32.59
C THR I 59 -46.39 27.37 31.31
N THR I 60 -47.25 26.50 30.76
CA THR I 60 -46.96 25.79 29.50
C THR I 60 -46.52 26.77 28.43
N GLU I 61 -47.40 27.71 28.05
CA GLU I 61 -47.02 28.67 27.02
C GLU I 61 -45.84 29.51 27.48
N GLN I 62 -45.70 29.69 28.79
CA GLN I 62 -44.57 30.42 29.33
C GLN I 62 -43.31 29.62 29.01
N GLY I 63 -43.43 28.30 28.91
CA GLY I 63 -42.35 27.40 28.58
C GLY I 63 -41.12 27.46 29.47
N LEU I 64 -40.16 26.59 29.18
CA LEU I 64 -38.92 26.57 29.96
C LEU I 64 -38.09 27.80 29.69
N GLN I 65 -38.42 28.55 28.65
CA GLN I 65 -37.70 29.77 28.31
C GLN I 65 -37.76 30.72 29.49
N ALA I 66 -38.80 30.62 30.30
CA ALA I 66 -38.89 31.43 31.49
C ALA I 66 -37.75 31.14 32.43
N LEU I 67 -37.24 29.92 32.40
CA LEU I 67 -36.13 29.58 33.24
C LEU I 67 -34.94 30.21 32.54
N VAL I 68 -35.01 30.42 31.23
CA VAL I 68 -33.90 31.05 30.52
C VAL I 68 -33.94 32.57 30.68
N SER I 69 -35.13 33.17 30.56
CA SER I 69 -35.30 34.61 30.65
C SER I 69 -36.51 34.96 31.50
N ALA I 70 -36.62 36.21 31.92
CA ALA I 70 -37.69 36.61 32.82
C ALA I 70 -39.05 36.24 32.24
N PRO I 71 -39.98 35.71 33.05
CA PRO I 71 -41.25 35.33 32.46
C PRO I 71 -42.13 36.49 32.06
N SER I 72 -42.11 36.80 30.77
CA SER I 72 -42.91 37.89 30.26
C SER I 72 -44.39 37.62 30.45
N ALA I 73 -44.83 36.41 30.10
CA ALA I 73 -46.25 36.12 30.30
C ALA I 73 -46.45 36.00 31.80
N GLU I 74 -47.49 36.62 32.28
CA GLU I 74 -47.78 36.60 33.69
C GLU I 74 -48.23 35.20 34.13
N PRO I 75 -48.11 34.85 35.43
CA PRO I 75 -47.57 35.62 36.56
C PRO I 75 -46.10 35.96 36.50
N HIS I 76 -45.79 37.13 37.03
CA HIS I 76 -44.43 37.65 37.09
C HIS I 76 -43.66 37.01 38.26
N ALA I 77 -42.34 36.96 38.13
CA ALA I 77 -41.46 36.39 39.13
C ALA I 77 -40.71 37.42 39.96
N ARG I 78 -40.47 37.06 41.21
CA ARG I 78 -39.77 37.91 42.16
C ARG I 78 -38.33 37.44 42.31
N ASN I 79 -37.41 38.40 42.39
CA ASN I 79 -35.99 38.13 42.55
C ASN I 79 -35.49 37.16 41.50
N TYR I 80 -35.98 37.32 40.29
CA TYR I 80 -35.55 36.46 39.21
C TYR I 80 -34.06 36.71 39.02
N PRO I 81 -33.22 35.69 39.12
CA PRO I 81 -31.79 35.95 38.98
C PRO I 81 -31.38 36.25 37.55
N GLU I 82 -30.10 36.57 37.43
CA GLU I 82 -29.53 36.88 36.14
C GLU I 82 -29.70 35.69 35.22
N GLY I 83 -30.24 35.95 34.03
CA GLY I 83 -30.43 34.90 33.04
C GLY I 83 -31.25 33.74 33.52
N GLY I 84 -32.03 33.91 34.58
CA GLY I 84 -32.80 32.81 35.06
C GLY I 84 -31.89 31.78 35.66
N TYR I 85 -32.41 30.57 35.82
CA TYR I 85 -31.70 29.47 36.45
C TYR I 85 -30.93 28.58 35.49
N ILE I 86 -30.56 29.11 34.35
CA ILE I 86 -29.81 28.31 33.40
C ILE I 86 -29.03 29.20 32.47
N ARG I 87 -27.96 28.64 31.94
CA ARG I 87 -27.19 29.38 30.98
C ARG I 87 -27.99 29.46 29.69
N ARG I 88 -28.22 28.31 29.05
CA ARG I 88 -28.95 28.22 27.80
C ARG I 88 -29.93 27.06 27.84
N LEU I 89 -30.84 27.02 26.86
CA LEU I 89 -31.83 25.97 26.80
C LEU I 89 -31.31 24.71 26.12
N PRO I 90 -31.38 23.55 26.75
CA PRO I 90 -30.94 22.33 26.06
C PRO I 90 -31.92 22.00 24.95
N GLN I 91 -31.43 21.97 23.72
CA GLN I 91 -32.22 21.64 22.54
C GLN I 91 -32.09 20.17 22.30
N ASP I 92 -33.22 19.47 22.24
CA ASP I 92 -33.21 18.06 21.99
C ASP I 92 -32.79 17.92 20.53
N PRO I 93 -31.75 17.17 20.21
CA PRO I 93 -31.29 17.09 18.83
C PRO I 93 -32.11 16.20 17.92
N TRP I 94 -33.40 16.48 17.86
CA TRP I 94 -34.32 15.79 16.95
C TRP I 94 -35.41 16.79 16.61
N GLY I 95 -35.10 18.09 16.63
CA GLY I 95 -36.08 19.10 16.29
C GLY I 95 -37.10 19.40 17.36
N SER I 96 -36.73 19.32 18.64
CA SER I 96 -37.68 19.60 19.70
C SER I 96 -37.05 20.13 20.95
N ASP I 97 -37.83 20.89 21.69
CA ASP I 97 -37.40 21.42 22.96
C ASP I 97 -38.05 20.54 24.02
N TYR I 98 -37.88 20.90 25.27
CA TYR I 98 -38.43 20.14 26.38
C TYR I 98 -39.73 20.80 26.82
N GLN I 99 -40.84 20.34 26.25
CA GLN I 99 -42.14 20.92 26.56
C GLN I 99 -42.61 20.58 27.96
N LEU I 100 -42.73 21.60 28.80
CA LEU I 100 -43.20 21.43 30.16
C LEU I 100 -44.72 21.37 30.15
N LEU I 101 -45.28 20.95 31.27
CA LEU I 101 -46.72 20.88 31.44
C LEU I 101 -47.13 21.65 32.69
N SER I 102 -48.18 22.45 32.54
CA SER I 102 -48.70 23.29 33.62
C SER I 102 -50.18 23.02 33.87
N PRO I 103 -50.53 22.23 34.90
CA PRO I 103 -49.79 21.46 35.90
C PRO I 103 -49.46 20.06 35.46
N GLY I 104 -48.41 19.49 36.04
CA GLY I 104 -48.04 18.14 35.73
C GLY I 104 -49.03 17.14 36.29
N GLN I 105 -49.19 16.03 35.59
CA GLN I 105 -50.07 14.96 36.03
C GLN I 105 -49.36 14.03 36.99
N CYS I 106 -48.03 13.90 36.88
CA CYS I 106 -47.25 13.06 37.78
C CYS I 106 -46.79 13.86 38.98
N GLY I 107 -47.24 15.09 39.11
CA GLY I 107 -46.85 15.91 40.24
C GLY I 107 -47.17 17.37 39.98
N GLN I 108 -46.21 18.24 40.27
CA GLN I 108 -46.43 19.67 40.07
C GLN I 108 -46.27 20.05 38.61
N VAL I 109 -45.29 19.46 37.92
CA VAL I 109 -44.98 19.78 36.54
C VAL I 109 -44.59 18.54 35.76
N ASP I 110 -44.92 18.54 34.47
CA ASP I 110 -44.52 17.46 33.58
C ASP I 110 -43.86 17.99 32.32
N ILE I 111 -42.81 17.29 31.89
CA ILE I 111 -42.02 17.67 30.73
C ILE I 111 -42.08 16.58 29.67
N PHE I 112 -42.07 16.99 28.41
CA PHE I 112 -42.14 16.07 27.29
C PHE I 112 -41.35 16.54 26.08
N SER I 113 -41.07 15.61 25.17
CA SER I 113 -40.33 15.89 23.94
C SER I 113 -40.56 14.82 22.88
N LEU I 114 -40.20 15.15 21.65
CA LEU I 114 -40.35 14.19 20.56
C LEU I 114 -39.45 13.00 20.82
N GLY I 115 -38.17 13.26 21.03
CA GLY I 115 -37.20 12.23 21.28
C GLY I 115 -36.63 11.67 20.00
N PRO I 116 -35.85 10.60 20.13
CA PRO I 116 -35.22 10.01 18.93
C PRO I 116 -36.21 9.60 17.87
N ASP I 117 -37.40 9.17 18.26
CA ASP I 117 -38.38 8.79 17.26
C ASP I 117 -38.81 10.03 16.49
N GLY I 118 -38.69 11.22 17.10
CA GLY I 118 -39.11 12.42 16.42
C GLY I 118 -40.60 12.56 16.36
N VAL I 119 -41.33 11.77 17.15
CA VAL I 119 -42.78 11.77 17.15
C VAL I 119 -43.27 12.35 18.47
N PRO I 120 -44.36 13.14 18.47
CA PRO I 120 -44.85 13.70 19.73
C PRO I 120 -45.76 12.73 20.46
N GLU I 121 -45.39 12.42 21.69
CA GLU I 121 -46.19 11.55 22.56
C GLU I 121 -46.54 10.19 21.99
N SER I 122 -45.54 9.45 21.53
CA SER I 122 -45.74 8.11 20.98
C SER I 122 -45.00 7.08 21.81
N ASN I 123 -43.69 7.11 21.75
CA ASN I 123 -42.85 6.18 22.49
C ASN I 123 -41.73 6.91 23.19
N ASP I 124 -41.12 7.88 22.52
CA ASP I 124 -40.02 8.65 23.09
C ASP I 124 -40.54 9.95 23.66
N ASP I 125 -41.58 9.84 24.48
CA ASP I 125 -42.22 10.97 25.14
C ASP I 125 -41.52 11.27 26.45
N ILE I 126 -40.28 10.86 26.61
CA ILE I 126 -39.59 11.12 27.86
C ILE I 126 -39.37 12.61 28.07
N GLY I 127 -39.08 12.98 29.30
CA GLY I 127 -38.91 14.35 29.73
C GLY I 127 -39.22 14.45 31.22
N ASN I 128 -39.96 13.46 31.74
CA ASN I 128 -40.29 13.36 33.14
C ASN I 128 -40.77 11.90 33.32
N CYS I 129 -41.66 11.65 34.29
CA CYS I 129 -42.20 10.34 34.64
C CYS I 129 -42.53 9.45 33.44
N THR I 130 -43.35 9.96 32.54
CA THR I 130 -43.76 9.22 31.35
C THR I 130 -43.25 9.95 30.11
N THR J 2 8.50 -10.02 -19.77
CA THR J 2 8.48 -8.72 -20.31
C THR J 2 7.03 -8.32 -20.56
N LEU J 3 6.19 -9.26 -20.97
CA LEU J 3 4.79 -8.96 -21.24
C LEU J 3 3.93 -9.49 -20.10
N LEU J 4 4.01 -10.80 -19.83
CA LEU J 4 3.22 -11.36 -18.74
C LEU J 4 3.65 -10.77 -17.42
N GLU J 5 4.94 -10.54 -17.26
CA GLU J 5 5.50 -9.95 -16.05
C GLU J 5 5.06 -8.51 -15.91
N ILE J 6 4.64 -7.89 -17.02
CA ILE J 6 4.22 -6.51 -17.04
C ILE J 6 2.73 -6.36 -17.31
N MET J 7 2.30 -6.69 -18.53
CA MET J 7 0.91 -6.49 -18.93
C MET J 7 -0.12 -7.02 -17.95
N VAL J 8 0.16 -8.17 -17.36
CA VAL J 8 -0.78 -8.72 -16.40
C VAL J 8 -0.80 -7.80 -15.21
N VAL J 9 0.35 -7.25 -14.86
CA VAL J 9 0.42 -6.39 -13.69
C VAL J 9 -0.14 -5.01 -13.93
N ILE J 10 0.00 -4.51 -15.14
CA ILE J 10 -0.51 -3.17 -15.43
C ILE J 10 -2.00 -3.19 -15.14
N VAL J 11 -2.65 -4.29 -15.49
CA VAL J 11 -4.07 -4.39 -15.24
C VAL J 11 -4.28 -4.44 -13.74
N ILE J 12 -3.59 -5.36 -13.07
CA ILE J 12 -3.74 -5.53 -11.63
C ILE J 12 -3.48 -4.22 -10.92
N LEU J 13 -2.58 -3.41 -11.45
CA LEU J 13 -2.30 -2.13 -10.82
C LEU J 13 -3.57 -1.28 -10.89
N GLY J 14 -4.02 -0.98 -12.10
CA GLY J 14 -5.19 -0.14 -12.24
C GLY J 14 -6.43 -0.74 -11.63
N VAL J 15 -6.58 -2.07 -11.74
CA VAL J 15 -7.75 -2.71 -11.17
C VAL J 15 -7.70 -2.51 -9.67
N LEU J 16 -6.51 -2.53 -9.10
CA LEU J 16 -6.41 -2.35 -7.65
C LEU J 16 -6.64 -0.89 -7.32
N ALA J 17 -5.78 -0.02 -7.84
CA ALA J 17 -5.88 1.41 -7.55
C ALA J 17 -7.22 2.01 -7.89
N SER J 18 -7.96 1.41 -8.82
CA SER J 18 -9.24 2.00 -9.19
C SER J 18 -10.33 1.85 -8.15
N LEU J 19 -10.50 0.64 -7.61
CA LEU J 19 -11.56 0.37 -6.65
C LEU J 19 -11.08 0.41 -5.20
N VAL J 20 -10.21 1.35 -4.88
CA VAL J 20 -9.75 1.54 -3.52
C VAL J 20 -10.02 3.01 -3.21
N VAL J 21 -11.17 3.29 -2.64
CA VAL J 21 -11.55 4.65 -2.30
C VAL J 21 -11.76 4.68 -0.78
N PRO J 22 -10.76 5.10 -0.01
CA PRO J 22 -10.90 5.08 1.45
C PRO J 22 -11.92 6.01 2.09
N ASN J 23 -11.79 7.31 1.89
CA ASN J 23 -12.71 8.25 2.53
C ASN J 23 -12.66 9.67 1.97
N LEU J 24 -13.32 10.59 2.69
CA LEU J 24 -13.41 12.00 2.38
C LEU J 24 -12.30 12.83 3.00
N MET J 25 -12.38 14.13 2.78
CA MET J 25 -11.49 15.13 3.30
C MET J 25 -12.39 16.20 3.91
N GLY J 26 -12.06 16.65 5.10
CA GLY J 26 -12.83 17.66 5.80
C GLY J 26 -13.47 17.19 7.07
N ASN J 27 -13.35 15.91 7.41
CA ASN J 27 -13.94 15.41 8.64
C ASN J 27 -13.30 16.08 9.85
N LYS J 28 -12.03 16.47 9.73
CA LYS J 28 -11.36 17.13 10.83
C LYS J 28 -11.99 18.48 11.10
N GLU J 29 -12.50 19.14 10.06
CA GLU J 29 -13.13 20.44 10.25
C GLU J 29 -14.34 20.29 11.15
N LYS J 30 -15.06 19.18 11.03
CA LYS J 30 -16.21 18.99 11.89
C LYS J 30 -15.71 18.80 13.31
N ALA J 31 -14.55 18.16 13.46
CA ALA J 31 -14.01 17.93 14.78
C ALA J 31 -13.58 19.22 15.46
N ASP J 32 -13.22 20.22 14.68
CA ASP J 32 -12.80 21.48 15.26
C ASP J 32 -13.91 22.09 16.08
N ARG J 33 -15.16 21.84 15.69
CA ARG J 33 -16.28 22.39 16.43
C ARG J 33 -16.34 21.86 17.85
N GLN J 34 -16.50 20.54 18.00
CA GLN J 34 -16.62 19.95 19.33
C GLN J 34 -15.39 20.23 20.16
N LYS J 35 -14.25 20.42 19.51
CA LYS J 35 -13.03 20.75 20.22
C LYS J 35 -13.21 22.09 20.89
N VAL J 36 -13.92 22.99 20.23
CA VAL J 36 -14.16 24.32 20.78
C VAL J 36 -15.40 24.26 21.65
N VAL J 37 -16.39 23.47 21.25
CA VAL J 37 -17.59 23.38 22.07
C VAL J 37 -17.21 22.74 23.38
N SER J 38 -16.26 21.83 23.36
CA SER J 38 -15.84 21.19 24.60
C SER J 38 -15.21 22.23 25.50
N ASP J 39 -14.57 23.22 24.90
CA ASP J 39 -13.95 24.25 25.71
C ASP J 39 -15.02 25.08 26.39
N LEU J 40 -16.08 25.43 25.64
CA LEU J 40 -17.16 26.28 26.15
C LEU J 40 -17.60 25.96 27.57
N VAL J 41 -18.01 24.74 27.81
CA VAL J 41 -18.43 24.35 29.15
C VAL J 41 -17.18 24.36 30.01
N ALA J 42 -16.08 23.86 29.46
CA ALA J 42 -14.85 23.81 30.24
C ALA J 42 -14.35 25.20 30.57
N LEU J 43 -14.62 26.17 29.72
CA LEU J 43 -14.16 27.51 29.99
C LEU J 43 -15.02 28.12 31.08
N GLU J 44 -16.31 28.26 30.82
CA GLU J 44 -17.22 28.85 31.80
C GLU J 44 -17.22 28.08 33.10
N GLY J 45 -17.21 26.75 33.01
CA GLY J 45 -17.21 25.96 34.22
C GLY J 45 -15.94 26.20 35.02
N ALA J 46 -14.83 26.37 34.32
CA ALA J 46 -13.59 26.63 35.01
C ALA J 46 -13.57 28.05 35.58
N LEU J 47 -14.14 29.00 34.84
CA LEU J 47 -14.18 30.36 35.32
C LEU J 47 -15.03 30.46 36.57
N ASP J 48 -16.10 29.66 36.61
CA ASP J 48 -17.01 29.68 37.76
C ASP J 48 -16.26 29.36 39.03
N MET J 49 -15.22 28.54 38.94
CA MET J 49 -14.44 28.21 40.12
C MET J 49 -13.78 29.48 40.63
N TYR J 50 -13.21 30.26 39.71
CA TYR J 50 -12.58 31.50 40.14
C TYR J 50 -13.65 32.47 40.58
N LYS J 51 -14.85 32.36 40.01
CA LYS J 51 -15.94 33.23 40.42
C LYS J 51 -16.37 32.87 41.82
N LEU J 52 -15.93 31.73 42.35
CA LEU J 52 -16.29 31.30 43.69
C LEU J 52 -15.30 31.82 44.73
N ASP J 53 -14.03 31.50 44.56
CA ASP J 53 -13.04 31.94 45.55
C ASP J 53 -12.91 33.45 45.64
N ASN J 54 -12.62 34.09 44.52
CA ASN J 54 -12.49 35.53 44.53
C ASN J 54 -13.89 36.14 44.36
N SER J 55 -14.94 35.32 44.30
CA SER J 55 -16.31 35.80 44.17
C SER J 55 -16.53 36.63 42.91
N ARG J 56 -15.68 36.47 41.91
CA ARG J 56 -15.81 37.22 40.66
C ARG J 56 -14.91 36.67 39.58
N TYR J 57 -15.05 37.20 38.39
CA TYR J 57 -14.31 36.80 37.22
C TYR J 57 -13.16 37.73 36.85
N PRO J 58 -12.15 37.23 36.13
CA PRO J 58 -11.04 38.09 35.72
C PRO J 58 -11.40 39.09 34.63
N THR J 59 -10.61 40.14 34.59
CA THR J 59 -10.74 41.22 33.63
C THR J 59 -10.26 40.83 32.23
N THR J 60 -10.75 41.56 31.22
CA THR J 60 -10.34 41.35 29.83
C THR J 60 -8.82 41.34 29.71
N GLU J 61 -8.16 42.45 30.05
CA GLU J 61 -6.72 42.48 29.94
C GLU J 61 -6.10 41.46 30.88
N GLN J 62 -6.78 41.13 31.96
CA GLN J 62 -6.29 40.11 32.87
C GLN J 62 -6.30 38.77 32.13
N GLY J 63 -7.21 38.62 31.15
CA GLY J 63 -7.32 37.44 30.32
C GLY J 63 -7.50 36.12 31.05
N LEU J 64 -7.66 35.05 30.26
CA LEU J 64 -7.84 33.72 30.84
C LEU J 64 -6.56 33.24 31.50
N GLN J 65 -5.44 33.92 31.23
CA GLN J 65 -4.17 33.54 31.81
C GLN J 65 -4.28 33.61 33.33
N ALA J 66 -5.18 34.44 33.84
CA ALA J 66 -5.41 34.49 35.26
C ALA J 66 -5.91 33.17 35.78
N LEU J 67 -6.60 32.43 34.93
CA LEU J 67 -7.07 31.14 35.35
C LEU J 67 -5.84 30.25 35.28
N VAL J 68 -4.86 30.59 34.46
CA VAL J 68 -3.64 29.79 34.38
C VAL J 68 -2.70 30.13 35.52
N SER J 69 -2.52 31.43 35.82
CA SER J 69 -1.61 31.89 36.86
C SER J 69 -2.27 32.98 37.70
N ALA J 70 -1.69 33.28 38.85
CA ALA J 70 -2.30 34.23 39.76
C ALA J 70 -2.56 35.56 39.06
N PRO J 71 -3.72 36.20 39.28
CA PRO J 71 -3.96 37.44 38.56
C PRO J 71 -3.13 38.61 39.04
N SER J 72 -2.06 38.88 38.30
CA SER J 72 -1.18 39.98 38.65
C SER J 72 -1.91 41.31 38.57
N ALA J 73 -2.66 41.54 37.49
CA ALA J 73 -3.38 42.79 37.41
C ALA J 73 -4.52 42.69 38.44
N GLU J 74 -4.67 43.74 39.19
CA GLU J 74 -5.70 43.76 40.20
C GLU J 74 -7.09 43.81 39.58
N PRO J 75 -8.16 43.39 40.30
CA PRO J 75 -8.21 42.85 41.66
C PRO J 75 -7.51 41.52 41.88
N HIS J 76 -6.95 41.38 43.07
CA HIS J 76 -6.24 40.18 43.49
C HIS J 76 -7.23 39.10 43.93
N ALA J 77 -6.82 37.84 43.83
CA ALA J 77 -7.63 36.69 44.19
C ALA J 77 -7.23 36.07 45.51
N ARG J 78 -8.24 35.53 46.20
CA ARG J 78 -8.06 34.87 47.48
C ARG J 78 -8.08 33.36 47.30
N ASN J 79 -7.20 32.68 48.03
CA ASN J 79 -7.10 31.22 47.99
C ASN J 79 -6.96 30.72 46.56
N TYR J 80 -6.19 31.44 45.78
CA TYR J 80 -5.97 31.03 44.40
C TYR J 80 -5.26 29.70 44.46
N PRO J 81 -5.80 28.64 43.86
CA PRO J 81 -5.13 27.33 43.97
C PRO J 81 -3.87 27.27 43.12
N GLU J 82 -3.20 26.14 43.27
CA GLU J 82 -1.98 25.88 42.55
C GLU J 82 -2.27 25.95 41.06
N GLY J 83 -1.46 26.72 40.35
CA GLY J 83 -1.59 26.86 38.91
C GLY J 83 -2.97 27.31 38.46
N GLY J 84 -3.75 27.91 39.34
CA GLY J 84 -5.06 28.32 38.94
C GLY J 84 -5.91 27.11 38.70
N TYR J 85 -7.02 27.33 37.98
CA TYR J 85 -8.01 26.28 37.72
C TYR J 85 -7.80 25.52 36.43
N ILE J 86 -6.57 25.49 35.95
CA ILE J 86 -6.29 24.76 34.72
C ILE J 86 -4.85 24.36 34.66
N ARG J 87 -4.59 23.31 33.91
CA ARG J 87 -3.23 22.90 33.71
C ARG J 87 -2.56 23.92 32.81
N ARG J 88 -3.01 24.00 31.56
CA ARG J 88 -2.46 24.90 30.56
C ARG J 88 -3.58 25.58 29.79
N LEU J 89 -3.23 26.61 29.02
CA LEU J 89 -4.20 27.35 28.24
C LEU J 89 -4.50 26.70 26.90
N PRO J 90 -5.75 26.40 26.58
CA PRO J 90 -6.03 25.83 25.26
C PRO J 90 -5.82 26.90 24.19
N GLN J 91 -4.91 26.63 23.28
CA GLN J 91 -4.58 27.53 22.18
C GLN J 91 -5.42 27.12 21.00
N ASP J 92 -6.18 28.07 20.47
CA ASP J 92 -7.02 27.80 19.32
C ASP J 92 -6.04 27.62 18.17
N PRO J 93 -6.07 26.50 17.44
CA PRO J 93 -5.10 26.29 16.38
C PRO J 93 -5.35 27.05 15.10
N TRP J 94 -5.50 28.36 15.21
CA TRP J 94 -5.64 29.24 14.06
C TRP J 94 -5.01 30.57 14.47
N GLY J 95 -4.03 30.56 15.36
CA GLY J 95 -3.37 31.77 15.78
C GLY J 95 -4.14 32.64 16.75
N SER J 96 -4.93 32.04 17.64
CA SER J 96 -5.69 32.83 18.60
C SER J 96 -5.96 32.11 19.89
N ASP J 97 -6.13 32.90 20.93
CA ASP J 97 -6.46 32.38 22.24
C ASP J 97 -7.96 32.63 22.41
N TYR J 98 -8.47 32.31 23.57
CA TYR J 98 -9.89 32.48 23.87
C TYR J 98 -10.07 33.79 24.62
N GLN J 99 -10.34 34.85 23.86
CA GLN J 99 -10.49 36.18 24.46
C GLN J 99 -11.77 36.31 25.26
N LEU J 100 -11.64 36.50 26.56
CA LEU J 100 -12.79 36.67 27.44
C LEU J 100 -13.24 38.12 27.36
N LEU J 101 -14.43 38.37 27.89
CA LEU J 101 -15.00 39.71 27.94
C LEU J 101 -15.38 40.05 29.38
N SER J 102 -15.02 41.26 29.79
CA SER J 102 -15.29 41.75 31.14
C SER J 102 -16.05 43.06 31.11
N PRO J 103 -17.37 43.04 31.34
CA PRO J 103 -18.35 41.99 31.57
C PRO J 103 -18.96 41.45 30.30
N GLY J 104 -19.45 40.22 30.36
CA GLY J 104 -20.09 39.62 29.22
C GLY J 104 -21.44 40.25 28.94
N GLN J 105 -21.81 40.28 27.67
CA GLN J 105 -23.10 40.81 27.26
C GLN J 105 -24.18 39.75 27.35
N CYS J 106 -23.82 38.48 27.21
CA CYS J 106 -24.79 37.38 27.32
C CYS J 106 -24.88 36.91 28.75
N GLY J 107 -24.21 37.58 29.68
CA GLY J 107 -24.26 37.19 31.06
C GLY J 107 -23.17 37.86 31.86
N GLN J 108 -22.47 37.08 32.67
CA GLN J 108 -21.40 37.65 33.48
C GLN J 108 -20.12 37.82 32.67
N VAL J 109 -19.82 36.88 31.78
CA VAL J 109 -18.61 36.90 30.99
C VAL J 109 -18.86 36.39 29.58
N ASP J 110 -18.11 36.93 28.61
CA ASP J 110 -18.18 36.46 27.25
C ASP J 110 -16.81 36.17 26.69
N ILE J 111 -16.71 35.08 25.92
CA ILE J 111 -15.47 34.62 25.34
C ILE J 111 -15.57 34.62 23.82
N PHE J 112 -14.45 34.93 23.17
CA PHE J 112 -14.38 34.98 21.73
C PHE J 112 -13.03 34.55 21.17
N SER J 113 -13.02 34.24 19.87
CA SER J 113 -11.82 33.81 19.16
C SER J 113 -11.95 33.98 17.66
N LEU J 114 -10.80 33.92 16.98
CA LEU J 114 -10.81 34.05 15.53
C LEU J 114 -11.56 32.87 14.93
N GLY J 115 -11.16 31.67 15.28
CA GLY J 115 -11.78 30.47 14.79
C GLY J 115 -11.17 30.03 13.48
N PRO J 116 -11.79 29.02 12.86
CA PRO J 116 -11.25 28.50 11.60
C PRO J 116 -11.13 29.54 10.52
N ASP J 117 -12.02 30.53 10.49
CA ASP J 117 -11.90 31.56 9.48
C ASP J 117 -10.65 32.37 9.74
N GLY J 118 -10.17 32.41 11.00
CA GLY J 118 -9.01 33.20 11.30
C GLY J 118 -9.29 34.68 11.32
N VAL J 119 -10.57 35.05 11.35
CA VAL J 119 -10.98 36.45 11.33
C VAL J 119 -11.55 36.82 12.69
N PRO J 120 -11.31 38.03 13.20
CA PRO J 120 -11.87 38.41 14.50
C PRO J 120 -13.28 38.94 14.36
N GLU J 121 -14.21 38.30 15.06
CA GLU J 121 -15.61 38.72 15.11
C GLU J 121 -16.29 38.87 13.76
N SER J 122 -16.24 37.81 12.93
CA SER J 122 -16.87 37.82 11.63
C SER J 122 -17.94 36.73 11.56
N ASN J 123 -17.51 35.49 11.55
CA ASN J 123 -18.41 34.35 11.48
C ASN J 123 -18.03 33.32 12.51
N ASP J 124 -16.74 33.06 12.69
CA ASP J 124 -16.26 32.08 13.65
C ASP J 124 -15.87 32.76 14.93
N ASP J 125 -16.78 33.59 15.45
CA ASP J 125 -16.60 34.32 16.69
C ASP J 125 -17.03 33.50 17.87
N ILE J 126 -17.09 32.18 17.73
CA ILE J 126 -17.53 31.35 18.85
C ILE J 126 -16.55 31.44 20.01
N GLY J 127 -17.01 31.03 21.18
CA GLY J 127 -16.29 31.08 22.42
C GLY J 127 -17.28 31.14 23.57
N ASN J 128 -18.51 31.55 23.28
CA ASN J 128 -19.60 31.59 24.23
C ASN J 128 -20.87 31.70 23.37
N CYS J 129 -21.93 32.33 23.90
CA CYS J 129 -23.23 32.50 23.26
C CYS J 129 -23.16 32.83 21.77
N THR J 130 -22.45 33.88 21.44
CA THR J 130 -22.31 34.33 20.05
C THR J 130 -20.84 34.22 19.64
N THR K 2 12.19 -11.02 -29.63
CA THR K 2 13.44 -10.62 -29.15
C THR K 2 13.49 -9.10 -29.09
N LEU K 3 12.85 -8.43 -30.05
CA LEU K 3 12.85 -6.97 -30.07
C LEU K 3 11.49 -6.47 -29.61
N LEU K 4 10.42 -6.87 -30.29
CA LEU K 4 9.09 -6.42 -29.88
C LEU K 4 8.76 -6.94 -28.50
N GLU K 5 9.18 -8.16 -28.20
CA GLU K 5 8.96 -8.78 -26.91
C GLU K 5 9.76 -8.07 -25.83
N ILE K 6 10.79 -7.34 -26.24
CA ILE K 6 11.67 -6.62 -25.33
C ILE K 6 11.54 -5.12 -25.45
N MET K 7 11.98 -4.56 -26.59
CA MET K 7 11.99 -3.12 -26.77
C MET K 7 10.69 -2.42 -26.43
N VAL K 8 9.58 -3.03 -26.77
CA VAL K 8 8.30 -2.42 -26.45
C VAL K 8 8.16 -2.41 -24.95
N VAL K 9 8.65 -3.46 -24.29
CA VAL K 9 8.50 -3.54 -22.85
C VAL K 9 9.47 -2.67 -22.11
N ILE K 10 10.66 -2.47 -22.65
CA ILE K 10 11.65 -1.64 -21.98
C ILE K 10 11.02 -0.27 -21.80
N VAL K 11 10.30 0.18 -22.81
CA VAL K 11 9.66 1.48 -22.72
C VAL K 11 8.59 1.40 -21.66
N ILE K 12 7.70 0.42 -21.78
CA ILE K 12 6.59 0.28 -20.83
C ILE K 12 7.13 0.19 -19.41
N LEU K 13 8.29 -0.40 -19.24
CA LEU K 13 8.86 -0.51 -17.91
C LEU K 13 9.15 0.90 -17.41
N GLY K 14 10.02 1.62 -18.11
CA GLY K 14 10.38 2.94 -17.66
C GLY K 14 9.21 3.90 -17.65
N VAL K 15 8.31 3.78 -18.63
CA VAL K 15 7.15 4.66 -18.66
C VAL K 15 6.33 4.39 -17.42
N LEU K 16 6.27 3.13 -16.99
CA LEU K 16 5.48 2.83 -15.80
C LEU K 16 6.24 3.31 -14.58
N ALA K 17 7.43 2.78 -14.35
CA ALA K 17 8.21 3.12 -13.18
C ALA K 17 8.48 4.61 -13.05
N SER K 18 8.46 5.35 -14.15
CA SER K 18 8.76 6.77 -14.05
C SER K 18 7.67 7.60 -13.40
N LEU K 19 6.43 7.40 -13.83
CA LEU K 19 5.31 8.19 -13.32
C LEU K 19 4.52 7.49 -12.22
N VAL K 20 5.22 6.79 -11.33
CA VAL K 20 4.59 6.16 -10.19
C VAL K 20 5.36 6.69 -8.98
N VAL K 21 4.85 7.75 -8.39
CA VAL K 21 5.48 8.36 -7.22
C VAL K 21 4.45 8.29 -6.09
N PRO K 22 4.52 7.30 -5.22
CA PRO K 22 3.52 7.16 -4.16
C PRO K 22 3.47 8.23 -3.08
N ASN K 23 4.55 8.43 -2.34
CA ASN K 23 4.53 9.41 -1.25
C ASN K 23 5.91 9.77 -0.71
N LEU K 24 5.90 10.47 0.43
CA LEU K 24 7.06 10.92 1.15
C LEU K 24 7.57 9.93 2.19
N MET K 25 8.60 10.34 2.91
CA MET K 25 9.21 9.60 3.99
C MET K 25 9.32 10.59 5.14
N GLY K 26 8.95 10.16 6.33
CA GLY K 26 8.99 11.00 7.52
C GLY K 26 7.64 11.28 8.12
N ASN K 27 6.56 10.83 7.51
CA ASN K 27 5.24 11.06 8.07
C ASN K 27 5.10 10.40 9.42
N LYS K 28 5.81 9.28 9.61
CA LYS K 28 5.75 8.58 10.89
C LYS K 28 6.33 9.45 11.99
N GLU K 29 7.34 10.26 11.65
CA GLU K 29 7.95 11.11 12.67
C GLU K 29 6.92 12.08 13.22
N LYS K 30 6.01 12.55 12.35
CA LYS K 30 5.00 13.46 12.84
C LYS K 30 4.08 12.69 13.76
N ALA K 31 3.85 11.42 13.47
CA ALA K 31 2.98 10.61 14.29
C ALA K 31 3.56 10.35 15.67
N ASP K 32 4.89 10.37 15.78
CA ASP K 32 5.50 10.14 17.06
C ASP K 32 5.09 11.20 18.06
N ARG K 33 4.81 12.41 17.58
CA ARG K 33 4.41 13.47 18.47
C ARG K 33 3.09 13.16 19.17
N GLN K 34 2.02 13.00 18.38
CA GLN K 34 0.70 12.75 18.96
C GLN K 34 0.71 11.49 19.78
N LYS K 35 1.58 10.55 19.45
CA LYS K 35 1.68 9.33 20.22
C LYS K 35 2.14 9.67 21.62
N VAL K 36 3.01 10.67 21.73
CA VAL K 36 3.51 11.09 23.03
C VAL K 36 2.55 12.11 23.60
N VAL K 37 1.99 12.96 22.75
CA VAL K 37 1.06 13.95 23.27
C VAL K 37 -0.15 13.22 23.81
N SER K 38 -0.52 12.10 23.21
CA SER K 38 -1.65 11.34 23.70
C SER K 38 -1.33 10.81 25.08
N ASP K 39 -0.06 10.51 25.31
CA ASP K 39 0.32 10.01 26.61
C ASP K 39 0.15 11.09 27.66
N LEU K 40 0.60 12.32 27.33
CA LEU K 40 0.55 13.46 28.25
C LEU K 40 -0.72 13.55 29.08
N VAL K 41 -1.86 13.64 28.41
CA VAL K 41 -3.11 13.72 29.14
C VAL K 41 -3.32 12.37 29.80
N ALA K 42 -3.01 11.30 29.08
CA ALA K 42 -3.20 9.97 29.64
C ALA K 42 -2.30 9.74 30.83
N LEU K 43 -1.14 10.36 30.86
CA LEU K 43 -0.24 10.17 31.97
C LEU K 43 -0.77 10.93 33.17
N GLU K 44 -0.86 12.26 33.04
CA GLU K 44 -1.34 13.08 34.15
C GLU K 44 -2.73 12.69 34.58
N GLY K 45 -3.61 12.40 33.62
CA GLY K 45 -4.96 12.01 33.98
C GLY K 45 -4.95 10.70 34.75
N ALA K 46 -4.07 9.80 34.37
CA ALA K 46 -3.98 8.54 35.08
C ALA K 46 -3.36 8.74 36.46
N LEU K 47 -2.36 9.62 36.55
CA LEU K 47 -1.73 9.86 37.83
C LEU K 47 -2.72 10.49 38.79
N ASP K 48 -3.61 11.33 38.26
CA ASP K 48 -4.59 12.00 39.10
C ASP K 48 -5.44 10.99 39.84
N MET K 49 -5.66 9.84 39.23
CA MET K 49 -6.44 8.81 39.90
C MET K 49 -5.70 8.36 41.14
N TYR K 50 -4.39 8.14 41.01
CA TYR K 50 -3.62 7.74 42.17
C TYR K 50 -3.53 8.89 43.13
N LYS K 51 -3.57 10.12 42.62
CA LYS K 51 -3.53 11.28 43.48
C LYS K 51 -4.82 11.39 44.27
N LEU K 52 -5.84 10.61 43.89
CA LEU K 52 -7.13 10.63 44.59
C LEU K 52 -7.15 9.61 45.72
N ASP K 53 -6.92 8.34 45.41
CA ASP K 53 -6.97 7.31 46.45
C ASP K 53 -5.94 7.51 47.53
N ASN K 54 -4.67 7.56 47.15
CA ASN K 54 -3.62 7.76 48.14
C ASN K 54 -3.48 9.26 48.40
N SER K 55 -4.30 10.10 47.78
CA SER K 55 -4.27 11.53 47.98
C SER K 55 -2.93 12.16 47.60
N ARG K 56 -2.15 11.48 46.78
CA ARG K 56 -0.85 12.00 46.37
C ARG K 56 -0.27 11.20 45.21
N TYR K 57 0.83 11.66 44.69
CA TYR K 57 1.53 11.08 43.57
C TYR K 57 2.75 10.23 43.95
N PRO K 58 3.15 9.28 43.11
CA PRO K 58 4.33 8.47 43.40
C PRO K 58 5.64 9.23 43.27
N THR K 59 6.63 8.72 43.96
CA THR K 59 7.98 9.24 43.98
C THR K 59 8.76 8.94 42.70
N THR K 60 9.79 9.75 42.44
CA THR K 60 10.67 9.56 41.28
C THR K 60 11.17 8.13 41.21
N GLU K 61 11.90 7.67 42.22
CA GLU K 61 12.41 6.31 42.20
C GLU K 61 11.24 5.33 42.20
N GLN K 62 10.12 5.71 42.77
CA GLN K 62 8.94 4.87 42.75
C GLN K 62 8.49 4.72 41.31
N GLY K 63 8.76 5.72 40.47
CA GLY K 63 8.44 5.71 39.06
C GLY K 63 6.99 5.48 38.69
N LEU K 64 6.70 5.54 37.39
CA LEU K 64 5.35 5.31 36.91
C LEU K 64 4.93 3.86 37.10
N GLN K 65 5.90 2.98 37.38
CA GLN K 65 5.61 1.57 37.58
C GLN K 65 4.63 1.43 38.74
N ALA K 66 4.64 2.39 39.65
CA ALA K 66 3.68 2.37 40.73
C ALA K 66 2.27 2.47 40.21
N LEU K 67 2.11 3.12 39.08
CA LEU K 67 0.79 3.22 38.50
C LEU K 67 0.56 1.84 37.88
N VAL K 68 1.61 1.12 37.51
CA VAL K 68 1.45 -0.21 36.94
C VAL K 68 1.21 -1.24 38.04
N SER K 69 1.97 -1.17 39.13
CA SER K 69 1.86 -2.13 40.22
C SER K 69 1.91 -1.41 41.57
N ALA K 70 1.53 -2.10 42.63
CA ALA K 70 1.43 -1.47 43.94
C ALA K 70 2.75 -0.80 44.31
N PRO K 71 2.73 0.41 44.88
CA PRO K 71 4.00 1.03 45.19
C PRO K 71 4.75 0.42 46.34
N SER K 72 5.73 -0.42 46.00
CA SER K 72 6.51 -1.09 47.02
C SER K 72 7.30 -0.07 47.85
N ALA K 73 7.95 0.88 47.19
CA ALA K 73 8.68 1.86 47.97
C ALA K 73 7.62 2.74 48.63
N GLU K 74 7.83 2.99 49.89
CA GLU K 74 6.89 3.81 50.63
C GLU K 74 6.95 5.26 50.18
N PRO K 75 5.89 6.06 50.42
CA PRO K 75 4.59 5.76 51.04
C PRO K 75 3.71 4.75 50.32
N HIS K 76 3.00 3.98 51.12
CA HIS K 76 2.08 2.97 50.62
C HIS K 76 0.75 3.60 50.20
N ALA K 77 0.05 2.94 49.28
CA ALA K 77 -1.22 3.40 48.75
C ALA K 77 -2.42 2.65 49.32
N ARG K 78 -3.53 3.37 49.45
CA ARG K 78 -4.78 2.83 49.94
C ARG K 78 -5.73 2.57 48.79
N ASN K 79 -6.44 1.44 48.88
CA ASN K 79 -7.40 1.04 47.87
C ASN K 79 -6.79 1.03 46.48
N TYR K 80 -5.55 0.59 46.40
CA TYR K 80 -4.89 0.54 45.12
C TYR K 80 -5.67 -0.45 44.27
N PRO K 81 -6.16 -0.06 43.10
CA PRO K 81 -6.95 -1.01 42.32
C PRO K 81 -6.10 -2.08 41.67
N GLU K 82 -6.82 -2.99 41.03
CA GLU K 82 -6.17 -4.09 40.35
C GLU K 82 -5.24 -3.55 39.29
N GLY K 83 -4.00 -4.02 39.31
CA GLY K 83 -3.00 -3.61 38.34
C GLY K 83 -2.78 -2.12 38.28
N GLY K 84 -3.16 -1.39 39.32
CA GLY K 84 -2.96 0.02 39.28
C GLY K 84 -3.90 0.63 38.27
N TYR K 85 -3.60 1.86 37.87
CA TYR K 85 -4.43 2.63 36.95
C TYR K 85 -4.06 2.49 35.49
N ILE K 86 -3.43 1.38 35.14
CA ILE K 86 -3.06 1.19 33.74
C ILE K 86 -2.90 -0.28 33.45
N ARG K 87 -3.08 -0.63 32.20
CA ARG K 87 -2.86 -1.99 31.80
C ARG K 87 -1.36 -2.25 31.83
N ARG K 88 -0.61 -1.57 30.96
CA ARG K 88 0.83 -1.73 30.84
C ARG K 88 1.49 -0.37 30.71
N LEU K 89 2.82 -0.35 30.85
CA LEU K 89 3.57 0.89 30.76
C LEU K 89 3.91 1.26 29.32
N PRO K 90 3.56 2.46 28.86
CA PRO K 90 3.94 2.83 27.50
C PRO K 90 5.45 3.05 27.44
N GLN K 91 6.12 2.27 26.61
CA GLN K 91 7.55 2.35 26.40
C GLN K 91 7.80 3.28 25.25
N ASP K 92 8.59 4.31 25.48
CA ASP K 92 8.92 5.26 24.44
C ASP K 92 9.83 4.49 23.48
N PRO K 93 9.50 4.40 22.19
CA PRO K 93 10.33 3.61 21.29
C PRO K 93 11.62 4.25 20.85
N TRP K 94 12.43 4.65 21.82
CA TRP K 94 13.76 5.18 21.56
C TRP K 94 14.60 4.80 22.77
N GLY K 95 14.28 3.69 23.44
CA GLY K 95 15.06 3.26 24.58
C GLY K 95 14.81 4.01 25.87
N SER K 96 13.58 4.48 26.10
CA SER K 96 13.31 5.21 27.33
C SER K 96 11.88 5.08 27.80
N ASP K 97 11.71 5.24 29.09
CA ASP K 97 10.39 5.21 29.69
C ASP K 97 10.04 6.67 29.96
N TYR K 98 8.91 6.89 30.59
CA TYR K 98 8.44 8.24 30.90
C TYR K 98 8.83 8.57 32.33
N GLN K 99 10.00 9.18 32.49
CA GLN K 99 10.49 9.52 33.83
C GLN K 99 9.70 10.64 34.47
N LEU K 100 9.02 10.32 35.57
CA LEU K 100 8.26 11.31 36.31
C LEU K 100 9.19 12.07 37.22
N LEU K 101 8.69 13.17 37.76
CA LEU K 101 9.44 14.00 38.69
C LEU K 101 8.63 14.19 39.97
N SER K 102 9.31 14.04 41.10
CA SER K 102 8.71 14.16 42.42
C SER K 102 9.43 15.19 43.27
N PRO K 103 8.91 16.42 43.40
CA PRO K 103 7.73 17.08 42.84
C PRO K 103 8.01 17.77 41.52
N GLY K 104 6.96 17.96 40.73
CA GLY K 104 7.11 18.64 39.48
C GLY K 104 7.35 20.12 39.67
N GLN K 105 8.10 20.71 38.75
CA GLN K 105 8.39 22.13 38.79
C GLN K 105 7.29 22.93 38.11
N CYS K 106 6.58 22.33 37.16
CA CYS K 106 5.47 22.99 36.48
C CYS K 106 4.17 22.73 37.21
N GLY K 107 4.23 22.08 38.36
CA GLY K 107 3.03 21.80 39.11
C GLY K 107 3.28 20.74 40.17
N GLN K 108 2.41 19.76 40.26
CA GLN K 108 2.57 18.72 41.26
C GLN K 108 3.59 17.67 40.80
N VAL K 109 3.59 17.33 39.52
CA VAL K 109 4.46 16.31 38.97
C VAL K 109 4.95 16.69 37.58
N ASP K 110 6.17 16.27 37.25
CA ASP K 110 6.72 16.47 35.93
C ASP K 110 7.26 15.18 35.34
N ILE K 111 7.02 15.00 34.04
CA ILE K 111 7.43 13.80 33.32
C ILE K 111 8.39 14.16 32.20
N PHE K 112 9.35 13.27 31.95
CA PHE K 112 10.35 13.47 30.93
C PHE K 112 10.78 12.19 30.25
N SER K 113 11.42 12.33 29.08
CA SER K 113 11.91 11.21 28.29
C SER K 113 12.98 11.64 27.30
N LEU K 114 13.70 10.64 26.78
CA LEU K 114 14.73 10.94 25.79
C LEU K 114 14.08 11.50 24.55
N GLY K 115 13.12 10.79 24.01
CA GLY K 115 12.43 11.21 22.82
C GLY K 115 13.14 10.76 21.56
N PRO K 116 12.67 11.24 20.42
CA PRO K 116 13.27 10.84 19.14
C PRO K 116 14.74 11.13 19.05
N ASP K 117 15.21 12.21 19.68
CA ASP K 117 16.62 12.50 19.63
C ASP K 117 17.38 11.43 20.41
N GLY K 118 16.72 10.76 21.37
CA GLY K 118 17.40 9.77 22.14
C GLY K 118 18.35 10.36 23.15
N VAL K 119 18.24 11.66 23.40
CA VAL K 119 19.12 12.36 24.33
C VAL K 119 18.33 12.76 25.56
N PRO K 120 18.92 12.70 26.76
CA PRO K 120 18.18 13.09 27.96
C PRO K 120 18.25 14.59 28.20
N GLU K 121 17.08 15.21 28.26
CA GLU K 121 16.94 16.63 28.55
C GLU K 121 17.74 17.56 27.65
N SER K 122 17.56 17.42 26.33
CA SER K 122 18.23 18.26 25.36
C SER K 122 17.22 19.06 24.55
N ASN K 123 16.47 18.38 23.71
CA ASN K 123 15.46 19.00 22.87
C ASN K 123 14.15 18.24 22.94
N ASP K 124 14.23 16.91 22.93
CA ASP K 124 13.05 16.06 22.98
C ASP K 124 12.80 15.62 24.39
N ASP K 125 12.79 16.56 25.32
CA ASP K 125 12.55 16.34 26.73
C ASP K 125 11.07 16.38 27.03
N ILE K 126 10.21 16.15 26.04
CA ILE K 126 8.79 16.20 26.29
C ILE K 126 8.37 15.08 27.23
N GLY K 127 7.18 15.23 27.78
CA GLY K 127 6.61 14.32 28.76
C GLY K 127 5.62 15.09 29.63
N ASN K 128 5.75 16.41 29.67
CA ASN K 128 4.86 17.29 30.38
C ASN K 128 5.14 18.69 29.79
N CYS K 129 4.94 19.75 30.59
CA CYS K 129 5.11 21.15 30.21
C CYS K 129 6.33 21.42 29.34
N THR K 130 7.50 21.02 29.82
CA THR K 130 8.75 21.23 29.10
C THR K 130 9.36 19.87 28.75
N THR L 2 18.94 -13.04 -37.51
CA THR L 2 19.27 -14.24 -36.85
C THR L 2 20.32 -13.96 -35.78
N LEU L 3 21.24 -13.03 -36.05
CA LEU L 3 22.28 -12.70 -35.07
C LEU L 3 21.94 -11.38 -34.42
N LEU L 4 21.81 -10.31 -35.22
CA LEU L 4 21.48 -9.01 -34.64
C LEU L 4 20.12 -9.06 -33.98
N GLU L 5 19.19 -9.78 -34.58
CA GLU L 5 17.85 -9.93 -34.04
C GLU L 5 17.88 -10.72 -32.76
N ILE L 6 18.94 -11.50 -32.54
CA ILE L 6 19.09 -12.34 -31.37
C ILE L 6 20.20 -11.86 -30.45
N MET L 7 21.45 -11.97 -30.90
CA MET L 7 22.60 -11.62 -30.06
C MET L 7 22.50 -10.29 -29.36
N VAL L 8 21.97 -9.28 -30.05
CA VAL L 8 21.83 -7.98 -29.43
C VAL L 8 20.83 -8.12 -28.31
N VAL L 9 19.79 -8.92 -28.52
CA VAL L 9 18.75 -9.06 -27.52
C VAL L 9 19.16 -9.93 -26.37
N ILE L 10 19.99 -10.93 -26.61
CA ILE L 10 20.41 -11.82 -25.54
C ILE L 10 21.08 -10.95 -24.49
N VAL L 11 21.86 -9.97 -24.94
CA VAL L 11 22.53 -9.09 -24.01
C VAL L 11 21.48 -8.26 -23.31
N ILE L 12 20.62 -7.61 -24.07
CA ILE L 12 19.59 -6.75 -23.49
C ILE L 12 18.75 -7.53 -22.50
N LEU L 13 18.55 -8.81 -22.75
CA LEU L 13 17.77 -9.61 -21.82
C LEU L 13 18.52 -9.67 -20.50
N GLY L 14 19.71 -10.22 -20.52
CA GLY L 14 20.46 -10.36 -19.28
C GLY L 14 20.79 -9.02 -18.65
N VAL L 15 21.10 -8.02 -19.47
CA VAL L 15 21.42 -6.71 -18.92
C VAL L 15 20.18 -6.19 -18.21
N LEU L 16 19.01 -6.50 -18.73
CA LEU L 16 17.79 -6.01 -18.08
C LEU L 16 17.55 -6.85 -16.84
N ALA L 17 17.36 -8.14 -17.01
CA ALA L 17 17.04 -9.02 -15.90
C ALA L 17 18.09 -8.99 -14.79
N SER L 18 19.32 -8.61 -15.10
CA SER L 18 20.34 -8.60 -14.06
C SER L 18 20.19 -7.49 -13.04
N LEU L 19 19.97 -6.26 -13.51
CA LEU L 19 19.88 -5.11 -12.63
C LEU L 19 18.46 -4.70 -12.31
N VAL L 20 17.59 -5.67 -12.11
CA VAL L 20 16.23 -5.42 -11.71
C VAL L 20 16.01 -6.25 -10.44
N VAL L 21 16.24 -5.63 -9.30
CA VAL L 21 16.07 -6.31 -8.02
C VAL L 21 15.00 -5.53 -7.25
N PRO L 22 13.75 -5.97 -7.28
CA PRO L 22 12.69 -5.23 -6.61
C PRO L 22 12.72 -5.14 -5.10
N ASN L 23 12.68 -6.26 -4.40
CA ASN L 23 12.65 -6.23 -2.93
C ASN L 23 12.93 -7.56 -2.26
N LEU L 24 12.69 -7.60 -0.95
CA LEU L 24 12.86 -8.75 -0.09
C LEU L 24 11.62 -9.62 0.01
N MET L 25 11.73 -10.67 0.84
CA MET L 25 10.68 -11.60 1.15
C MET L 25 10.66 -11.68 2.67
N GLY L 26 9.47 -11.64 3.24
CA GLY L 26 9.31 -11.70 4.69
C GLY L 26 8.73 -10.45 5.30
N ASN L 27 8.50 -9.40 4.52
CA ASN L 27 7.94 -8.18 5.06
C ASN L 27 6.54 -8.44 5.61
N LYS L 28 5.83 -9.40 5.01
CA LYS L 28 4.49 -9.71 5.48
C LYS L 28 4.54 -10.28 6.88
N GLU L 29 5.62 -11.00 7.21
CA GLU L 29 5.73 -11.58 8.54
C GLU L 29 5.76 -10.48 9.58
N LYS L 30 6.39 -9.36 9.25
CA LYS L 30 6.44 -8.27 10.19
C LYS L 30 5.03 -7.72 10.34
N ALA L 31 4.27 -7.73 9.25
CA ALA L 31 2.91 -7.22 9.30
C ALA L 31 2.00 -8.07 10.15
N ASP L 32 2.31 -9.35 10.27
CA ASP L 32 1.48 -10.22 11.07
C ASP L 32 1.46 -9.76 12.51
N ARG L 33 2.54 -9.16 12.98
CA ARG L 33 2.61 -8.69 14.35
C ARG L 33 1.56 -7.61 14.62
N GLN L 34 1.66 -6.48 13.91
CA GLN L 34 0.74 -5.38 14.14
C GLN L 34 -0.69 -5.81 13.89
N LYS L 35 -0.89 -6.80 13.03
CA LYS L 35 -2.22 -7.29 12.78
C LYS L 35 -2.76 -7.91 14.05
N VAL L 36 -1.89 -8.54 14.82
CA VAL L 36 -2.30 -9.16 16.07
C VAL L 36 -2.23 -8.12 17.17
N VAL L 37 -1.23 -7.23 17.11
CA VAL L 37 -1.13 -6.22 18.14
C VAL L 37 -2.34 -5.33 18.02
N SER L 38 -2.83 -5.11 16.80
CA SER L 38 -4.00 -4.27 16.63
C SER L 38 -5.19 -4.94 17.30
N ASP L 39 -5.20 -6.26 17.29
CA ASP L 39 -6.30 -6.96 17.92
C ASP L 39 -6.26 -6.75 19.42
N LEU L 40 -5.06 -6.85 20.01
CA LEU L 40 -4.88 -6.72 21.46
C LEU L 40 -5.71 -5.62 22.11
N VAL L 41 -5.52 -4.40 21.66
CA VAL L 41 -6.30 -3.30 22.22
C VAL L 41 -7.73 -3.51 21.80
N ALA L 42 -7.94 -3.92 20.55
CA ALA L 42 -9.29 -4.13 20.06
C ALA L 42 -9.97 -5.25 20.79
N LEU L 43 -9.22 -6.24 21.26
CA LEU L 43 -9.84 -7.34 21.97
C LEU L 43 -10.23 -6.87 23.36
N GLU L 44 -9.24 -6.47 24.15
CA GLU L 44 -9.53 -6.03 25.51
C GLU L 44 -10.47 -4.85 25.55
N GLY L 45 -10.29 -3.90 24.62
CA GLY L 45 -11.18 -2.76 24.60
C GLY L 45 -12.60 -3.19 24.28
N ALA L 46 -12.74 -4.17 23.41
CA ALA L 46 -14.07 -4.65 23.08
C ALA L 46 -14.65 -5.45 24.24
N LEU L 47 -13.81 -6.23 24.93
CA LEU L 47 -14.30 -7.01 26.04
C LEU L 47 -14.76 -6.10 27.16
N ASP L 48 -14.07 -4.96 27.32
CA ASP L 48 -14.43 -4.02 28.37
C ASP L 48 -15.86 -3.56 28.22
N MET L 49 -16.34 -3.48 26.99
CA MET L 49 -17.72 -3.08 26.76
C MET L 49 -18.63 -4.11 27.39
N TYR L 50 -18.33 -5.39 27.18
CA TYR L 50 -19.16 -6.42 27.77
C TYR L 50 -18.95 -6.42 29.26
N LYS L 51 -17.75 -6.02 29.71
CA LYS L 51 -17.49 -5.97 31.14
C LYS L 51 -18.30 -4.84 31.76
N LEU L 52 -18.89 -3.96 30.95
CA LEU L 52 -19.68 -2.86 31.44
C LEU L 52 -21.14 -3.25 31.58
N ASP L 53 -21.77 -3.70 30.50
CA ASP L 53 -23.18 -4.05 30.57
C ASP L 53 -23.47 -5.20 31.52
N ASN L 54 -22.82 -6.34 31.30
CA ASN L 54 -23.04 -7.46 32.18
C ASN L 54 -22.11 -7.33 33.39
N SER L 55 -21.34 -6.24 33.49
CA SER L 55 -20.46 -5.99 34.60
C SER L 55 -19.40 -7.07 34.77
N ARG L 56 -19.11 -7.84 33.73
CA ARG L 56 -18.12 -8.89 33.80
C ARG L 56 -17.76 -9.42 32.42
N TYR L 57 -16.78 -10.28 32.37
CA TYR L 57 -16.28 -10.88 31.15
C TYR L 57 -16.78 -12.30 30.88
N PRO L 58 -16.78 -12.75 29.63
CA PRO L 58 -17.22 -14.12 29.33
C PRO L 58 -16.22 -15.18 29.77
N THR L 59 -16.76 -16.37 29.95
CA THR L 59 -16.03 -17.56 30.34
C THR L 59 -15.19 -18.13 29.21
N THR L 60 -14.15 -18.91 29.58
CA THR L 60 -13.29 -19.57 28.61
C THR L 60 -14.10 -20.36 27.60
N GLU L 61 -14.88 -21.35 28.06
CA GLU L 61 -15.68 -22.12 27.13
C GLU L 61 -16.71 -21.23 26.44
N GLN L 62 -17.12 -20.16 27.10
CA GLN L 62 -18.03 -19.21 26.50
C GLN L 62 -17.32 -18.55 25.32
N GLY L 63 -16.00 -18.45 25.38
CA GLY L 63 -15.17 -17.90 24.33
C GLY L 63 -15.50 -16.49 23.88
N LEU L 64 -14.69 -15.97 22.95
CA LEU L 64 -14.91 -14.63 22.43
C LEU L 64 -16.17 -14.59 21.58
N GLN L 65 -16.70 -15.76 21.20
CA GLN L 65 -17.90 -15.82 20.40
C GLN L 65 -19.04 -15.12 21.13
N ALA L 66 -18.96 -15.07 22.46
CA ALA L 66 -19.95 -14.36 23.22
C ALA L 66 -19.93 -12.88 22.88
N LEU L 67 -18.78 -12.39 22.48
CA LEU L 67 -18.70 -11.01 22.09
C LEU L 67 -19.33 -10.97 20.70
N VAL L 68 -19.31 -12.07 19.97
CA VAL L 68 -19.91 -12.11 18.64
C VAL L 68 -21.42 -12.29 18.74
N SER L 69 -21.87 -13.20 19.61
CA SER L 69 -23.29 -13.51 19.78
C SER L 69 -23.64 -13.62 21.25
N ALA L 70 -24.93 -13.60 21.56
CA ALA L 70 -25.37 -13.60 22.94
C ALA L 70 -24.77 -14.78 23.69
N PRO L 71 -24.30 -14.60 24.94
CA PRO L 71 -23.71 -15.74 25.61
C PRO L 71 -24.68 -16.80 26.06
N SER L 72 -24.78 -17.85 25.25
CA SER L 72 -25.69 -18.94 25.57
C SER L 72 -25.30 -19.61 26.88
N ALA L 73 -24.01 -19.92 27.05
CA ALA L 73 -23.62 -20.54 28.30
C ALA L 73 -23.74 -19.45 29.37
N GLU L 74 -24.32 -19.81 30.47
CA GLU L 74 -24.50 -18.87 31.55
C GLU L 74 -23.16 -18.52 32.20
N PRO L 75 -23.05 -17.37 32.89
CA PRO L 75 -24.04 -16.31 33.13
C PRO L 75 -24.52 -15.56 31.90
N HIS L 76 -25.79 -15.19 31.94
CA HIS L 76 -26.43 -14.43 30.88
C HIS L 76 -26.08 -12.94 30.97
N ALA L 77 -26.14 -12.25 29.84
CA ALA L 77 -25.83 -10.83 29.73
C ALA L 77 -27.06 -9.95 29.62
N ARG L 78 -26.94 -8.75 30.19
CA ARG L 78 -28.00 -7.76 30.16
C ARG L 78 -27.71 -6.71 29.11
N ASN L 79 -28.75 -6.29 28.41
CA ASN L 79 -28.65 -5.26 27.37
C ASN L 79 -27.57 -5.62 26.36
N TYR L 80 -27.49 -6.87 26.02
CA TYR L 80 -26.50 -7.31 25.06
C TYR L 80 -26.86 -6.63 23.75
N PRO L 81 -25.97 -5.85 23.14
CA PRO L 81 -26.34 -5.16 21.91
C PRO L 81 -26.43 -6.10 20.72
N GLU L 82 -26.87 -5.51 19.62
CA GLU L 82 -27.01 -6.24 18.38
C GLU L 82 -25.67 -6.83 17.99
N GLY L 83 -25.67 -8.13 17.71
CA GLY L 83 -24.46 -8.82 17.29
C GLY L 83 -23.31 -8.70 18.26
N GLY L 84 -23.59 -8.37 19.51
CA GLY L 84 -22.51 -8.23 20.44
C GLY L 84 -21.68 -7.02 20.09
N TYR L 85 -20.47 -6.98 20.63
CA TYR L 85 -19.58 -5.85 20.46
C TYR L 85 -18.62 -5.97 19.29
N ILE L 86 -18.98 -6.75 18.30
CA ILE L 86 -18.11 -6.90 17.16
C ILE L 86 -18.90 -7.33 15.95
N ARG L 87 -18.37 -7.01 14.78
CA ARG L 87 -19.01 -7.46 13.57
C ARG L 87 -18.80 -8.96 13.45
N ARG L 88 -17.55 -9.37 13.27
CA ARG L 88 -17.18 -10.77 13.11
C ARG L 88 -15.95 -11.09 13.95
N LEU L 89 -15.65 -12.38 14.09
CA LEU L 89 -14.51 -12.81 14.87
C LEU L 89 -13.22 -12.80 14.07
N PRO L 90 -12.17 -12.13 14.54
CA PRO L 90 -10.91 -12.17 13.79
C PRO L 90 -10.29 -13.55 13.92
N GLN L 91 -10.11 -14.22 12.80
CA GLN L 91 -9.51 -15.54 12.73
C GLN L 91 -8.04 -15.38 12.51
N ASP L 92 -7.24 -15.95 13.39
CA ASP L 92 -5.81 -15.87 13.27
C ASP L 92 -5.48 -16.75 12.06
N PRO L 93 -4.78 -16.23 11.05
CA PRO L 93 -4.52 -17.03 9.86
C PRO L 93 -3.42 -18.06 9.99
N TRP L 94 -3.54 -18.91 10.99
CA TRP L 94 -2.63 -20.03 11.19
C TRP L 94 -3.44 -21.13 11.84
N GLY L 95 -4.75 -21.19 11.58
CA GLY L 95 -5.59 -22.23 12.14
C GLY L 95 -5.97 -22.06 13.59
N SER L 96 -6.13 -20.82 14.06
CA SER L 96 -6.50 -20.61 15.45
C SER L 96 -7.29 -19.35 15.68
N ASP L 97 -8.08 -19.38 16.73
CA ASP L 97 -8.85 -18.23 17.14
C ASP L 97 -8.10 -17.62 18.31
N TYR L 98 -8.68 -16.59 18.91
CA TYR L 98 -8.06 -15.91 20.03
C TYR L 98 -8.65 -16.45 21.32
N GLN L 99 -8.00 -17.47 21.88
CA GLN L 99 -8.50 -18.10 23.10
C GLN L 99 -8.36 -17.22 24.31
N LEU L 100 -9.48 -16.82 24.89
CA LEU L 100 -9.49 -16.00 26.08
C LEU L 100 -9.28 -16.90 27.29
N LEU L 101 -9.00 -16.27 28.43
CA LEU L 101 -8.82 -16.97 29.68
C LEU L 101 -9.74 -16.39 30.74
N SER L 102 -10.40 -17.27 31.48
CA SER L 102 -11.34 -16.90 32.53
C SER L 102 -10.97 -17.52 33.87
N PRO L 103 -10.34 -16.76 34.78
CA PRO L 103 -9.83 -15.39 34.80
C PRO L 103 -8.41 -15.28 34.30
N GLY L 104 -8.05 -14.09 33.82
CA GLY L 104 -6.71 -13.86 33.36
C GLY L 104 -5.73 -13.81 34.52
N GLN L 105 -4.51 -14.24 34.24
CA GLN L 105 -3.46 -14.20 35.23
C GLN L 105 -2.75 -12.85 35.26
N CYS L 106 -2.76 -12.13 34.13
CA CYS L 106 -2.15 -10.80 34.06
C CYS L 106 -3.18 -9.74 34.40
N GLY L 107 -4.37 -10.15 34.81
CA GLY L 107 -5.40 -9.19 35.15
C GLY L 107 -6.76 -9.86 35.22
N GLN L 108 -7.76 -9.23 34.60
CA GLN L 108 -9.10 -9.80 34.63
C GLN L 108 -9.25 -10.93 33.62
N VAL L 109 -8.65 -10.77 32.44
CA VAL L 109 -8.76 -11.74 31.36
C VAL L 109 -7.46 -11.88 30.61
N ASP L 110 -7.20 -13.09 30.09
CA ASP L 110 -6.03 -13.34 29.26
C ASP L 110 -6.41 -14.04 27.98
N ILE L 111 -5.76 -13.62 26.89
CA ILE L 111 -6.02 -14.14 25.56
C ILE L 111 -4.76 -14.79 25.00
N PHE L 112 -4.96 -15.86 24.23
CA PHE L 112 -3.86 -16.58 23.63
C PHE L 112 -4.20 -17.17 22.27
N SER L 113 -3.16 -17.54 21.52
CA SER L 113 -3.29 -18.12 20.19
C SER L 113 -2.05 -18.88 19.76
N LEU L 114 -2.21 -19.70 18.72
CA LEU L 114 -1.07 -20.45 18.21
C LEU L 114 -0.03 -19.48 17.67
N GLY L 115 -0.46 -18.61 16.77
CA GLY L 115 0.42 -17.66 16.17
C GLY L 115 1.12 -18.22 14.95
N PRO L 116 2.09 -17.45 14.43
CA PRO L 116 2.80 -17.89 13.22
C PRO L 116 3.47 -19.22 13.38
N ASP L 117 3.95 -19.55 14.58
CA ASP L 117 4.59 -20.84 14.78
C ASP L 117 3.54 -21.93 14.63
N GLY L 118 2.27 -21.61 14.88
CA GLY L 118 1.25 -22.62 14.79
C GLY L 118 1.27 -23.58 15.95
N VAL L 119 1.99 -23.23 17.01
CA VAL L 119 2.13 -24.09 18.18
C VAL L 119 1.37 -23.46 19.34
N PRO L 120 0.71 -24.25 20.19
CA PRO L 120 0.00 -23.66 21.33
C PRO L 120 0.92 -23.45 22.52
N GLU L 121 0.99 -22.19 22.97
CA GLU L 121 1.76 -21.81 24.14
C GLU L 121 3.23 -22.22 24.12
N SER L 122 3.93 -21.84 23.04
CA SER L 122 5.36 -22.13 22.91
C SER L 122 6.16 -20.84 22.84
N ASN L 123 6.02 -20.12 21.75
CA ASN L 123 6.72 -18.87 21.53
C ASN L 123 5.77 -17.80 21.04
N ASP L 124 4.87 -18.14 20.13
CA ASP L 124 3.91 -17.21 19.57
C ASP L 124 2.60 -17.33 20.31
N ASP L 125 2.67 -17.26 21.63
CA ASP L 125 1.51 -17.34 22.52
C ASP L 125 0.93 -15.97 22.73
N ILE L 126 1.18 -15.01 21.84
CA ILE L 126 0.65 -13.68 22.03
C ILE L 126 -0.87 -13.68 21.96
N GLY L 127 -1.47 -12.61 22.45
CA GLY L 127 -2.90 -12.44 22.54
C GLY L 127 -3.21 -11.48 23.68
N ASN L 128 -2.27 -11.32 24.60
CA ASN L 128 -2.36 -10.39 25.70
C ASN L 128 -0.92 -10.25 26.22
N CYS L 129 -0.74 -9.96 27.52
CA CYS L 129 0.54 -9.76 28.19
C CYS L 129 1.64 -10.72 27.76
N THR L 130 1.37 -12.01 27.86
CA THR L 130 2.34 -13.03 27.50
C THR L 130 1.78 -13.85 26.34
N THR M 2 24.57 -18.58 -44.54
CA THR M 2 23.39 -19.27 -44.87
C THR M 2 23.19 -20.40 -43.87
N LEU M 3 24.27 -21.03 -43.42
CA LEU M 3 24.15 -22.12 -42.47
C LEU M 3 24.57 -21.64 -41.09
N LEU M 4 25.80 -21.13 -40.96
CA LEU M 4 26.25 -20.63 -39.67
C LEU M 4 25.40 -19.46 -39.23
N GLU M 5 25.02 -18.62 -40.17
CA GLU M 5 24.19 -17.45 -39.92
C GLU M 5 22.80 -17.88 -39.50
N ILE M 6 22.41 -19.11 -39.85
CA ILE M 6 21.10 -19.64 -39.55
C ILE M 6 21.15 -20.76 -38.53
N MET M 7 21.72 -21.91 -38.90
CA MET M 7 21.73 -23.08 -38.03
C MET M 7 22.19 -22.82 -36.61
N VAL M 8 23.19 -21.97 -36.45
CA VAL M 8 23.66 -21.67 -35.11
C VAL M 8 22.56 -20.92 -34.41
N VAL M 9 21.84 -20.07 -35.12
CA VAL M 9 20.80 -19.28 -34.50
C VAL M 9 19.55 -20.06 -34.23
N ILE M 10 19.24 -21.03 -35.07
CA ILE M 10 18.02 -21.82 -34.86
C ILE M 10 18.14 -22.46 -33.50
N VAL M 11 19.34 -22.91 -33.16
CA VAL M 11 19.54 -23.54 -31.87
C VAL M 11 19.37 -22.47 -30.81
N ILE M 12 20.09 -21.36 -30.95
CA ILE M 12 20.03 -20.28 -29.95
C ILE M 12 18.59 -19.83 -29.76
N LEU M 13 17.80 -19.87 -30.82
CA LEU M 13 16.41 -19.46 -30.69
C LEU M 13 15.72 -20.42 -29.74
N GLY M 14 15.67 -21.69 -30.11
CA GLY M 14 14.98 -22.66 -29.27
C GLY M 14 15.60 -22.79 -27.90
N VAL M 15 16.93 -22.73 -27.82
CA VAL M 15 17.58 -22.84 -26.53
C VAL M 15 17.13 -21.67 -25.67
N LEU M 16 16.94 -20.51 -26.29
CA LEU M 16 16.51 -19.35 -25.51
C LEU M 16 15.04 -19.51 -25.15
N ALA M 17 14.19 -19.59 -26.17
CA ALA M 17 12.76 -19.68 -25.95
C ALA M 17 12.36 -20.87 -25.09
N SER M 18 13.16 -21.92 -25.04
CA SER M 18 12.78 -23.08 -24.25
C SER M 18 12.86 -22.87 -22.75
N LEU M 19 13.97 -22.32 -22.27
CA LEU M 19 14.18 -22.13 -20.84
C LEU M 19 13.85 -20.72 -20.36
N VAL M 20 12.80 -20.14 -20.88
CA VAL M 20 12.34 -18.84 -20.44
C VAL M 20 10.86 -19.04 -20.07
N VAL M 21 10.61 -19.32 -18.81
CA VAL M 21 9.25 -19.55 -18.32
C VAL M 21 9.00 -18.48 -17.26
N PRO M 22 8.35 -17.38 -17.60
CA PRO M 22 8.14 -16.30 -16.63
C PRO M 22 7.22 -16.58 -15.44
N ASN M 23 5.97 -16.92 -15.69
CA ASN M 23 5.03 -17.15 -14.59
C ASN M 23 3.73 -17.83 -14.99
N LEU M 24 2.77 -17.84 -14.05
CA LEU M 24 1.45 -18.40 -14.19
C LEU M 24 0.42 -17.42 -14.73
N MET M 25 -0.81 -17.90 -14.83
CA MET M 25 -1.97 -17.15 -15.25
C MET M 25 -3.03 -17.42 -14.19
N GLY M 26 -3.71 -16.36 -13.76
CA GLY M 26 -4.74 -16.47 -12.74
C GLY M 26 -4.42 -15.76 -11.45
N ASN M 27 -3.23 -15.17 -11.32
CA ASN M 27 -2.89 -14.45 -10.11
C ASN M 27 -3.82 -13.26 -9.91
N LYS M 28 -4.30 -12.69 -11.00
CA LYS M 28 -5.20 -11.55 -10.90
C LYS M 28 -6.51 -11.98 -10.25
N GLU M 29 -6.93 -13.22 -10.48
CA GLU M 29 -8.17 -13.69 -9.89
C GLU M 29 -8.07 -13.67 -8.37
N LYS M 30 -6.88 -13.97 -7.85
CA LYS M 30 -6.72 -13.94 -6.41
C LYS M 30 -6.82 -12.50 -5.96
N ALA M 31 -6.34 -11.58 -6.78
CA ALA M 31 -6.38 -10.17 -6.43
C ALA M 31 -7.80 -9.63 -6.40
N ASP M 32 -8.70 -10.23 -7.17
CA ASP M 32 -10.06 -9.77 -7.18
C ASP M 32 -10.69 -9.90 -5.81
N ARG M 33 -10.26 -10.89 -5.04
CA ARG M 33 -10.80 -11.09 -3.71
C ARG M 33 -10.52 -9.90 -2.81
N GLN M 34 -9.23 -9.63 -2.56
CA GLN M 34 -8.87 -8.53 -1.66
C GLN M 34 -9.40 -7.22 -2.16
N LYS M 35 -9.59 -7.09 -3.47
CA LYS M 35 -10.15 -5.88 -4.01
C LYS M 35 -11.57 -5.71 -3.50
N VAL M 36 -12.27 -6.83 -3.34
CA VAL M 36 -13.64 -6.79 -2.86
C VAL M 36 -13.60 -6.83 -1.34
N VAL M 37 -12.66 -7.58 -0.77
CA VAL M 37 -12.59 -7.64 0.69
C VAL M 37 -12.22 -6.26 1.18
N SER M 38 -11.42 -5.52 0.41
CA SER M 38 -11.05 -4.18 0.83
C SER M 38 -12.28 -3.31 0.85
N ASP M 39 -13.21 -3.58 -0.05
CA ASP M 39 -14.41 -2.79 -0.08
C ASP M 39 -15.24 -3.05 1.17
N LEU M 40 -15.36 -4.33 1.56
CA LEU M 40 -16.17 -4.72 2.72
C LEU M 40 -16.04 -3.81 3.93
N VAL M 41 -14.84 -3.64 4.43
CA VAL M 41 -14.66 -2.76 5.56
C VAL M 41 -14.92 -1.35 5.08
N ALA M 42 -14.45 -1.02 3.88
CA ALA M 42 -14.66 0.31 3.35
C ALA M 42 -16.12 0.60 3.12
N LEU M 43 -16.91 -0.42 2.82
CA LEU M 43 -18.32 -0.19 2.58
C LEU M 43 -19.01 0.04 3.91
N GLU M 44 -18.97 -0.96 4.79
CA GLU M 44 -19.63 -0.84 6.08
C GLU M 44 -19.09 0.33 6.88
N GLY M 45 -17.76 0.52 6.85
CA GLY M 45 -17.20 1.62 7.59
C GLY M 45 -17.69 2.95 7.04
N ALA M 46 -17.85 3.03 5.73
CA ALA M 46 -18.34 4.25 5.14
C ALA M 46 -19.82 4.43 5.45
N LEU M 47 -20.58 3.34 5.44
CA LEU M 47 -22.00 3.43 5.72
C LEU M 47 -22.21 3.88 7.15
N ASP M 48 -21.33 3.45 8.05
CA ASP M 48 -21.45 3.80 9.46
C ASP M 48 -21.43 5.31 9.63
N MET M 49 -20.70 6.00 8.77
CA MET M 49 -20.66 7.45 8.85
C MET M 49 -22.06 7.99 8.59
N TYR M 50 -22.73 7.46 7.58
CA TYR M 50 -24.07 7.93 7.30
C TYR M 50 -25.00 7.46 8.40
N LYS M 51 -24.67 6.32 9.03
CA LYS M 51 -25.49 5.83 10.12
C LYS M 51 -25.34 6.74 11.32
N LEU M 52 -24.35 7.64 11.31
CA LEU M 52 -24.11 8.56 12.41
C LEU M 52 -24.89 9.85 12.22
N ASP M 53 -24.68 10.55 11.10
CA ASP M 53 -25.37 11.82 10.89
C ASP M 53 -26.88 11.67 10.81
N ASN M 54 -27.35 10.84 9.89
CA ASN M 54 -28.78 10.64 9.77
C ASN M 54 -29.21 9.57 10.77
N SER M 55 -28.29 9.06 11.59
CA SER M 55 -28.61 8.05 12.60
C SER M 55 -29.18 6.77 12.02
N ARG M 56 -28.95 6.53 10.74
CA ARG M 56 -29.46 5.32 10.09
C ARG M 56 -28.82 5.11 8.73
N TYR M 57 -29.14 4.00 8.12
CA TYR M 57 -28.61 3.58 6.84
C TYR M 57 -29.58 3.81 5.66
N PRO M 58 -29.08 3.94 4.44
CA PRO M 58 -29.96 4.10 3.28
C PRO M 58 -30.71 2.84 2.91
N THR M 59 -31.82 3.06 2.22
CA THR M 59 -32.71 2.03 1.73
C THR M 59 -32.15 1.29 0.52
N THR M 60 -32.64 0.07 0.29
CA THR M 60 -32.23 -0.74 -0.86
C THR M 60 -32.36 0.06 -2.15
N GLU M 61 -33.57 0.50 -2.50
CA GLU M 61 -33.73 1.26 -3.72
C GLU M 61 -32.93 2.56 -3.65
N GLN M 62 -32.74 3.07 -2.44
CA GLN M 62 -31.93 4.27 -2.26
C GLN M 62 -30.50 3.94 -2.67
N GLY M 63 -30.10 2.68 -2.53
CA GLY M 63 -28.79 2.19 -2.91
C GLY M 63 -27.60 2.90 -2.30
N LEU M 64 -26.40 2.40 -2.62
CA LEU M 64 -25.18 3.00 -2.11
C LEU M 64 -24.94 4.36 -2.73
N GLN M 65 -25.66 4.68 -3.80
CA GLN M 65 -25.52 5.97 -4.46
C GLN M 65 -25.83 7.08 -3.46
N ALA M 66 -26.65 6.78 -2.46
CA ALA M 66 -26.91 7.75 -1.43
C ALA M 66 -25.65 8.12 -0.69
N LEU M 67 -24.71 7.19 -0.62
CA LEU M 67 -23.47 7.49 0.03
C LEU M 67 -22.71 8.34 -0.98
N VAL M 68 -23.00 8.21 -2.27
CA VAL M 68 -22.33 9.02 -3.28
C VAL M 68 -22.95 10.40 -3.36
N SER M 69 -24.28 10.49 -3.34
CA SER M 69 -25.00 11.75 -3.46
C SER M 69 -26.14 11.81 -2.46
N ALA M 70 -26.69 12.99 -2.23
CA ALA M 70 -27.72 13.17 -1.22
C ALA M 70 -28.88 12.21 -1.46
N PRO M 71 -29.43 11.58 -0.41
CA PRO M 71 -30.49 10.63 -0.67
C PRO M 71 -31.81 11.26 -1.08
N SER M 72 -32.05 11.26 -2.38
CA SER M 72 -33.28 11.84 -2.90
C SER M 72 -34.50 11.09 -2.39
N ALA M 73 -34.46 9.76 -2.44
CA ALA M 73 -35.61 9.03 -1.93
C ALA M 73 -35.57 9.18 -0.41
N GLU M 74 -36.71 9.47 0.14
CA GLU M 74 -36.80 9.66 1.57
C GLU M 74 -36.61 8.34 2.31
N PRO M 75 -36.22 8.36 3.60
CA PRO M 75 -35.91 9.51 4.47
C PRO M 75 -34.70 10.34 4.07
N HIS M 76 -34.83 11.64 4.33
CA HIS M 76 -33.78 12.60 4.04
C HIS M 76 -32.70 12.58 5.12
N ALA M 77 -31.49 12.99 4.75
CA ALA M 77 -30.33 13.01 5.64
C ALA M 77 -29.98 14.42 6.13
N ARG M 78 -29.48 14.47 7.36
CA ARG M 78 -29.06 15.70 7.99
C ARG M 78 -27.55 15.83 7.94
N ASN M 79 -27.09 17.05 7.68
CA ASN M 79 -25.66 17.36 7.61
C ASN M 79 -24.95 16.43 6.64
N TYR M 80 -25.60 16.13 5.55
CA TYR M 80 -24.99 15.25 4.56
C TYR M 80 -23.76 15.99 4.05
N PRO M 81 -22.56 15.40 4.15
CA PRO M 81 -21.38 16.12 3.70
C PRO M 81 -21.29 16.22 2.19
N GLU M 82 -20.27 16.96 1.77
CA GLU M 82 -20.02 17.15 0.36
C GLU M 82 -19.81 15.80 -0.30
N GLY M 83 -20.54 15.58 -1.39
CA GLY M 83 -20.41 14.34 -2.14
C GLY M 83 -20.64 13.09 -1.32
N GLY M 84 -21.30 13.21 -0.18
CA GLY M 84 -21.50 12.04 0.62
C GLY M 84 -20.19 11.57 1.19
N TYR M 85 -20.18 10.33 1.64
CA TYR M 85 -19.01 9.74 2.30
C TYR M 85 -18.08 9.00 1.37
N ILE M 86 -18.08 9.35 0.10
CA ILE M 86 -17.19 8.70 -0.83
C ILE M 86 -16.93 9.57 -2.02
N ARG M 87 -15.79 9.34 -2.65
CA ARG M 87 -15.50 10.07 -3.86
C ARG M 87 -16.41 9.56 -4.95
N ARG M 88 -16.24 8.29 -5.34
CA ARG M 88 -17.00 7.66 -6.40
C ARG M 88 -17.44 6.26 -5.97
N LEU M 89 -18.35 5.67 -6.74
CA LEU M 89 -18.85 4.34 -6.44
C LEU M 89 -17.96 3.25 -6.99
N PRO M 90 -17.48 2.30 -6.17
CA PRO M 90 -16.68 1.22 -6.73
C PRO M 90 -17.57 0.30 -7.55
N GLN M 91 -17.24 0.18 -8.83
CA GLN M 91 -17.97 -0.67 -9.76
C GLN M 91 -17.29 -2.01 -9.78
N ASP M 92 -18.06 -3.06 -9.52
CA ASP M 92 -17.52 -4.40 -9.52
C ASP M 92 -17.24 -4.69 -10.99
N PRO M 93 -16.03 -5.07 -11.38
CA PRO M 93 -15.74 -5.29 -12.79
C PRO M 93 -16.24 -6.60 -13.37
N TRP M 94 -17.54 -6.84 -13.21
CA TRP M 94 -18.19 -7.99 -13.80
C TRP M 94 -19.62 -7.56 -14.09
N GLY M 95 -19.85 -6.27 -14.34
CA GLY M 95 -21.19 -5.80 -14.64
C GLY M 95 -22.12 -5.65 -13.46
N SER M 96 -21.60 -5.31 -12.29
CA SER M 96 -22.46 -5.16 -11.13
C SER M 96 -21.95 -4.16 -10.12
N ASP M 97 -22.88 -3.60 -9.38
CA ASP M 97 -22.55 -2.68 -8.32
C ASP M 97 -22.67 -3.47 -7.02
N TYR M 98 -22.51 -2.79 -5.91
CA TYR M 98 -22.59 -3.43 -4.59
C TYR M 98 -23.98 -3.22 -4.03
N GLN M 99 -24.87 -4.16 -4.30
CA GLN M 99 -26.25 -4.04 -3.84
C GLN M 99 -26.39 -4.20 -2.34
N LEU M 100 -26.81 -3.13 -1.67
CA LEU M 100 -27.01 -3.15 -0.24
C LEU M 100 -28.36 -3.77 0.06
N LEU M 101 -28.59 -4.10 1.32
CA LEU M 101 -29.85 -4.65 1.77
C LEU M 101 -30.38 -3.82 2.94
N SER M 102 -31.68 -3.52 2.86
CA SER M 102 -32.36 -2.71 3.87
C SER M 102 -33.57 -3.44 4.44
N PRO M 103 -33.45 -4.04 5.64
CA PRO M 103 -32.36 -4.23 6.59
C PRO M 103 -31.55 -5.48 6.32
N GLY M 104 -30.31 -5.47 6.78
CA GLY M 104 -29.47 -6.63 6.63
C GLY M 104 -29.90 -7.77 7.53
N GLN M 105 -29.69 -8.99 7.06
CA GLN M 105 -30.01 -10.16 7.84
C GLN M 105 -28.89 -10.54 8.78
N CYS M 106 -27.64 -10.18 8.44
CA CYS M 106 -26.49 -10.47 9.30
C CYS M 106 -26.25 -9.31 10.24
N GLY M 107 -27.14 -8.32 10.24
CA GLY M 107 -26.98 -7.18 11.12
C GLY M 107 -27.88 -6.04 10.70
N GLN M 108 -27.32 -4.83 10.65
CA GLN M 108 -28.12 -3.68 10.26
C GLN M 108 -28.29 -3.60 8.76
N VAL M 109 -27.23 -3.94 8.00
CA VAL M 109 -27.25 -3.84 6.55
C VAL M 109 -26.49 -5.00 5.92
N ASP M 110 -26.93 -5.42 4.74
CA ASP M 110 -26.24 -6.44 3.98
C ASP M 110 -25.99 -6.01 2.55
N ILE M 111 -24.81 -6.36 2.04
CA ILE M 111 -24.38 -5.99 0.70
C ILE M 111 -24.12 -7.24 -0.13
N PHE M 112 -24.42 -7.15 -1.42
CA PHE M 112 -24.23 -8.25 -2.33
C PHE M 112 -23.85 -7.81 -3.74
N SER M 113 -23.34 -8.76 -4.52
CA SER M 113 -22.91 -8.52 -5.89
C SER M 113 -22.81 -9.81 -6.70
N LEU M 114 -22.76 -9.65 -8.02
CA LEU M 114 -22.64 -10.82 -8.88
C LEU M 114 -21.31 -11.50 -8.61
N GLY M 115 -20.23 -10.75 -8.69
CA GLY M 115 -18.91 -11.28 -8.47
C GLY M 115 -18.32 -11.85 -9.74
N PRO M 116 -17.16 -12.52 -9.59
CA PRO M 116 -16.49 -13.09 -10.76
C PRO M 116 -17.34 -14.06 -11.52
N ASP M 117 -18.22 -14.80 -10.85
CA ASP M 117 -19.07 -15.73 -11.57
C ASP M 117 -20.05 -14.94 -12.44
N GLY M 118 -20.34 -13.69 -12.07
CA GLY M 118 -21.28 -12.91 -12.84
C GLY M 118 -22.70 -13.35 -12.62
N VAL M 119 -22.95 -14.15 -11.59
CA VAL M 119 -24.28 -14.67 -11.31
C VAL M 119 -24.80 -14.02 -10.04
N PRO M 120 -26.10 -13.71 -9.96
CA PRO M 120 -26.63 -13.10 -8.73
C PRO M 120 -26.99 -14.14 -7.70
N GLU M 121 -26.39 -14.01 -6.52
CA GLU M 121 -26.67 -14.88 -5.38
C GLU M 121 -26.52 -16.37 -5.65
N SER M 122 -25.36 -16.78 -6.16
CA SER M 122 -25.08 -18.19 -6.43
C SER M 122 -23.90 -18.66 -5.60
N ASN M 123 -22.73 -18.17 -5.91
CA ASN M 123 -21.51 -18.53 -5.21
C ASN M 123 -20.70 -17.30 -4.88
N ASP M 124 -20.61 -16.35 -5.80
CA ASP M 124 -19.85 -15.12 -5.60
C ASP M 124 -20.77 -14.02 -5.15
N ASP M 125 -21.58 -14.30 -4.14
CA ASP M 125 -22.53 -13.38 -3.56
C ASP M 125 -21.87 -12.55 -2.48
N ILE M 126 -20.55 -12.42 -2.50
CA ILE M 126 -19.88 -11.66 -1.46
C ILE M 126 -20.26 -10.19 -1.54
N GLY M 127 -19.99 -9.46 -0.47
CA GLY M 127 -20.33 -8.07 -0.31
C GLY M 127 -20.49 -7.76 1.17
N ASN M 128 -20.71 -8.80 1.97
CA ASN M 128 -20.81 -8.70 3.41
C ASN M 128 -20.64 -10.14 3.91
N CYS M 129 -21.24 -10.48 5.07
CA CYS M 129 -21.17 -11.78 5.72
C CYS M 129 -21.26 -12.97 4.78
N THR M 130 -22.31 -13.01 3.98
CA THR M 130 -22.52 -14.10 3.03
C THR M 130 -22.49 -13.54 1.61
N THR N 2 26.84 -23.94 -53.37
CA THR N 2 26.24 -22.90 -54.10
C THR N 2 24.74 -23.13 -54.13
N LEU N 3 24.30 -24.39 -54.20
CA LEU N 3 22.88 -24.68 -54.24
C LEU N 3 22.43 -25.22 -52.89
N LEU N 4 23.05 -26.31 -52.43
CA LEU N 4 22.68 -26.86 -51.13
C LEU N 4 22.98 -25.87 -50.03
N GLU N 5 24.09 -25.16 -50.17
CA GLU N 5 24.51 -24.14 -49.20
C GLU N 5 23.55 -22.98 -49.21
N ILE N 6 22.80 -22.82 -50.30
CA ILE N 6 21.86 -21.72 -50.48
C ILE N 6 20.41 -22.19 -50.48
N MET N 7 20.02 -22.94 -51.52
CA MET N 7 18.63 -23.35 -51.67
C MET N 7 18.02 -23.98 -50.43
N VAL N 8 18.79 -24.79 -49.72
CA VAL N 8 18.26 -25.41 -48.53
C VAL N 8 18.01 -24.31 -47.52
N VAL N 9 18.87 -23.31 -47.49
CA VAL N 9 18.74 -22.25 -46.51
C VAL N 9 17.66 -21.27 -46.86
N ILE N 10 17.43 -21.03 -48.15
CA ILE N 10 16.41 -20.08 -48.55
C ILE N 10 15.10 -20.58 -47.98
N VAL N 11 14.90 -21.88 -48.01
CA VAL N 11 13.67 -22.44 -47.47
C VAL N 11 13.68 -22.23 -45.98
N ILE N 12 14.75 -22.65 -45.32
CA ILE N 12 14.84 -22.53 -43.86
C ILE N 12 14.64 -21.09 -43.43
N LEU N 13 15.07 -20.15 -44.26
CA LEU N 13 14.89 -18.75 -43.92
C LEU N 13 13.40 -18.46 -43.88
N GLY N 14 12.74 -18.63 -45.01
CA GLY N 14 11.32 -18.33 -45.06
C GLY N 14 10.49 -19.20 -44.13
N VAL N 15 10.87 -20.47 -43.99
CA VAL N 15 10.12 -21.34 -43.10
C VAL N 15 10.27 -20.81 -41.69
N LEU N 16 11.43 -20.26 -41.37
CA LEU N 16 11.61 -19.73 -40.02
C LEU N 16 10.86 -18.42 -39.90
N ALA N 17 11.22 -17.44 -40.71
CA ALA N 17 10.61 -16.13 -40.64
C ALA N 17 9.11 -16.15 -40.81
N SER N 18 8.56 -17.17 -41.47
CA SER N 18 7.12 -17.20 -41.67
C SER N 18 6.31 -17.49 -40.43
N LEU N 19 6.70 -18.52 -39.68
CA LEU N 19 5.95 -18.93 -38.50
C LEU N 19 6.54 -18.39 -37.20
N VAL N 20 6.99 -17.17 -37.21
CA VAL N 20 7.48 -16.51 -36.02
C VAL N 20 6.69 -15.20 -35.91
N VAL N 21 5.60 -15.25 -35.18
CA VAL N 21 4.75 -14.08 -34.99
C VAL N 21 4.73 -13.79 -33.49
N PRO N 22 5.56 -12.87 -33.01
CA PRO N 22 5.61 -12.60 -31.57
C PRO N 22 4.38 -11.99 -30.91
N ASN N 23 3.96 -10.82 -31.34
CA ASN N 23 2.81 -10.17 -30.70
C ASN N 23 2.23 -8.99 -31.48
N LEU N 24 1.35 -8.24 -30.81
CA LEU N 24 0.67 -7.07 -31.32
C LEU N 24 1.43 -5.77 -31.08
N MET N 25 0.81 -4.68 -31.49
CA MET N 25 1.28 -3.33 -31.32
C MET N 25 0.11 -2.56 -30.74
N GLY N 26 0.37 -1.75 -29.72
CA GLY N 26 -0.66 -0.96 -29.06
C GLY N 26 -0.91 -1.34 -27.63
N ASN N 27 -0.25 -2.37 -27.11
CA ASN N 27 -0.44 -2.76 -25.73
C ASN N 27 0.00 -1.65 -24.79
N LYS N 28 0.99 -0.86 -25.22
CA LYS N 28 1.47 0.24 -24.39
C LYS N 28 0.38 1.28 -24.23
N GLU N 29 -0.45 1.44 -25.25
CA GLU N 29 -1.52 2.44 -25.15
C GLU N 29 -2.47 2.07 -24.02
N LYS N 30 -2.69 0.77 -23.81
CA LYS N 30 -3.56 0.37 -22.73
C LYS N 30 -2.88 0.71 -21.43
N ALA N 31 -1.55 0.59 -21.40
CA ALA N 31 -0.80 0.88 -20.18
C ALA N 31 -0.85 2.35 -19.82
N ASP N 32 -1.01 3.21 -20.81
CA ASP N 32 -1.07 4.63 -20.55
C ASP N 32 -2.22 4.96 -19.63
N ARG N 33 -3.31 4.19 -19.73
CA ARG N 33 -4.46 4.44 -18.89
C ARG N 33 -4.14 4.27 -17.41
N GLN N 34 -3.74 3.05 -17.02
CA GLN N 34 -3.46 2.78 -15.61
C GLN N 34 -2.36 3.68 -15.10
N LYS N 35 -1.47 4.11 -15.98
CA LYS N 35 -0.41 5.01 -15.57
C LYS N 35 -1.03 6.31 -15.12
N VAL N 36 -2.11 6.72 -15.76
CA VAL N 36 -2.79 7.95 -15.41
C VAL N 36 -3.81 7.64 -14.32
N VAL N 37 -4.44 6.47 -14.38
CA VAL N 37 -5.41 6.14 -13.35
C VAL N 37 -4.65 6.00 -12.05
N SER N 38 -3.41 5.52 -12.10
CA SER N 38 -2.64 5.38 -10.87
C SER N 38 -2.39 6.75 -10.29
N ASP N 39 -2.26 7.74 -11.16
CA ASP N 39 -2.02 9.08 -10.68
C ASP N 39 -3.24 9.59 -9.94
N LEU N 40 -4.43 9.36 -10.52
CA LEU N 40 -5.69 9.85 -9.95
C LEU N 40 -5.80 9.72 -8.44
N VAL N 41 -5.67 8.50 -7.93
CA VAL N 41 -5.73 8.32 -6.49
C VAL N 41 -4.50 8.98 -5.90
N ALA N 42 -3.36 8.81 -6.56
CA ALA N 42 -2.13 9.39 -6.05
C ALA N 42 -2.20 10.90 -6.04
N LEU N 43 -2.93 11.48 -6.98
CA LEU N 43 -3.01 12.93 -7.03
C LEU N 43 -3.91 13.40 -5.91
N GLU N 44 -5.17 13.00 -5.93
CA GLU N 44 -6.12 13.43 -4.91
C GLU N 44 -5.68 13.01 -3.52
N GLY N 45 -5.15 11.80 -3.39
CA GLY N 45 -4.69 11.37 -2.09
C GLY N 45 -3.54 12.22 -1.61
N ALA N 46 -2.67 12.62 -2.52
CA ALA N 46 -1.56 13.47 -2.14
C ALA N 46 -2.05 14.88 -1.82
N LEU N 47 -3.03 15.37 -2.58
CA LEU N 47 -3.55 16.70 -2.33
C LEU N 47 -4.23 16.75 -0.98
N ASP N 48 -4.87 15.65 -0.59
CA ASP N 48 -5.57 15.60 0.68
C ASP N 48 -4.62 15.87 1.82
N MET N 49 -3.37 15.48 1.67
CA MET N 49 -2.39 15.74 2.71
C MET N 49 -2.23 17.25 2.86
N TYR N 50 -2.13 17.95 1.75
CA TYR N 50 -1.99 19.39 1.83
C TYR N 50 -3.31 19.98 2.31
N LYS N 51 -4.41 19.31 2.01
CA LYS N 51 -5.71 19.80 2.46
C LYS N 51 -5.81 19.63 3.96
N LEU N 52 -4.89 18.89 4.59
CA LEU N 52 -4.89 18.66 6.01
C LEU N 52 -4.08 19.73 6.74
N ASP N 53 -2.81 19.88 6.39
CA ASP N 53 -1.97 20.86 7.08
C ASP N 53 -2.44 22.29 6.89
N ASN N 54 -2.56 22.72 5.64
CA ASN N 54 -3.02 24.07 5.40
C ASN N 54 -4.54 24.08 5.40
N SER N 55 -5.19 22.94 5.68
CA SER N 55 -6.63 22.84 5.74
C SER N 55 -7.31 23.21 4.43
N ARG N 56 -6.60 23.16 3.32
CA ARG N 56 -7.16 23.50 2.03
C ARG N 56 -6.24 23.09 0.89
N TYR N 57 -6.72 23.24 -0.32
CA TYR N 57 -6.02 22.89 -1.54
C TYR N 57 -5.37 24.07 -2.27
N PRO N 58 -4.34 23.83 -3.07
CA PRO N 58 -3.71 24.92 -3.82
C PRO N 58 -4.57 25.43 -4.97
N THR N 59 -4.28 26.66 -5.34
CA THR N 59 -4.93 27.38 -6.42
C THR N 59 -4.50 26.88 -7.80
N THR N 60 -5.36 27.13 -8.81
CA THR N 60 -5.06 26.77 -10.19
C THR N 60 -3.69 27.29 -10.61
N GLU N 61 -3.49 28.61 -10.59
CA GLU N 61 -2.20 29.15 -10.97
C GLU N 61 -1.11 28.66 -10.03
N GLN N 62 -1.48 28.36 -8.79
CA GLN N 62 -0.53 27.82 -7.83
C GLN N 62 -0.10 26.45 -8.33
N GLY N 63 -0.97 25.76 -9.07
CA GLY N 63 -0.69 24.46 -9.66
C GLY N 63 -0.25 23.37 -8.71
N LEU N 64 -0.07 22.16 -9.26
CA LEU N 64 0.37 21.03 -8.45
C LEU N 64 1.80 21.22 -7.98
N GLN N 65 2.51 22.17 -8.57
CA GLN N 65 3.90 22.43 -8.19
C GLN N 65 3.94 22.79 -6.71
N ALA N 66 2.85 23.33 -6.18
CA ALA N 66 2.78 23.62 -4.77
C ALA N 66 2.91 22.36 -3.96
N LEU N 67 2.48 21.25 -4.52
CA LEU N 67 2.61 20.00 -3.81
C LEU N 67 4.08 19.64 -3.97
N VAL N 68 4.75 20.11 -5.01
CA VAL N 68 6.17 19.83 -5.19
C VAL N 68 7.02 20.74 -4.32
N SER N 69 6.70 22.04 -4.29
CA SER N 69 7.45 23.02 -3.53
C SER N 69 6.53 23.95 -2.77
N ALA N 70 7.06 24.70 -1.82
CA ALA N 70 6.23 25.55 -0.98
C ALA N 70 5.39 26.49 -1.83
N PRO N 71 4.10 26.69 -1.49
CA PRO N 71 3.31 27.55 -2.34
C PRO N 71 3.65 29.03 -2.24
N SER N 72 4.43 29.50 -3.21
CA SER N 72 4.84 30.89 -3.22
C SER N 72 3.63 31.80 -3.37
N ALA N 73 2.74 31.48 -4.30
CA ALA N 73 1.57 32.33 -4.45
C ALA N 73 0.69 32.07 -3.22
N GLU N 74 0.22 33.13 -2.64
CA GLU N 74 -0.61 33.00 -1.46
C GLU N 74 -1.96 32.39 -1.80
N PRO N 75 -2.68 31.79 -0.83
CA PRO N 75 -2.36 31.59 0.59
C PRO N 75 -1.17 30.69 0.88
N HIS N 76 -0.46 31.05 1.94
CA HIS N 76 0.70 30.31 2.41
C HIS N 76 0.28 29.08 3.20
N ALA N 77 1.15 28.07 3.23
CA ALA N 77 0.91 26.81 3.93
C ALA N 77 1.68 26.70 5.24
N ARG N 78 1.05 26.00 6.18
CA ARG N 78 1.62 25.76 7.50
C ARG N 78 2.18 24.35 7.58
N ASN N 79 3.33 24.23 8.22
CA ASN N 79 4.00 22.93 8.40
C ASN N 79 4.17 22.21 7.08
N TYR N 80 4.49 22.96 6.05
CA TYR N 80 4.69 22.37 4.75
C TYR N 80 5.89 21.43 4.89
N PRO N 81 5.74 20.14 4.59
CA PRO N 81 6.88 19.24 4.77
C PRO N 81 7.96 19.45 3.72
N GLU N 82 9.03 18.71 3.93
CA GLU N 82 10.17 18.76 3.03
C GLU N 82 9.71 18.37 1.64
N GLY N 83 10.05 19.21 0.66
CA GLY N 83 9.70 18.95 -0.73
C GLY N 83 8.23 18.76 -0.97
N GLY N 84 7.38 19.20 -0.06
CA GLY N 84 5.98 19.01 -0.27
C GLY N 84 5.65 17.55 -0.14
N TYR N 85 4.48 17.18 -0.64
CA TYR N 85 3.97 15.82 -0.54
C TYR N 85 4.31 14.92 -1.70
N ILE N 86 5.39 15.23 -2.40
CA ILE N 86 5.78 14.39 -3.52
C ILE N 86 7.25 14.54 -3.80
N ARG N 87 7.82 13.52 -4.39
CA ARG N 87 9.20 13.60 -4.78
C ARG N 87 9.30 14.56 -5.95
N ARG N 88 8.72 14.19 -7.09
CA ARG N 88 8.75 14.97 -8.31
C ARG N 88 7.37 15.00 -8.95
N LEU N 89 7.19 15.89 -9.93
CA LEU N 89 5.91 16.03 -10.62
C LEU N 89 5.75 15.02 -11.75
N PRO N 90 4.69 14.22 -11.77
CA PRO N 90 4.51 13.31 -12.90
C PRO N 90 4.16 14.11 -14.15
N GLN N 91 5.00 13.99 -15.16
CA GLN N 91 4.81 14.67 -16.44
C GLN N 91 4.07 13.73 -17.35
N ASP N 92 2.94 14.18 -17.87
CA ASP N 92 2.15 13.37 -18.77
C ASP N 92 2.98 13.31 -20.05
N PRO N 93 3.31 12.12 -20.56
CA PRO N 93 4.16 12.05 -21.75
C PRO N 93 3.48 12.35 -23.06
N TRP N 94 2.84 13.51 -23.14
CA TRP N 94 2.23 13.99 -24.37
C TRP N 94 2.31 15.50 -24.31
N GLY N 95 3.32 16.06 -23.64
CA GLY N 95 3.48 17.49 -23.56
C GLY N 95 2.55 18.21 -22.61
N SER N 96 2.17 17.58 -21.50
CA SER N 96 1.28 18.23 -20.56
C SER N 96 1.46 17.79 -19.14
N ASP N 97 1.12 18.67 -18.23
CA ASP N 97 1.17 18.37 -16.81
C ASP N 97 -0.27 18.09 -16.40
N TYR N 98 -0.48 17.88 -15.12
CA TYR N 98 -1.80 17.58 -14.58
C TYR N 98 -2.41 18.87 -14.05
N GLN N 99 -3.15 19.56 -14.90
CA GLN N 99 -3.76 20.84 -14.51
C GLN N 99 -4.88 20.67 -13.51
N LEU N 100 -4.68 21.18 -12.31
CA LEU N 100 -5.69 21.12 -11.27
C LEU N 100 -6.70 22.23 -11.50
N LEU N 101 -7.81 22.15 -10.79
CA LEU N 101 -8.86 23.16 -10.85
C LEU N 101 -9.18 23.65 -9.45
N SER N 102 -9.28 24.97 -9.32
CA SER N 102 -9.57 25.63 -8.04
C SER N 102 -10.79 26.52 -8.13
N PRO N 103 -11.96 26.07 -7.66
CA PRO N 103 -12.41 24.81 -7.07
C PRO N 103 -12.89 23.82 -8.10
N GLY N 104 -12.84 22.54 -7.73
CA GLY N 104 -13.31 21.50 -8.61
C GLY N 104 -14.83 21.52 -8.72
N GLN N 105 -15.32 21.12 -9.89
CA GLN N 105 -16.75 21.05 -10.12
C GLN N 105 -17.31 19.71 -9.66
N CYS N 106 -16.48 18.65 -9.64
CA CYS N 106 -16.91 17.34 -9.18
C CYS N 106 -16.65 17.19 -7.70
N GLY N 107 -16.21 18.26 -7.04
CA GLY N 107 -15.94 18.20 -5.62
C GLY N 107 -15.11 19.39 -5.18
N GLN N 108 -14.07 19.12 -4.39
CA GLN N 108 -13.23 20.21 -3.91
C GLN N 108 -12.24 20.66 -4.97
N VAL N 109 -11.69 19.71 -5.74
CA VAL N 109 -10.68 20.00 -6.75
C VAL N 109 -10.86 19.13 -7.97
N ASP N 110 -10.52 19.67 -9.13
CA ASP N 110 -10.55 18.91 -10.37
C ASP N 110 -9.25 19.03 -11.14
N ILE N 111 -8.81 17.90 -11.71
CA ILE N 111 -7.57 17.80 -12.45
C ILE N 111 -7.82 17.42 -13.89
N PHE N 112 -7.00 17.96 -14.79
CA PHE N 112 -7.13 17.71 -16.21
C PHE N 112 -5.80 17.69 -16.93
N SER N 113 -5.81 17.11 -18.14
CA SER N 113 -4.63 17.01 -18.99
C SER N 113 -4.98 16.78 -20.44
N LEU N 114 -4.00 16.99 -21.32
CA LEU N 114 -4.22 16.76 -22.74
C LEU N 114 -4.51 15.30 -22.98
N GLY N 115 -3.62 14.44 -22.50
CA GLY N 115 -3.77 13.02 -22.68
C GLY N 115 -3.18 12.54 -23.99
N PRO N 116 -3.42 11.27 -24.30
CA PRO N 116 -2.87 10.70 -25.54
C PRO N 116 -3.29 11.44 -26.78
N ASP N 117 -4.50 12.00 -26.80
CA ASP N 117 -4.92 12.75 -27.97
C ASP N 117 -4.07 14.01 -28.09
N GLY N 118 -3.51 14.49 -26.98
CA GLY N 118 -2.73 15.70 -27.04
C GLY N 118 -3.57 16.94 -27.20
N VAL N 119 -4.89 16.82 -26.98
CA VAL N 119 -5.81 17.92 -27.16
C VAL N 119 -6.32 18.35 -25.79
N PRO N 120 -6.53 19.65 -25.55
CA PRO N 120 -7.04 20.09 -24.24
C PRO N 120 -8.55 20.01 -24.19
N GLU N 121 -9.06 19.26 -23.23
CA GLU N 121 -10.49 19.13 -22.98
C GLU N 121 -11.33 18.71 -24.18
N SER N 122 -10.95 17.60 -24.82
CA SER N 122 -11.69 17.07 -25.96
C SER N 122 -12.23 15.69 -25.64
N ASN N 123 -11.35 14.73 -25.52
CA ASN N 123 -11.72 13.34 -25.23
C ASN N 123 -10.85 12.78 -24.13
N ASP N 124 -9.56 13.06 -24.17
CA ASP N 124 -8.62 12.56 -23.18
C ASP N 124 -8.39 13.63 -22.11
N ASP N 125 -9.47 14.15 -21.58
CA ASP N 125 -9.46 15.16 -20.55
C ASP N 125 -9.40 14.52 -19.17
N ILE N 126 -8.94 13.28 -19.08
CA ILE N 126 -8.89 12.63 -17.79
C ILE N 126 -7.90 13.34 -16.86
N GLY N 127 -8.01 13.05 -15.57
CA GLY N 127 -7.24 13.65 -14.52
C GLY N 127 -8.03 13.60 -13.23
N ASN N 128 -9.34 13.45 -13.34
CA ASN N 128 -10.24 13.31 -12.21
C ASN N 128 -11.54 12.74 -12.82
N CYS N 129 -12.69 13.04 -12.20
CA CYS N 129 -14.03 12.58 -12.61
C CYS N 129 -14.27 12.56 -14.10
N THR N 130 -14.07 13.71 -14.75
CA THR N 130 -14.28 13.83 -16.18
C THR N 130 -12.95 14.18 -16.84
N THR O 2 29.46 -25.75 -63.45
CA THR O 2 30.50 -24.81 -63.30
C THR O 2 29.94 -23.41 -63.50
N LEU O 3 28.99 -23.25 -64.42
CA LEU O 3 28.40 -21.94 -64.67
C LEU O 3 27.02 -21.88 -64.04
N LEU O 4 26.13 -22.78 -64.43
CA LEU O 4 24.79 -22.78 -63.85
C LEU O 4 24.85 -23.05 -62.36
N GLU O 5 25.75 -23.93 -61.97
CA GLU O 5 25.95 -24.28 -60.57
C GLU O 5 26.51 -23.10 -59.80
N ILE O 6 27.13 -22.15 -60.51
CA ILE O 6 27.74 -20.99 -59.91
C ILE O 6 27.01 -19.70 -60.26
N MET O 7 27.06 -19.30 -61.53
CA MET O 7 26.47 -18.03 -61.95
C MET O 7 25.05 -17.79 -61.49
N VAL O 8 24.23 -18.85 -61.49
CA VAL O 8 22.87 -18.68 -61.04
C VAL O 8 22.91 -18.38 -59.56
N VAL O 9 23.84 -19.00 -58.84
CA VAL O 9 23.91 -18.80 -57.41
C VAL O 9 24.53 -17.49 -57.03
N ILE O 10 25.47 -17.00 -57.82
CA ILE O 10 26.11 -15.74 -57.49
C ILE O 10 25.02 -14.69 -57.43
N VAL O 11 24.07 -14.77 -58.34
CA VAL O 11 22.98 -13.81 -58.34
C VAL O 11 22.16 -14.04 -57.09
N ILE O 12 21.73 -15.28 -56.87
CA ILE O 12 20.89 -15.59 -55.72
C ILE O 12 21.57 -15.16 -54.44
N LEU O 13 22.89 -15.22 -54.40
CA LEU O 13 23.59 -14.81 -53.20
C LEU O 13 23.36 -13.32 -53.01
N GLY O 14 23.79 -12.51 -53.97
CA GLY O 14 23.64 -11.08 -53.83
C GLY O 14 22.19 -10.65 -53.74
N VAL O 15 21.31 -11.31 -54.50
CA VAL O 15 19.90 -10.94 -54.45
C VAL O 15 19.40 -11.21 -53.05
N LEU O 16 19.90 -12.25 -52.42
CA LEU O 16 19.44 -12.56 -51.06
C LEU O 16 20.07 -11.57 -50.11
N ALA O 17 21.40 -11.56 -50.03
CA ALA O 17 22.10 -10.70 -49.10
C ALA O 17 21.79 -9.23 -49.27
N SER O 18 21.34 -8.81 -50.45
CA SER O 18 21.05 -7.39 -50.65
C SER O 18 19.80 -6.91 -49.94
N LEU O 19 18.69 -7.63 -50.08
CA LEU O 19 17.43 -7.22 -49.50
C LEU O 19 17.12 -7.89 -48.18
N VAL O 20 18.13 -8.06 -47.34
CA VAL O 20 17.94 -8.60 -46.01
C VAL O 20 18.57 -7.57 -45.07
N VAL O 21 17.76 -6.67 -44.57
CA VAL O 21 18.21 -5.62 -43.66
C VAL O 21 17.43 -5.81 -42.36
N PRO O 22 18.00 -6.48 -41.37
CA PRO O 22 17.27 -6.73 -40.13
C PRO O 22 16.91 -5.54 -39.25
N ASN O 23 17.90 -4.79 -38.78
CA ASN O 23 17.62 -3.67 -37.89
C ASN O 23 18.79 -2.71 -37.68
N LEU O 24 18.64 -1.82 -36.70
CA LEU O 24 19.61 -0.82 -36.30
C LEU O 24 20.57 -1.31 -35.23
N MET O 25 21.44 -0.40 -34.80
CA MET O 25 22.41 -0.59 -33.75
C MET O 25 22.24 0.60 -32.83
N GLY O 26 22.22 0.35 -31.53
CA GLY O 26 22.06 1.39 -30.53
C GLY O 26 20.78 1.29 -29.73
N ASN O 27 19.90 0.34 -30.04
CA ASN O 27 18.68 0.20 -29.28
C ASN O 27 18.97 -0.14 -27.83
N LYS O 28 20.08 -0.84 -27.59
CA LYS O 28 20.45 -1.21 -26.24
C LYS O 28 20.77 0.04 -25.43
N GLU O 29 21.32 1.05 -26.08
CA GLU O 29 21.65 2.28 -25.36
C GLU O 29 20.39 2.90 -24.79
N LYS O 30 19.28 2.80 -25.53
CA LYS O 30 18.05 3.35 -25.01
C LYS O 30 17.63 2.54 -23.81
N ALA O 31 17.89 1.24 -23.85
CA ALA O 31 17.52 0.38 -22.74
C ALA O 31 18.30 0.67 -21.50
N ASP O 32 19.51 1.19 -21.64
CA ASP O 32 20.32 1.51 -20.48
C ASP O 32 19.63 2.53 -19.61
N ARG O 33 18.85 3.42 -20.21
CA ARG O 33 18.15 4.43 -19.45
C ARG O 33 17.15 3.82 -18.48
N GLN O 34 16.15 3.11 -19.00
CA GLN O 34 15.13 2.53 -18.14
C GLN O 34 15.73 1.58 -17.14
N LYS O 35 16.86 0.98 -17.48
CA LYS O 35 17.53 0.09 -16.55
C LYS O 35 17.97 0.89 -15.34
N VAL O 36 18.37 2.13 -15.57
CA VAL O 36 18.81 2.98 -14.48
C VAL O 36 17.60 3.70 -13.91
N VAL O 37 16.64 4.05 -14.76
CA VAL O 37 15.47 4.73 -14.24
C VAL O 37 14.72 3.74 -13.36
N SER O 38 14.77 2.46 -13.70
CA SER O 38 14.09 1.48 -12.88
C SER O 38 14.74 1.43 -11.52
N ASP O 39 16.05 1.68 -11.49
CA ASP O 39 16.74 1.65 -10.21
C ASP O 39 16.28 2.81 -9.35
N LEU O 40 16.16 4.00 -9.96
CA LEU O 40 15.77 5.21 -9.24
C LEU O 40 14.66 5.03 -8.22
N VAL O 41 13.52 4.55 -8.65
CA VAL O 41 12.43 4.32 -7.72
C VAL O 41 12.85 3.17 -6.82
N ALA O 42 13.48 2.16 -7.40
CA ALA O 42 13.90 1.02 -6.60
C ALA O 42 14.95 1.40 -5.59
N LEU O 43 15.75 2.40 -5.89
CA LEU O 43 16.79 2.81 -4.95
C LEU O 43 16.13 3.58 -3.82
N GLU O 44 15.51 4.71 -4.14
CA GLU O 44 14.88 5.52 -3.11
C GLU O 44 13.81 4.75 -2.36
N GLY O 45 13.02 3.96 -3.08
CA GLY O 45 11.99 3.20 -2.40
C GLY O 45 12.60 2.20 -1.44
N ALA O 46 13.72 1.62 -1.83
CA ALA O 46 14.38 0.67 -0.95
C ALA O 46 15.04 1.40 0.23
N LEU O 47 15.60 2.57 -0.02
CA LEU O 47 16.22 3.31 1.05
C LEU O 47 15.19 3.74 2.07
N ASP O 48 13.98 4.05 1.60
CA ASP O 48 12.91 4.48 2.49
C ASP O 48 12.63 3.44 3.53
N MET O 49 12.81 2.17 3.18
CA MET O 49 12.59 1.10 4.14
C MET O 49 13.59 1.26 5.27
N TYR O 50 14.84 1.52 4.93
CA TYR O 50 15.84 1.68 5.97
C TYR O 50 15.57 2.98 6.69
N LYS O 51 14.99 3.96 6.00
CA LYS O 51 14.67 5.22 6.63
C LYS O 51 13.55 5.01 7.63
N LEU O 52 12.88 3.86 7.60
CA LEU O 52 11.79 3.56 8.50
C LEU O 52 12.29 2.89 9.77
N ASP O 53 12.97 1.76 9.63
CA ASP O 53 13.45 1.06 10.82
C ASP O 53 14.45 1.85 11.64
N ASN O 54 15.53 2.28 11.02
CA ASN O 54 16.51 3.06 11.74
C ASN O 54 16.08 4.52 11.71
N SER O 55 14.92 4.84 11.13
CA SER O 55 14.41 6.20 11.09
C SER O 55 15.34 7.17 10.36
N ARG O 56 16.22 6.66 9.52
CA ARG O 56 17.16 7.50 8.78
C ARG O 56 17.87 6.73 7.69
N TYR O 57 18.63 7.43 6.90
CA TYR O 57 19.36 6.90 5.77
C TYR O 57 20.85 6.67 6.04
N PRO O 58 21.50 5.77 5.31
CA PRO O 58 22.93 5.54 5.50
C PRO O 58 23.80 6.67 4.99
N THR O 59 25.00 6.73 5.55
CA THR O 59 26.02 7.70 5.23
C THR O 59 26.69 7.43 3.88
N THR O 60 27.28 8.47 3.29
CA THR O 60 28.02 8.36 2.04
C THR O 60 29.03 7.23 2.10
N GLU O 61 30.01 7.33 3.02
CA GLU O 61 31.01 6.27 3.12
C GLU O 61 30.34 4.95 3.51
N GLN O 62 29.23 5.03 4.22
CA GLN O 62 28.49 3.83 4.57
C GLN O 62 27.97 3.19 3.28
N GLY O 63 27.73 4.02 2.26
CA GLY O 63 27.27 3.57 0.95
C GLY O 63 26.00 2.75 0.92
N LEU O 64 25.57 2.39 -0.30
CA LEU O 64 24.37 1.59 -0.45
C LEU O 64 24.59 0.17 0.04
N GLN O 65 25.85 -0.21 0.26
CA GLN O 65 26.17 -1.54 0.75
C GLN O 65 25.47 -1.76 2.08
N ALA O 66 25.20 -0.69 2.81
CA ALA O 66 24.46 -0.81 4.05
C ALA O 66 23.08 -1.35 3.80
N LEU O 67 22.53 -1.09 2.62
CA LEU O 67 21.24 -1.61 2.30
C LEU O 67 21.50 -3.08 1.97
N VAL O 68 22.70 -3.42 1.54
CA VAL O 68 23.02 -4.81 1.23
C VAL O 68 23.34 -5.58 2.51
N SER O 69 24.13 -4.99 3.41
CA SER O 69 24.54 -5.64 4.64
C SER O 69 24.44 -4.68 5.81
N ALA O 70 24.49 -5.20 7.03
CA ALA O 70 24.31 -4.37 8.21
C ALA O 70 25.29 -3.21 8.21
N PRO O 71 24.85 -1.99 8.57
CA PRO O 71 25.79 -0.89 8.51
C PRO O 71 26.85 -0.91 9.59
N SER O 72 28.03 -1.39 9.20
CA SER O 72 29.14 -1.47 10.15
C SER O 72 29.54 -0.08 10.63
N ALA O 73 29.68 0.87 9.71
CA ALA O 73 30.04 2.20 10.16
C ALA O 73 28.81 2.76 10.86
N GLU O 74 29.04 3.35 12.00
CA GLU O 74 27.95 3.91 12.77
C GLU O 74 27.36 5.14 12.07
N PRO O 75 26.11 5.53 12.38
CA PRO O 75 25.13 4.92 13.29
C PRO O 75 24.63 3.53 12.92
N HIS O 76 24.39 2.74 13.96
CA HIS O 76 23.90 1.39 13.82
C HIS O 76 22.39 1.38 13.57
N ALA O 77 21.91 0.31 12.92
CA ALA O 77 20.50 0.15 12.58
C ALA O 77 19.78 -0.84 13.48
N ARG O 78 18.50 -0.56 13.70
CA ARG O 78 17.64 -1.39 14.52
C ARG O 78 16.74 -2.25 13.63
N ASN O 79 16.55 -3.51 14.04
CA ASN O 79 15.71 -4.46 13.31
C ASN O 79 16.12 -4.54 11.85
N TYR O 80 17.41 -4.50 11.61
CA TYR O 80 17.90 -4.60 10.25
C TYR O 80 17.48 -5.98 9.75
N PRO O 81 16.73 -6.06 8.64
CA PRO O 81 16.30 -7.38 8.19
C PRO O 81 17.43 -8.19 7.58
N GLU O 82 17.08 -9.42 7.25
CA GLU O 82 18.02 -10.33 6.64
C GLU O 82 18.53 -9.74 5.34
N GLY O 83 19.84 -9.71 5.20
CA GLY O 83 20.47 -9.19 4.00
C GLY O 83 20.08 -7.78 3.66
N GLY O 84 19.57 -7.02 4.62
CA GLY O 84 19.17 -5.69 4.31
C GLY O 84 17.97 -5.71 3.41
N TYR O 85 17.71 -4.58 2.77
CA TYR O 85 16.54 -4.40 1.92
C TYR O 85 16.77 -4.73 0.46
N ILE O 86 17.74 -5.57 0.17
CA ILE O 86 17.99 -5.93 -1.21
C ILE O 86 18.69 -7.26 -1.29
N ARG O 87 18.52 -7.93 -2.40
CA ARG O 87 19.21 -9.17 -2.61
C ARG O 87 20.69 -8.84 -2.82
N ARG O 88 21.00 -8.15 -3.93
CA ARG O 88 22.36 -7.80 -4.29
C ARG O 88 22.41 -6.35 -4.77
N LEU O 89 23.63 -5.83 -4.90
CA LEU O 89 23.81 -4.45 -5.34
C LEU O 89 23.80 -4.32 -6.85
N PRO O 90 22.95 -3.47 -7.43
CA PRO O 90 23.00 -3.30 -8.88
C PRO O 90 24.28 -2.56 -9.26
N GLN O 91 25.09 -3.21 -10.08
CA GLN O 91 26.35 -2.66 -10.56
C GLN O 91 26.07 -1.99 -11.88
N ASP O 92 26.41 -0.72 -11.98
CA ASP O 92 26.21 0.02 -13.21
C ASP O 92 27.24 -0.56 -14.18
N PRO O 93 26.83 -1.05 -15.34
CA PRO O 93 27.78 -1.68 -16.25
C PRO O 93 28.66 -0.72 -17.04
N TRP O 94 29.35 0.16 -16.32
CA TRP O 94 30.32 1.07 -16.91
C TRP O 94 31.38 1.31 -15.84
N GLY O 95 31.61 0.35 -14.95
CA GLY O 95 32.61 0.49 -13.92
C GLY O 95 32.23 1.37 -12.75
N SER O 96 30.96 1.40 -12.37
CA SER O 96 30.56 2.24 -11.25
C SER O 96 29.36 1.70 -10.50
N ASP O 97 29.29 2.07 -9.24
CA ASP O 97 28.18 1.72 -8.40
C ASP O 97 27.30 2.96 -8.32
N TYR O 98 26.27 2.89 -7.52
CA TYR O 98 25.33 4.00 -7.35
C TYR O 98 25.72 4.77 -6.10
N GLN O 99 26.56 5.78 -6.27
CA GLN O 99 27.02 6.57 -5.13
C GLN O 99 25.93 7.44 -4.53
N LEU O 100 25.57 7.15 -3.29
CA LEU O 100 24.57 7.92 -2.59
C LEU O 100 25.21 9.17 -2.02
N LEU O 101 24.38 10.10 -1.58
CA LEU O 101 24.84 11.33 -0.96
C LEU O 101 24.18 11.50 0.40
N SER O 102 24.99 11.87 1.38
CA SER O 102 24.54 12.05 2.76
C SER O 102 24.89 13.45 3.28
N PRO O 103 23.93 14.38 3.30
CA PRO O 103 22.53 14.43 2.88
C PRO O 103 22.37 14.86 1.44
N GLY O 104 21.25 14.46 0.84
CA GLY O 104 20.96 14.85 -0.51
C GLY O 104 20.62 16.32 -0.61
N GLN O 105 20.97 16.92 -1.75
CA GLN O 105 20.66 18.31 -2.00
C GLN O 105 19.26 18.47 -2.57
N CYS O 106 18.74 17.45 -3.26
CA CYS O 106 17.39 17.50 -3.82
C CYS O 106 16.39 16.95 -2.81
N GLY O 107 16.84 16.64 -1.60
CA GLY O 107 15.96 16.12 -0.59
C GLY O 107 16.73 15.50 0.55
N GLN O 108 16.32 14.31 0.98
CA GLN O 108 17.01 13.66 2.08
C GLN O 108 18.29 12.99 1.62
N VAL O 109 18.28 12.38 0.42
CA VAL O 109 19.42 11.66 -0.11
C VAL O 109 19.56 11.86 -1.60
N ASP O 110 20.79 11.85 -2.09
CA ASP O 110 21.06 11.94 -3.51
C ASP O 110 22.01 10.85 -3.97
N ILE O 111 21.71 10.29 -5.15
CA ILE O 111 22.48 9.20 -5.73
C ILE O 111 23.08 9.62 -7.06
N PHE O 112 24.28 9.11 -7.34
CA PHE O 112 24.98 9.43 -8.56
C PHE O 112 25.82 8.27 -9.09
N SER O 113 26.21 8.38 -10.36
CA SER O 113 27.01 7.36 -11.03
C SER O 113 27.70 7.91 -12.27
N LEU O 114 28.69 7.16 -12.75
CA LEU O 114 29.41 7.57 -13.95
C LEU O 114 28.44 7.57 -15.12
N GLY O 115 27.78 6.45 -15.35
CA GLY O 115 26.86 6.31 -16.43
C GLY O 115 27.54 5.88 -17.71
N PRO O 116 26.78 5.88 -18.80
CA PRO O 116 27.35 5.44 -20.09
C PRO O 116 28.56 6.23 -20.50
N ASP O 117 28.63 7.52 -20.16
CA ASP O 117 29.79 8.29 -20.53
C ASP O 117 31.00 7.77 -19.76
N GLY O 118 30.77 7.15 -18.61
CA GLY O 118 31.88 6.67 -17.81
C GLY O 118 32.62 7.78 -17.11
N VAL O 119 32.03 8.97 -17.05
CA VAL O 119 32.66 10.14 -16.46
C VAL O 119 31.92 10.48 -15.17
N PRO O 120 32.63 10.92 -14.12
CA PRO O 120 31.93 11.27 -12.87
C PRO O 120 31.42 12.70 -12.91
N GLU O 121 30.11 12.85 -12.72
CA GLU O 121 29.47 14.16 -12.65
C GLU O 121 29.72 15.08 -13.84
N SER O 122 29.46 14.59 -15.05
CA SER O 122 29.62 15.38 -16.26
C SER O 122 28.29 15.54 -16.97
N ASN O 123 27.78 14.46 -17.53
CA ASN O 123 26.52 14.47 -18.24
C ASN O 123 25.65 13.31 -17.80
N ASP O 124 26.23 12.14 -17.61
CA ASP O 124 25.50 10.95 -17.20
C ASP O 124 25.62 10.77 -15.69
N ASP O 125 25.34 11.84 -14.96
CA ASP O 125 25.37 11.87 -13.52
C ASP O 125 24.05 11.42 -12.95
N ILE O 126 23.24 10.69 -13.70
CA ILE O 126 21.95 10.28 -13.19
C ILE O 126 22.12 9.32 -12.01
N GLY O 127 21.05 9.14 -11.27
CA GLY O 127 21.00 8.34 -10.06
C GLY O 127 19.90 8.86 -9.16
N ASN O 128 19.50 10.11 -9.36
CA ASN O 128 18.42 10.74 -8.65
C ASN O 128 18.04 11.97 -9.50
N CYS O 129 17.53 13.04 -8.87
CA CYS O 129 17.09 14.28 -9.50
C CYS O 129 17.99 14.78 -10.62
N THR O 130 19.27 14.95 -10.31
CA THR O 130 20.24 15.43 -11.29
C THR O 130 21.29 14.36 -11.52
N THR P 2 35.51 -26.87 -72.05
CA THR P 2 36.37 -27.70 -71.28
C THR P 2 37.33 -26.81 -70.50
N LEU P 3 37.76 -25.70 -71.08
CA LEU P 3 38.69 -24.81 -70.40
C LEU P 3 37.94 -23.58 -69.91
N LEU P 4 37.30 -22.86 -70.84
CA LEU P 4 36.55 -21.66 -70.43
C LEU P 4 35.41 -22.05 -69.52
N GLU P 5 34.78 -23.17 -69.80
CA GLU P 5 33.67 -23.69 -69.00
C GLU P 5 34.17 -24.10 -67.63
N ILE P 6 35.47 -24.36 -67.50
CA ILE P 6 36.07 -24.80 -66.26
C ILE P 6 37.00 -23.76 -65.66
N MET P 7 38.13 -23.48 -66.32
CA MET P 7 39.13 -22.58 -65.78
C MET P 7 38.59 -21.25 -65.31
N VAL P 8 37.63 -20.69 -66.04
CA VAL P 8 37.07 -19.42 -65.62
C VAL P 8 36.32 -19.67 -64.32
N VAL P 9 35.68 -20.81 -64.19
CA VAL P 9 34.91 -21.09 -63.01
C VAL P 9 35.75 -21.47 -61.83
N ILE P 10 36.88 -22.12 -62.06
CA ILE P 10 37.73 -22.52 -60.95
C ILE P 10 38.12 -21.26 -60.22
N VAL P 11 38.38 -20.20 -60.97
CA VAL P 11 38.76 -18.94 -60.34
C VAL P 11 37.56 -18.42 -59.58
N ILE P 12 36.42 -18.31 -60.27
CA ILE P 12 35.21 -17.78 -59.65
C ILE P 12 34.87 -18.57 -58.40
N LEU P 13 35.17 -19.86 -58.39
CA LEU P 13 34.88 -20.66 -57.21
C LEU P 13 35.73 -20.14 -56.07
N GLY P 14 37.05 -20.20 -56.23
CA GLY P 14 37.92 -19.76 -55.16
C GLY P 14 37.76 -18.30 -54.83
N VAL P 15 37.55 -17.47 -55.85
CA VAL P 15 37.37 -16.04 -55.59
C VAL P 15 36.13 -15.86 -54.75
N LEU P 16 35.12 -16.69 -54.98
CA LEU P 16 33.90 -16.56 -54.19
C LEU P 16 34.15 -17.11 -52.81
N ALA P 17 34.47 -18.39 -52.72
CA ALA P 17 34.67 -19.04 -51.44
C ALA P 17 35.72 -18.39 -50.58
N SER P 18 36.67 -17.66 -51.18
CA SER P 18 37.71 -17.04 -50.37
C SER P 18 37.25 -15.86 -49.54
N LEU P 19 36.51 -14.94 -50.15
CA LEU P 19 36.07 -13.73 -49.48
C LEU P 19 34.64 -13.81 -48.96
N VAL P 20 34.26 -14.96 -48.44
CA VAL P 20 32.96 -15.14 -47.83
C VAL P 20 33.25 -15.68 -46.42
N VAL P 21 33.33 -14.79 -45.46
CA VAL P 21 33.60 -15.16 -44.08
C VAL P 21 32.41 -14.68 -43.26
N PRO P 22 31.44 -15.55 -42.97
CA PRO P 22 30.25 -15.12 -42.24
C PRO P 22 30.42 -14.68 -40.79
N ASN P 23 30.92 -15.54 -39.93
CA ASN P 23 31.04 -15.18 -38.51
C ASN P 23 31.91 -16.14 -37.69
N LEU P 24 31.86 -15.96 -36.37
CA LEU P 24 32.56 -16.75 -35.38
C LEU P 24 31.80 -17.97 -34.90
N MET P 25 32.40 -18.68 -33.96
CA MET P 25 31.85 -19.84 -33.30
C MET P 25 32.04 -19.58 -31.81
N GLY P 26 31.00 -19.84 -31.03
CA GLY P 26 31.05 -19.63 -29.59
C GLY P 26 30.09 -18.57 -29.10
N ASN P 27 29.38 -17.88 -29.98
CA ASN P 27 28.45 -16.87 -29.54
C ASN P 27 27.33 -17.49 -28.70
N LYS P 28 27.00 -18.74 -28.98
CA LYS P 28 25.96 -19.41 -28.22
C LYS P 28 26.40 -19.60 -26.78
N GLU P 29 27.70 -19.78 -26.55
CA GLU P 29 28.18 -19.96 -25.19
C GLU P 29 27.89 -18.72 -24.37
N LYS P 30 27.99 -17.55 -25.01
CA LYS P 30 27.70 -16.33 -24.28
C LYS P 30 26.22 -16.32 -23.95
N ALA P 31 25.41 -16.85 -24.86
CA ALA P 31 23.97 -16.88 -24.63
C ALA P 31 23.58 -17.78 -23.49
N ASP P 32 24.38 -18.80 -23.22
CA ASP P 32 24.08 -19.71 -22.14
C ASP P 32 24.03 -18.98 -20.82
N ARG P 33 24.83 -17.93 -20.68
CA ARG P 33 24.85 -17.17 -19.45
C ARG P 33 23.51 -16.53 -19.16
N GLN P 34 23.07 -15.63 -20.04
CA GLN P 34 21.82 -14.91 -19.83
C GLN P 34 20.66 -15.88 -19.72
N LYS P 35 20.77 -17.04 -20.35
CA LYS P 35 19.73 -18.03 -20.26
C LYS P 35 19.63 -18.50 -18.82
N VAL P 36 20.76 -18.57 -18.14
CA VAL P 36 20.78 -19.00 -16.75
C VAL P 36 20.56 -17.78 -15.88
N VAL P 37 21.10 -16.64 -16.28
CA VAL P 37 20.91 -15.45 -15.46
C VAL P 37 19.43 -15.11 -15.49
N SER P 38 18.76 -15.37 -16.60
CA SER P 38 17.34 -15.08 -16.68
C SER P 38 16.61 -15.96 -15.70
N ASP P 39 17.13 -17.17 -15.48
CA ASP P 39 16.47 -18.05 -14.55
C ASP P 39 16.60 -17.51 -13.14
N LEU P 40 17.79 -17.03 -12.79
CA LEU P 40 18.07 -16.52 -11.44
C LEU P 40 16.96 -15.68 -10.83
N VAL P 41 16.58 -14.61 -11.50
CA VAL P 41 15.51 -13.78 -10.99
C VAL P 41 14.24 -14.59 -11.09
N ALA P 42 14.08 -15.32 -12.19
CA ALA P 42 12.87 -16.10 -12.37
C ALA P 42 12.78 -17.20 -11.34
N LEU P 43 13.90 -17.71 -10.88
CA LEU P 43 13.86 -18.77 -9.89
C LEU P 43 13.48 -18.18 -8.55
N GLU P 44 14.31 -17.28 -8.03
CA GLU P 44 14.03 -16.68 -6.74
C GLU P 44 12.71 -15.95 -6.72
N GLY P 45 12.39 -15.24 -7.80
CA GLY P 45 11.13 -14.54 -7.83
C GLY P 45 9.97 -15.51 -7.80
N ALA P 46 10.13 -16.65 -8.45
CA ALA P 46 9.07 -17.64 -8.43
C ALA P 46 9.00 -18.32 -7.06
N LEU P 47 10.15 -18.56 -6.44
CA LEU P 47 10.14 -19.18 -5.14
C LEU P 47 9.49 -18.28 -4.12
N ASP P 48 9.68 -16.97 -4.28
CA ASP P 48 9.10 -16.00 -3.35
C ASP P 48 7.60 -16.15 -3.30
N MET P 49 6.99 -16.53 -4.41
CA MET P 49 5.55 -16.72 -4.42
C MET P 49 5.20 -17.85 -3.47
N TYR P 50 5.96 -18.94 -3.52
CA TYR P 50 5.67 -20.04 -2.63
C TYR P 50 6.04 -19.63 -1.22
N LYS P 51 7.02 -18.73 -1.08
CA LYS P 51 7.41 -18.25 0.24
C LYS P 51 6.29 -17.40 0.81
N LEU P 52 5.31 -17.01 -0.01
CA LEU P 52 4.21 -16.18 0.45
C LEU P 52 3.05 -17.03 0.93
N ASP P 53 2.53 -17.92 0.08
CA ASP P 53 1.40 -18.74 0.48
C ASP P 53 1.71 -19.67 1.64
N ASN P 54 2.72 -20.50 1.49
CA ASN P 54 3.07 -21.40 2.57
C ASN P 54 4.00 -20.67 3.54
N SER P 55 4.27 -19.38 3.30
CA SER P 55 5.11 -18.58 4.17
C SER P 55 6.53 -19.12 4.31
N ARG P 56 6.96 -19.94 3.36
CA ARG P 56 8.30 -20.52 3.40
C ARG P 56 8.68 -21.18 2.09
N TYR P 57 9.90 -21.62 2.00
CA TYR P 57 10.47 -22.24 0.83
C TYR P 57 10.54 -23.77 0.90
N PRO P 58 10.57 -24.46 -0.24
CA PRO P 58 10.68 -25.92 -0.23
C PRO P 58 12.06 -26.42 0.18
N THR P 59 12.07 -27.65 0.65
CA THR P 59 13.25 -28.36 1.10
C THR P 59 14.12 -28.84 -0.07
N THR P 60 15.41 -29.06 0.21
CA THR P 60 16.35 -29.58 -0.78
C THR P 60 15.81 -30.81 -1.47
N GLU P 61 15.55 -31.89 -0.71
CA GLU P 61 15.01 -33.08 -1.34
C GLU P 61 13.65 -32.81 -1.95
N GLN P 62 12.93 -31.84 -1.40
CA GLN P 62 11.65 -31.46 -1.97
C GLN P 62 11.89 -30.87 -3.35
N GLY P 63 13.07 -30.28 -3.56
CA GLY P 63 13.48 -29.71 -4.83
C GLY P 63 12.57 -28.68 -5.43
N LEU P 64 12.99 -28.12 -6.58
CA LEU P 64 12.20 -27.11 -7.26
C LEU P 64 10.94 -27.72 -7.85
N GLN P 65 10.88 -29.06 -7.91
CA GLN P 65 9.71 -29.74 -8.45
C GLN P 65 8.50 -29.35 -7.63
N ALA P 66 8.69 -28.99 -6.38
CA ALA P 66 7.59 -28.52 -5.56
C ALA P 66 6.98 -27.27 -6.14
N LEU P 67 7.79 -26.49 -6.83
CA LEU P 67 7.27 -25.30 -7.45
C LEU P 67 6.52 -25.81 -8.67
N VAL P 68 6.90 -26.97 -9.21
CA VAL P 68 6.21 -27.51 -10.37
C VAL P 68 4.92 -28.21 -9.95
N SER P 69 4.97 -29.00 -8.87
CA SER P 69 3.83 -29.76 -8.39
C SER P 69 3.71 -29.66 -6.88
N ALA P 70 2.57 -30.04 -6.33
CA ALA P 70 2.33 -29.88 -4.90
C ALA P 70 3.42 -30.57 -4.10
N PRO P 71 3.93 -29.95 -3.02
CA PRO P 71 5.00 -30.60 -2.30
C PRO P 71 4.58 -31.82 -1.50
N SER P 72 4.82 -32.99 -2.08
CA SER P 72 4.47 -34.23 -1.42
C SER P 72 5.23 -34.40 -0.12
N ALA P 73 6.54 -34.16 -0.16
CA ALA P 73 7.29 -34.30 1.08
C ALA P 73 6.88 -33.11 1.95
N GLU P 74 6.62 -33.40 3.19
CA GLU P 74 6.20 -32.37 4.11
C GLU P 74 7.35 -31.42 4.43
N PRO P 75 7.07 -30.18 4.88
CA PRO P 75 5.79 -29.53 5.13
C PRO P 75 4.91 -29.31 3.91
N HIS P 76 3.61 -29.43 4.14
CA HIS P 76 2.60 -29.23 3.11
C HIS P 76 2.34 -27.73 2.89
N ALA P 77 1.87 -27.39 1.69
CA ALA P 77 1.59 -26.01 1.30
C ALA P 77 0.10 -25.70 1.28
N ARG P 78 -0.20 -24.44 1.61
CA ARG P 78 -1.57 -23.95 1.63
C ARG P 78 -1.84 -23.12 0.38
N ASN P 79 -3.04 -23.28 -0.17
CA ASN P 79 -3.47 -22.56 -1.36
C ASN P 79 -2.46 -22.71 -2.49
N TYR P 80 -1.92 -23.90 -2.62
CA TYR P 80 -0.96 -24.15 -3.68
C TYR P 80 -1.72 -23.95 -4.99
N PRO P 81 -1.27 -23.07 -5.87
CA PRO P 81 -2.02 -22.86 -7.10
C PRO P 81 -1.88 -24.01 -8.08
N GLU P 82 -2.63 -23.88 -9.17
CA GLU P 82 -2.61 -24.88 -10.21
C GLU P 82 -1.20 -25.01 -10.75
N GLY P 83 -0.72 -26.25 -10.81
CA GLY P 83 0.61 -26.53 -11.33
C GLY P 83 1.72 -25.78 -10.64
N GLY P 84 1.47 -25.29 -9.43
CA GLY P 84 2.51 -24.56 -8.76
C GLY P 84 2.74 -23.25 -9.46
N TYR P 85 3.89 -22.64 -9.18
CA TYR P 85 4.24 -21.33 -9.71
C TYR P 85 5.03 -21.36 -11.00
N ILE P 86 4.88 -22.43 -11.76
CA ILE P 86 5.61 -22.49 -13.01
C ILE P 86 4.92 -23.45 -13.96
N ARG P 87 5.13 -23.24 -15.24
CA ARG P 87 4.60 -24.15 -16.21
C ARG P 87 5.37 -25.44 -16.12
N ARG P 88 6.66 -25.40 -16.47
CA ARG P 88 7.53 -26.56 -16.47
C ARG P 88 8.87 -26.21 -15.85
N LEU P 89 9.68 -27.24 -15.56
CA LEU P 89 10.98 -27.04 -14.95
C LEU P 89 12.06 -26.73 -15.97
N PRO P 90 12.79 -25.63 -15.84
CA PRO P 90 13.87 -25.39 -16.79
C PRO P 90 15.00 -26.37 -16.56
N GLN P 91 15.30 -27.16 -17.58
CA GLN P 91 16.36 -28.16 -17.54
C GLN P 91 17.61 -27.52 -18.06
N ASP P 92 18.67 -27.55 -17.27
CA ASP P 92 19.94 -26.97 -17.68
C ASP P 92 20.44 -27.92 -18.77
N PRO P 93 20.76 -27.43 -19.96
CA PRO P 93 21.17 -28.32 -21.04
C PRO P 93 22.60 -28.81 -20.96
N TRP P 94 22.94 -29.41 -19.82
CA TRP P 94 24.24 -30.04 -19.62
C TRP P 94 24.01 -31.18 -18.65
N GLY P 95 22.82 -31.78 -18.64
CA GLY P 95 22.53 -32.89 -17.77
C GLY P 95 22.28 -32.54 -16.32
N SER P 96 21.69 -31.38 -16.04
CA SER P 96 21.44 -31.00 -14.66
C SER P 96 20.24 -30.11 -14.49
N ASP P 97 19.65 -30.19 -13.31
CA ASP P 97 18.54 -29.34 -12.96
C ASP P 97 19.11 -28.24 -12.07
N TYR P 98 18.26 -27.40 -11.55
CA TYR P 98 18.66 -26.29 -10.69
C TYR P 98 18.50 -26.72 -9.24
N GLN P 99 19.56 -27.27 -8.67
CA GLN P 99 19.50 -27.74 -7.28
C GLN P 99 19.42 -26.61 -6.28
N LEU P 100 18.30 -26.55 -5.57
CA LEU P 100 18.10 -25.54 -4.55
C LEU P 100 18.79 -25.99 -3.27
N LEU P 101 18.92 -25.07 -2.34
CA LEU P 101 19.51 -25.34 -1.04
C LEU P 101 18.56 -24.91 0.07
N SER P 102 18.40 -25.79 1.06
CA SER P 102 17.51 -25.56 2.19
C SER P 102 18.25 -25.68 3.51
N PRO P 103 18.62 -24.55 4.15
CA PRO P 103 18.55 -23.13 3.84
C PRO P 103 19.74 -22.62 3.07
N GLY P 104 19.53 -21.53 2.34
CA GLY P 104 20.61 -20.93 1.60
C GLY P 104 21.62 -20.26 2.52
N GLN P 105 22.86 -20.26 2.08
CA GLN P 105 23.93 -19.63 2.83
C GLN P 105 24.03 -18.14 2.50
N CYS P 106 23.61 -17.74 1.29
CA CYS P 106 23.63 -16.35 0.89
C CYS P 106 22.31 -15.69 1.24
N GLY P 107 21.43 -16.39 1.93
CA GLY P 107 20.15 -15.83 2.30
C GLY P 107 19.19 -16.92 2.75
N GLN P 108 17.96 -16.85 2.25
CA GLN P 108 16.98 -17.85 2.63
C GLN P 108 17.16 -19.15 1.86
N VAL P 109 17.52 -19.06 0.57
CA VAL P 109 17.67 -20.23 -0.29
C VAL P 109 18.83 -20.04 -1.25
N ASP P 110 19.49 -21.15 -1.60
CA ASP P 110 20.54 -21.14 -2.58
C ASP P 110 20.34 -22.20 -3.64
N ILE P 111 20.64 -21.83 -4.89
CA ILE P 111 20.46 -22.70 -6.04
C ILE P 111 21.80 -22.96 -6.72
N PHE P 112 21.95 -24.16 -7.25
CA PHE P 112 23.17 -24.56 -7.92
C PHE P 112 22.94 -25.52 -9.07
N SER P 113 23.95 -25.64 -9.94
CA SER P 113 23.90 -26.52 -11.10
C SER P 113 25.29 -26.84 -11.63
N LEU P 114 25.35 -27.88 -12.47
CA LEU P 114 26.63 -28.26 -13.06
C LEU P 114 27.13 -27.13 -13.94
N GLY P 115 26.29 -26.70 -14.89
CA GLY P 115 26.65 -25.65 -15.79
C GLY P 115 27.36 -26.18 -17.01
N PRO P 116 27.87 -25.25 -17.84
CA PRO P 116 28.56 -25.67 -19.06
C PRO P 116 29.72 -26.58 -18.81
N ASP P 117 30.43 -26.42 -17.69
CA ASP P 117 31.54 -27.32 -17.42
C ASP P 117 31.00 -28.72 -17.18
N GLY P 118 29.75 -28.84 -16.75
CA GLY P 118 29.21 -30.15 -16.47
C GLY P 118 29.74 -30.73 -15.19
N VAL P 119 30.38 -29.92 -14.35
CA VAL P 119 30.99 -30.37 -13.11
C VAL P 119 30.18 -29.81 -11.95
N PRO P 120 30.00 -30.58 -10.86
CA PRO P 120 29.23 -30.06 -9.72
C PRO P 120 30.12 -29.25 -8.79
N GLU P 121 29.75 -28.00 -8.57
CA GLU P 121 30.43 -27.10 -7.65
C GLU P 121 31.93 -26.93 -7.90
N SER P 122 32.30 -26.57 -9.13
CA SER P 122 33.69 -26.35 -9.48
C SER P 122 33.89 -24.91 -9.92
N ASN P 123 33.36 -24.56 -11.07
CA ASN P 123 33.47 -23.22 -11.61
C ASN P 123 32.12 -22.71 -12.09
N ASP P 124 31.34 -23.56 -12.73
CA ASP P 124 30.03 -23.20 -13.24
C ASP P 124 28.96 -23.61 -12.25
N ASP P 125 29.15 -23.24 -11.00
CA ASP P 125 28.24 -23.52 -9.91
C ASP P 125 27.18 -22.44 -9.82
N ILE P 126 26.93 -21.70 -10.88
CA ILE P 126 25.94 -20.64 -10.82
C ILE P 126 24.55 -21.22 -10.59
N GLY P 127 23.64 -20.37 -10.19
CA GLY P 127 22.28 -20.71 -9.84
C GLY P 127 21.74 -19.70 -8.84
N ASN P 128 22.64 -19.00 -8.16
CA ASN P 128 22.31 -17.95 -7.22
C ASN P 128 23.63 -17.18 -7.02
N CYS P 129 23.83 -16.56 -5.85
CA CYS P 129 24.99 -15.76 -5.48
C CYS P 129 26.32 -16.32 -5.96
N THR P 130 26.60 -17.55 -5.59
CA THR P 130 27.85 -18.21 -5.96
C THR P 130 27.54 -19.41 -6.84
N THR Q 2 42.03 -31.41 -79.03
CA THR Q 2 41.20 -32.54 -79.00
C THR Q 2 41.58 -33.41 -77.81
N LEU Q 3 42.86 -33.48 -77.48
CA LEU Q 3 43.30 -34.30 -76.36
C LEU Q 3 43.64 -33.39 -75.19
N LEU Q 4 44.57 -32.46 -75.39
CA LEU Q 4 44.93 -31.55 -74.30
C LEU Q 4 43.75 -30.70 -73.90
N GLU Q 5 42.96 -30.29 -74.89
CA GLU Q 5 41.77 -29.49 -74.67
C GLU Q 5 40.71 -30.29 -73.93
N ILE Q 6 40.82 -31.61 -73.98
CA ILE Q 6 39.87 -32.52 -73.35
C ILE Q 6 40.46 -33.28 -72.19
N MET Q 7 41.40 -34.18 -72.48
CA MET Q 7 41.98 -35.04 -71.44
C MET Q 7 42.46 -34.31 -70.20
N VAL Q 8 43.06 -33.15 -70.38
CA VAL Q 8 43.51 -32.40 -69.23
C VAL Q 8 42.29 -31.97 -68.45
N VAL Q 9 41.22 -31.63 -69.15
CA VAL Q 9 40.03 -31.15 -68.47
C VAL Q 9 39.23 -32.25 -67.84
N ILE Q 10 39.24 -33.44 -68.43
CA ILE Q 10 38.47 -34.54 -67.87
C ILE Q 10 39.00 -34.76 -66.47
N VAL Q 11 40.30 -34.66 -66.29
CA VAL Q 11 40.87 -34.86 -64.98
C VAL Q 11 40.42 -33.72 -64.10
N ILE Q 12 40.62 -32.49 -64.55
CA ILE Q 12 40.24 -31.31 -63.76
C ILE Q 12 38.78 -31.38 -63.37
N LEU Q 13 37.95 -31.95 -64.24
CA LEU Q 13 36.55 -32.06 -63.91
C LEU Q 13 36.40 -32.96 -62.70
N GLY Q 14 36.83 -34.21 -62.84
CA GLY Q 14 36.68 -35.14 -61.74
C GLY Q 14 37.46 -34.73 -60.50
N VAL Q 15 38.65 -34.16 -60.70
CA VAL Q 15 39.43 -33.73 -59.55
C VAL Q 15 38.66 -32.64 -58.83
N LEU Q 16 37.95 -31.82 -59.58
CA LEU Q 16 37.19 -30.76 -58.94
C LEU Q 16 35.96 -31.35 -58.29
N ALA Q 17 35.09 -31.97 -59.08
CA ALA Q 17 33.84 -32.52 -58.58
C ALA Q 17 34.05 -33.54 -57.47
N SER Q 18 35.21 -34.18 -57.41
CA SER Q 18 35.41 -35.18 -56.38
C SER Q 18 35.58 -34.63 -54.97
N LEU Q 19 36.43 -33.62 -54.82
CA LEU Q 19 36.70 -33.04 -53.51
C LEU Q 19 35.91 -31.78 -53.21
N VAL Q 20 34.65 -31.77 -53.61
CA VAL Q 20 33.76 -30.67 -53.30
C VAL Q 20 32.54 -31.31 -52.63
N VAL Q 21 32.57 -31.36 -51.31
CA VAL Q 21 31.48 -31.94 -50.54
C VAL Q 21 30.95 -30.84 -49.64
N PRO Q 22 29.88 -30.15 -50.03
CA PRO Q 22 29.37 -29.05 -49.22
C PRO Q 22 28.78 -29.36 -47.85
N ASN Q 23 27.74 -30.17 -47.80
CA ASN Q 23 27.11 -30.48 -46.51
C ASN Q 23 26.15 -31.66 -46.53
N LEU Q 24 25.39 -31.80 -45.45
CA LEU Q 24 24.39 -32.83 -45.23
C LEU Q 24 23.01 -32.44 -45.72
N MET Q 25 22.06 -33.35 -45.49
CA MET Q 25 20.66 -33.19 -45.79
C MET Q 25 19.93 -33.57 -44.52
N GLY Q 26 18.94 -32.77 -44.14
CA GLY Q 26 18.16 -33.02 -42.94
C GLY Q 26 18.31 -31.97 -41.88
N ASN Q 27 19.18 -30.97 -42.07
CA ASN Q 27 19.34 -29.93 -41.08
C ASN Q 27 18.05 -29.15 -40.91
N LYS Q 28 17.25 -29.05 -41.97
CA LYS Q 28 15.99 -28.34 -41.88
C LYS Q 28 15.05 -29.05 -40.93
N GLU Q 29 15.13 -30.38 -40.87
CA GLU Q 29 14.25 -31.12 -39.98
C GLU Q 29 14.51 -30.72 -38.54
N LYS Q 30 15.78 -30.45 -38.21
CA LYS Q 30 16.07 -30.03 -36.86
C LYS Q 30 15.46 -28.66 -36.64
N ALA Q 31 15.44 -27.84 -37.68
CA ALA Q 31 14.88 -26.51 -37.56
C ALA Q 31 13.38 -26.54 -37.34
N ASP Q 32 12.72 -27.57 -37.82
CA ASP Q 32 11.29 -27.67 -37.64
C ASP Q 32 10.93 -27.69 -36.18
N ARG Q 33 11.80 -28.26 -35.35
CA ARG Q 33 11.53 -28.33 -33.92
C ARG Q 33 11.42 -26.95 -33.30
N GLN Q 34 12.51 -26.18 -33.35
CA GLN Q 34 12.52 -24.85 -32.74
C GLN Q 34 11.44 -23.97 -33.33
N LYS Q 35 11.08 -24.23 -34.57
CA LYS Q 35 10.01 -23.46 -35.20
C LYS Q 35 8.73 -23.71 -34.46
N VAL Q 36 8.55 -24.94 -33.98
CA VAL Q 36 7.34 -25.30 -33.25
C VAL Q 36 7.56 -24.98 -31.79
N VAL Q 37 8.78 -25.17 -31.30
CA VAL Q 37 9.03 -24.87 -29.89
C VAL Q 37 8.88 -23.38 -29.71
N SER Q 38 9.23 -22.59 -30.72
CA SER Q 38 9.09 -21.15 -30.61
C SER Q 38 7.62 -20.82 -30.50
N ASP Q 39 6.78 -21.61 -31.15
CA ASP Q 39 5.36 -21.35 -31.07
C ASP Q 39 4.86 -21.60 -29.66
N LEU Q 40 5.30 -22.70 -29.05
CA LEU Q 40 4.86 -23.10 -27.71
C LEU Q 40 4.74 -21.95 -26.71
N VAL Q 41 5.83 -21.24 -26.49
CA VAL Q 41 5.78 -20.12 -25.57
C VAL Q 41 4.91 -19.06 -26.22
N ALA Q 42 5.08 -18.86 -27.53
CA ALA Q 42 4.30 -17.85 -28.21
C ALA Q 42 2.82 -18.18 -28.21
N LEU Q 43 2.48 -19.46 -28.18
CA LEU Q 43 1.08 -19.82 -28.17
C LEU Q 43 0.52 -19.56 -26.79
N GLU Q 44 1.04 -20.25 -25.79
CA GLU Q 44 0.55 -20.08 -24.43
C GLU Q 44 0.67 -18.66 -23.94
N GLY Q 45 1.79 -18.01 -24.27
CA GLY Q 45 1.95 -16.63 -23.85
C GLY Q 45 0.92 -15.74 -24.50
N ALA Q 46 0.59 -16.03 -25.74
CA ALA Q 46 -0.42 -15.24 -26.42
C ALA Q 46 -1.81 -15.55 -25.87
N LEU Q 47 -2.06 -16.82 -25.55
CA LEU Q 47 -3.35 -17.18 -25.02
C LEU Q 47 -3.57 -16.54 -23.67
N ASP Q 48 -2.49 -16.40 -22.90
CA ASP Q 48 -2.58 -15.80 -21.57
C ASP Q 48 -3.13 -14.40 -21.66
N MET Q 49 -2.85 -13.70 -22.75
CA MET Q 49 -3.37 -12.36 -22.92
C MET Q 49 -4.89 -12.44 -22.98
N TYR Q 50 -5.41 -13.40 -23.74
CA TYR Q 50 -6.85 -13.53 -23.83
C TYR Q 50 -7.37 -14.04 -22.51
N LYS Q 51 -6.55 -14.80 -21.78
CA LYS Q 51 -6.98 -15.30 -20.48
C LYS Q 51 -7.06 -14.15 -19.50
N LEU Q 52 -6.53 -12.98 -19.86
CA LEU Q 52 -6.55 -11.81 -18.98
C LEU Q 52 -7.79 -10.98 -19.23
N ASP Q 53 -8.00 -10.52 -20.46
CA ASP Q 53 -9.16 -9.68 -20.74
C ASP Q 53 -10.48 -10.39 -20.51
N ASN Q 54 -10.69 -11.51 -21.16
CA ASN Q 54 -11.93 -12.24 -20.97
C ASN Q 54 -11.78 -13.14 -19.74
N SER Q 55 -10.65 -13.08 -19.04
CA SER Q 55 -10.41 -13.86 -17.84
C SER Q 55 -10.50 -15.37 -18.09
N ARG Q 56 -10.33 -15.80 -19.33
CA ARG Q 56 -10.39 -17.21 -19.66
C ARG Q 56 -9.89 -17.48 -21.07
N TYR Q 57 -9.80 -18.75 -21.41
CA TYR Q 57 -9.31 -19.21 -22.69
C TYR Q 57 -10.41 -19.64 -23.67
N PRO Q 58 -10.14 -19.61 -24.97
CA PRO Q 58 -11.14 -20.04 -25.94
C PRO Q 58 -11.37 -21.54 -25.96
N THR Q 59 -12.55 -21.91 -26.44
CA THR Q 59 -13.00 -23.28 -26.57
C THR Q 59 -12.34 -24.00 -27.74
N THR Q 60 -12.32 -25.34 -27.65
CA THR Q 60 -11.77 -26.19 -28.71
C THR Q 60 -12.34 -25.80 -30.07
N GLU Q 61 -13.66 -25.92 -30.24
CA GLU Q 61 -14.25 -25.57 -31.53
C GLU Q 61 -14.04 -24.09 -31.81
N GLN Q 62 -13.92 -23.28 -30.77
CA GLN Q 62 -13.64 -21.87 -30.95
C GLN Q 62 -12.26 -21.74 -31.57
N GLY Q 63 -11.37 -22.70 -31.30
CA GLY Q 63 -10.02 -22.75 -31.84
C GLY Q 63 -9.15 -21.54 -31.60
N LEU Q 64 -7.90 -21.62 -32.06
CA LEU Q 64 -6.97 -20.51 -31.90
C LEU Q 64 -7.37 -19.34 -32.77
N GLN Q 65 -8.28 -19.56 -33.72
CA GLN Q 65 -8.74 -18.49 -34.60
C GLN Q 65 -9.35 -17.38 -33.76
N ALA Q 66 -9.85 -17.72 -32.58
CA ALA Q 66 -10.36 -16.70 -31.69
C ALA Q 66 -9.27 -15.74 -31.28
N LEU Q 67 -8.05 -16.22 -31.25
CA LEU Q 67 -6.96 -15.35 -30.91
C LEU Q 67 -6.72 -14.53 -32.17
N VAL Q 68 -7.08 -15.06 -33.34
CA VAL Q 68 -6.90 -14.31 -34.57
C VAL Q 68 -8.03 -13.30 -34.76
N SER Q 69 -9.28 -13.71 -34.50
CA SER Q 69 -10.45 -12.86 -34.68
C SER Q 69 -11.39 -13.00 -33.50
N ALA Q 70 -12.34 -12.08 -33.38
CA ALA Q 70 -13.23 -12.07 -32.23
C ALA Q 70 -13.93 -13.41 -32.08
N PRO Q 71 -14.05 -13.95 -30.85
CA PRO Q 71 -14.68 -15.25 -30.74
C PRO Q 71 -16.17 -15.25 -30.98
N SER Q 72 -16.55 -15.63 -32.20
CA SER Q 72 -17.96 -15.68 -32.56
C SER Q 72 -18.70 -16.68 -31.70
N ALA Q 73 -18.15 -17.88 -31.54
CA ALA Q 73 -18.85 -18.84 -30.71
C ALA Q 73 -18.70 -18.35 -29.27
N GLU Q 74 -19.79 -18.39 -28.56
CA GLU Q 74 -19.78 -17.92 -27.19
C GLU Q 74 -18.99 -18.87 -26.29
N PRO Q 75 -18.50 -18.42 -25.13
CA PRO Q 75 -18.57 -17.08 -24.53
C PRO Q 75 -17.85 -15.97 -25.29
N HIS Q 76 -18.45 -14.79 -25.23
CA HIS Q 76 -17.92 -13.60 -25.87
C HIS Q 76 -16.80 -12.98 -25.03
N ALA Q 77 -15.90 -12.25 -25.69
CA ALA Q 77 -14.76 -11.60 -25.06
C ALA Q 77 -14.94 -10.10 -24.88
N ARG Q 78 -14.36 -9.60 -23.81
CA ARG Q 78 -14.40 -8.18 -23.47
C ARG Q 78 -13.08 -7.52 -23.84
N ASN Q 79 -13.18 -6.31 -24.38
CA ASN Q 79 -12.02 -5.53 -24.78
C ASN Q 79 -11.10 -6.32 -25.69
N TYR Q 80 -11.70 -7.08 -26.58
CA TYR Q 80 -10.91 -7.87 -27.50
C TYR Q 80 -10.14 -6.88 -28.36
N PRO Q 81 -8.81 -6.95 -28.40
CA PRO Q 81 -8.07 -5.96 -29.18
C PRO Q 81 -8.20 -6.19 -30.67
N GLU Q 82 -7.62 -5.24 -31.40
CA GLU Q 82 -7.63 -5.30 -32.84
C GLU Q 82 -6.97 -6.58 -33.31
N GLY Q 83 -7.67 -7.31 -34.18
CA GLY Q 83 -7.15 -8.54 -34.72
C GLY Q 83 -6.76 -9.57 -33.68
N GLY Q 84 -7.28 -9.44 -32.47
CA GLY Q 84 -6.92 -10.39 -31.47
C GLY Q 84 -5.47 -10.20 -31.09
N TYR Q 85 -4.90 -11.22 -30.45
CA TYR Q 85 -3.53 -11.17 -29.95
C TYR Q 85 -2.49 -11.71 -30.91
N ILE Q 86 -2.78 -11.68 -32.19
CA ILE Q 86 -1.81 -12.17 -33.15
C ILE Q 86 -2.07 -11.55 -34.50
N ARG Q 87 -1.02 -11.48 -35.29
CA ARG Q 87 -1.17 -10.98 -36.63
C ARG Q 87 -1.93 -12.03 -37.43
N ARG Q 88 -1.31 -13.20 -37.63
CA ARG Q 88 -1.88 -14.30 -38.41
C ARG Q 88 -1.66 -15.61 -37.68
N LEU Q 89 -2.35 -16.66 -38.15
CA LEU Q 89 -2.24 -17.97 -37.54
C LEU Q 89 -1.05 -18.76 -38.07
N PRO Q 90 -0.16 -19.25 -37.21
CA PRO Q 90 0.94 -20.06 -37.72
C PRO Q 90 0.41 -21.40 -38.20
N GLN Q 91 0.60 -21.69 -39.47
CA GLN Q 91 0.17 -22.92 -40.10
C GLN Q 91 1.32 -23.89 -40.03
N ASP Q 92 1.07 -25.06 -39.45
CA ASP Q 92 2.10 -26.07 -39.34
C ASP Q 92 2.29 -26.58 -40.77
N PRO Q 93 3.50 -26.55 -41.31
CA PRO Q 93 3.69 -26.96 -42.70
C PRO Q 93 3.69 -28.45 -42.94
N TRP Q 94 2.63 -29.11 -42.51
CA TRP Q 94 2.42 -30.53 -42.76
C TRP Q 94 0.91 -30.74 -42.83
N GLY Q 95 0.16 -29.71 -43.24
CA GLY Q 95 -1.27 -29.84 -43.35
C GLY Q 95 -2.05 -29.78 -42.06
N SER Q 96 -1.58 -29.01 -41.08
CA SER Q 96 -2.29 -28.93 -39.81
C SER Q 96 -2.10 -27.62 -39.10
N ASP Q 97 -3.08 -27.28 -38.29
CA ASP Q 97 -3.04 -26.09 -37.49
C ASP Q 97 -2.69 -26.55 -36.08
N TYR Q 98 -2.67 -25.63 -35.14
CA TYR Q 98 -2.35 -25.93 -33.76
C TYR Q 98 -3.63 -26.12 -32.98
N GLN Q 99 -4.10 -27.36 -32.91
CA GLN Q 99 -5.35 -27.66 -32.21
C GLN Q 99 -5.24 -27.51 -30.71
N LEU Q 100 -5.97 -26.54 -30.16
CA LEU Q 100 -5.98 -26.32 -28.73
C LEU Q 100 -6.94 -27.29 -28.08
N LEU Q 101 -6.86 -27.39 -26.76
CA LEU Q 101 -7.74 -28.25 -25.98
C LEU Q 101 -8.42 -27.43 -24.90
N SER Q 102 -9.73 -27.64 -24.76
CA SER Q 102 -10.55 -26.94 -23.79
C SER Q 102 -11.30 -27.91 -22.88
N PRO Q 103 -10.82 -28.14 -21.65
CA PRO Q 103 -9.64 -27.69 -20.92
C PRO Q 103 -8.44 -28.59 -21.12
N GLY Q 104 -7.25 -28.03 -20.92
CA GLY Q 104 -6.05 -28.80 -21.04
C GLY Q 104 -5.89 -29.78 -19.90
N GLN Q 105 -5.26 -30.90 -20.19
CA GLN Q 105 -5.00 -31.92 -19.18
C GLN Q 105 -3.71 -31.63 -18.42
N CYS Q 106 -2.76 -30.93 -19.06
CA CYS Q 106 -1.51 -30.56 -18.40
C CYS Q 106 -1.64 -29.21 -17.73
N GLY Q 107 -2.84 -28.64 -17.72
CA GLY Q 107 -3.04 -27.36 -17.08
C GLY Q 107 -4.37 -26.75 -17.50
N GLN Q 108 -4.34 -25.48 -17.86
CA GLN Q 108 -5.57 -24.81 -18.27
C GLN Q 108 -5.92 -25.14 -19.72
N VAL Q 109 -4.93 -25.24 -20.59
CA VAL Q 109 -5.14 -25.48 -22.01
C VAL Q 109 -4.06 -26.39 -22.57
N ASP Q 110 -4.43 -27.20 -23.56
CA ASP Q 110 -3.48 -28.04 -24.26
C ASP Q 110 -3.59 -27.90 -25.76
N ILE Q 111 -2.43 -27.88 -26.42
CA ILE Q 111 -2.35 -27.69 -27.86
C ILE Q 111 -1.70 -28.91 -28.51
N PHE Q 112 -2.17 -29.24 -29.71
CA PHE Q 112 -1.66 -30.38 -30.45
C PHE Q 112 -1.65 -30.15 -31.96
N SER Q 113 -0.89 -31.00 -32.66
CA SER Q 113 -0.76 -30.94 -34.11
C SER Q 113 -0.26 -32.25 -34.69
N LEU Q 114 -0.41 -32.39 -36.00
CA LEU Q 114 0.06 -33.60 -36.67
C LEU Q 114 1.58 -33.66 -36.55
N GLY Q 115 2.25 -32.61 -36.98
CA GLY Q 115 3.68 -32.55 -36.93
C GLY Q 115 4.31 -33.14 -38.17
N PRO Q 116 5.64 -33.28 -38.13
CA PRO Q 116 6.35 -33.82 -39.31
C PRO Q 116 5.87 -35.18 -39.72
N ASP Q 117 5.44 -36.02 -38.78
CA ASP Q 117 4.95 -37.33 -39.16
C ASP Q 117 3.65 -37.16 -39.94
N GLY Q 118 2.93 -36.06 -39.73
CA GLY Q 118 1.68 -35.88 -40.42
C GLY Q 118 0.58 -36.75 -39.86
N VAL Q 119 0.78 -37.32 -38.68
CA VAL Q 119 -0.17 -38.23 -38.06
C VAL Q 119 -0.77 -37.53 -36.85
N PRO Q 120 -2.07 -37.72 -36.57
CA PRO Q 120 -2.65 -37.08 -35.38
C PRO Q 120 -2.45 -37.92 -34.14
N GLU Q 121 -1.82 -37.31 -33.14
CA GLU Q 121 -1.59 -37.94 -31.84
C GLU Q 121 -0.89 -39.29 -31.88
N SER Q 122 0.26 -39.35 -32.54
CA SER Q 122 1.05 -40.58 -32.62
C SER Q 122 2.41 -40.38 -31.97
N ASN Q 123 3.25 -39.59 -32.59
CA ASN Q 123 4.59 -39.30 -32.08
C ASN Q 123 4.86 -37.83 -32.11
N ASP Q 124 4.47 -37.14 -33.18
CA ASP Q 124 4.69 -35.71 -33.33
C ASP Q 124 3.46 -34.95 -32.89
N ASP Q 125 2.95 -35.28 -31.72
CA ASP Q 125 1.79 -34.65 -31.13
C ASP Q 125 2.18 -33.42 -30.35
N ILE Q 126 3.33 -32.83 -30.64
CA ILE Q 126 3.76 -31.66 -29.89
C ILE Q 126 2.82 -30.50 -30.14
N GLY Q 127 2.90 -29.50 -29.28
CA GLY Q 127 2.05 -28.33 -29.28
C GLY Q 127 1.96 -27.77 -27.87
N ASN Q 128 2.25 -28.61 -26.88
CA ASN Q 128 2.30 -28.22 -25.48
C ASN Q 128 3.08 -29.35 -24.80
N CYS Q 129 2.79 -29.62 -23.51
CA CYS Q 129 3.45 -30.62 -22.67
C CYS Q 129 3.74 -31.94 -23.38
N THR Q 130 2.71 -32.54 -23.93
CA THR Q 130 2.84 -33.82 -24.63
C THR Q 130 2.48 -33.62 -26.10
N THR R 2 45.23 -37.43 -87.12
CA THR R 2 44.18 -36.88 -87.88
C THR R 2 42.90 -37.64 -87.58
N LEU R 3 42.98 -38.95 -87.37
CA LEU R 3 41.80 -39.75 -87.08
C LEU R 3 41.78 -40.08 -85.60
N LEU R 4 42.82 -40.74 -85.09
CA LEU R 4 42.86 -41.08 -83.67
C LEU R 4 42.86 -39.81 -82.83
N GLU R 5 43.57 -38.80 -83.30
CA GLU R 5 43.65 -37.52 -82.61
C GLU R 5 42.31 -36.82 -82.63
N ILE R 6 41.45 -37.19 -83.56
CA ILE R 6 40.14 -36.59 -83.72
C ILE R 6 39.01 -37.54 -83.37
N MET R 7 38.82 -38.59 -84.18
CA MET R 7 37.70 -39.51 -83.99
C MET R 7 37.54 -40.02 -82.57
N VAL R 8 38.65 -40.31 -81.90
CA VAL R 8 38.55 -40.79 -80.54
C VAL R 8 38.00 -39.67 -79.70
N VAL R 9 38.39 -38.44 -79.99
CA VAL R 9 37.96 -37.31 -79.20
C VAL R 9 36.54 -36.90 -79.50
N ILE R 10 36.10 -37.06 -80.74
CA ILE R 10 34.75 -36.67 -81.08
C ILE R 10 33.82 -37.46 -80.19
N VAL R 11 34.14 -38.73 -79.96
CA VAL R 11 33.32 -39.55 -79.13
C VAL R 11 33.40 -39.02 -77.71
N ILE R 12 34.63 -38.86 -77.20
CA ILE R 12 34.82 -38.38 -75.84
C ILE R 12 34.12 -37.06 -75.62
N LEU R 13 34.04 -36.24 -76.66
CA LEU R 13 33.37 -34.97 -76.52
C LEU R 13 31.89 -35.24 -76.25
N GLY R 14 31.22 -35.90 -77.18
CA GLY R 14 29.81 -36.15 -77.01
C GLY R 14 29.52 -37.02 -75.80
N VAL R 15 30.38 -38.01 -75.54
CA VAL R 15 30.15 -38.87 -74.38
C VAL R 15 30.23 -38.02 -73.14
N LEU R 16 31.10 -37.02 -73.14
CA LEU R 16 31.21 -36.18 -71.96
C LEU R 16 30.02 -35.24 -71.90
N ALA R 17 29.87 -34.41 -72.93
CA ALA R 17 28.80 -33.42 -72.95
C ALA R 17 27.42 -34.04 -72.83
N SER R 18 27.25 -35.31 -73.19
CA SER R 18 25.93 -35.90 -73.10
C SER R 18 25.44 -36.18 -71.70
N LEU R 19 26.29 -36.79 -70.87
CA LEU R 19 25.92 -37.18 -69.52
C LEU R 19 26.39 -36.18 -68.47
N VAL R 20 26.31 -34.90 -68.77
CA VAL R 20 26.64 -33.86 -67.82
C VAL R 20 25.40 -32.95 -67.78
N VAL R 21 24.52 -33.23 -66.85
CA VAL R 21 23.30 -32.44 -66.70
C VAL R 21 23.33 -31.84 -65.29
N PRO R 22 23.77 -30.60 -65.13
CA PRO R 22 23.89 -30.01 -63.80
C PRO R 22 22.60 -29.76 -63.02
N ASN R 23 21.70 -28.96 -63.54
CA ASN R 23 20.47 -28.63 -62.81
C ASN R 23 19.38 -27.97 -63.65
N LEU R 24 18.36 -27.47 -62.95
CA LEU R 24 17.21 -26.77 -63.51
C LEU R 24 17.42 -25.27 -63.63
N MET R 25 16.37 -24.60 -64.09
CA MET R 25 16.29 -23.17 -64.23
C MET R 25 14.97 -22.77 -63.58
N GLY R 26 15.01 -21.72 -62.77
CA GLY R 26 13.83 -21.23 -62.07
C GLY R 26 13.93 -21.34 -60.57
N ASN R 27 15.00 -21.92 -60.03
CA ASN R 27 15.14 -22.02 -58.59
C ASN R 27 15.20 -20.64 -57.96
N LYS R 28 15.74 -19.67 -58.69
CA LYS R 28 15.83 -18.31 -58.17
C LYS R 28 14.44 -17.73 -57.97
N GLU R 29 13.50 -18.12 -58.81
CA GLU R 29 12.14 -17.59 -58.68
C GLU R 29 11.56 -18.01 -57.34
N LYS R 30 11.89 -19.22 -56.88
CA LYS R 30 11.39 -19.66 -55.60
C LYS R 30 12.03 -18.80 -54.53
N ALA R 31 13.29 -18.42 -54.74
CA ALA R 31 13.99 -17.61 -53.76
C ALA R 31 13.41 -16.22 -53.65
N ASP R 32 12.80 -15.72 -54.71
CA ASP R 32 12.21 -14.40 -54.67
C ASP R 32 11.14 -14.33 -53.62
N ARG R 33 10.44 -15.44 -53.37
CA ARG R 33 9.39 -15.44 -52.38
C ARG R 33 9.92 -15.15 -50.99
N GLN R 34 10.80 -16.01 -50.48
CA GLN R 34 11.34 -15.83 -49.14
C GLN R 34 12.04 -14.50 -49.00
N LYS R 35 12.57 -13.99 -50.09
CA LYS R 35 13.23 -12.69 -50.06
C LYS R 35 12.20 -11.64 -49.71
N VAL R 36 10.98 -11.82 -50.19
CA VAL R 36 9.91 -10.87 -49.93
C VAL R 36 9.24 -11.28 -48.61
N VAL R 37 9.12 -12.58 -48.36
CA VAL R 37 8.49 -12.99 -47.12
C VAL R 37 9.38 -12.55 -45.98
N SER R 38 10.70 -12.55 -46.19
CA SER R 38 11.59 -12.11 -45.14
C SER R 38 11.34 -10.64 -44.85
N ASP R 39 10.97 -9.90 -45.88
CA ASP R 39 10.71 -8.50 -45.67
C ASP R 39 9.47 -8.32 -44.82
N LEU R 40 8.42 -9.08 -45.10
CA LEU R 40 7.15 -8.99 -44.39
C LEU R 40 7.27 -8.79 -42.89
N VAL R 41 7.93 -9.72 -42.22
CA VAL R 41 8.11 -9.59 -40.79
C VAL R 41 9.04 -8.42 -40.56
N ALA R 42 10.06 -8.30 -41.39
CA ALA R 42 11.01 -7.21 -41.23
C ALA R 42 10.36 -5.87 -41.46
N LEU R 43 9.35 -5.82 -42.32
CA LEU R 43 8.69 -4.56 -42.59
C LEU R 43 7.81 -4.21 -41.40
N GLU R 44 6.82 -5.04 -41.12
CA GLU R 44 5.91 -4.76 -40.02
C GLU R 44 6.64 -4.66 -38.69
N GLY R 45 7.62 -5.54 -38.47
CA GLY R 45 8.35 -5.46 -37.23
C GLY R 45 9.11 -4.16 -37.13
N ALA R 46 9.63 -3.69 -38.24
CA ALA R 46 10.35 -2.43 -38.23
C ALA R 46 9.39 -1.26 -38.06
N LEU R 47 8.21 -1.36 -38.69
CA LEU R 47 7.24 -0.28 -38.57
C LEU R 47 6.75 -0.18 -37.14
N ASP R 48 6.65 -1.32 -36.45
CA ASP R 48 6.19 -1.34 -35.07
C ASP R 48 7.07 -0.48 -34.20
N MET R 49 8.36 -0.41 -34.53
CA MET R 49 9.26 0.43 -33.76
C MET R 49 8.82 1.87 -33.88
N TYR R 50 8.50 2.30 -35.10
CA TYR R 50 8.06 3.66 -35.29
C TYR R 50 6.69 3.82 -34.66
N LYS R 51 5.91 2.74 -34.63
CA LYS R 51 4.59 2.80 -34.02
C LYS R 51 4.74 2.97 -32.51
N LEU R 52 5.95 2.77 -31.97
CA LEU R 52 6.19 2.90 -30.55
C LEU R 52 6.59 4.32 -30.19
N ASP R 53 7.66 4.83 -30.79
CA ASP R 53 8.11 6.18 -30.45
C ASP R 53 7.09 7.25 -30.78
N ASN R 54 6.67 7.32 -32.03
CA ASN R 54 5.68 8.31 -32.40
C ASN R 54 4.29 7.76 -32.10
N SER R 55 4.19 6.56 -31.52
CA SER R 55 2.92 5.95 -31.17
C SER R 55 2.00 5.74 -32.36
N ARG R 56 2.55 5.72 -33.57
CA ARG R 56 1.76 5.52 -34.78
C ARG R 56 2.62 5.23 -35.98
N TYR R 57 1.99 4.92 -37.08
CA TYR R 57 2.63 4.57 -38.33
C TYR R 57 2.66 5.71 -39.36
N PRO R 58 3.60 5.69 -40.30
CA PRO R 58 3.65 6.73 -41.33
C PRO R 58 2.54 6.62 -42.36
N THR R 59 2.27 7.76 -42.97
CA THR R 59 1.26 7.92 -44.01
C THR R 59 1.70 7.32 -45.35
N THR R 60 0.71 7.00 -46.19
CA THR R 60 0.96 6.47 -47.53
C THR R 60 1.96 7.34 -48.28
N GLU R 61 1.61 8.61 -48.52
CA GLU R 61 2.54 9.48 -49.23
C GLU R 61 3.82 9.66 -48.44
N GLN R 62 3.75 9.53 -47.13
CA GLN R 62 4.93 9.61 -46.30
C GLN R 62 5.83 8.41 -46.64
N GLY R 63 5.22 7.31 -47.07
CA GLY R 63 5.92 6.10 -47.48
C GLY R 63 6.85 5.49 -46.47
N LEU R 64 7.45 4.35 -46.84
CA LEU R 64 8.38 3.67 -45.96
C LEU R 64 9.66 4.46 -45.81
N GLN R 65 9.88 5.46 -46.67
CA GLN R 65 11.07 6.28 -46.61
C GLN R 65 11.13 6.96 -45.25
N ALA R 66 9.99 7.17 -44.62
CA ALA R 66 9.97 7.72 -43.29
C ALA R 66 10.69 6.82 -42.32
N LEU R 67 10.67 5.53 -42.59
CA LEU R 67 11.37 4.62 -41.73
C LEU R 67 12.84 4.78 -42.10
N VAL R 68 13.13 5.22 -43.32
CA VAL R 68 14.52 5.44 -43.73
C VAL R 68 15.03 6.77 -43.21
N SER R 69 14.22 7.84 -43.32
CA SER R 69 14.61 9.17 -42.89
C SER R 69 13.47 9.84 -42.14
N ALA R 70 13.78 10.93 -41.44
CA ALA R 70 12.78 11.58 -40.60
C ALA R 70 11.54 11.94 -41.42
N PRO R 71 10.33 11.72 -40.87
CA PRO R 71 9.17 12.02 -41.69
C PRO R 71 8.90 13.50 -41.89
N SER R 72 9.32 13.98 -43.05
CA SER R 72 9.13 15.39 -43.38
C SER R 72 7.66 15.74 -43.44
N ALA R 73 6.86 14.91 -44.12
CA ALA R 73 5.44 15.22 -44.17
C ALA R 73 4.89 14.93 -42.77
N GLU R 74 4.10 15.86 -42.29
CA GLU R 74 3.53 15.70 -40.97
C GLU R 74 2.51 14.58 -40.94
N PRO R 75 2.20 14.00 -39.76
CA PRO R 75 2.74 14.25 -38.42
C PRO R 75 4.22 13.94 -38.22
N HIS R 76 4.83 14.76 -37.39
CA HIS R 76 6.24 14.63 -37.04
C HIS R 76 6.45 13.54 -35.98
N ALA R 77 7.64 12.96 -35.96
CA ALA R 77 8.00 11.89 -35.03
C ALA R 77 8.89 12.36 -33.89
N ARG R 78 8.71 11.72 -32.75
CA ARG R 78 9.47 12.02 -31.55
C ARG R 78 10.55 10.96 -31.35
N ASN R 79 11.73 11.41 -30.93
CA ASN R 79 12.87 10.54 -30.67
C ASN R 79 13.16 9.65 -31.87
N TYR R 80 13.04 10.21 -33.04
CA TYR R 80 13.30 9.45 -34.24
C TYR R 80 14.78 9.07 -34.18
N PRO R 81 15.13 7.79 -34.24
CA PRO R 81 16.54 7.44 -34.14
C PRO R 81 17.32 7.77 -35.39
N GLU R 82 18.62 7.54 -35.27
CA GLU R 82 19.52 7.80 -36.37
C GLU R 82 19.10 6.97 -37.57
N GLY R 83 18.97 7.63 -38.71
CA GLY R 83 18.60 6.96 -39.95
C GLY R 83 17.31 6.19 -39.87
N GLY R 84 16.46 6.49 -38.89
CA GLY R 84 15.24 5.75 -38.79
C GLY R 84 15.53 4.34 -38.36
N TYR R 85 14.55 3.47 -38.57
CA TYR R 85 14.64 2.07 -38.14
C TYR R 85 15.17 1.12 -39.19
N ILE R 86 15.96 1.64 -40.11
CA ILE R 86 16.52 0.77 -41.14
C ILE R 86 17.77 1.38 -41.71
N ARG R 87 18.62 0.53 -42.23
CA ARG R 87 19.80 1.03 -42.89
C ARG R 87 19.37 1.66 -44.20
N ARG R 88 18.86 0.85 -45.13
CA ARG R 88 18.43 1.30 -46.45
C ARG R 88 17.09 0.67 -46.80
N LEU R 89 16.47 1.18 -47.86
CA LEU R 89 15.18 0.68 -48.30
C LEU R 89 15.30 -0.54 -49.20
N PRO R 90 14.64 -1.65 -48.88
CA PRO R 90 14.72 -2.80 -49.79
C PRO R 90 13.93 -2.49 -51.06
N GLN R 91 14.63 -2.51 -52.18
CA GLN R 91 14.04 -2.26 -53.49
C GLN R 91 13.64 -3.59 -54.07
N ASP R 92 12.37 -3.71 -54.43
CA ASP R 92 11.87 -4.94 -55.02
C ASP R 92 12.50 -4.97 -56.41
N PRO R 93 13.21 -6.04 -56.77
CA PRO R 93 13.88 -6.06 -58.07
C PRO R 93 13.00 -6.35 -59.26
N TRP R 94 11.94 -5.55 -59.40
CA TRP R 94 11.06 -5.61 -60.55
C TRP R 94 10.53 -4.20 -60.76
N GLY R 95 11.31 -3.18 -60.40
CA GLY R 95 10.89 -1.82 -60.59
C GLY R 95 9.87 -1.29 -59.60
N SER R 96 9.90 -1.75 -58.35
CA SER R 96 8.93 -1.27 -57.38
C SER R 96 9.45 -1.28 -55.97
N ASP R 97 8.88 -0.41 -55.17
CA ASP R 97 9.22 -0.34 -53.76
C ASP R 97 8.06 -1.03 -53.03
N TYR R 98 8.10 -1.00 -51.72
CA TYR R 98 7.07 -1.63 -50.90
C TYR R 98 6.07 -0.57 -50.48
N GLN R 99 5.03 -0.41 -51.27
CA GLN R 99 4.01 0.60 -50.98
C GLN R 99 3.17 0.27 -49.77
N LEU R 100 3.28 1.08 -48.73
CA LEU R 100 2.50 0.88 -47.52
C LEU R 100 1.13 1.48 -47.72
N LEU R 101 0.22 1.16 -46.82
CA LEU R 101 -1.14 1.67 -46.84
C LEU R 101 -1.46 2.32 -45.50
N SER R 102 -2.07 3.50 -45.57
CA SER R 102 -2.44 4.27 -44.39
C SER R 102 -3.92 4.61 -44.39
N PRO R 103 -4.75 3.89 -43.63
CA PRO R 103 -4.60 2.72 -42.77
C PRO R 103 -4.75 1.41 -43.50
N GLY R 104 -4.16 0.36 -42.95
CA GLY R 104 -4.28 -0.94 -43.54
C GLY R 104 -5.67 -1.51 -43.35
N GLN R 105 -6.09 -2.31 -44.32
CA GLN R 105 -7.39 -2.96 -44.25
C GLN R 105 -7.32 -4.27 -43.48
N CYS R 106 -6.14 -4.91 -43.45
CA CYS R 106 -5.97 -6.15 -42.70
C CYS R 106 -5.50 -5.85 -41.30
N GLY R 107 -5.45 -4.57 -40.92
CA GLY R 107 -5.01 -4.20 -39.60
C GLY R 107 -4.68 -2.73 -39.52
N GLN R 108 -3.54 -2.42 -38.92
CA GLN R 108 -3.15 -1.02 -38.79
C GLN R 108 -2.54 -0.49 -40.08
N VAL R 109 -1.75 -1.32 -40.77
CA VAL R 109 -1.07 -0.92 -41.99
C VAL R 109 -1.03 -2.05 -43.00
N ASP R 110 -1.05 -1.70 -44.29
CA ASP R 110 -0.92 -2.67 -45.35
C ASP R 110 0.12 -2.27 -46.35
N ILE R 111 0.89 -3.26 -46.81
CA ILE R 111 1.99 -3.05 -47.74
C ILE R 111 1.73 -3.82 -49.04
N PHE R 112 2.16 -3.24 -50.15
CA PHE R 112 1.99 -3.83 -51.46
C PHE R 112 3.13 -3.53 -52.41
N SER R 113 3.20 -4.33 -53.49
CA SER R 113 4.23 -4.18 -54.51
C SER R 113 3.83 -4.85 -55.82
N LEU R 114 4.54 -4.50 -56.88
CA LEU R 114 4.26 -5.10 -58.19
C LEU R 114 4.56 -6.59 -58.11
N GLY R 115 5.77 -6.93 -57.70
CA GLY R 115 6.18 -8.30 -57.59
C GLY R 115 6.75 -8.81 -58.90
N PRO R 116 7.00 -10.12 -58.94
CA PRO R 116 7.59 -10.71 -60.16
C PRO R 116 6.77 -10.48 -61.39
N ASP R 117 5.44 -10.42 -61.27
CA ASP R 117 4.63 -10.17 -62.44
C ASP R 117 4.89 -8.74 -62.93
N GLY R 118 5.33 -7.85 -62.05
CA GLY R 118 5.56 -6.49 -62.45
C GLY R 118 4.27 -5.72 -62.66
N VAL R 119 3.15 -6.25 -62.17
CA VAL R 119 1.85 -5.63 -62.35
C VAL R 119 1.37 -5.14 -60.98
N PRO R 120 0.70 -3.97 -60.93
CA PRO R 120 0.21 -3.48 -59.64
C PRO R 120 -1.14 -4.08 -59.28
N GLU R 121 -1.19 -4.74 -58.12
CA GLU R 121 -2.41 -5.32 -57.59
C GLU R 121 -3.14 -6.28 -58.52
N SER R 122 -2.43 -7.29 -59.02
CA SER R 122 -3.02 -8.29 -59.90
C SER R 122 -2.92 -9.66 -59.26
N ASN R 123 -1.74 -10.18 -59.16
CA ASN R 123 -1.49 -11.50 -58.58
C ASN R 123 -0.34 -11.44 -57.59
N ASP R 124 0.72 -10.71 -57.92
CA ASP R 124 1.88 -10.60 -57.06
C ASP R 124 1.79 -9.32 -56.25
N ASP R 125 0.65 -9.12 -55.61
CA ASP R 125 0.38 -7.97 -54.79
C ASP R 125 0.86 -8.22 -53.37
N ILE R 126 1.78 -9.14 -53.16
CA ILE R 126 2.23 -9.42 -51.81
C ILE R 126 2.95 -8.21 -51.22
N GLY R 127 3.11 -8.22 -49.92
CA GLY R 127 3.70 -7.15 -49.14
C GLY R 127 3.15 -7.19 -47.73
N ASN R 128 2.00 -7.83 -47.55
CA ASN R 128 1.36 -8.04 -46.27
C ASN R 128 0.34 -9.15 -46.51
N CYS R 129 -0.76 -9.18 -45.74
CA CYS R 129 -1.84 -10.17 -45.79
C CYS R 129 -2.21 -10.61 -47.19
N THR R 130 -2.57 -9.65 -48.04
CA THR R 130 -2.97 -9.94 -49.40
C THR R 130 -1.98 -9.29 -50.37
N THR S 2 47.17 -40.39 -97.08
CA THR S 2 47.76 -39.12 -97.29
C THR S 2 46.67 -38.11 -97.62
N LEU S 3 45.63 -38.53 -98.34
CA LEU S 3 44.55 -37.62 -98.69
C LEU S 3 43.34 -37.92 -97.82
N LEU S 4 42.84 -39.16 -97.88
CA LEU S 4 41.69 -39.51 -97.06
C LEU S 4 42.03 -39.39 -95.58
N GLU S 5 43.24 -39.77 -95.23
CA GLU S 5 43.72 -39.69 -93.86
C GLU S 5 43.85 -38.25 -93.41
N ILE S 6 43.95 -37.34 -94.38
CA ILE S 6 44.11 -35.91 -94.12
C ILE S 6 42.90 -35.10 -94.52
N MET S 7 42.64 -35.00 -95.82
CA MET S 7 41.55 -34.17 -96.33
C MET S 7 40.21 -34.37 -95.64
N VAL S 8 39.88 -35.62 -95.32
CA VAL S 8 38.64 -35.87 -94.64
C VAL S 8 38.72 -35.24 -93.27
N VAL S 9 39.90 -35.31 -92.65
CA VAL S 9 40.05 -34.77 -91.31
C VAL S 9 40.13 -33.28 -91.28
N ILE S 10 40.70 -32.66 -92.31
CA ILE S 10 40.82 -31.22 -92.31
C ILE S 10 39.42 -30.66 -92.22
N VAL S 11 38.48 -31.29 -92.90
CA VAL S 11 37.11 -30.82 -92.85
C VAL S 11 36.59 -31.04 -91.45
N ILE S 12 36.72 -32.27 -90.95
CA ILE S 12 36.22 -32.60 -89.61
C ILE S 12 36.81 -31.67 -88.58
N LEU S 13 38.04 -31.23 -88.79
CA LEU S 13 38.65 -30.33 -87.84
C LEU S 13 37.87 -29.03 -87.85
N GLY S 14 37.83 -28.36 -89.00
CA GLY S 14 37.13 -27.10 -89.06
C GLY S 14 35.66 -27.22 -88.77
N VAL S 15 35.03 -28.30 -89.22
CA VAL S 15 33.61 -28.47 -88.97
C VAL S 15 33.41 -28.58 -87.47
N LEU S 16 34.37 -29.21 -86.78
CA LEU S 16 34.22 -29.33 -85.34
C LEU S 16 34.51 -28.00 -84.69
N ALA S 17 35.72 -27.48 -84.88
CA ALA S 17 36.13 -26.24 -84.25
C ALA S 17 35.23 -25.07 -84.60
N SER S 18 34.53 -25.12 -85.73
CA SER S 18 33.69 -24.00 -86.09
C SER S 18 32.43 -23.85 -85.25
N LEU S 19 31.70 -24.94 -85.05
CA LEU S 19 30.45 -24.90 -84.31
C LEU S 19 30.59 -25.32 -82.86
N VAL S 20 31.66 -24.91 -82.22
CA VAL S 20 31.86 -25.17 -80.81
C VAL S 20 32.14 -23.79 -80.18
N VAL S 21 31.08 -23.16 -79.70
CA VAL S 21 31.19 -21.84 -79.08
C VAL S 21 30.71 -22.00 -77.64
N PRO S 22 31.61 -22.18 -76.68
CA PRO S 22 31.17 -22.39 -75.30
C PRO S 22 30.48 -21.24 -74.57
N ASN S 23 31.14 -20.10 -74.44
CA ASN S 23 30.54 -18.99 -73.70
C ASN S 23 31.26 -17.65 -73.89
N LEU S 24 30.86 -16.68 -73.06
CA LEU S 24 31.39 -15.33 -73.02
C LEU S 24 32.59 -15.17 -72.09
N MET S 25 33.07 -13.94 -71.99
CA MET S 25 34.15 -13.52 -71.13
C MET S 25 33.62 -12.29 -70.41
N GLY S 26 33.85 -12.24 -69.10
CA GLY S 26 33.41 -11.13 -68.27
C GLY S 26 32.38 -11.50 -67.24
N ASN S 27 31.92 -12.75 -67.21
CA ASN S 27 30.95 -13.16 -66.22
C ASN S 27 31.52 -13.04 -64.82
N LYS S 28 32.84 -13.21 -64.69
CA LYS S 28 33.47 -13.09 -63.39
C LYS S 28 33.36 -11.68 -62.87
N GLU S 29 33.37 -10.70 -63.77
CA GLU S 29 33.28 -9.31 -63.34
C GLU S 29 31.94 -9.08 -62.65
N LYS S 30 30.89 -9.74 -63.13
CA LYS S 30 29.61 -9.57 -62.49
C LYS S 30 29.69 -10.20 -61.11
N ALA S 31 30.45 -11.29 -60.99
CA ALA S 31 30.58 -11.95 -59.70
C ALA S 31 31.32 -11.11 -58.69
N ASP S 32 32.19 -10.22 -59.15
CA ASP S 32 32.93 -9.39 -58.24
C ASP S 32 31.99 -8.52 -57.43
N ARG S 33 30.86 -8.14 -58.01
CA ARG S 33 29.91 -7.31 -57.30
C ARG S 33 29.36 -8.00 -56.07
N GLN S 34 28.67 -9.12 -56.27
CA GLN S 34 28.07 -9.83 -55.14
C GLN S 34 29.11 -10.24 -54.13
N LYS S 35 30.33 -10.45 -54.58
CA LYS S 35 31.40 -10.79 -53.67
C LYS S 35 31.63 -9.64 -52.71
N VAL S 36 31.47 -8.42 -53.21
CA VAL S 36 31.66 -7.24 -52.40
C VAL S 36 30.34 -6.92 -51.71
N VAL S 37 29.23 -7.13 -52.41
CA VAL S 37 27.94 -6.84 -51.79
C VAL S 37 27.76 -7.80 -50.64
N SER S 38 28.27 -9.02 -50.77
CA SER S 38 28.14 -9.97 -49.68
C SER S 38 28.92 -9.46 -48.48
N ASP S 39 30.01 -8.76 -48.74
CA ASP S 39 30.79 -8.24 -47.64
C ASP S 39 30.02 -7.16 -46.91
N LEU S 40 29.36 -6.27 -47.67
CA LEU S 40 28.60 -5.15 -47.10
C LEU S 40 27.79 -5.49 -45.86
N VAL S 41 26.89 -6.45 -45.98
CA VAL S 41 26.10 -6.84 -44.83
C VAL S 41 27.04 -7.51 -43.85
N ALA S 42 27.95 -8.33 -44.37
CA ALA S 42 28.87 -9.02 -43.50
C ALA S 42 29.79 -8.07 -42.78
N LEU S 43 30.10 -6.93 -43.39
CA LEU S 43 30.98 -5.98 -42.75
C LEU S 43 30.21 -5.26 -41.65
N GLU S 44 29.16 -4.55 -42.03
CA GLU S 44 28.37 -3.82 -41.05
C GLU S 44 27.79 -4.72 -39.99
N GLY S 45 27.31 -5.89 -40.39
CA GLY S 45 26.75 -6.80 -39.42
C GLY S 45 27.81 -7.27 -38.45
N ALA S 46 29.02 -7.46 -38.94
CA ALA S 46 30.10 -7.88 -38.06
C ALA S 46 30.54 -6.72 -37.17
N LEU S 47 30.55 -5.51 -37.71
CA LEU S 47 30.95 -4.36 -36.92
C LEU S 47 29.95 -4.13 -35.81
N ASP S 48 28.68 -4.40 -36.08
CA ASP S 48 27.64 -4.20 -35.08
C ASP S 48 27.92 -5.02 -33.84
N MET S 49 28.54 -6.17 -34.01
CA MET S 49 28.88 -6.99 -32.86
C MET S 49 29.85 -6.24 -31.99
N TYR S 50 30.86 -5.62 -32.60
CA TYR S 50 31.81 -4.86 -31.83
C TYR S 50 31.14 -3.63 -31.29
N LYS S 51 30.13 -3.12 -32.01
CA LYS S 51 29.42 -1.94 -31.53
C LYS S 51 28.59 -2.31 -30.32
N LEU S 52 28.44 -3.61 -30.03
CA LEU S 52 27.66 -4.07 -28.89
C LEU S 52 28.54 -4.21 -27.65
N ASP S 53 29.60 -5.01 -27.73
CA ASP S 53 30.44 -5.21 -26.56
C ASP S 53 31.13 -3.94 -26.10
N ASN S 54 31.87 -3.30 -26.98
CA ASN S 54 32.54 -2.06 -26.60
C ASN S 54 31.57 -0.91 -26.78
N SER S 55 30.32 -1.18 -27.16
CA SER S 55 29.30 -0.15 -27.34
C SER S 55 29.68 0.89 -28.37
N ARG S 56 30.59 0.57 -29.27
CA ARG S 56 31.03 1.51 -30.31
C ARG S 56 31.85 0.81 -31.38
N TYR S 57 32.17 1.56 -32.41
CA TYR S 57 32.93 1.09 -33.55
C TYR S 57 34.40 1.49 -33.54
N PRO S 58 35.27 0.75 -34.23
CA PRO S 58 36.69 1.11 -34.28
C PRO S 58 36.97 2.33 -35.13
N THR S 59 38.10 2.94 -34.83
CA THR S 59 38.60 4.12 -35.50
C THR S 59 39.17 3.82 -36.88
N THR S 60 39.23 4.85 -37.74
CA THR S 60 39.80 4.73 -39.08
C THR S 60 41.18 4.10 -39.03
N GLU S 61 42.13 4.74 -38.34
CA GLU S 61 43.47 4.17 -38.27
C GLU S 61 43.44 2.83 -37.55
N GLN S 62 42.47 2.65 -36.66
CA GLN S 62 42.31 1.39 -35.98
C GLN S 62 41.95 0.33 -37.01
N GLY S 63 41.28 0.74 -38.10
CA GLY S 63 40.89 -0.12 -39.20
C GLY S 63 40.07 -1.34 -38.85
N LEU S 64 39.68 -2.09 -39.88
CA LEU S 64 38.88 -3.28 -39.67
C LEU S 64 39.70 -4.37 -39.00
N GLN S 65 41.02 -4.20 -38.96
CA GLN S 65 41.91 -5.18 -38.34
C GLN S 65 41.51 -5.33 -36.88
N ALA S 66 40.92 -4.30 -36.30
CA ALA S 66 40.44 -4.40 -34.94
C ALA S 66 39.36 -5.45 -34.82
N LEU S 67 38.63 -5.68 -35.89
CA LEU S 67 37.63 -6.70 -35.87
C LEU S 67 38.41 -7.99 -35.99
N VAL S 68 39.59 -7.96 -36.60
CA VAL S 68 40.39 -9.18 -36.72
C VAL S 68 41.13 -9.47 -35.42
N SER S 69 41.72 -8.44 -34.81
CA SER S 69 42.50 -8.60 -33.58
C SER S 69 42.16 -7.50 -32.59
N ALA S 70 42.55 -7.68 -31.33
CA ALA S 70 42.19 -6.72 -30.29
C ALA S 70 42.62 -5.31 -30.68
N PRO S 71 41.77 -4.29 -30.45
CA PRO S 71 42.19 -2.96 -30.87
C PRO S 71 43.28 -2.36 -30.03
N SER S 72 44.51 -2.45 -30.54
CA SER S 72 45.65 -1.90 -29.84
C SER S 72 45.52 -0.39 -29.68
N ALA S 73 45.17 0.31 -30.75
CA ALA S 73 45.02 1.74 -30.60
C ALA S 73 43.75 1.97 -29.78
N GLU S 74 43.85 2.84 -28.81
CA GLU S 74 42.73 3.11 -27.96
C GLU S 74 41.63 3.86 -28.71
N PRO S 75 40.37 3.82 -28.24
CA PRO S 75 39.83 3.12 -27.07
C PRO S 75 39.88 1.60 -27.11
N HIS S 76 40.10 1.04 -25.92
CA HIS S 76 40.17 -0.40 -25.74
C HIS S 76 38.77 -1.03 -25.69
N ALA S 77 38.68 -2.30 -26.04
CA ALA S 77 37.43 -3.04 -26.08
C ALA S 77 37.27 -4.00 -24.90
N ARG S 78 36.01 -4.17 -24.49
CA ARG S 78 35.65 -5.05 -23.40
C ARG S 78 35.09 -6.34 -23.94
N ASN S 79 35.46 -7.45 -23.30
CA ASN S 79 34.98 -8.79 -23.68
C ASN S 79 35.22 -9.04 -25.16
N TYR S 80 36.35 -8.60 -25.65
CA TYR S 80 36.68 -8.81 -27.05
C TYR S 80 36.79 -10.32 -27.23
N PRO S 81 36.02 -10.92 -28.13
CA PRO S 81 36.10 -12.38 -28.27
C PRO S 81 37.37 -12.83 -28.95
N GLU S 82 37.50 -14.15 -28.99
CA GLU S 82 38.66 -14.76 -29.61
C GLU S 82 38.74 -14.33 -31.07
N GLY S 83 39.91 -13.86 -31.46
CA GLY S 83 40.14 -13.43 -32.83
C GLY S 83 39.18 -12.38 -33.32
N GLY S 84 38.53 -11.67 -32.41
CA GLY S 84 37.59 -10.68 -32.86
C GLY S 84 36.40 -11.34 -33.48
N TYR S 85 35.64 -10.56 -34.25
CA TYR S 85 34.41 -11.02 -34.87
C TYR S 85 34.58 -11.56 -36.28
N ILE S 86 35.76 -12.04 -36.60
CA ILE S 86 35.98 -12.58 -37.93
C ILE S 86 37.13 -13.54 -37.92
N ARG S 87 37.11 -14.45 -38.86
CA ARG S 87 38.22 -15.36 -38.99
C ARG S 87 39.41 -14.58 -39.53
N ARG S 88 39.29 -14.10 -40.77
CA ARG S 88 40.35 -13.37 -41.45
C ARG S 88 39.77 -12.15 -42.15
N LEU S 89 40.64 -11.25 -42.61
CA LEU S 89 40.22 -10.05 -43.29
C LEU S 89 39.98 -10.28 -44.78
N PRO S 90 38.81 -9.95 -45.31
CA PRO S 90 38.61 -10.11 -46.75
C PRO S 90 39.43 -9.07 -47.49
N GLN S 91 40.34 -9.53 -48.33
CA GLN S 91 41.21 -8.69 -49.13
C GLN S 91 40.55 -8.49 -50.46
N ASP S 92 40.34 -7.24 -50.83
CA ASP S 92 39.72 -6.92 -52.10
C ASP S 92 40.78 -7.29 -53.14
N PRO S 93 40.47 -8.14 -54.11
CA PRO S 93 41.48 -8.56 -55.07
C PRO S 93 41.81 -7.56 -56.16
N TRP S 94 42.17 -6.35 -55.74
CA TRP S 94 42.62 -5.31 -56.65
C TRP S 94 43.61 -4.46 -55.86
N GLY S 95 44.30 -5.05 -54.89
CA GLY S 95 45.27 -4.31 -54.12
C GLY S 95 44.72 -3.40 -53.05
N SER S 96 43.59 -3.75 -52.44
CA SER S 96 43.02 -2.89 -51.42
C SER S 96 42.23 -3.63 -50.37
N ASP S 97 42.17 -3.04 -49.20
CA ASP S 97 41.39 -3.58 -48.11
C ASP S 97 40.11 -2.76 -48.06
N TYR S 98 39.28 -3.02 -47.08
CA TYR S 98 38.01 -2.32 -46.92
C TYR S 98 38.20 -1.20 -45.91
N GLN S 99 38.53 -0.02 -46.41
CA GLN S 99 38.78 1.12 -45.53
C GLN S 99 37.51 1.64 -44.88
N LEU S 100 37.43 1.53 -43.56
CA LEU S 100 36.29 2.02 -42.82
C LEU S 100 36.46 3.51 -42.59
N LEU S 101 35.38 4.14 -42.16
CA LEU S 101 35.38 5.56 -41.85
C LEU S 101 34.87 5.78 -40.43
N SER S 102 35.57 6.64 -39.70
CA SER S 102 35.24 6.96 -38.31
C SER S 102 35.07 8.45 -38.11
N PRO S 103 33.83 8.95 -38.06
CA PRO S 103 32.49 8.39 -38.21
C PRO S 103 32.00 8.39 -39.64
N GLY S 104 31.08 7.49 -39.93
CA GLY S 104 30.50 7.43 -41.25
C GLY S 104 29.59 8.60 -41.52
N GLN S 105 29.54 9.00 -42.78
CA GLN S 105 28.68 10.10 -43.20
C GLN S 105 27.27 9.60 -43.50
N CYS S 106 27.13 8.33 -43.90
CA CYS S 106 25.82 7.76 -44.19
C CYS S 106 25.24 7.12 -42.93
N GLY S 107 25.92 7.29 -41.80
CA GLY S 107 25.43 6.72 -40.56
C GLY S 107 26.51 6.71 -39.50
N GLN S 108 26.66 5.58 -38.83
CA GLN S 108 27.68 5.49 -37.78
C GLN S 108 29.06 5.25 -38.37
N VAL S 109 29.14 4.44 -39.42
CA VAL S 109 30.41 4.07 -40.03
C VAL S 109 30.28 3.97 -41.54
N ASP S 110 31.37 4.30 -42.25
CA ASP S 110 31.41 4.15 -43.69
C ASP S 110 32.65 3.41 -44.13
N ILE S 111 32.46 2.53 -45.13
CA ILE S 111 33.53 1.69 -45.66
C ILE S 111 33.76 1.99 -47.13
N PHE S 112 35.02 1.91 -47.54
CA PHE S 112 35.39 2.18 -48.92
C PHE S 112 36.55 1.31 -49.39
N SER S 113 36.72 1.26 -50.72
CA SER S 113 37.78 0.49 -51.36
C SER S 113 38.05 0.96 -52.78
N LEU S 114 39.19 0.53 -53.32
CA LEU S 114 39.53 0.90 -54.68
C LEU S 114 38.53 0.28 -55.63
N GLY S 115 38.35 -1.02 -55.53
CA GLY S 115 37.43 -1.74 -56.38
C GLY S 115 38.09 -2.17 -57.67
N PRO S 116 37.27 -2.69 -58.59
CA PRO S 116 37.81 -3.17 -59.87
C PRO S 116 38.55 -2.12 -60.63
N ASP S 117 38.14 -0.85 -60.53
CA ASP S 117 38.86 0.19 -61.24
C ASP S 117 40.25 0.34 -60.63
N GLY S 118 40.43 -0.05 -59.37
CA GLY S 118 41.71 0.11 -58.74
C GLY S 118 42.02 1.54 -58.40
N VAL S 119 41.01 2.42 -58.42
CA VAL S 119 41.19 3.84 -58.16
C VAL S 119 40.53 4.17 -56.83
N PRO S 120 41.12 5.05 -56.01
CA PRO S 120 40.49 5.41 -54.74
C PRO S 120 39.45 6.50 -54.91
N GLU S 121 38.23 6.20 -54.50
CA GLU S 121 37.12 7.16 -54.52
C GLU S 121 36.85 7.81 -55.87
N SER S 122 36.67 7.00 -56.91
CA SER S 122 36.37 7.49 -58.24
C SER S 122 35.01 7.00 -58.70
N ASN S 123 34.91 5.71 -58.95
CA ASN S 123 33.68 5.09 -59.41
C ASN S 123 33.39 3.83 -58.62
N ASP S 124 34.41 3.02 -58.36
CA ASP S 124 34.27 1.78 -57.62
C ASP S 124 34.62 2.00 -56.16
N ASP S 125 34.03 3.03 -55.57
CA ASP S 125 34.21 3.40 -54.20
C ASP S 125 33.24 2.64 -53.31
N ILE S 126 32.72 1.52 -53.76
CA ILE S 126 31.76 0.78 -52.95
C ILE S 126 32.44 0.24 -51.68
N GLY S 127 31.62 -0.14 -50.73
CA GLY S 127 32.04 -0.61 -49.42
C GLY S 127 30.92 -0.33 -48.42
N ASN S 128 30.04 0.60 -48.74
CA ASN S 128 28.88 0.94 -47.95
C ASN S 128 27.96 1.72 -48.90
N CYS S 129 27.13 2.63 -48.37
CA CYS S 129 26.17 3.45 -49.10
C CYS S 129 26.67 3.97 -50.43
N THR S 130 27.79 4.67 -50.42
CA THR S 130 28.37 5.24 -51.62
C THR S 130 29.74 4.60 -51.87
N THR T 2 52.14 -41.13 -106.39
CA THR T 2 53.33 -41.39 -105.68
C THR T 2 53.95 -40.07 -105.25
N LEU T 3 53.84 -39.04 -106.08
CA LEU T 3 54.40 -37.73 -105.75
C LEU T 3 53.28 -36.79 -105.34
N LEU T 4 52.31 -36.58 -106.22
CA LEU T 4 51.20 -35.69 -105.88
C LEU T 4 50.42 -36.24 -104.71
N GLU T 5 50.26 -37.56 -104.68
CA GLU T 5 49.55 -38.24 -103.61
C GLU T 5 50.32 -38.13 -102.31
N ILE T 6 51.62 -37.85 -102.40
CA ILE T 6 52.49 -37.75 -101.24
C ILE T 6 52.98 -36.34 -101.01
N MET T 7 53.83 -35.83 -101.91
CA MET T 7 54.44 -34.51 -101.74
C MET T 7 53.47 -33.40 -101.39
N VAL T 8 52.29 -33.41 -102.00
CA VAL T 8 51.33 -32.39 -101.69
C VAL T 8 50.90 -32.58 -100.26
N VAL T 9 50.77 -33.82 -99.82
CA VAL T 9 50.32 -34.09 -98.48
C VAL T 9 51.38 -33.85 -97.43
N ILE T 10 52.63 -34.08 -97.78
CA ILE T 10 53.70 -33.88 -96.81
C ILE T 10 53.63 -32.43 -96.37
N VAL T 11 53.37 -31.54 -97.32
CA VAL T 11 53.29 -30.14 -97.00
C VAL T 11 52.07 -29.93 -96.12
N ILE T 12 50.91 -30.41 -96.58
CA ILE T 12 49.67 -30.24 -95.83
C ILE T 12 49.81 -30.78 -94.43
N LEU T 13 50.60 -31.83 -94.27
CA LEU T 13 50.79 -32.40 -92.94
C LEU T 13 51.49 -31.35 -92.08
N GLY T 14 52.70 -30.96 -92.48
CA GLY T 14 53.44 -30.01 -91.69
C GLY T 14 52.76 -28.67 -91.57
N VAL T 15 52.11 -28.22 -92.66
CA VAL T 15 51.41 -26.95 -92.61
C VAL T 15 50.30 -27.05 -91.59
N LEU T 16 49.69 -28.22 -91.48
CA LEU T 16 48.61 -28.37 -90.50
C LEU T 16 49.21 -28.46 -89.11
N ALA T 17 50.04 -29.48 -88.89
CA ALA T 17 50.62 -29.71 -87.58
C ALA T 17 51.42 -28.53 -87.06
N SER T 18 51.92 -27.67 -87.94
CA SER T 18 52.71 -26.54 -87.46
C SER T 18 51.91 -25.46 -86.77
N LEU T 19 50.81 -25.03 -87.37
CA LEU T 19 50.01 -23.95 -86.83
C LEU T 19 48.80 -24.43 -86.04
N VAL T 20 48.97 -25.48 -85.27
CA VAL T 20 47.93 -25.99 -84.39
C VAL T 20 48.56 -26.05 -83.01
N VAL T 21 48.40 -24.99 -82.24
CA VAL T 21 48.96 -24.93 -80.90
C VAL T 21 47.77 -24.74 -79.95
N PRO T 22 47.26 -25.81 -79.34
CA PRO T 22 46.09 -25.69 -78.48
C PRO T 22 46.23 -24.90 -77.18
N ASN T 23 47.12 -25.31 -76.30
CA ASN T 23 47.27 -24.62 -75.01
C ASN T 23 48.52 -24.97 -74.23
N LEU T 24 48.56 -24.54 -72.97
CA LEU T 24 49.63 -24.76 -72.02
C LEU T 24 49.47 -26.04 -71.21
N MET T 25 50.41 -26.24 -70.29
CA MET T 25 50.44 -27.34 -69.36
C MET T 25 50.69 -26.69 -68.00
N GLY T 26 49.94 -27.13 -67.00
CA GLY T 26 50.05 -26.61 -65.65
C GLY T 26 48.83 -25.88 -65.16
N ASN T 27 47.80 -25.72 -65.99
CA ASN T 27 46.60 -25.05 -65.55
C ASN T 27 45.93 -25.82 -64.43
N LYS T 28 46.09 -27.14 -64.42
CA LYS T 28 45.50 -27.96 -63.38
C LYS T 28 46.13 -27.64 -62.04
N GLU T 29 47.41 -27.28 -62.04
CA GLU T 29 48.08 -26.96 -60.79
C GLU T 29 47.43 -25.75 -60.15
N LYS T 30 46.97 -24.80 -60.97
CA LYS T 30 46.31 -23.64 -60.41
C LYS T 30 44.99 -24.10 -59.81
N ALA T 31 44.36 -25.09 -60.43
CA ALA T 31 43.09 -25.58 -59.94
C ALA T 31 43.22 -26.28 -58.61
N ASP T 32 44.39 -26.85 -58.34
CA ASP T 32 44.60 -27.54 -57.09
C ASP T 32 44.42 -26.60 -55.92
N ARG T 33 44.75 -25.32 -56.12
CA ARG T 33 44.61 -24.35 -55.05
C ARG T 33 43.16 -24.19 -54.61
N GLN T 34 42.30 -23.74 -55.53
CA GLN T 34 40.90 -23.51 -55.20
C GLN T 34 40.25 -24.78 -54.71
N LYS T 35 40.73 -25.93 -55.15
CA LYS T 35 40.19 -27.18 -54.70
C LYS T 35 40.45 -27.32 -53.21
N VAL T 36 41.59 -26.81 -52.76
CA VAL T 36 41.94 -26.88 -51.36
C VAL T 36 41.35 -25.66 -50.66
N VAL T 37 41.35 -24.52 -51.34
CA VAL T 37 40.78 -23.33 -50.71
C VAL T 37 39.30 -23.57 -50.51
N SER T 38 38.67 -24.31 -51.42
CA SER T 38 37.25 -24.59 -51.26
C SER T 38 37.05 -25.43 -50.02
N ASP T 39 38.03 -26.27 -49.72
CA ASP T 39 37.90 -27.10 -48.54
C ASP T 39 37.95 -26.25 -47.29
N LEU T 40 38.89 -25.29 -47.26
CA LEU T 40 39.09 -24.42 -46.10
C LEU T 40 37.82 -23.94 -45.43
N VAL T 41 36.97 -23.26 -46.18
CA VAL T 41 35.72 -22.79 -45.62
C VAL T 41 34.87 -24.01 -45.33
N ALA T 42 34.89 -24.97 -46.25
CA ALA T 42 34.09 -26.17 -46.06
C ALA T 42 34.56 -26.96 -44.86
N LEU T 43 35.83 -26.90 -44.54
CA LEU T 43 36.33 -27.64 -43.41
C LEU T 43 35.90 -26.95 -42.14
N GLU T 44 36.37 -25.71 -41.95
CA GLU T 44 36.01 -24.98 -40.74
C GLU T 44 34.52 -24.80 -40.58
N GLY T 45 33.83 -24.53 -41.68
CA GLY T 45 32.40 -24.36 -41.59
C GLY T 45 31.73 -25.65 -41.17
N ALA T 46 32.26 -26.77 -41.64
CA ALA T 46 31.70 -28.05 -41.26
C ALA T 46 32.04 -28.38 -39.81
N LEU T 47 33.26 -28.03 -39.39
CA LEU T 47 33.66 -28.30 -38.03
C LEU T 47 32.82 -27.49 -37.06
N ASP T 48 32.45 -26.28 -37.47
CA ASP T 48 31.64 -25.41 -36.62
C ASP T 48 30.34 -26.08 -36.25
N MET T 49 29.82 -26.90 -37.14
CA MET T 49 28.59 -27.60 -36.85
C MET T 49 28.81 -28.53 -35.67
N TYR T 50 29.93 -29.24 -35.70
CA TYR T 50 30.22 -30.14 -34.59
C TYR T 50 30.55 -29.31 -33.37
N LYS T 51 31.10 -28.12 -33.57
CA LYS T 51 31.42 -27.24 -32.45
C LYS T 51 30.13 -26.76 -31.82
N LEU T 52 28.98 -26.94 -32.48
CA LEU T 52 27.70 -26.50 -31.98
C LEU T 52 27.04 -27.59 -31.14
N ASP T 53 26.82 -28.77 -31.72
CA ASP T 53 26.16 -29.83 -30.97
C ASP T 53 26.94 -30.29 -29.75
N ASN T 54 28.18 -30.70 -29.96
CA ASN T 54 28.99 -31.14 -28.84
C ASN T 54 29.64 -29.92 -28.20
N SER T 55 29.36 -28.71 -28.70
CA SER T 55 29.90 -27.49 -28.15
C SER T 55 31.42 -27.44 -28.20
N ARG T 56 32.04 -28.22 -29.06
CA ARG T 56 33.49 -28.25 -29.18
C ARG T 56 33.94 -29.00 -30.42
N TYR T 57 35.23 -28.96 -30.67
CA TYR T 57 35.85 -29.60 -31.82
C TYR T 57 36.54 -30.93 -31.51
N PRO T 58 36.71 -31.80 -32.50
CA PRO T 58 37.39 -33.07 -32.27
C PRO T 58 38.89 -32.92 -32.07
N THR T 59 39.44 -33.93 -31.41
CA THR T 59 40.85 -34.03 -31.09
C THR T 59 41.70 -34.40 -32.31
N THR T 60 42.99 -34.08 -32.25
CA THR T 60 43.95 -34.42 -33.30
C THR T 60 43.85 -35.90 -33.66
N GLU T 61 44.13 -36.78 -32.71
CA GLU T 61 44.05 -38.21 -33.01
C GLU T 61 42.64 -38.59 -33.39
N GLN T 62 41.66 -37.87 -32.87
CA GLN T 62 40.27 -38.12 -33.23
C GLN T 62 40.11 -37.81 -34.72
N GLY T 63 40.92 -36.89 -35.24
CA GLY T 63 40.93 -36.52 -36.64
C GLY T 63 39.61 -36.05 -37.22
N LEU T 64 39.64 -35.65 -38.50
CA LEU T 64 38.44 -35.19 -39.17
C LEU T 64 37.47 -36.33 -39.40
N GLN T 65 37.94 -37.57 -39.23
CA GLN T 65 37.08 -38.73 -39.41
C GLN T 65 35.91 -38.65 -38.45
N ALA T 66 36.10 -37.96 -37.33
CA ALA T 66 35.00 -37.76 -36.41
C ALA T 66 33.88 -36.98 -37.06
N LEU T 67 34.22 -36.13 -38.01
CA LEU T 67 33.21 -35.40 -38.70
C LEU T 67 32.59 -36.41 -39.66
N VAL T 68 33.33 -37.43 -40.06
CA VAL T 68 32.79 -38.45 -40.95
C VAL T 68 31.94 -39.45 -40.18
N SER T 69 32.43 -39.90 -39.02
CA SER T 69 31.74 -40.90 -38.21
C SER T 69 31.77 -40.50 -36.74
N ALA T 70 30.94 -41.14 -35.93
CA ALA T 70 30.83 -40.77 -34.52
C ALA T 70 32.19 -40.81 -33.85
N PRO T 71 32.52 -39.81 -33.00
CA PRO T 71 33.85 -39.84 -32.41
C PRO T 71 34.03 -40.92 -31.35
N SER T 72 34.65 -42.02 -31.78
CA SER T 72 34.90 -43.12 -30.86
C SER T 72 35.81 -42.69 -29.73
N ALA T 73 36.90 -42.01 -30.05
CA ALA T 73 37.78 -41.57 -28.98
C ALA T 73 37.04 -40.46 -28.24
N GLU T 74 37.06 -40.54 -26.94
CA GLU T 74 36.37 -39.55 -26.14
C GLU T 74 37.08 -38.20 -26.22
N PRO T 75 36.39 -37.08 -25.93
CA PRO T 75 34.98 -36.92 -25.55
C PRO T 75 33.96 -37.30 -26.60
N HIS T 76 32.85 -37.84 -26.10
CA HIS T 76 31.73 -38.25 -26.93
C HIS T 76 30.87 -37.06 -27.34
N ALA T 77 30.17 -37.19 -28.47
CA ALA T 77 29.33 -36.14 -29.02
C ALA T 77 27.84 -36.40 -28.80
N ARG T 78 27.10 -35.32 -28.64
CA ARG T 78 25.67 -35.34 -28.43
C ARG T 78 24.95 -34.99 -29.72
N ASN T 79 23.86 -35.70 -30.00
CA ASN T 79 23.04 -35.48 -31.18
C ASN T 79 23.88 -35.50 -32.44
N TYR T 80 24.84 -36.40 -32.48
CA TYR T 80 25.69 -36.51 -33.65
C TYR T 80 24.78 -36.92 -34.80
N PRO T 81 24.73 -36.15 -35.89
CA PRO T 81 23.82 -36.52 -36.97
C PRO T 81 24.30 -37.72 -37.75
N GLU T 82 23.43 -38.13 -38.67
CA GLU T 82 23.73 -39.26 -39.52
C GLU T 82 25.01 -38.99 -40.30
N GLY T 83 25.93 -39.94 -40.25
CA GLY T 83 27.19 -39.82 -40.96
C GLY T 83 27.98 -38.58 -40.63
N GLY T 84 27.70 -37.96 -39.49
CA GLY T 84 28.43 -36.77 -39.17
C GLY T 84 28.04 -35.67 -40.11
N TYR T 85 28.87 -34.63 -40.15
CA TYR T 85 28.60 -33.44 -40.95
C TYR T 85 29.19 -33.46 -42.35
N ILE T 86 29.40 -34.65 -42.88
CA ILE T 86 29.95 -34.74 -44.23
C ILE T 86 29.59 -36.06 -44.84
N ARG T 87 29.55 -36.09 -46.16
CA ARG T 87 29.31 -37.32 -46.84
C ARG T 87 30.54 -38.19 -46.70
N ARG T 88 31.66 -37.76 -47.29
CA ARG T 88 32.92 -38.49 -47.27
C ARG T 88 34.07 -37.54 -46.98
N LEU T 89 35.24 -38.11 -46.68
CA LEU T 89 36.41 -37.31 -46.38
C LEU T 89 37.17 -36.87 -47.63
N PRO T 90 37.40 -35.58 -47.83
CA PRO T 90 38.18 -35.18 -49.00
C PRO T 90 39.63 -35.61 -48.83
N GLN T 91 40.10 -36.44 -49.74
CA GLN T 91 41.47 -36.94 -49.74
C GLN T 91 42.29 -36.03 -50.60
N ASP T 92 43.36 -35.48 -50.03
CA ASP T 92 44.23 -34.59 -50.77
C ASP T 92 44.95 -35.50 -51.77
N PRO T 93 44.90 -35.22 -53.07
CA PRO T 93 45.51 -36.12 -54.04
C PRO T 93 47.01 -36.03 -54.15
N TRP T 94 47.69 -36.18 -53.02
CA TRP T 94 49.15 -36.22 -52.98
C TRP T 94 49.51 -37.13 -51.81
N GLY T 95 48.66 -38.10 -51.47
CA GLY T 95 48.94 -39.01 -50.38
C GLY T 95 48.74 -38.45 -48.99
N SER T 96 47.77 -37.55 -48.80
CA SER T 96 47.55 -37.00 -47.48
C SER T 96 46.13 -36.59 -47.23
N ASP T 97 45.75 -36.60 -45.97
CA ASP T 97 44.44 -36.17 -45.55
C ASP T 97 44.63 -34.77 -44.98
N TYR T 98 43.57 -34.20 -44.45
CA TYR T 98 43.60 -32.86 -43.88
C TYR T 98 43.78 -32.98 -42.37
N GLN T 99 45.03 -32.96 -41.93
CA GLN T 99 45.34 -33.09 -40.51
C GLN T 99 44.92 -31.88 -39.70
N LEU T 100 43.96 -32.07 -38.81
CA LEU T 100 43.49 -30.99 -37.95
C LEU T 100 44.44 -30.86 -36.78
N LEU T 101 44.31 -29.77 -36.05
CA LEU T 101 45.11 -29.50 -34.86
C LEU T 101 44.19 -29.22 -33.68
N SER T 102 44.51 -29.83 -32.55
CA SER T 102 43.74 -29.70 -31.32
C SER T 102 44.61 -29.24 -30.16
N PRO T 103 44.58 -27.95 -29.80
CA PRO T 103 43.91 -26.76 -30.31
C PRO T 103 44.70 -26.04 -31.38
N GLY T 104 43.99 -25.29 -32.23
CA GLY T 104 44.66 -24.52 -33.24
C GLY T 104 45.40 -23.35 -32.67
N GLN T 105 46.50 -22.98 -33.33
CA GLN T 105 47.30 -21.85 -32.91
C GLN T 105 46.75 -20.55 -33.50
N CYS T 106 46.08 -20.62 -34.65
CA CYS T 106 45.49 -19.44 -35.28
C CYS T 106 44.07 -19.25 -34.79
N GLY T 107 43.63 -20.05 -33.83
CA GLY T 107 42.28 -19.93 -33.32
C GLY T 107 41.89 -21.16 -32.52
N GLN T 108 40.69 -21.67 -32.78
CA GLN T 108 40.24 -22.84 -32.05
C GLN T 108 40.83 -24.12 -32.62
N VAL T 109 40.98 -24.20 -33.95
CA VAL T 109 41.48 -25.39 -34.62
C VAL T 109 42.35 -25.02 -35.80
N ASP T 110 43.35 -25.86 -36.09
CA ASP T 110 44.20 -25.68 -37.25
C ASP T 110 44.31 -26.96 -38.05
N ILE T 111 44.30 -26.79 -39.38
CA ILE T 111 44.35 -27.90 -40.32
C ILE T 111 45.58 -27.80 -41.19
N PHE T 112 46.14 -28.96 -41.54
CA PHE T 112 47.33 -29.02 -42.36
C PHE T 112 47.37 -30.24 -43.27
N SER T 113 48.24 -30.17 -44.28
CA SER T 113 48.41 -31.24 -45.25
C SER T 113 49.75 -31.14 -45.98
N LEU T 114 50.12 -32.25 -46.63
CA LEU T 114 51.36 -32.25 -47.39
C LEU T 114 51.27 -31.25 -48.52
N GLY T 115 50.23 -31.38 -49.34
CA GLY T 115 50.03 -30.52 -50.46
C GLY T 115 50.75 -31.00 -51.70
N PRO T 116 50.76 -30.18 -52.74
CA PRO T 116 51.41 -30.57 -54.00
C PRO T 116 52.85 -30.91 -53.83
N ASP T 117 53.56 -30.27 -52.90
CA ASP T 117 54.96 -30.60 -52.71
C ASP T 117 55.06 -32.00 -52.14
N GLY T 118 54.02 -32.48 -51.47
CA GLY T 118 54.07 -33.80 -50.87
C GLY T 118 54.94 -33.84 -49.65
N VAL T 119 55.29 -32.68 -49.09
CA VAL T 119 56.16 -32.59 -47.94
C VAL T 119 55.34 -32.11 -46.75
N PRO T 120 55.60 -32.63 -45.54
CA PRO T 120 54.84 -32.17 -44.37
C PRO T 120 55.43 -30.90 -43.77
N GLU T 121 54.61 -29.86 -43.70
CA GLU T 121 54.99 -28.59 -43.08
C GLU T 121 56.25 -27.95 -43.64
N SER T 122 56.30 -27.77 -44.96
CA SER T 122 57.45 -27.14 -45.61
C SER T 122 57.01 -25.87 -46.31
N ASN T 123 56.25 -26.00 -47.37
CA ASN T 123 55.75 -24.88 -48.15
C ASN T 123 54.28 -25.02 -48.43
N ASP T 124 53.83 -26.23 -48.75
CA ASP T 124 52.43 -26.49 -49.05
C ASP T 124 51.73 -27.02 -47.82
N ASP T 125 51.90 -26.34 -46.71
CA ASP T 125 51.31 -26.68 -45.44
C ASP T 125 49.93 -26.08 -45.32
N ILE T 126 49.28 -25.73 -46.42
CA ILE T 126 47.97 -25.13 -46.34
C ILE T 126 46.96 -26.11 -45.75
N GLY T 127 45.83 -25.58 -45.33
CA GLY T 127 44.77 -26.31 -44.67
C GLY T 127 44.00 -25.36 -43.77
N ASN T 128 44.61 -24.25 -43.39
CA ASN T 128 44.01 -23.20 -42.60
C ASN T 128 44.92 -21.98 -42.79
N CYS T 129 44.99 -21.09 -41.79
CA CYS T 129 45.77 -19.86 -41.79
C CYS T 129 47.15 -19.98 -42.43
N THR T 130 47.94 -20.91 -41.92
CA THR T 130 49.29 -21.13 -42.41
C THR T 130 49.38 -22.53 -43.01
N THR U 2 59.08 -44.43 -113.66
CA THR U 2 58.77 -45.76 -113.28
C THR U 2 59.60 -46.13 -112.06
N LEU U 3 60.84 -45.65 -111.98
CA LEU U 3 61.69 -45.96 -110.84
C LEU U 3 61.77 -44.76 -109.93
N LEU U 4 62.23 -43.62 -110.45
CA LEU U 4 62.32 -42.43 -109.62
C LEU U 4 60.94 -42.00 -109.15
N GLU U 5 59.95 -42.14 -110.02
CA GLU U 5 58.57 -41.80 -109.70
C GLU U 5 58.02 -42.75 -108.65
N ILE U 6 58.63 -43.92 -108.51
CA ILE U 6 58.19 -44.93 -107.57
C ILE U 6 59.18 -45.14 -106.43
N MET U 7 60.36 -45.68 -106.74
CA MET U 7 61.34 -46.01 -105.71
C MET U 7 61.63 -44.90 -104.72
N VAL U 8 61.69 -43.66 -105.20
CA VAL U 8 61.94 -42.55 -104.31
C VAL U 8 60.76 -42.45 -103.38
N VAL U 9 59.56 -42.69 -103.91
CA VAL U 9 58.36 -42.53 -103.11
C VAL U 9 58.15 -43.68 -102.15
N ILE U 10 58.56 -44.87 -102.54
CA ILE U 10 58.36 -46.02 -101.66
C ILE U 10 59.09 -45.72 -100.37
N VAL U 11 60.26 -45.11 -100.47
CA VAL U 11 61.01 -44.78 -99.28
C VAL U 11 60.24 -43.72 -98.52
N ILE U 12 59.88 -42.64 -99.20
CA ILE U 12 59.17 -41.54 -98.56
C ILE U 12 57.90 -42.04 -97.89
N LEU U 13 57.28 -43.06 -98.47
CA LEU U 13 56.08 -43.60 -97.86
C LEU U 13 56.44 -44.18 -96.52
N GLY U 14 57.31 -45.20 -96.52
CA GLY U 14 57.67 -45.84 -95.28
C GLY U 14 58.35 -44.90 -94.31
N VAL U 15 59.19 -43.99 -94.82
CA VAL U 15 59.86 -43.05 -93.93
C VAL U 15 58.81 -42.20 -93.26
N LEU U 16 57.74 -41.88 -93.99
CA LEU U 16 56.71 -41.05 -93.40
C LEU U 16 55.90 -41.90 -92.43
N ALA U 17 55.27 -42.95 -92.93
CA ALA U 17 54.41 -43.79 -92.11
C ALA U 17 55.13 -44.39 -90.91
N SER U 18 56.45 -44.52 -90.97
CA SER U 18 57.15 -45.12 -89.84
C SER U 18 57.24 -44.24 -88.61
N LEU U 19 57.63 -42.98 -88.79
CA LEU U 19 57.80 -42.07 -87.67
C LEU U 19 56.61 -41.16 -87.43
N VAL U 20 55.42 -41.69 -87.58
CA VAL U 20 54.20 -40.95 -87.30
C VAL U 20 53.43 -41.82 -86.30
N VAL U 21 53.62 -41.57 -85.03
CA VAL U 21 52.95 -42.31 -83.97
C VAL U 21 52.13 -41.30 -83.18
N PRO U 22 50.84 -41.16 -83.47
CA PRO U 22 50.03 -40.16 -82.77
C PRO U 22 49.78 -40.36 -81.27
N ASN U 23 49.16 -41.46 -80.89
CA ASN U 23 48.85 -41.67 -79.47
C ASN U 23 48.45 -43.10 -79.11
N LEU U 24 47.94 -43.25 -77.89
CA LEU U 24 47.46 -44.50 -77.32
C LEU U 24 45.99 -44.77 -77.58
N MET U 25 45.51 -45.87 -77.03
CA MET U 25 44.14 -46.31 -77.08
C MET U 25 43.77 -46.64 -75.64
N GLY U 26 42.61 -46.20 -75.22
CA GLY U 26 42.12 -46.44 -73.86
C GLY U 26 41.97 -45.19 -73.04
N ASN U 27 42.33 -44.02 -73.56
CA ASN U 27 42.18 -42.79 -72.81
C ASN U 27 40.72 -42.52 -72.51
N LYS U 28 39.83 -42.96 -73.41
CA LYS U 28 38.40 -42.76 -73.19
C LYS U 28 37.94 -43.54 -71.97
N GLU U 29 38.56 -44.69 -71.71
CA GLU U 29 38.15 -45.47 -70.56
C GLU U 29 38.39 -44.69 -69.28
N LYS U 30 39.47 -43.90 -69.25
CA LYS U 30 39.74 -43.11 -68.07
C LYS U 30 38.65 -42.06 -67.96
N ALA U 31 38.19 -41.55 -69.10
CA ALA U 31 37.16 -40.53 -69.09
C ALA U 31 35.84 -41.06 -68.59
N ASP U 32 35.59 -42.34 -68.75
CA ASP U 32 34.35 -42.91 -68.29
C ASP U 32 34.20 -42.74 -66.79
N ARG U 33 35.32 -42.74 -66.07
CA ARG U 33 35.27 -42.58 -64.63
C ARG U 33 34.68 -41.24 -64.23
N GLN U 34 35.36 -40.15 -64.62
CA GLN U 34 34.91 -38.81 -64.24
C GLN U 34 33.51 -38.55 -64.76
N LYS U 35 33.14 -39.19 -65.85
CA LYS U 35 31.80 -39.02 -66.37
C LYS U 35 30.81 -39.56 -65.36
N VAL U 36 31.19 -40.63 -64.66
CA VAL U 36 30.32 -41.22 -63.67
C VAL U 36 30.56 -40.52 -62.35
N VAL U 37 31.80 -40.14 -62.07
CA VAL U 37 32.07 -39.46 -60.81
C VAL U 37 31.36 -38.13 -60.86
N SER U 38 31.25 -37.52 -62.03
CA SER U 38 30.56 -36.24 -62.14
C SER U 38 29.11 -36.45 -61.79
N ASP U 39 28.59 -37.62 -62.13
CA ASP U 39 27.19 -37.89 -61.82
C ASP U 39 27.00 -37.98 -60.33
N LEU U 40 27.91 -38.67 -59.64
CA LEU U 40 27.82 -38.89 -58.19
C LEU U 40 27.37 -37.67 -57.40
N VAL U 41 28.10 -36.58 -57.51
CA VAL U 41 27.71 -35.38 -56.79
C VAL U 41 26.42 -34.88 -57.43
N ALA U 42 26.35 -34.94 -58.75
CA ALA U 42 25.17 -34.47 -59.43
C ALA U 42 23.96 -35.30 -59.08
N LEU U 43 24.15 -36.58 -58.78
CA LEU U 43 23.02 -37.42 -58.44
C LEU U 43 22.56 -37.08 -57.04
N GLU U 44 23.43 -37.28 -56.06
CA GLU U 44 23.07 -37.00 -54.67
C GLU U 44 22.67 -35.56 -54.47
N GLY U 45 23.39 -34.64 -55.10
CA GLY U 45 23.04 -33.24 -54.95
C GLY U 45 21.67 -32.96 -55.53
N ALA U 46 21.34 -33.63 -56.62
CA ALA U 46 20.04 -33.43 -57.21
C ALA U 46 18.96 -34.09 -56.36
N LEU U 47 19.27 -35.26 -55.79
CA LEU U 47 18.29 -35.95 -54.97
C LEU U 47 18.00 -35.13 -53.73
N ASP U 48 19.02 -34.43 -53.21
CA ASP U 48 18.85 -33.63 -52.01
C ASP U 48 17.77 -32.59 -52.22
N MET U 49 17.63 -32.11 -53.44
CA MET U 49 16.60 -31.12 -53.72
C MET U 49 15.25 -31.76 -53.48
N TYR U 50 15.07 -32.99 -53.96
CA TYR U 50 13.80 -33.65 -53.75
C TYR U 50 13.67 -34.01 -52.28
N LYS U 51 14.80 -34.23 -51.61
CA LYS U 51 14.77 -34.54 -50.19
C LYS U 51 14.35 -33.31 -49.42
N LEU U 52 14.33 -32.14 -50.05
CA LEU U 52 13.95 -30.90 -49.40
C LEU U 52 12.45 -30.65 -49.53
N ASP U 53 11.94 -30.60 -50.76
CA ASP U 53 10.51 -30.32 -50.94
C ASP U 53 9.62 -31.39 -50.35
N ASN U 54 9.81 -32.63 -50.75
CA ASN U 54 8.99 -33.70 -50.21
C ASN U 54 9.62 -34.17 -48.90
N SER U 55 10.71 -33.55 -48.45
CA SER U 55 11.37 -33.90 -47.21
C SER U 55 11.86 -35.35 -47.18
N ARG U 56 12.04 -35.95 -48.34
CA ARG U 56 12.51 -37.33 -48.42
C ARG U 56 12.92 -37.71 -49.83
N TYR U 57 13.47 -38.89 -49.97
CA TYR U 57 13.95 -39.43 -51.22
C TYR U 57 13.01 -40.43 -51.89
N PRO U 58 13.09 -40.61 -53.21
CA PRO U 58 12.24 -41.58 -53.88
C PRO U 58 12.63 -43.03 -53.60
N THR U 59 11.63 -43.89 -53.79
CA THR U 59 11.75 -45.33 -53.60
C THR U 59 12.52 -46.00 -54.74
N THR U 60 13.08 -47.19 -54.44
CA THR U 60 13.79 -47.99 -55.43
C THR U 60 12.97 -48.16 -56.69
N GLU U 61 11.79 -48.79 -56.59
CA GLU U 61 10.96 -48.97 -57.77
C GLU U 61 10.54 -47.64 -58.34
N GLN U 62 10.44 -46.62 -57.49
CA GLN U 62 10.12 -45.28 -57.94
C GLN U 62 11.25 -44.79 -58.84
N GLY U 63 12.48 -45.28 -58.58
CA GLY U 63 13.65 -44.96 -59.36
C GLY U 63 13.99 -43.48 -59.50
N LEU U 64 15.12 -43.21 -60.17
CA LEU U 64 15.54 -41.83 -60.38
C LEU U 64 14.61 -41.12 -61.33
N GLN U 65 13.75 -41.87 -62.04
CA GLN U 65 12.82 -41.27 -62.98
C GLN U 65 11.92 -40.29 -62.23
N ALA U 66 11.73 -40.52 -60.94
CA ALA U 66 10.96 -39.59 -60.15
C ALA U 66 11.62 -38.23 -60.11
N LEU U 67 12.93 -38.20 -60.24
CA LEU U 67 13.61 -36.95 -60.27
C LEU U 67 13.36 -36.41 -61.67
N VAL U 68 13.10 -37.28 -62.64
CA VAL U 68 12.83 -36.82 -63.99
C VAL U 68 11.38 -36.36 -64.12
N SER U 69 10.43 -37.13 -63.57
CA SER U 69 9.01 -36.83 -63.65
C SER U 69 8.34 -37.03 -62.30
N ALA U 70 7.13 -36.51 -62.16
CA ALA U 70 6.44 -36.57 -60.87
C ALA U 70 6.36 -38.01 -60.37
N PRO U 71 6.60 -38.26 -59.07
CA PRO U 71 6.56 -39.64 -58.63
C PRO U 71 5.18 -40.24 -58.57
N SER U 72 4.85 -41.00 -59.61
CA SER U 72 3.54 -41.64 -59.68
C SER U 72 3.36 -42.62 -58.54
N ALA U 73 4.36 -43.47 -58.29
CA ALA U 73 4.20 -44.40 -57.20
C ALA U 73 4.31 -43.57 -55.91
N GLU U 74 3.40 -43.84 -55.00
CA GLU U 74 3.38 -43.11 -53.77
C GLU U 74 4.58 -43.48 -52.90
N PRO U 75 4.99 -42.63 -51.93
CA PRO U 75 4.46 -41.30 -51.57
C PRO U 75 4.59 -40.21 -52.63
N HIS U 76 3.57 -39.35 -52.65
CA HIS U 76 3.51 -38.23 -53.56
C HIS U 76 4.38 -37.07 -53.07
N ALA U 77 4.83 -36.24 -54.00
CA ALA U 77 5.68 -35.09 -53.71
C ALA U 77 4.95 -33.76 -53.76
N ARG U 78 5.40 -32.84 -52.92
CA ARG U 78 4.83 -31.51 -52.81
C ARG U 78 5.72 -30.51 -53.54
N ASN U 79 5.10 -29.58 -54.23
CA ASN U 79 5.81 -28.54 -54.97
C ASN U 79 6.84 -29.13 -55.90
N TYR U 80 6.51 -30.23 -56.52
CA TYR U 80 7.43 -30.87 -57.44
C TYR U 80 7.64 -29.88 -58.58
N PRO U 81 8.87 -29.46 -58.87
CA PRO U 81 9.06 -28.48 -59.93
C PRO U 81 8.87 -29.07 -61.31
N GLU U 82 8.94 -28.17 -62.28
CA GLU U 82 8.78 -28.55 -63.67
C GLU U 82 9.84 -29.57 -64.03
N GLY U 83 9.40 -30.68 -64.61
CA GLY U 83 10.29 -31.73 -65.04
C GLY U 83 11.16 -32.28 -63.94
N GLY U 84 10.79 -32.08 -62.69
CA GLY U 84 11.61 -32.58 -61.64
C GLY U 84 12.90 -31.79 -61.58
N TYR U 85 13.90 -32.36 -60.90
CA TYR U 85 15.18 -31.71 -60.69
C TYR U 85 16.23 -32.03 -61.72
N ILE U 86 15.81 -32.39 -62.92
CA ILE U 86 16.77 -32.69 -63.95
C ILE U 86 16.14 -32.54 -65.31
N ARG U 87 16.98 -32.27 -66.29
CA ARG U 87 16.49 -32.18 -67.64
C ARG U 87 16.13 -33.59 -68.10
N ARG U 88 17.13 -34.47 -68.22
CA ARG U 88 16.95 -35.83 -68.68
C ARG U 88 17.75 -36.78 -67.80
N LEU U 89 17.50 -38.08 -67.94
CA LEU U 89 18.19 -39.09 -67.16
C LEU U 89 19.52 -39.49 -67.77
N PRO U 90 20.63 -39.41 -67.03
CA PRO U 90 21.89 -39.86 -67.61
C PRO U 90 21.88 -41.37 -67.75
N GLN U 91 22.03 -41.84 -68.98
CA GLN U 91 22.05 -43.26 -69.30
C GLN U 91 23.50 -43.70 -69.29
N ASP U 92 23.81 -44.70 -68.48
CA ASP U 92 25.16 -45.21 -68.41
C ASP U 92 25.36 -45.93 -69.75
N PRO U 93 26.40 -45.59 -70.52
CA PRO U 93 26.57 -46.21 -71.82
C PRO U 93 27.14 -47.60 -71.82
N TRP U 94 26.48 -48.49 -71.08
CA TRP U 94 26.83 -49.90 -71.05
C TRP U 94 25.52 -50.66 -70.79
N GLY U 95 24.39 -50.10 -71.21
CA GLY U 95 23.12 -50.76 -71.02
C GLY U 95 22.55 -50.70 -69.62
N SER U 96 22.78 -49.61 -68.89
CA SER U 96 22.24 -49.51 -67.55
C SER U 96 21.97 -48.10 -67.11
N ASP U 97 21.03 -47.97 -66.20
CA ASP U 97 20.70 -46.69 -65.62
C ASP U 97 21.36 -46.66 -64.26
N TYR U 98 21.11 -45.62 -63.50
CA TYR U 98 21.69 -45.45 -62.18
C TYR U 98 20.69 -45.92 -61.14
N GLN U 99 20.76 -47.19 -60.78
CA GLN U 99 19.82 -47.76 -59.82
C GLN U 99 20.03 -47.24 -58.41
N LEU U 100 19.05 -46.52 -57.89
CA LEU U 100 19.11 -45.99 -56.55
C LEU U 100 18.71 -47.08 -55.57
N LEU U 101 18.96 -46.84 -54.30
CA LEU U 101 18.60 -47.75 -53.23
C LEU U 101 17.77 -47.01 -52.19
N SER U 102 16.68 -47.66 -51.77
CA SER U 102 15.76 -47.10 -50.78
C SER U 102 15.58 -48.04 -49.60
N PRO U 103 16.24 -47.80 -48.46
CA PRO U 103 17.23 -46.80 -48.05
C PRO U 103 18.65 -47.22 -48.33
N GLY U 104 19.53 -46.23 -48.46
CA GLY U 104 20.92 -46.51 -48.69
C GLY U 104 21.59 -47.08 -47.45
N GLN U 105 22.57 -47.93 -47.67
CA GLN U 105 23.32 -48.52 -46.58
C GLN U 105 24.47 -47.62 -46.15
N CYS U 106 24.98 -46.78 -47.06
CA CYS U 106 26.05 -45.84 -46.73
C CYS U 106 25.47 -44.52 -46.27
N GLY U 107 24.16 -44.44 -46.12
CA GLY U 107 23.53 -43.22 -45.68
C GLY U 107 22.04 -43.25 -45.93
N GLN U 108 21.51 -42.17 -46.48
CA GLN U 108 20.08 -42.11 -46.76
C GLN U 108 19.73 -42.86 -48.03
N VAL U 109 20.58 -42.79 -49.05
CA VAL U 109 20.32 -43.41 -50.34
C VAL U 109 21.60 -43.95 -50.95
N ASP U 110 21.46 -45.05 -51.70
CA ASP U 110 22.59 -45.63 -52.42
C ASP U 110 22.25 -45.87 -53.88
N ILE U 111 23.23 -45.58 -54.75
CA ILE U 111 23.07 -45.71 -56.19
C ILE U 111 24.06 -46.71 -56.74
N PHE U 112 23.63 -47.45 -57.76
CA PHE U 112 24.46 -48.46 -58.38
C PHE U 112 24.21 -48.60 -59.88
N SER U 113 25.16 -49.24 -60.56
CA SER U 113 25.09 -49.47 -62.00
C SER U 113 26.00 -50.60 -62.45
N LEU U 114 25.76 -51.09 -63.66
CA LEU U 114 26.60 -52.15 -64.20
C LEU U 114 28.01 -51.64 -64.37
N GLY U 115 28.16 -50.53 -65.07
CA GLY U 115 29.44 -49.95 -65.32
C GLY U 115 30.11 -50.53 -66.54
N PRO U 116 31.38 -50.17 -66.74
CA PRO U 116 32.11 -50.66 -67.93
C PRO U 116 32.16 -52.15 -68.01
N ASP U 117 32.22 -52.84 -66.88
CA ASP U 117 32.24 -54.30 -66.94
C ASP U 117 30.91 -54.80 -67.47
N GLY U 118 29.83 -54.02 -67.31
CA GLY U 118 28.54 -54.47 -67.76
C GLY U 118 27.95 -55.53 -66.87
N VAL U 119 28.51 -55.71 -65.68
CA VAL U 119 28.06 -56.73 -64.74
C VAL U 119 27.39 -56.06 -63.56
N PRO U 120 26.31 -56.62 -63.01
CA PRO U 120 25.65 -56.00 -61.86
C PRO U 120 26.33 -56.39 -60.55
N GLU U 121 26.78 -55.39 -59.81
CA GLU U 121 27.38 -55.58 -58.49
C GLU U 121 28.54 -56.56 -58.44
N SER U 122 29.55 -56.34 -59.29
CA SER U 122 30.74 -57.17 -59.33
C SER U 122 31.97 -56.36 -58.99
N ASN U 123 32.35 -55.46 -59.87
CA ASN U 123 33.52 -54.62 -59.70
C ASN U 123 33.18 -53.18 -60.02
N ASP U 124 32.41 -52.95 -61.09
CA ASP U 124 32.04 -51.61 -61.52
C ASP U 124 30.66 -51.28 -60.99
N ASP U 125 30.47 -51.49 -59.69
CA ASP U 125 29.23 -51.22 -58.99
C ASP U 125 29.19 -49.79 -58.53
N ILE U 126 29.97 -48.90 -59.12
CA ILE U 126 29.97 -47.51 -58.68
C ILE U 126 28.62 -46.86 -58.93
N GLY U 127 28.39 -45.74 -58.28
CA GLY U 127 27.15 -45.00 -58.31
C GLY U 127 27.01 -44.21 -57.01
N ASN U 128 27.73 -44.62 -55.98
CA ASN U 128 27.77 -43.95 -54.70
C ASN U 128 29.02 -44.53 -53.99
N CYS U 129 29.01 -44.57 -52.65
CA CYS U 129 30.10 -45.05 -51.81
C CYS U 129 30.81 -46.29 -52.33
N THR U 130 30.04 -47.34 -52.57
CA THR U 130 30.59 -48.60 -53.06
C THR U 130 30.02 -48.89 -54.44
N THR V 2 63.46 -50.53 -121.11
CA THR V 2 62.19 -50.59 -121.73
C THR V 2 61.36 -51.68 -121.07
N LEU V 3 61.99 -52.78 -120.67
CA LEU V 3 61.26 -53.86 -120.03
C LEU V 3 61.54 -53.85 -118.53
N LEU V 4 62.81 -53.93 -118.14
CA LEU V 4 63.14 -53.91 -116.72
C LEU V 4 62.74 -52.58 -116.11
N GLU V 5 62.93 -51.51 -116.87
CA GLU V 5 62.58 -50.17 -116.43
C GLU V 5 61.08 -50.02 -116.30
N ILE V 6 60.33 -50.89 -116.98
CA ILE V 6 58.88 -50.87 -116.98
C ILE V 6 58.27 -52.05 -116.26
N MET V 7 58.42 -53.25 -116.83
CA MET V 7 57.80 -54.45 -116.28
C MET V 7 58.01 -54.66 -114.79
N VAL V 8 59.21 -54.36 -114.31
CA VAL V 8 59.47 -54.52 -112.90
C VAL V 8 58.62 -53.51 -112.17
N VAL V 9 58.45 -52.33 -112.73
CA VAL V 9 57.69 -51.29 -112.07
C VAL V 9 56.21 -51.50 -112.14
N ILE V 10 55.73 -52.09 -113.22
CA ILE V 10 54.30 -52.31 -113.37
C ILE V 10 53.88 -53.16 -112.19
N VAL V 11 54.69 -54.13 -111.83
CA VAL V 11 54.37 -54.99 -110.72
C VAL V 11 54.40 -54.15 -109.46
N ILE V 12 55.50 -53.45 -109.24
CA ILE V 12 55.66 -52.63 -108.03
C ILE V 12 54.51 -51.66 -107.90
N LEU V 13 54.00 -51.18 -109.02
CA LEU V 13 52.90 -50.24 -108.96
C LEU V 13 51.70 -50.97 -108.37
N GLY V 14 51.23 -52.02 -109.04
CA GLY V 14 50.07 -52.73 -108.55
C GLY V 14 50.29 -53.34 -107.19
N VAL V 15 51.49 -53.86 -106.94
CA VAL V 15 51.76 -54.47 -105.63
C VAL V 15 51.63 -53.38 -104.59
N LEU V 16 52.03 -52.16 -104.92
CA LEU V 16 51.93 -51.09 -103.93
C LEU V 16 50.49 -50.67 -103.82
N ALA V 17 49.89 -50.20 -104.91
CA ALA V 17 48.53 -49.71 -104.88
C ALA V 17 47.53 -50.74 -104.40
N SER V 18 47.85 -52.03 -104.50
CA SER V 18 46.88 -53.03 -104.07
C SER V 18 46.72 -53.14 -102.57
N LEU V 19 47.82 -53.20 -101.83
CA LEU V 19 47.79 -53.37 -100.39
C LEU V 19 47.95 -52.06 -99.63
N VAL V 20 47.33 -51.01 -100.11
CA VAL V 20 47.32 -49.73 -99.43
C VAL V 20 45.84 -49.36 -99.30
N VAL V 21 45.25 -49.71 -98.18
CA VAL V 21 43.85 -49.42 -97.94
C VAL V 21 43.80 -48.55 -96.68
N PRO V 22 43.73 -47.23 -96.81
CA PRO V 22 43.75 -46.36 -95.64
C PRO V 22 42.57 -46.43 -94.68
N ASN V 23 41.37 -46.14 -95.14
CA ASN V 23 40.21 -46.14 -94.25
C ASN V 23 38.85 -46.12 -94.96
N LEU V 24 37.80 -45.88 -94.17
CA LEU V 24 36.42 -45.80 -94.60
C LEU V 24 35.99 -44.40 -95.01
N MET V 25 34.72 -44.29 -95.36
CA MET V 25 34.06 -43.06 -95.72
C MET V 25 32.78 -43.03 -94.89
N GLY V 26 32.49 -41.88 -94.30
CA GLY V 26 31.31 -41.72 -93.46
C GLY V 26 31.60 -41.44 -92.02
N ASN V 27 32.86 -41.44 -91.61
CA ASN V 27 33.20 -41.16 -90.22
C ASN V 27 32.79 -39.75 -89.85
N LYS V 28 32.80 -38.83 -90.82
CA LYS V 28 32.41 -37.46 -90.56
C LYS V 28 30.94 -37.40 -90.19
N GLU V 29 30.13 -38.28 -90.76
CA GLU V 29 28.71 -38.28 -90.46
C GLU V 29 28.50 -38.57 -88.99
N LYS V 30 29.34 -39.44 -88.41
CA LYS V 30 29.19 -39.72 -87.00
C LYS V 30 29.56 -38.47 -86.23
N ALA V 31 30.53 -37.71 -86.74
CA ALA V 31 30.95 -36.50 -86.06
C ALA V 31 29.89 -35.43 -86.06
N ASP V 32 29.02 -35.45 -87.06
CA ASP V 32 27.97 -34.46 -87.12
C ASP V 32 27.07 -34.55 -85.91
N ARG V 33 26.90 -35.74 -85.36
CA ARG V 33 26.06 -35.91 -84.19
C ARG V 33 26.59 -35.14 -82.99
N GLN V 34 27.80 -35.48 -82.53
CA GLN V 34 28.36 -34.82 -81.36
C GLN V 34 28.50 -33.33 -81.59
N LYS V 35 28.65 -32.92 -82.83
CA LYS V 35 28.74 -31.50 -83.13
C LYS V 35 27.42 -30.85 -82.77
N VAL V 36 26.32 -31.57 -82.97
CA VAL V 36 25.01 -31.05 -82.66
C VAL V 36 24.71 -31.36 -81.20
N VAL V 37 25.14 -32.52 -80.72
CA VAL V 37 24.88 -32.85 -79.33
C VAL V 37 25.64 -31.86 -78.47
N SER V 38 26.82 -31.42 -78.93
CA SER V 38 27.58 -30.45 -78.16
C SER V 38 26.80 -29.17 -78.07
N ASP V 39 26.05 -28.86 -79.12
CA ASP V 39 25.27 -27.64 -79.10
C ASP V 39 24.18 -27.73 -78.06
N LEU V 40 23.50 -28.88 -78.01
CA LEU V 40 22.37 -29.09 -77.09
C LEU V 40 22.58 -28.54 -75.69
N VAL V 41 23.63 -28.98 -75.02
CA VAL V 41 23.90 -28.47 -73.69
C VAL V 41 24.30 -27.02 -73.84
N ALA V 42 25.10 -26.73 -74.87
CA ALA V 42 25.55 -25.37 -75.07
C ALA V 42 24.39 -24.44 -75.40
N LEU V 43 23.36 -24.97 -76.03
CA LEU V 43 22.22 -24.13 -76.37
C LEU V 43 21.42 -23.86 -75.12
N GLU V 44 20.88 -24.92 -74.51
CA GLU V 44 20.07 -24.75 -73.31
C GLU V 44 20.84 -24.09 -72.19
N GLY V 45 22.11 -24.46 -72.02
CA GLY V 45 22.89 -23.85 -70.98
C GLY V 45 23.08 -22.38 -71.23
N ALA V 46 23.24 -22.01 -72.50
CA ALA V 46 23.40 -20.60 -72.83
C ALA V 46 22.07 -19.87 -72.67
N LEU V 47 20.96 -20.52 -73.03
CA LEU V 47 19.67 -19.88 -72.90
C LEU V 47 19.35 -19.64 -71.45
N ASP V 48 19.79 -20.56 -70.57
CA ASP V 48 19.53 -20.43 -69.15
C ASP V 48 20.09 -19.13 -68.62
N MET V 49 21.19 -18.68 -69.19
CA MET V 49 21.77 -17.42 -68.76
C MET V 49 20.78 -16.31 -69.04
N TYR V 50 20.18 -16.31 -70.23
CA TYR V 50 19.22 -15.28 -70.54
C TYR V 50 17.98 -15.50 -69.70
N LYS V 51 17.70 -16.75 -69.34
CA LYS V 51 16.54 -17.04 -68.50
C LYS V 51 16.79 -16.50 -67.11
N LEU V 52 18.03 -16.10 -66.78
CA LEU V 52 18.37 -15.59 -65.48
C LEU V 52 18.21 -14.07 -65.43
N ASP V 53 18.90 -13.35 -66.31
CA ASP V 53 18.81 -11.90 -66.29
C ASP V 53 17.42 -11.38 -66.59
N ASN V 54 16.86 -11.75 -67.71
CA ASN V 54 15.53 -11.30 -68.05
C ASN V 54 14.52 -12.24 -67.41
N SER V 55 14.98 -13.23 -66.63
CA SER V 55 14.09 -14.16 -65.94
C SER V 55 13.21 -14.95 -66.89
N ARG V 56 13.58 -15.06 -68.14
CA ARG V 56 12.80 -15.79 -69.12
C ARG V 56 13.57 -16.01 -70.41
N TYR V 57 12.98 -16.78 -71.30
CA TYR V 57 13.56 -17.13 -72.58
C TYR V 57 13.02 -16.33 -73.77
N PRO V 58 13.78 -16.21 -74.86
CA PRO V 58 13.29 -15.49 -76.03
C PRO V 58 12.20 -16.23 -76.79
N THR V 59 11.44 -15.45 -77.52
CA THR V 59 10.34 -15.90 -78.36
C THR V 59 10.82 -16.59 -79.64
N THR V 60 9.95 -17.43 -80.21
CA THR V 60 10.24 -18.11 -81.47
C THR V 60 10.70 -17.14 -82.53
N GLU V 61 9.86 -16.16 -82.91
CA GLU V 61 10.27 -15.21 -83.92
C GLU V 61 11.47 -14.40 -83.43
N GLN V 62 11.60 -14.25 -82.12
CA GLN V 62 12.75 -13.56 -81.56
C GLN V 62 13.99 -14.38 -81.87
N GLY V 63 13.82 -15.70 -81.99
CA GLY V 63 14.90 -16.62 -82.32
C GLY V 63 16.11 -16.60 -81.42
N LEU V 64 17.06 -17.50 -81.71
CA LEU V 64 18.28 -17.58 -80.92
C LEU V 64 19.15 -16.35 -81.16
N GLN V 65 18.85 -15.58 -82.20
CA GLN V 65 19.62 -14.38 -82.51
C GLN V 65 19.56 -13.44 -81.31
N ALA V 66 18.50 -13.53 -80.52
CA ALA V 66 18.43 -12.73 -79.32
C ALA V 66 19.55 -13.06 -78.37
N LEU V 67 20.02 -14.30 -78.42
CA LEU V 67 21.11 -14.67 -77.57
C LEU V 67 22.34 -14.06 -78.24
N VAL V 68 22.29 -13.84 -79.55
CA VAL V 68 23.42 -13.23 -80.25
C VAL V 68 23.41 -11.72 -80.06
N SER V 69 22.25 -11.08 -80.18
CA SER V 69 22.11 -9.63 -80.07
C SER V 69 20.91 -9.27 -79.23
N ALA V 70 20.83 -8.02 -78.79
CA ALA V 70 19.76 -7.61 -77.90
C ALA V 70 18.40 -7.93 -78.50
N PRO V 71 17.44 -8.44 -77.71
CA PRO V 71 16.17 -8.78 -78.32
C PRO V 71 15.32 -7.60 -78.71
N SER V 72 15.37 -7.27 -80.00
CA SER V 72 14.60 -6.14 -80.50
C SER V 72 13.11 -6.38 -80.33
N ALA V 73 12.64 -7.57 -80.70
CA ALA V 73 11.22 -7.82 -80.53
C ALA V 73 10.99 -7.96 -79.02
N GLU V 74 9.96 -7.31 -78.55
CA GLU V 74 9.67 -7.36 -77.14
C GLU V 74 9.17 -8.75 -76.72
N PRO V 75 9.26 -9.11 -75.44
CA PRO V 75 9.80 -8.38 -74.28
C PRO V 75 11.29 -8.08 -74.32
N HIS V 76 11.63 -6.91 -73.77
CA HIS V 76 13.00 -6.45 -73.69
C HIS V 76 13.74 -7.12 -72.52
N ALA V 77 15.06 -7.19 -72.64
CA ALA V 77 15.92 -7.82 -71.64
C ALA V 77 16.67 -6.81 -70.79
N ARG V 78 16.90 -7.19 -69.54
CA ARG V 78 17.61 -6.38 -68.57
C ARG V 78 19.03 -6.89 -68.41
N ASN V 79 19.97 -5.95 -68.31
CA ASN V 79 21.39 -6.27 -68.13
C ASN V 79 21.87 -7.24 -69.19
N TYR V 80 21.40 -7.04 -70.41
CA TYR V 80 21.81 -7.91 -71.50
C TYR V 80 23.30 -7.69 -71.67
N PRO V 81 24.13 -8.73 -71.57
CA PRO V 81 25.57 -8.52 -71.69
C PRO V 81 26.00 -8.21 -73.11
N GLU V 82 27.29 -7.91 -73.21
CA GLU V 82 27.88 -7.60 -74.49
C GLU V 82 27.70 -8.77 -75.43
N GLY V 83 27.18 -8.49 -76.62
CA GLY V 83 26.97 -9.51 -77.63
C GLY V 83 26.10 -10.66 -77.18
N GLY V 84 25.32 -10.47 -76.12
CA GLY V 84 24.52 -11.56 -75.66
C GLY V 84 25.40 -12.63 -75.07
N TYR V 85 24.83 -13.83 -74.93
CA TYR V 85 25.51 -14.95 -74.31
C TYR V 85 26.26 -15.85 -75.27
N ILE V 86 26.66 -15.31 -76.41
CA ILE V 86 27.40 -16.12 -77.36
C ILE V 86 28.22 -15.24 -78.27
N ARG V 87 29.28 -15.82 -78.79
CA ARG V 87 30.08 -15.09 -79.73
C ARG V 87 29.29 -14.97 -81.02
N ARG V 88 29.04 -16.10 -81.69
CA ARG V 88 28.32 -16.15 -82.95
C ARG V 88 27.31 -17.29 -82.93
N LEU V 89 26.42 -17.29 -83.92
CA LEU V 89 25.39 -18.32 -84.01
C LEU V 89 25.88 -19.58 -84.71
N PRO V 90 25.77 -20.75 -84.09
CA PRO V 90 26.19 -21.96 -84.79
C PRO V 90 25.21 -22.26 -85.92
N GLN V 91 25.71 -22.29 -87.14
CA GLN V 91 24.93 -22.57 -88.33
C GLN V 91 25.02 -24.05 -88.60
N ASP V 92 23.88 -24.70 -88.68
CA ASP V 92 23.84 -26.12 -88.95
C ASP V 92 24.27 -26.25 -90.41
N PRO V 93 25.30 -27.03 -90.72
CA PRO V 93 25.78 -27.10 -92.10
C PRO V 93 24.95 -27.95 -93.03
N TRP V 94 23.66 -27.64 -93.10
CA TRP V 94 22.74 -28.29 -94.02
C TRP V 94 21.68 -27.26 -94.37
N GLY V 95 22.02 -25.96 -94.33
CA GLY V 95 21.07 -24.93 -94.66
C GLY V 95 20.05 -24.61 -93.59
N SER V 96 20.40 -24.72 -92.32
CA SER V 96 19.44 -24.43 -91.27
C SER V 96 20.08 -23.92 -90.00
N ASP V 97 19.31 -23.16 -89.26
CA ASP V 97 19.74 -22.66 -87.97
C ASP V 97 19.05 -23.54 -86.93
N TYR V 98 19.23 -23.20 -85.68
CA TYR V 98 18.64 -23.96 -84.58
C TYR V 98 17.35 -23.28 -84.15
N GLN V 99 16.25 -23.69 -84.74
CA GLN V 99 14.95 -23.08 -84.43
C GLN V 99 14.46 -23.42 -83.04
N LEU V 100 14.36 -22.41 -82.19
CA LEU V 100 13.86 -22.59 -80.84
C LEU V 100 12.35 -22.61 -80.87
N LEU V 101 11.76 -23.03 -79.76
CA LEU V 101 10.31 -23.06 -79.60
C LEU V 101 9.91 -22.29 -78.35
N SER V 102 8.88 -21.47 -78.49
CA SER V 102 8.37 -20.63 -77.41
C SER V 102 6.89 -20.87 -77.18
N PRO V 103 6.51 -21.65 -76.16
CA PRO V 103 7.22 -22.46 -75.17
C PRO V 103 7.51 -23.86 -75.63
N GLY V 104 8.53 -24.47 -75.04
CA GLY V 104 8.87 -25.83 -75.37
C GLY V 104 7.85 -26.81 -74.83
N GLN V 105 7.67 -27.90 -75.55
CA GLN V 105 6.76 -28.94 -75.13
C GLN V 105 7.43 -29.92 -74.18
N CYS V 106 8.76 -30.07 -74.27
CA CYS V 106 9.50 -30.95 -73.38
C CYS V 106 9.97 -30.19 -72.16
N GLY V 107 9.55 -28.93 -72.02
CA GLY V 107 9.96 -28.14 -70.88
C GLY V 107 9.68 -26.68 -71.11
N GLN V 108 10.66 -25.83 -70.80
CA GLN V 108 10.47 -24.40 -70.99
C GLN V 108 10.67 -24.00 -72.44
N VAL V 109 11.64 -24.62 -73.13
CA VAL V 109 11.96 -24.27 -74.51
C VAL V 109 12.33 -25.51 -75.30
N ASP V 110 12.01 -25.49 -76.59
CA ASP V 110 12.41 -26.58 -77.49
C ASP V 110 13.08 -26.05 -78.73
N ILE V 111 14.13 -26.76 -79.16
CA ILE V 111 14.93 -26.39 -80.31
C ILE V 111 14.86 -27.47 -81.38
N PHE V 112 14.89 -27.03 -82.64
CA PHE V 112 14.82 -27.94 -83.77
C PHE V 112 15.62 -27.47 -84.96
N SER V 113 15.89 -28.39 -85.89
CA SER V 113 16.64 -28.13 -87.10
C SER V 113 16.40 -29.17 -88.18
N LEU V 114 16.79 -28.83 -89.40
CA LEU V 114 16.62 -29.77 -90.51
C LEU V 114 17.49 -30.99 -90.25
N GLY V 115 18.77 -30.77 -90.03
CA GLY V 115 19.70 -31.83 -89.78
C GLY V 115 20.28 -32.38 -91.07
N PRO V 116 21.03 -33.48 -90.95
CA PRO V 116 21.66 -34.07 -92.14
C PRO V 116 20.68 -34.43 -93.21
N ASP V 117 19.46 -34.84 -92.85
CA ASP V 117 18.48 -35.18 -93.87
C ASP V 117 18.10 -33.91 -94.62
N GLY V 118 18.25 -32.74 -94.00
CA GLY V 118 17.86 -31.52 -94.66
C GLY V 118 16.37 -31.35 -94.73
N VAL V 119 15.62 -32.12 -93.95
CA VAL V 119 14.16 -32.08 -93.97
C VAL V 119 13.68 -31.50 -92.65
N PRO V 120 12.61 -30.69 -92.66
CA PRO V 120 12.11 -30.12 -91.40
C PRO V 120 11.18 -31.08 -90.69
N GLU V 121 11.52 -31.42 -89.46
CA GLU V 121 10.70 -32.27 -88.60
C GLU V 121 10.31 -33.62 -89.20
N SER V 122 11.30 -34.39 -89.67
CA SER V 122 11.06 -35.71 -90.23
C SER V 122 11.77 -36.77 -89.40
N ASN V 123 13.08 -36.78 -89.46
CA ASN V 123 13.88 -37.74 -88.72
C ASN V 123 15.02 -37.05 -88.00
N ASP V 124 15.67 -36.08 -88.64
CA ASP V 124 16.77 -35.35 -88.06
C ASP V 124 16.27 -34.05 -87.47
N ASP V 125 15.23 -34.13 -86.66
CA ASP V 125 14.62 -33.01 -86.00
C ASP V 125 15.31 -32.73 -84.67
N ILE V 126 16.55 -33.19 -84.50
CA ILE V 126 17.23 -32.96 -83.24
C ILE V 126 17.46 -31.48 -83.01
N GLY V 127 17.76 -31.14 -81.76
CA GLY V 127 17.96 -29.77 -81.32
C GLY V 127 17.64 -29.69 -79.83
N ASN V 128 16.87 -30.66 -79.34
CA ASN V 128 16.52 -30.78 -77.94
C ASN V 128 16.00 -32.22 -77.79
N CYS V 129 15.10 -32.47 -76.83
CA CYS V 129 14.51 -33.76 -76.51
C CYS V 129 14.18 -34.63 -77.71
N THR V 130 13.38 -34.08 -78.62
CA THR V 130 12.97 -34.79 -79.82
C THR V 130 13.50 -34.06 -81.05
N THR W 2 65.26 -54.75 -130.64
CA THR W 2 65.27 -53.44 -131.16
C THR W 2 63.84 -53.00 -131.43
N LEU W 3 62.97 -53.92 -131.86
CA LEU W 3 61.58 -53.57 -132.14
C LEU W 3 60.71 -54.09 -131.01
N LEU W 4 60.74 -55.40 -130.77
CA LEU W 4 59.92 -55.96 -129.70
C LEU W 4 60.35 -55.39 -128.35
N GLU W 5 61.65 -55.21 -128.18
CA GLU W 5 62.21 -54.65 -126.96
C GLU W 5 61.81 -53.20 -126.80
N ILE W 6 61.42 -52.55 -127.90
CA ILE W 6 61.04 -51.16 -127.91
C ILE W 6 59.56 -50.96 -128.20
N MET W 7 59.14 -51.27 -129.42
CA MET W 7 57.75 -51.02 -129.84
C MET W 7 56.70 -51.54 -128.88
N VAL W 8 56.93 -52.71 -128.30
CA VAL W 8 55.97 -53.24 -127.36
C VAL W 8 55.96 -52.33 -126.16
N VAL W 9 57.12 -51.82 -125.78
CA VAL W 9 57.20 -50.98 -124.60
C VAL W 9 56.69 -49.59 -124.83
N ILE W 10 56.85 -49.06 -126.03
CA ILE W 10 56.38 -47.72 -126.31
C ILE W 10 54.89 -47.70 -126.03
N VAL W 11 54.21 -48.77 -126.40
CA VAL W 11 52.78 -48.84 -126.18
C VAL W 11 52.56 -48.90 -124.68
N ILE W 12 53.21 -49.85 -124.01
CA ILE W 12 53.04 -50.04 -122.57
C ILE W 12 53.33 -48.74 -121.84
N LEU W 13 54.26 -47.95 -122.35
CA LEU W 13 54.56 -46.69 -121.70
C LEU W 13 53.33 -45.81 -121.77
N GLY W 14 52.89 -45.48 -122.98
CA GLY W 14 51.75 -44.60 -123.12
C GLY W 14 50.49 -45.18 -122.53
N VAL W 15 50.30 -46.49 -122.67
CA VAL W 15 49.10 -47.12 -122.12
C VAL W 15 49.14 -46.94 -120.62
N LEU W 16 50.33 -47.00 -120.03
CA LEU W 16 50.42 -46.85 -118.59
C LEU W 16 50.22 -45.38 -118.23
N ALA W 17 51.11 -44.52 -118.74
CA ALA W 17 51.06 -43.10 -118.41
C ALA W 17 49.73 -42.46 -118.77
N SER W 18 48.98 -43.02 -119.71
CA SER W 18 47.72 -42.40 -120.09
C SER W 18 46.61 -42.53 -119.06
N LEU W 19 46.41 -43.74 -118.54
CA LEU W 19 45.33 -44.00 -117.59
C LEU W 19 45.79 -43.99 -116.14
N VAL W 20 46.68 -43.08 -115.80
CA VAL W 20 47.13 -42.91 -114.44
C VAL W 20 46.90 -41.44 -114.11
N VAL W 21 45.75 -41.14 -113.54
CA VAL W 21 45.40 -39.78 -113.17
C VAL W 21 45.18 -39.77 -111.67
N PRO W 22 46.18 -39.38 -110.88
CA PRO W 22 46.03 -39.42 -109.43
C PRO W 22 45.03 -38.47 -108.78
N ASN W 23 45.19 -37.17 -108.96
CA ASN W 23 44.29 -36.21 -108.32
C ASN W 23 44.38 -34.79 -108.86
N LEU W 24 43.74 -33.86 -108.14
CA LEU W 24 43.69 -32.45 -108.42
C LEU W 24 44.82 -31.65 -107.78
N MET W 25 44.78 -30.35 -107.99
CA MET W 25 45.69 -29.38 -107.43
C MET W 25 44.81 -28.29 -106.83
N GLY W 26 45.14 -27.87 -105.63
CA GLY W 26 44.39 -26.84 -104.92
C GLY W 26 43.73 -27.32 -103.66
N ASN W 27 43.80 -28.61 -103.34
CA ASN W 27 43.20 -29.11 -102.12
C ASN W 27 43.83 -28.47 -100.90
N LYS W 28 45.12 -28.11 -101.00
CA LYS W 28 45.80 -27.49 -99.88
C LYS W 28 45.19 -26.12 -99.60
N GLU W 29 44.71 -25.44 -100.64
CA GLU W 29 44.12 -24.12 -100.43
C GLU W 29 42.90 -24.25 -99.54
N LYS W 30 42.14 -25.33 -99.69
CA LYS W 30 40.99 -25.51 -98.84
C LYS W 30 41.46 -25.74 -97.43
N ALA W 31 42.59 -26.41 -97.27
CA ALA W 31 43.12 -26.67 -95.94
C ALA W 31 43.58 -25.42 -95.25
N ASP W 32 43.97 -24.40 -96.01
CA ASP W 32 44.42 -23.17 -95.41
C ASP W 32 43.31 -22.54 -94.59
N ARG W 33 42.06 -22.75 -94.99
CA ARG W 33 40.95 -22.18 -94.26
C ARG W 33 40.86 -22.73 -92.84
N GLN W 34 40.66 -24.03 -92.72
CA GLN W 34 40.52 -24.65 -91.40
C GLN W 34 41.74 -24.40 -90.56
N LYS W 35 42.89 -24.24 -91.19
CA LYS W 35 44.11 -23.96 -90.46
C LYS W 35 43.96 -22.62 -89.77
N VAL W 36 43.27 -21.69 -90.43
CA VAL W 36 43.07 -20.37 -89.86
C VAL W 36 41.82 -20.41 -89.00
N VAL W 37 40.82 -21.17 -89.43
CA VAL W 37 39.60 -21.22 -88.63
C VAL W 37 39.95 -21.90 -87.32
N SER W 38 40.88 -22.84 -87.33
CA SER W 38 41.27 -23.49 -86.10
C SER W 38 41.91 -22.49 -85.18
N ASP W 39 42.60 -21.52 -85.76
CA ASP W 39 43.23 -20.50 -84.94
C ASP W 39 42.18 -19.66 -84.25
N LEU W 40 41.14 -19.26 -85.01
CA LEU W 40 40.07 -18.39 -84.49
C LEU W 40 39.60 -18.72 -83.08
N VAL W 41 39.16 -19.94 -82.87
CA VAL W 41 38.72 -20.32 -81.54
C VAL W 41 39.95 -20.37 -80.66
N ALA W 42 41.05 -20.89 -81.20
CA ALA W 42 42.27 -20.98 -80.43
C ALA W 42 42.80 -19.61 -80.06
N LEU W 43 42.56 -18.62 -80.90
CA LEU W 43 43.06 -17.30 -80.61
C LEU W 43 42.20 -16.69 -79.52
N GLU W 44 40.91 -16.50 -79.80
CA GLU W 44 40.02 -15.90 -78.82
C GLU W 44 39.98 -16.69 -77.53
N GLY W 45 39.95 -18.02 -77.64
CA GLY W 45 39.92 -18.82 -76.44
C GLY W 45 41.19 -18.63 -75.62
N ALA W 46 42.30 -18.49 -76.30
CA ALA W 46 43.55 -18.27 -75.59
C ALA W 46 43.60 -16.86 -75.01
N LEU W 47 43.06 -15.88 -75.74
CA LEU W 47 43.06 -14.52 -75.23
C LEU W 47 42.19 -14.42 -74.00
N ASP W 48 41.11 -15.20 -73.97
CA ASP W 48 40.19 -15.17 -72.84
C ASP W 48 40.91 -15.52 -71.56
N MET W 49 41.92 -16.37 -71.66
CA MET W 49 42.69 -16.73 -70.47
C MET W 49 43.38 -15.49 -69.94
N TYR W 50 43.97 -14.71 -70.84
CA TYR W 50 44.63 -13.50 -70.39
C TYR W 50 43.59 -12.51 -69.94
N LYS W 51 42.39 -12.58 -70.52
CA LYS W 51 41.32 -11.68 -70.12
C LYS W 51 40.85 -12.04 -68.72
N LEU W 52 41.26 -13.20 -68.21
CA LEU W 52 40.87 -13.64 -66.88
C LEU W 52 41.86 -13.16 -65.83
N ASP W 53 43.15 -13.52 -65.97
CA ASP W 53 44.13 -13.12 -64.98
C ASP W 53 44.30 -11.62 -64.87
N ASN W 54 44.62 -10.97 -65.97
CA ASN W 54 44.77 -9.53 -65.94
C ASN W 54 43.41 -8.88 -66.11
N SER W 55 42.33 -9.66 -66.20
CA SER W 55 40.98 -9.15 -66.34
C SER W 55 40.79 -8.31 -67.59
N ARG W 56 41.65 -8.47 -68.58
CA ARG W 56 41.55 -7.70 -69.82
C ARG W 56 42.45 -8.26 -70.90
N TYR W 57 42.33 -7.70 -72.08
CA TYR W 57 43.07 -8.11 -73.26
C TYR W 57 44.26 -7.21 -73.59
N PRO W 58 45.27 -7.72 -74.31
CA PRO W 58 46.41 -6.89 -74.69
C PRO W 58 46.08 -5.87 -75.77
N THR W 59 46.90 -4.84 -75.79
CA THR W 59 46.81 -3.74 -76.74
C THR W 59 47.29 -4.13 -78.14
N THR W 60 46.84 -3.37 -79.14
CA THR W 60 47.25 -3.57 -80.53
C THR W 60 48.77 -3.63 -80.64
N GLU W 61 49.46 -2.53 -80.27
CA GLU W 61 50.91 -2.55 -80.36
C GLU W 61 51.49 -3.59 -79.45
N GLN W 62 50.79 -3.92 -78.36
CA GLN W 62 51.23 -4.96 -77.46
C GLN W 62 51.20 -6.28 -78.22
N GLY W 63 50.31 -6.40 -79.21
CA GLY W 63 50.17 -7.57 -80.06
C GLY W 63 49.93 -8.89 -79.36
N LEU W 64 49.76 -9.94 -80.16
CA LEU W 64 49.53 -11.27 -79.61
C LEU W 64 50.80 -11.80 -78.94
N GLN W 65 51.94 -11.15 -79.19
CA GLN W 65 53.19 -11.57 -78.59
C GLN W 65 53.06 -11.52 -77.07
N ALA W 66 52.18 -10.67 -76.57
CA ALA W 66 51.94 -10.63 -75.14
C ALA W 66 51.39 -11.95 -74.65
N LEU W 67 50.69 -12.66 -75.52
CA LEU W 67 50.18 -13.94 -75.13
C LEU W 67 51.39 -14.87 -75.18
N VAL W 68 52.39 -14.54 -76.00
CA VAL W 68 53.59 -15.37 -76.08
C VAL W 68 54.53 -15.07 -74.92
N SER W 69 54.73 -13.78 -74.60
CA SER W 69 55.65 -13.36 -73.54
C SER W 69 55.01 -12.26 -72.70
N ALA W 70 55.58 -12.00 -71.53
CA ALA W 70 54.98 -11.04 -70.62
C ALA W 70 54.78 -9.69 -71.30
N PRO W 71 53.63 -9.03 -71.08
CA PRO W 71 53.43 -7.78 -71.79
C PRO W 71 54.28 -6.63 -71.29
N SER W 72 55.37 -6.38 -72.01
CA SER W 72 56.27 -5.30 -71.64
C SER W 72 55.57 -3.96 -71.70
N ALA W 73 54.85 -3.71 -72.79
CA ALA W 73 54.16 -2.43 -72.85
C ALA W 73 53.02 -2.51 -71.84
N GLU W 74 52.88 -1.46 -71.09
CA GLU W 74 51.84 -1.43 -70.08
C GLU W 74 50.46 -1.33 -70.72
N PRO W 75 49.37 -1.73 -70.01
CA PRO W 75 49.30 -2.29 -68.66
C PRO W 75 49.95 -3.65 -68.45
N HIS W 76 50.51 -3.81 -67.25
CA HIS W 76 51.16 -5.04 -66.86
C HIS W 76 50.14 -6.10 -66.43
N ALA W 77 50.52 -7.37 -66.55
CA ALA W 77 49.67 -8.50 -66.22
C ALA W 77 50.04 -9.15 -64.89
N ARG W 78 49.02 -9.67 -64.23
CA ARG W 78 49.16 -10.35 -62.95
C ARG W 78 49.09 -11.85 -63.15
N ASN W 79 49.96 -12.57 -62.42
CA ASN W 79 50.01 -14.04 -62.48
C ASN W 79 50.16 -14.52 -63.92
N TYR W 80 50.95 -13.81 -64.68
CA TYR W 80 51.18 -14.21 -66.06
C TYR W 80 51.85 -15.57 -66.01
N PRO W 81 51.29 -16.59 -66.63
CA PRO W 81 51.92 -17.91 -66.54
C PRO W 81 53.19 -18.01 -67.37
N GLU W 82 53.83 -19.16 -67.22
CA GLU W 82 55.05 -19.43 -67.95
C GLU W 82 54.78 -19.35 -69.44
N GLY W 83 55.61 -18.58 -70.13
CA GLY W 83 55.50 -18.42 -71.56
C GLY W 83 54.15 -17.93 -72.02
N GLY W 84 53.37 -17.32 -71.14
CA GLY W 84 52.09 -16.87 -71.55
C GLY W 84 51.19 -18.04 -71.82
N TYR W 85 50.10 -17.79 -72.54
CA TYR W 85 49.09 -18.80 -72.83
C TYR W 85 49.30 -19.54 -74.13
N ILE W 86 50.53 -19.61 -74.59
CA ILE W 86 50.79 -20.33 -75.82
C ILE W 86 52.23 -20.76 -75.89
N ARG W 87 52.46 -21.82 -76.64
CA ARG W 87 53.82 -22.26 -76.83
C ARG W 87 54.52 -21.24 -77.72
N ARG W 88 54.08 -21.14 -78.97
CA ARG W 88 54.68 -20.24 -79.95
C ARG W 88 53.58 -19.52 -80.72
N LEU W 89 53.98 -18.49 -81.47
CA LEU W 89 53.02 -17.71 -82.25
C LEU W 89 52.73 -18.33 -83.61
N PRO W 90 51.47 -18.59 -83.95
CA PRO W 90 51.19 -19.14 -85.28
C PRO W 90 51.44 -18.06 -86.32
N GLN W 91 52.36 -18.34 -87.23
CA GLN W 91 52.72 -17.44 -88.32
C GLN W 91 51.89 -17.80 -89.50
N ASP W 92 51.15 -16.83 -90.04
CA ASP W 92 50.32 -17.07 -91.19
C ASP W 92 51.31 -17.25 -92.34
N PRO W 93 51.25 -18.35 -93.08
CA PRO W 93 52.24 -18.58 -94.14
C PRO W 93 52.01 -17.80 -95.41
N TRP W 94 51.91 -16.48 -95.28
CA TRP W 94 51.80 -15.58 -96.42
C TRP W 94 52.45 -14.28 -95.99
N GLY W 95 53.43 -14.33 -95.08
CA GLY W 95 54.11 -13.14 -94.65
C GLY W 95 53.36 -12.27 -93.66
N SER W 96 52.54 -12.86 -92.79
CA SER W 96 51.80 -12.06 -91.83
C SER W 96 51.50 -12.78 -90.55
N ASP W 97 51.34 -12.01 -89.50
CA ASP W 97 50.96 -12.54 -88.21
C ASP W 97 49.48 -12.26 -88.05
N TYR W 98 48.95 -12.57 -86.89
CA TYR W 98 47.52 -12.36 -86.61
C TYR W 98 47.37 -11.05 -85.85
N GLN W 99 47.15 -9.98 -86.59
CA GLN W 99 47.02 -8.66 -85.97
C GLN W 99 45.74 -8.50 -85.19
N LEU W 100 45.86 -8.33 -83.88
CA LEU W 100 44.71 -8.14 -83.02
C LEU W 100 44.29 -6.69 -83.08
N LEU W 101 43.11 -6.41 -82.56
CA LEU W 101 42.58 -5.06 -82.49
C LEU W 101 42.19 -4.73 -81.06
N SER W 102 42.57 -3.53 -80.63
CA SER W 102 42.31 -3.05 -79.27
C SER W 102 41.58 -1.72 -79.29
N PRO W 103 40.25 -1.70 -79.08
CA PRO W 103 39.23 -2.74 -78.87
C PRO W 103 38.63 -3.25 -80.16
N GLY W 104 38.11 -4.47 -80.11
CA GLY W 104 37.47 -5.03 -81.27
C GLY W 104 36.13 -4.36 -81.55
N GLN W 105 35.79 -4.30 -82.83
CA GLN W 105 34.52 -3.72 -83.24
C GLN W 105 33.40 -4.75 -83.19
N CYS W 106 33.73 -6.04 -83.33
CA CYS W 106 32.74 -7.11 -83.26
C CYS W 106 32.61 -7.60 -81.83
N GLY W 107 33.28 -6.96 -80.89
CA GLY W 107 33.21 -7.37 -79.51
C GLY W 107 34.31 -6.74 -78.69
N GLN W 108 34.98 -7.54 -77.87
CA GLN W 108 36.05 -7.02 -77.05
C GLN W 108 37.35 -6.87 -77.85
N VAL W 109 37.63 -7.80 -78.75
CA VAL W 109 38.86 -7.80 -79.53
C VAL W 109 38.61 -8.29 -80.94
N ASP W 110 39.38 -7.75 -81.89
CA ASP W 110 39.31 -8.20 -83.27
C ASP W 110 40.69 -8.53 -83.81
N ILE W 111 40.75 -9.60 -84.60
CA ILE W 111 42.00 -10.09 -85.18
C ILE W 111 41.91 -10.08 -86.69
N PHE W 112 43.05 -9.78 -87.33
CA PHE W 112 43.14 -9.72 -88.77
C PHE W 112 44.48 -10.17 -89.32
N SER W 113 44.49 -10.47 -90.62
CA SER W 113 45.69 -10.91 -91.32
C SER W 113 45.58 -10.72 -92.82
N LEU W 114 46.73 -10.81 -93.49
CA LEU W 114 46.74 -10.66 -94.94
C LEU W 114 45.97 -11.80 -95.56
N GLY W 115 46.34 -13.02 -95.21
CA GLY W 115 45.69 -14.19 -95.74
C GLY W 115 46.31 -14.64 -97.05
N PRO W 116 45.66 -15.62 -97.69
CA PRO W 116 46.19 -16.14 -98.96
C PRO W 116 46.37 -15.09 -100.01
N ASP W 117 45.50 -14.08 -100.04
CA ASP W 117 45.66 -13.04 -101.04
C ASP W 117 46.94 -12.25 -100.75
N GLY W 118 47.39 -12.25 -99.49
CA GLY W 118 48.58 -11.49 -99.16
C GLY W 118 48.32 -10.02 -99.12
N VAL W 119 47.06 -9.60 -99.10
CA VAL W 119 46.70 -8.19 -99.10
C VAL W 119 46.11 -7.84 -97.74
N PRO W 120 46.38 -6.63 -97.22
CA PRO W 120 45.82 -6.25 -95.92
C PRO W 120 44.42 -5.68 -96.07
N GLU W 121 43.46 -6.31 -95.38
CA GLU W 121 42.08 -5.85 -95.34
C GLU W 121 41.42 -5.67 -96.70
N SER W 122 41.46 -6.71 -97.54
CA SER W 122 40.83 -6.67 -98.85
C SER W 122 39.74 -7.73 -98.95
N ASN W 123 40.13 -8.97 -98.97
CA ASN W 123 39.20 -10.09 -99.07
C ASN W 123 39.54 -11.16 -98.04
N ASP W 124 40.82 -11.45 -97.85
CA ASP W 124 41.26 -12.46 -96.91
C ASP W 124 41.66 -11.80 -95.61
N ASP W 125 40.78 -10.95 -95.09
CA ASP W 125 40.96 -10.24 -93.84
C ASP W 125 40.49 -11.08 -92.68
N ILE W 126 40.40 -12.39 -92.83
CA ILE W 126 39.92 -13.21 -91.74
C ILE W 126 40.88 -13.17 -90.56
N GLY W 127 40.40 -13.59 -89.40
CA GLY W 127 41.12 -13.57 -88.15
C GLY W 127 40.11 -13.50 -87.01
N ASN W 128 38.89 -13.06 -87.31
CA ASN W 128 37.80 -13.00 -86.37
C ASN W 128 36.54 -12.84 -87.24
N CYS W 129 35.49 -12.19 -86.72
CA CYS W 129 34.21 -11.97 -87.37
C CYS W 129 34.29 -11.62 -88.85
N THR W 130 35.05 -10.58 -89.16
CA THR W 130 35.21 -10.13 -90.53
C THR W 130 36.67 -10.27 -90.94
N THR X 2 69.01 -55.71 -140.48
CA THR X 2 70.28 -55.35 -139.98
C THR X 2 70.36 -53.83 -139.90
N LEU X 3 69.75 -53.13 -140.86
CA LEU X 3 69.79 -51.67 -140.85
C LEU X 3 68.44 -51.13 -140.40
N LEU X 4 67.37 -51.51 -141.10
CA LEU X 4 66.04 -51.03 -140.70
C LEU X 4 65.69 -51.55 -139.32
N GLU X 5 66.08 -52.78 -139.05
CA GLU X 5 65.82 -53.42 -137.76
C GLU X 5 66.63 -52.74 -136.67
N ILE X 6 67.69 -52.04 -137.05
CA ILE X 6 68.58 -51.36 -136.12
C ILE X 6 68.48 -49.85 -136.23
N MET X 7 68.95 -49.29 -137.35
CA MET X 7 69.00 -47.84 -137.51
C MET X 7 67.72 -47.12 -137.17
N VAL X 8 66.59 -47.70 -137.53
CA VAL X 8 65.33 -47.05 -137.22
C VAL X 8 65.18 -47.06 -135.71
N VAL X 9 65.62 -48.13 -135.07
CA VAL X 9 65.46 -48.23 -133.63
C VAL X 9 66.45 -47.39 -132.87
N ILE X 10 67.64 -47.22 -133.40
CA ILE X 10 68.64 -46.42 -132.69
C ILE X 10 68.05 -45.04 -132.52
N VAL X 11 67.35 -44.55 -133.53
CA VAL X 11 66.76 -43.24 -133.41
C VAL X 11 65.67 -43.31 -132.37
N ILE X 12 64.76 -44.26 -132.52
CA ILE X 12 63.63 -44.39 -131.58
C ILE X 12 64.14 -44.51 -130.16
N LEU X 13 65.30 -45.14 -129.98
CA LEU X 13 65.85 -45.27 -128.65
C LEU X 13 66.17 -43.88 -128.12
N GLY X 14 67.07 -43.17 -128.80
CA GLY X 14 67.46 -41.87 -128.33
C GLY X 14 66.31 -40.88 -128.32
N VAL X 15 65.42 -40.96 -129.31
CA VAL X 15 64.29 -40.05 -129.34
C VAL X 15 63.44 -40.32 -128.12
N LEU X 16 63.35 -41.57 -127.71
CA LEU X 16 62.54 -41.87 -126.53
C LEU X 16 63.29 -41.43 -125.29
N ALA X 17 64.47 -42.00 -125.06
CA ALA X 17 65.24 -41.69 -123.87
C ALA X 17 65.56 -40.21 -123.72
N SER X 18 65.57 -39.46 -124.81
CA SER X 18 65.90 -38.04 -124.68
C SER X 18 64.82 -37.20 -124.04
N LEU X 19 63.57 -37.36 -124.47
CA LEU X 19 62.47 -36.55 -123.97
C LEU X 19 61.66 -37.25 -122.89
N VAL X 20 62.32 -37.96 -122.01
CA VAL X 20 61.68 -38.59 -120.88
C VAL X 20 62.44 -38.11 -119.65
N VAL X 21 61.96 -37.04 -119.05
CA VAL X 21 62.59 -36.47 -117.87
C VAL X 21 61.54 -36.52 -116.75
N PRO X 22 61.57 -37.53 -115.89
CA PRO X 22 60.56 -37.66 -114.84
C PRO X 22 60.52 -36.60 -113.75
N ASN X 23 61.60 -36.44 -113.00
CA ASN X 23 61.60 -35.48 -111.90
C ASN X 23 62.98 -35.15 -111.33
N LEU X 24 62.98 -34.47 -110.19
CA LEU X 24 64.15 -34.06 -109.45
C LEU X 24 64.61 -35.08 -108.41
N MET X 25 65.65 -34.71 -107.68
CA MET X 25 66.22 -35.48 -106.60
C MET X 25 66.35 -34.50 -105.44
N GLY X 26 65.96 -34.94 -104.26
CA GLY X 26 66.01 -34.13 -103.06
C GLY X 26 64.66 -33.81 -102.47
N ASN X 27 63.57 -34.23 -103.10
CA ASN X 27 62.25 -33.96 -102.55
C ASN X 27 62.08 -34.65 -101.20
N LYS X 28 62.75 -35.78 -101.01
CA LYS X 28 62.66 -36.50 -99.76
C LYS X 28 63.26 -35.67 -98.64
N GLU X 29 64.28 -34.88 -98.94
CA GLU X 29 64.91 -34.06 -97.92
C GLU X 29 63.90 -33.06 -97.38
N LYS X 30 63.02 -32.57 -98.24
CA LYS X 30 62.02 -31.63 -97.75
C LYS X 30 61.07 -32.39 -96.85
N ALA X 31 60.82 -33.65 -97.17
CA ALA X 31 59.91 -34.46 -96.35
C ALA X 31 60.47 -34.74 -94.99
N ASP X 32 61.78 -34.75 -94.86
CA ASP X 32 62.39 -35.03 -93.56
C ASP X 32 61.98 -33.97 -92.56
N ARG X 33 61.76 -32.74 -93.02
CA ARG X 33 61.36 -31.68 -92.12
C ARG X 33 60.03 -31.96 -91.45
N GLN X 34 58.96 -32.08 -92.25
CA GLN X 34 57.64 -32.31 -91.69
C GLN X 34 57.60 -33.59 -90.88
N LYS X 35 58.45 -34.54 -91.22
CA LYS X 35 58.51 -35.77 -90.46
C LYS X 35 58.97 -35.46 -89.05
N VAL X 36 59.85 -34.49 -88.92
CA VAL X 36 60.36 -34.10 -87.61
C VAL X 36 59.42 -33.06 -87.03
N VAL X 37 58.88 -32.18 -87.88
CA VAL X 37 57.98 -31.18 -87.35
C VAL X 37 56.75 -31.88 -86.83
N SER X 38 56.36 -32.99 -87.47
CA SER X 38 55.20 -33.72 -86.99
C SER X 38 55.49 -34.27 -85.62
N ASP X 39 56.75 -34.61 -85.37
CA ASP X 39 57.09 -35.14 -84.08
C ASP X 39 56.94 -34.07 -83.02
N LEU X 40 57.42 -32.85 -83.33
CA LEU X 40 57.40 -31.73 -82.38
C LEU X 40 56.12 -31.61 -81.57
N VAL X 41 55.00 -31.48 -82.25
CA VAL X 41 53.73 -31.38 -81.54
C VAL X 41 53.48 -32.73 -80.90
N ALA X 42 53.77 -33.80 -81.62
CA ALA X 42 53.55 -35.12 -81.09
C ALA X 42 54.42 -35.40 -79.90
N LEU X 43 55.60 -34.81 -79.84
CA LEU X 43 56.48 -35.04 -78.72
C LEU X 43 55.96 -34.28 -77.52
N GLU X 44 55.91 -32.96 -77.63
CA GLU X 44 55.44 -32.14 -76.51
C GLU X 44 54.02 -32.50 -76.10
N GLY X 45 53.16 -32.74 -77.08
CA GLY X 45 51.80 -33.10 -76.74
C GLY X 45 51.75 -34.42 -75.99
N ALA X 46 52.62 -35.34 -76.37
CA ALA X 46 52.66 -36.61 -75.68
C ALA X 46 53.28 -36.45 -74.29
N LEU X 47 54.29 -35.60 -74.18
CA LEU X 47 54.92 -35.38 -72.89
C LEU X 47 53.94 -34.75 -71.93
N ASP X 48 53.08 -33.88 -72.45
CA ASP X 48 52.10 -33.19 -71.61
C ASP X 48 51.22 -34.19 -70.90
N MET X 49 50.96 -35.33 -71.52
CA MET X 49 50.15 -36.35 -70.88
C MET X 49 50.87 -36.82 -69.64
N TYR X 50 52.17 -37.08 -69.75
CA TYR X 50 52.91 -37.52 -68.60
C TYR X 50 53.03 -36.38 -67.62
N LYS X 51 53.02 -35.15 -68.12
CA LYS X 51 53.09 -33.99 -67.24
C LYS X 51 51.80 -33.88 -66.46
N LEU X 52 50.75 -34.61 -66.85
CA LEU X 52 49.47 -34.57 -66.18
C LEU X 52 49.40 -35.60 -65.06
N ASP X 53 49.61 -36.87 -65.39
CA ASP X 53 49.51 -37.91 -64.36
C ASP X 53 50.54 -37.77 -63.26
N ASN X 54 51.81 -37.73 -63.62
CA ASN X 54 52.85 -37.58 -62.63
C ASN X 54 53.03 -36.10 -62.35
N SER X 55 52.24 -35.22 -62.96
CA SER X 55 52.31 -33.78 -62.74
C SER X 55 53.67 -33.19 -63.10
N ARG X 56 54.44 -33.87 -63.92
CA ARG X 56 55.75 -33.40 -64.31
C ARG X 56 56.33 -34.19 -65.47
N TYR X 57 57.45 -33.75 -65.97
CA TYR X 57 58.15 -34.34 -67.09
C TYR X 57 59.33 -35.23 -66.71
N PRO X 58 59.72 -36.18 -67.56
CA PRO X 58 60.88 -37.03 -67.26
C PRO X 58 62.21 -36.29 -67.38
N THR X 59 63.18 -36.85 -66.68
CA THR X 59 64.54 -36.36 -66.63
C THR X 59 65.32 -36.67 -67.91
N THR X 60 66.38 -35.87 -68.16
CA THR X 60 67.26 -36.08 -69.31
C THR X 60 67.72 -37.52 -69.40
N GLU X 61 68.45 -38.01 -68.37
CA GLU X 61 68.90 -39.38 -68.42
C GLU X 61 67.72 -40.34 -68.44
N GLN X 62 66.60 -39.93 -67.87
CA GLN X 62 65.39 -40.74 -67.92
C GLN X 62 64.95 -40.86 -69.37
N GLY X 63 65.26 -39.86 -70.19
CA GLY X 63 64.96 -39.83 -71.61
C GLY X 63 63.50 -40.02 -71.99
N LEU X 64 63.24 -39.94 -73.29
CA LEU X 64 61.88 -40.12 -73.79
C LEU X 64 61.42 -41.56 -73.63
N GLN X 65 62.37 -42.47 -73.35
CA GLN X 65 62.03 -43.87 -73.18
C GLN X 65 61.04 -44.01 -72.03
N ALA X 66 61.06 -43.06 -71.10
CA ALA X 66 60.09 -43.07 -70.03
C ALA X 66 58.69 -42.92 -70.56
N LEU X 67 58.55 -42.26 -71.69
CA LEU X 67 57.25 -42.11 -72.29
C LEU X 67 56.99 -43.47 -72.92
N VAL X 68 58.03 -44.21 -73.29
CA VAL X 68 57.83 -45.53 -73.88
C VAL X 68 57.54 -46.57 -72.81
N SER X 69 58.30 -46.54 -71.70
CA SER X 69 58.16 -47.51 -70.62
C SER X 69 58.20 -46.80 -69.27
N ALA X 70 57.79 -47.50 -68.22
CA ALA X 70 57.70 -46.89 -66.91
C ALA X 70 59.03 -46.26 -66.51
N PRO X 71 59.04 -45.06 -65.92
CA PRO X 71 60.32 -44.47 -65.59
C PRO X 71 61.04 -45.12 -64.44
N SER X 72 62.00 -45.99 -64.78
CA SER X 72 62.76 -46.69 -63.76
C SER X 72 63.56 -45.70 -62.91
N ALA X 73 64.24 -44.77 -63.55
CA ALA X 73 64.99 -43.81 -62.75
C ALA X 73 63.96 -42.90 -62.08
N GLU X 74 64.15 -42.68 -60.81
CA GLU X 74 63.23 -41.85 -60.07
C GLU X 74 63.33 -40.39 -60.51
N PRO X 75 62.28 -39.57 -60.27
CA PRO X 75 60.98 -39.85 -59.66
C PRO X 75 60.08 -40.81 -60.41
N HIS X 76 59.34 -41.59 -59.63
CA HIS X 76 58.40 -42.56 -60.15
C HIS X 76 57.09 -41.89 -60.58
N ALA X 77 56.38 -42.51 -61.51
CA ALA X 77 55.13 -42.01 -62.05
C ALA X 77 53.90 -42.74 -61.51
N ARG X 78 52.81 -41.98 -61.38
CA ARG X 78 51.55 -42.49 -60.90
C ARG X 78 50.61 -42.72 -62.07
N ASN X 79 49.86 -43.83 -62.00
CA ASN X 79 48.89 -44.20 -63.03
C ASN X 79 49.52 -44.20 -64.41
N TYR X 80 50.74 -44.67 -64.49
CA TYR X 80 51.44 -44.72 -65.76
C TYR X 80 50.63 -45.69 -66.63
N PRO X 81 50.16 -45.26 -67.80
CA PRO X 81 49.35 -46.16 -68.61
C PRO X 81 50.18 -47.26 -69.26
N GLU X 82 49.45 -48.15 -69.92
CA GLU X 82 50.07 -49.25 -70.61
C GLU X 82 51.02 -48.71 -71.65
N GLY X 83 52.26 -49.22 -71.63
CA GLY X 83 53.27 -48.82 -72.58
C GLY X 83 53.54 -47.34 -72.61
N GLY X 84 53.17 -46.62 -71.57
CA GLY X 84 53.40 -45.20 -71.59
C GLY X 84 52.50 -44.56 -72.60
N TYR X 85 52.83 -43.34 -72.98
CA TYR X 85 52.04 -42.54 -73.89
C TYR X 85 52.41 -42.66 -75.35
N ILE X 86 53.02 -43.78 -75.72
CA ILE X 86 53.40 -43.97 -77.11
C ILE X 86 53.53 -45.43 -77.41
N ARG X 87 53.34 -45.76 -78.68
CA ARG X 87 53.54 -47.12 -79.09
C ARG X 87 55.02 -47.42 -79.05
N ARG X 88 55.80 -46.76 -79.90
CA ARG X 88 57.24 -46.95 -80.01
C ARG X 88 57.94 -45.61 -80.11
N LEU X 89 59.26 -45.63 -79.96
CA LEU X 89 60.06 -44.41 -80.02
C LEU X 89 60.41 -44.03 -81.45
N PRO X 90 60.10 -42.81 -81.90
CA PRO X 90 60.52 -42.43 -83.25
C PRO X 90 62.02 -42.25 -83.29
N GLN X 91 62.68 -43.03 -84.13
CA GLN X 91 64.12 -42.99 -84.31
C GLN X 91 64.40 -42.06 -85.45
N ASP X 92 65.23 -41.05 -85.20
CA ASP X 92 65.59 -40.10 -86.22
C ASP X 92 66.48 -40.88 -87.18
N PRO X 93 66.18 -40.94 -88.47
CA PRO X 93 66.98 -41.75 -89.38
C PRO X 93 68.30 -41.13 -89.80
N TRP X 94 69.11 -40.77 -88.81
CA TRP X 94 70.45 -40.27 -89.04
C TRP X 94 71.27 -40.68 -87.84
N GLY X 95 70.92 -41.80 -87.19
CA GLY X 95 71.67 -42.27 -86.04
C GLY X 95 71.43 -41.52 -84.74
N SER X 96 70.21 -41.03 -84.52
CA SER X 96 69.94 -40.30 -83.29
C SER X 96 68.51 -40.40 -82.84
N ASP X 97 68.33 -40.26 -81.54
CA ASP X 97 67.01 -40.25 -80.96
C ASP X 97 66.68 -38.79 -80.67
N TYR X 98 65.56 -38.55 -80.05
CA TYR X 98 65.12 -37.20 -79.73
C TYR X 98 65.50 -36.89 -78.29
N GLN X 99 66.68 -36.31 -78.10
CA GLN X 99 67.17 -36.01 -76.76
C GLN X 99 66.40 -34.87 -76.11
N LEU X 100 65.70 -35.20 -75.02
CA LEU X 100 64.96 -34.20 -74.28
C LEU X 100 65.90 -33.46 -73.35
N LEU X 101 65.43 -32.36 -72.80
CA LEU X 101 66.18 -31.56 -71.85
C LEU X 101 65.37 -31.38 -70.57
N SER X 102 66.03 -31.56 -69.44
CA SER X 102 65.41 -31.44 -68.12
C SER X 102 66.16 -30.45 -67.25
N PRO X 103 65.66 -29.21 -67.11
CA PRO X 103 64.52 -28.49 -67.67
C PRO X 103 64.83 -27.80 -68.97
N GLY X 104 63.80 -27.57 -69.77
CA GLY X 104 63.97 -26.88 -71.02
C GLY X 104 64.25 -25.40 -70.80
N GLN X 105 65.04 -24.83 -71.70
CA GLN X 105 65.36 -23.42 -71.64
C GLN X 105 64.28 -22.57 -72.32
N CYS X 106 63.56 -23.15 -73.29
CA CYS X 106 62.48 -22.44 -73.97
C CYS X 106 61.17 -22.68 -73.27
N GLY X 107 61.20 -23.35 -72.12
CA GLY X 107 59.98 -23.61 -71.38
C GLY X 107 60.21 -24.68 -70.33
N GLN X 108 59.29 -25.64 -70.27
CA GLN X 108 59.42 -26.71 -69.29
C GLN X 108 60.41 -27.76 -69.74
N VAL X 109 60.41 -28.08 -71.04
CA VAL X 109 61.27 -29.13 -71.59
C VAL X 109 61.78 -28.75 -72.96
N ASP X 110 62.99 -29.20 -73.28
CA ASP X 110 63.57 -29.00 -74.61
C ASP X 110 64.08 -30.28 -75.20
N ILE X 111 63.84 -30.44 -76.51
CA ILE X 111 64.23 -31.64 -77.24
C ILE X 111 65.21 -31.29 -78.34
N PHE X 112 66.15 -32.21 -78.59
CA PHE X 112 67.16 -32.01 -79.61
C PHE X 112 67.57 -33.30 -80.30
N SER X 113 68.22 -33.15 -81.46
CA SER X 113 68.69 -34.28 -82.25
C SER X 113 69.78 -33.88 -83.23
N LEU X 114 70.48 -34.88 -83.76
CA LEU X 114 71.54 -34.60 -84.72
C LEU X 114 70.92 -33.99 -85.97
N GLY X 115 69.94 -34.68 -86.54
CA GLY X 115 69.28 -34.22 -87.72
C GLY X 115 69.99 -34.68 -88.98
N PRO X 116 69.54 -34.17 -90.13
CA PRO X 116 70.14 -34.57 -91.40
C PRO X 116 71.62 -34.30 -91.46
N ASP X 117 72.11 -33.25 -90.82
CA ASP X 117 73.54 -33.00 -90.84
C ASP X 117 74.26 -34.10 -90.08
N GLY X 118 73.57 -34.77 -89.14
CA GLY X 118 74.22 -35.79 -88.36
C GLY X 118 75.17 -35.24 -87.34
N VAL X 119 75.09 -33.93 -87.06
CA VAL X 119 75.97 -33.27 -86.13
C VAL X 119 75.18 -32.87 -84.90
N PRO X 120 75.75 -32.96 -83.69
CA PRO X 120 75.02 -32.57 -82.48
C PRO X 120 75.11 -31.08 -82.24
N GLU X 121 73.96 -30.43 -82.17
CA GLU X 121 73.87 -29.00 -81.86
C GLU X 121 74.70 -28.08 -82.75
N SER X 122 74.53 -28.20 -84.07
CA SER X 122 75.24 -27.36 -85.02
C SER X 122 74.25 -26.53 -85.83
N ASN X 123 73.50 -27.18 -86.68
CA ASN X 123 72.51 -26.51 -87.52
C ASN X 123 71.19 -27.24 -87.48
N ASP X 124 71.22 -28.57 -87.51
CA ASP X 124 70.02 -29.39 -87.49
C ASP X 124 69.74 -29.85 -86.07
N ASP X 125 69.75 -28.91 -85.14
CA ASP X 125 69.49 -29.15 -83.73
C ASP X 125 68.01 -29.08 -83.45
N ILE X 126 67.16 -29.26 -84.45
CA ILE X 126 65.73 -29.17 -84.22
C ILE X 126 65.27 -30.30 -83.30
N GLY X 127 64.08 -30.14 -82.75
CA GLY X 127 63.48 -31.03 -81.79
C GLY X 127 62.50 -30.25 -80.93
N ASN X 128 62.67 -28.93 -80.87
CA ASN X 128 61.79 -28.04 -80.16
C ASN X 128 62.11 -26.64 -80.72
N CYS X 129 61.93 -25.58 -79.92
CA CYS X 129 62.15 -24.18 -80.27
C CYS X 129 63.39 -23.93 -81.12
N THR X 130 64.53 -24.37 -80.63
CA THR X 130 65.80 -24.19 -81.34
C THR X 130 66.37 -25.55 -81.70
N THR Y 2 75.80 -57.80 -148.31
CA THR Y 2 76.10 -59.02 -147.67
C THR Y 2 77.14 -58.79 -146.58
N LEU Y 3 78.08 -57.88 -146.83
CA LEU Y 3 79.12 -57.60 -145.83
C LEU Y 3 78.81 -56.27 -145.17
N LEU Y 4 78.71 -55.20 -145.95
CA LEU Y 4 78.42 -53.89 -145.36
C LEU Y 4 77.05 -53.91 -144.70
N GLU Y 5 76.11 -54.59 -145.33
CA GLU Y 5 74.75 -54.72 -144.82
C GLU Y 5 74.74 -55.52 -143.54
N ILE Y 6 75.78 -56.33 -143.33
CA ILE Y 6 75.90 -57.19 -142.17
C ILE Y 6 77.01 -56.77 -141.22
N MET Y 7 78.27 -56.89 -141.66
CA MET Y 7 79.41 -56.59 -140.80
C MET Y 7 79.34 -55.26 -140.08
N VAL Y 8 78.84 -54.23 -140.77
CA VAL Y 8 78.74 -52.94 -140.12
C VAL Y 8 77.72 -53.06 -139.02
N VAL Y 9 76.66 -53.83 -139.25
CA VAL Y 9 75.61 -53.96 -138.27
C VAL Y 9 75.98 -54.85 -137.12
N ILE Y 10 76.78 -55.88 -137.37
CA ILE Y 10 77.16 -56.78 -136.30
C ILE Y 10 77.85 -55.95 -135.24
N VAL Y 11 78.66 -55.00 -135.67
CA VAL Y 11 79.34 -54.15 -134.72
C VAL Y 11 78.31 -53.30 -134.01
N ILE Y 12 77.47 -52.61 -134.78
CA ILE Y 12 76.46 -51.73 -134.19
C ILE Y 12 75.59 -52.50 -133.22
N LEU Y 13 75.36 -53.78 -133.50
CA LEU Y 13 74.54 -54.56 -132.59
C LEU Y 13 75.28 -54.66 -131.26
N GLY Y 14 76.46 -55.25 -131.27
CA GLY Y 14 77.19 -55.41 -130.03
C GLY Y 14 77.55 -54.11 -129.37
N VAL Y 15 77.89 -53.09 -130.18
CA VAL Y 15 78.23 -51.80 -129.61
C VAL Y 15 77.02 -51.26 -128.90
N LEU Y 16 75.83 -51.53 -129.45
CA LEU Y 16 74.63 -51.03 -128.81
C LEU Y 16 74.34 -51.86 -127.57
N ALA Y 17 74.12 -53.15 -127.76
CA ALA Y 17 73.77 -54.04 -126.67
C ALA Y 17 74.80 -54.05 -125.55
N SER Y 18 76.05 -53.70 -125.84
CA SER Y 18 77.06 -53.72 -124.79
C SER Y 18 76.93 -52.62 -123.76
N LEU Y 19 76.76 -51.39 -124.21
CA LEU Y 19 76.68 -50.24 -123.32
C LEU Y 19 75.27 -49.80 -123.00
N VAL Y 20 74.37 -50.75 -122.83
CA VAL Y 20 73.00 -50.47 -122.44
C VAL Y 20 72.76 -51.31 -121.18
N VAL Y 21 72.98 -50.72 -120.03
CA VAL Y 21 72.79 -51.40 -118.76
C VAL Y 21 71.73 -50.61 -118.00
N PRO Y 22 70.47 -51.02 -118.05
CA PRO Y 22 69.41 -50.25 -117.38
C PRO Y 22 69.43 -50.19 -115.86
N ASN Y 23 69.36 -51.31 -115.18
CA ASN Y 23 69.32 -51.29 -113.71
C ASN Y 23 69.56 -52.65 -113.05
N LEU Y 24 69.29 -52.70 -111.75
CA LEU Y 24 69.42 -53.87 -110.90
C LEU Y 24 68.16 -54.71 -110.83
N MET Y 25 68.23 -55.76 -110.02
CA MET Y 25 67.15 -56.67 -109.73
C MET Y 25 67.11 -56.78 -108.21
N GLY Y 26 65.92 -56.71 -107.65
CA GLY Y 26 65.73 -56.79 -106.20
C GLY Y 26 65.19 -55.53 -105.58
N ASN Y 27 65.00 -54.46 -106.35
CA ASN Y 27 64.46 -53.23 -105.79
C ASN Y 27 63.05 -53.46 -105.27
N LYS Y 28 62.32 -54.38 -105.88
CA LYS Y 28 60.96 -54.67 -105.44
C LYS Y 28 60.98 -55.27 -104.05
N GLU Y 29 62.04 -56.02 -103.72
CA GLU Y 29 62.11 -56.63 -102.39
C GLU Y 29 62.17 -55.54 -101.33
N LYS Y 30 62.84 -54.43 -101.64
CA LYS Y 30 62.90 -53.35 -100.68
C LYS Y 30 61.51 -52.77 -100.54
N ALA Y 31 60.76 -52.74 -101.63
CA ALA Y 31 59.41 -52.19 -101.60
C ALA Y 31 58.47 -53.03 -100.77
N ASP Y 32 58.74 -54.32 -100.67
CA ASP Y 32 57.89 -55.19 -99.88
C ASP Y 32 57.86 -54.75 -98.44
N ARG Y 33 58.96 -54.17 -97.96
CA ARG Y 33 59.01 -53.73 -96.58
C ARG Y 33 57.99 -52.63 -96.30
N GLN Y 34 58.14 -51.49 -96.99
CA GLN Y 34 57.24 -50.37 -96.76
C GLN Y 34 55.80 -50.75 -97.02
N LYS Y 35 55.59 -51.72 -97.90
CA LYS Y 35 54.24 -52.18 -98.18
C LYS Y 35 53.67 -52.80 -96.92
N VAL Y 36 54.52 -53.46 -96.15
CA VAL Y 36 54.08 -54.09 -94.92
C VAL Y 36 54.17 -53.07 -93.80
N VAL Y 37 55.19 -52.20 -93.84
CA VAL Y 37 55.30 -51.21 -92.79
C VAL Y 37 54.12 -50.27 -92.91
N SER Y 38 53.64 -50.03 -94.13
CA SER Y 38 52.49 -49.16 -94.30
C SER Y 38 51.29 -49.80 -93.66
N ASP Y 39 51.24 -51.13 -93.68
CA ASP Y 39 50.12 -51.81 -93.08
C ASP Y 39 50.15 -51.62 -91.57
N LEU Y 40 51.34 -51.76 -90.97
CA LEU Y 40 51.50 -51.65 -89.52
C LEU Y 40 50.70 -50.54 -88.86
N VAL Y 41 50.92 -49.31 -89.29
CA VAL Y 41 50.17 -48.21 -88.72
C VAL Y 41 48.73 -48.37 -89.17
N ALA Y 42 48.54 -48.76 -90.43
CA ALA Y 42 47.19 -48.92 -90.93
C ALA Y 42 46.46 -50.03 -90.21
N LEU Y 43 47.18 -51.04 -89.76
CA LEU Y 43 46.53 -52.14 -89.08
C LEU Y 43 46.13 -51.69 -87.68
N GLU Y 44 47.11 -51.33 -86.87
CA GLU Y 44 46.83 -50.89 -85.51
C GLU Y 44 45.91 -49.69 -85.47
N GLY Y 45 46.14 -48.73 -86.38
CA GLY Y 45 45.28 -47.57 -86.39
C GLY Y 45 43.86 -47.95 -86.73
N ALA Y 46 43.69 -48.92 -87.61
CA ALA Y 46 42.36 -49.35 -87.97
C ALA Y 46 41.74 -50.16 -86.82
N LEU Y 47 42.55 -50.97 -86.14
CA LEU Y 47 42.03 -51.75 -85.04
C LEU Y 47 41.59 -50.84 -83.92
N ASP Y 48 42.29 -49.73 -83.73
CA ASP Y 48 41.95 -48.78 -82.67
C ASP Y 48 40.54 -48.29 -82.83
N MET Y 49 40.07 -48.18 -84.07
CA MET Y 49 38.71 -47.74 -84.30
C MET Y 49 37.76 -48.76 -83.70
N TYR Y 50 38.03 -50.03 -83.93
CA TYR Y 50 37.16 -51.05 -83.37
C TYR Y 50 37.36 -51.08 -81.87
N LYS Y 51 38.56 -50.72 -81.40
CA LYS Y 51 38.81 -50.69 -79.97
C LYS Y 51 38.02 -49.56 -79.33
N LEU Y 52 37.47 -48.65 -80.15
CA LEU Y 52 36.70 -47.52 -79.64
C LEU Y 52 35.23 -47.88 -79.52
N ASP Y 53 34.60 -48.30 -80.62
CA ASP Y 53 33.18 -48.61 -80.56
C ASP Y 53 32.86 -49.76 -79.64
N ASN Y 54 33.47 -50.91 -79.87
CA ASN Y 54 33.21 -52.05 -79.00
C ASN Y 54 34.13 -51.95 -77.78
N SER Y 55 34.92 -50.88 -77.67
CA SER Y 55 35.80 -50.69 -76.53
C SER Y 55 36.84 -51.79 -76.37
N ARG Y 56 37.11 -52.54 -77.42
CA ARG Y 56 38.08 -53.64 -77.36
C ARG Y 56 38.43 -54.15 -78.74
N TYR Y 57 39.38 -55.04 -78.79
CA TYR Y 57 39.89 -55.63 -80.01
C TYR Y 57 39.35 -57.04 -80.30
N PRO Y 58 39.35 -57.47 -81.56
CA PRO Y 58 38.88 -58.81 -81.89
C PRO Y 58 39.84 -59.91 -81.46
N THR Y 59 39.27 -61.09 -81.30
CA THR Y 59 39.96 -62.30 -80.91
C THR Y 59 40.81 -62.89 -82.04
N THR Y 60 41.81 -63.68 -81.67
CA THR Y 60 42.67 -64.37 -82.64
C THR Y 60 41.84 -65.12 -83.67
N GLU Y 61 41.04 -66.09 -83.23
CA GLU Y 61 40.22 -66.83 -84.19
C GLU Y 61 39.24 -65.90 -84.87
N GLN Y 62 38.85 -64.83 -84.20
CA GLN Y 62 37.96 -63.84 -84.80
C GLN Y 62 38.69 -63.20 -85.96
N GLY Y 63 40.03 -63.13 -85.88
CA GLY Y 63 40.89 -62.58 -86.91
C GLY Y 63 40.60 -61.16 -87.35
N LEU Y 64 41.43 -60.65 -88.26
CA LEU Y 64 41.25 -59.30 -88.77
C LEU Y 64 40.00 -59.21 -89.64
N GLN Y 65 39.45 -60.36 -90.03
CA GLN Y 65 38.24 -60.37 -90.85
C GLN Y 65 37.13 -59.66 -90.12
N ALA Y 66 37.19 -59.64 -88.79
CA ALA Y 66 36.21 -58.90 -88.03
C ALA Y 66 36.27 -57.43 -88.35
N LEU Y 67 37.44 -56.95 -88.73
CA LEU Y 67 37.56 -55.57 -89.10
C LEU Y 67 36.95 -55.49 -90.49
N VAL Y 68 36.95 -56.58 -91.24
CA VAL Y 68 36.37 -56.58 -92.57
C VAL Y 68 34.85 -56.73 -92.49
N SER Y 69 34.36 -57.64 -91.64
CA SER Y 69 32.93 -57.91 -91.50
C SER Y 69 32.56 -58.04 -90.03
N ALA Y 70 31.27 -57.99 -89.74
CA ALA Y 70 30.82 -57.99 -88.35
C ALA Y 70 31.37 -59.20 -87.62
N PRO Y 71 31.84 -59.05 -86.36
CA PRO Y 71 32.40 -60.21 -85.70
C PRO Y 71 31.38 -61.24 -85.28
N SER Y 72 31.27 -62.29 -86.10
CA SER Y 72 30.32 -63.35 -85.81
C SER Y 72 30.68 -64.06 -84.50
N ALA Y 73 31.96 -64.40 -84.32
CA ALA Y 73 32.32 -65.04 -83.08
C ALA Y 73 32.22 -63.98 -81.99
N GLU Y 74 31.62 -64.34 -80.90
CA GLU Y 74 31.45 -63.40 -79.81
C GLU Y 74 32.79 -63.10 -79.14
N PRO Y 75 32.92 -61.96 -78.44
CA PRO Y 75 31.96 -60.87 -78.19
C PRO Y 75 31.52 -60.09 -79.42
N HIS Y 76 30.26 -59.69 -79.38
CA HIS Y 76 29.65 -58.90 -80.44
C HIS Y 76 30.03 -57.42 -80.33
N ALA Y 77 30.01 -56.71 -81.45
CA ALA Y 77 30.36 -55.30 -81.53
C ALA Y 77 29.15 -54.38 -81.65
N ARG Y 78 29.29 -53.21 -81.07
CA ARG Y 78 28.26 -52.18 -81.08
C ARG Y 78 28.60 -51.12 -82.11
N ASN Y 79 27.57 -50.66 -82.83
CA ASN Y 79 27.71 -49.63 -83.85
C ASN Y 79 28.79 -50.00 -84.86
N TYR Y 80 28.84 -51.26 -85.20
CA TYR Y 80 29.84 -51.71 -86.16
C TYR Y 80 29.50 -50.99 -87.47
N PRO Y 81 30.43 -50.24 -88.05
CA PRO Y 81 30.09 -49.51 -89.28
C PRO Y 81 29.99 -50.43 -90.48
N GLU Y 82 29.59 -49.82 -91.58
CA GLU Y 82 29.43 -50.53 -92.83
C GLU Y 82 30.76 -51.15 -93.22
N GLY Y 83 30.73 -52.44 -93.51
CA GLY Y 83 31.92 -53.16 -93.93
C GLY Y 83 33.06 -53.09 -92.94
N GLY Y 84 32.78 -52.76 -91.69
CA GLY Y 84 33.85 -52.67 -90.75
C GLY Y 84 34.71 -51.48 -91.08
N TYR Y 85 35.92 -51.47 -90.52
CA TYR Y 85 36.85 -50.36 -90.67
C TYR Y 85 37.82 -50.50 -91.82
N ILE Y 86 37.44 -51.26 -92.83
CA ILE Y 86 38.32 -51.42 -93.97
C ILE Y 86 37.53 -51.81 -95.19
N ARG Y 87 38.08 -51.48 -96.35
CA ARG Y 87 37.44 -51.89 -97.57
C ARG Y 87 37.61 -53.40 -97.71
N ARG Y 88 38.86 -53.85 -97.88
CA ARG Y 88 39.19 -55.24 -98.06
C ARG Y 88 40.40 -55.61 -97.21
N LEU Y 89 40.67 -56.91 -97.09
CA LEU Y 89 41.78 -57.40 -96.30
C LEU Y 89 43.09 -57.40 -97.08
N PRO Y 90 44.15 -56.76 -96.60
CA PRO Y 90 45.41 -56.83 -97.33
C PRO Y 90 45.99 -58.23 -97.21
N GLN Y 91 46.17 -58.89 -98.34
CA GLN Y 91 46.72 -60.22 -98.43
C GLN Y 91 48.20 -60.09 -98.63
N ASP Y 92 48.98 -60.71 -97.74
CA ASP Y 92 50.42 -60.66 -97.85
C ASP Y 92 50.74 -61.53 -99.07
N PRO Y 93 51.46 -61.01 -100.06
CA PRO Y 93 51.71 -61.80 -101.26
C PRO Y 93 52.79 -62.86 -101.13
N TRP Y 94 52.63 -63.73 -100.14
CA TRP Y 94 53.50 -64.88 -99.95
C TRP Y 94 52.65 -65.97 -99.32
N GLY Y 95 51.35 -65.99 -99.60
CA GLY Y 95 50.48 -67.00 -99.07
C GLY Y 95 50.08 -66.84 -97.62
N SER Y 96 49.95 -65.61 -97.13
CA SER Y 96 49.58 -65.40 -95.74
C SER Y 96 48.81 -64.13 -95.50
N ASP Y 97 48.02 -64.15 -94.46
CA ASP Y 97 47.27 -62.98 -94.05
C ASP Y 97 48.02 -62.41 -92.85
N TYR Y 98 47.47 -61.39 -92.25
CA TYR Y 98 48.08 -60.73 -91.10
C TYR Y 98 47.47 -61.28 -89.83
N GLN Y 99 48.09 -62.32 -89.28
CA GLN Y 99 47.57 -62.96 -88.08
C GLN Y 99 47.72 -62.09 -86.85
N LEU Y 100 46.59 -61.68 -86.28
CA LEU Y 100 46.59 -60.88 -85.07
C LEU Y 100 46.76 -61.79 -83.88
N LEU Y 101 47.05 -61.18 -82.73
CA LEU Y 101 47.20 -61.90 -81.48
C LEU Y 101 46.27 -61.31 -80.43
N SER Y 102 45.59 -62.18 -79.71
CA SER Y 102 44.65 -61.79 -78.66
C SER Y 102 44.98 -62.45 -77.33
N PRO Y 103 45.62 -61.72 -76.40
CA PRO Y 103 46.17 -60.37 -76.36
C PRO Y 103 47.60 -60.29 -76.84
N GLY Y 104 47.99 -59.11 -77.30
CA GLY Y 104 49.35 -58.91 -77.73
C GLY Y 104 50.31 -58.89 -76.58
N GLN Y 105 51.53 -59.35 -76.84
CA GLN Y 105 52.57 -59.36 -75.84
C GLN Y 105 53.30 -58.03 -75.79
N CYS Y 106 53.34 -57.28 -76.90
CA CYS Y 106 53.98 -55.98 -76.95
C CYS Y 106 52.98 -54.90 -76.61
N GLY Y 107 51.76 -55.27 -76.22
CA GLY Y 107 50.76 -54.29 -75.88
C GLY Y 107 49.38 -54.92 -75.82
N GLN Y 108 48.41 -54.27 -76.43
CA GLN Y 108 47.06 -54.80 -76.43
C GLN Y 108 46.89 -55.90 -77.47
N VAL Y 109 47.51 -55.74 -78.64
CA VAL Y 109 47.38 -56.70 -79.73
C VAL Y 109 48.68 -56.86 -80.47
N ASP Y 110 48.92 -58.07 -81.00
CA ASP Y 110 50.09 -58.34 -81.82
C ASP Y 110 49.71 -59.01 -83.12
N ILE Y 111 50.37 -58.59 -84.20
CA ILE Y 111 50.12 -59.10 -85.53
C ILE Y 111 51.37 -59.76 -86.09
N PHE Y 112 51.15 -60.81 -86.88
CA PHE Y 112 52.23 -61.57 -87.48
C PHE Y 112 51.88 -62.13 -88.85
N SER Y 113 52.93 -62.51 -89.60
CA SER Y 113 52.79 -63.07 -90.93
C SER Y 113 54.02 -63.86 -91.36
N LEU Y 114 53.85 -64.66 -92.41
CA LEU Y 114 54.98 -65.43 -92.91
C LEU Y 114 56.04 -64.49 -93.43
N GLY Y 115 55.65 -63.60 -94.33
CA GLY Y 115 56.56 -62.65 -94.91
C GLY Y 115 57.27 -63.22 -96.12
N PRO Y 116 58.25 -62.47 -96.63
CA PRO Y 116 58.97 -62.91 -97.83
C PRO Y 116 59.60 -64.27 -97.68
N ASP Y 117 60.06 -64.62 -96.48
CA ASP Y 117 60.66 -65.92 -96.30
C ASP Y 117 59.58 -67.00 -96.47
N GLY Y 118 58.32 -66.64 -96.24
CA GLY Y 118 57.27 -67.63 -96.35
C GLY Y 118 57.25 -68.59 -95.20
N VAL Y 119 57.97 -68.28 -94.13
CA VAL Y 119 58.07 -69.16 -92.97
C VAL Y 119 57.32 -68.52 -91.81
N PRO Y 120 56.64 -69.30 -90.97
CA PRO Y 120 55.92 -68.72 -89.83
C PRO Y 120 56.84 -68.54 -88.63
N GLU Y 121 56.93 -67.30 -88.17
CA GLU Y 121 57.70 -66.95 -86.98
C GLU Y 121 59.16 -67.40 -87.00
N SER Y 122 59.89 -67.02 -88.05
CA SER Y 122 61.30 -67.35 -88.17
C SER Y 122 62.14 -66.09 -88.22
N ASN Y 123 62.02 -65.34 -89.29
CA ASN Y 123 62.77 -64.11 -89.50
C ASN Y 123 61.85 -63.01 -89.98
N ASP Y 124 60.95 -63.32 -90.90
CA ASP Y 124 60.02 -62.35 -91.46
C ASP Y 124 58.70 -62.44 -90.74
N ASP Y 125 58.75 -62.40 -89.41
CA ASP Y 125 57.59 -62.46 -88.55
C ASP Y 125 57.04 -61.07 -88.32
N ILE Y 126 57.33 -60.11 -89.19
CA ILE Y 126 56.84 -58.77 -88.98
C ILE Y 126 55.32 -58.73 -89.07
N GLY Y 127 54.73 -57.65 -88.58
CA GLY Y 127 53.32 -57.43 -88.50
C GLY Y 127 53.02 -56.48 -87.35
N ASN Y 128 53.96 -56.36 -86.42
CA ASN Y 128 53.88 -55.45 -85.30
C ASN Y 128 55.31 -55.35 -84.77
N CYS Y 129 55.49 -55.09 -83.46
CA CYS Y 129 56.76 -54.94 -82.77
C CYS Y 129 57.84 -55.91 -83.21
N THR Y 130 57.53 -57.20 -83.12
CA THR Y 130 58.48 -58.25 -83.49
C THR Y 130 57.91 -59.03 -84.67
#